data_3ISS
#
_entry.id   3ISS
#
_cell.length_a   84.510
_cell.length_b   120.910
_cell.length_c   139.730
_cell.angle_alpha   111.52
_cell.angle_beta   104.44
_cell.angle_gamma   90.19
#
_symmetry.space_group_name_H-M   'P 1'
#
loop_
_entity.id
_entity.type
_entity.pdbx_description
1 polymer 'UDP-N-acetylglucosamine 1-carboxyvinyltransferase'
2 non-polymer 'PHOSPHITE ION'
3 non-polymer 'URIDINE-DIPHOSPHATE-2(N-ACETYLGLUCOSAMINYL) BUTYRIC ACID'
4 water water
#
_entity_poly.entity_id   1
_entity_poly.type   'polypeptide(L)'
_entity_poly.pdbx_seq_one_letter_code
;MDKFRVQGPTKLQGEVTISGAKNAALPILFAALLAEEPVEIQNVPKLKDVDTSMKLLSQLGAKVERDGSVHIDARDVNVF
CAPYDLVKTMRASIWALGPLVARFGQGQVSLPGGCTIGARPVDLHISGLEQLGATIKLEEGYVKASVDGRLKGAHIVMDK
VSVGATVTIMCAATLAEGTTIIENAAREPEIVDTANFLITLGAKISGQGTDRIVIEGVERLGGGVYRVLPDRIETGTFLV
AAAISRGKIICRNAQPDTLDAVLAKLRDAGADIEVGEDWISLDMHGKRPKAVNVRTAPHPAFPTDMQAQFTLLNLVAEGT
GFITETVFENRFMHVPELSRMGAHAEIESNTVICHGVEKLSGAQVMATDLRASASLVLAGCIAEGTTVVDRIYHIDRGYE
RIEDKLRALGANIERVKG
;
_entity_poly.pdbx_strand_id   A,B,C,D,E,F,G,H,I,J,K,L
#
# COMPACT_ATOMS: atom_id res chain seq x y z
N MET A 1 21.90 47.62 49.91
CA MET A 1 21.34 46.85 48.81
C MET A 1 22.35 46.58 47.71
N ASP A 2 23.13 45.52 47.88
CA ASP A 2 24.06 45.08 46.84
C ASP A 2 23.34 44.70 45.54
N LYS A 3 24.05 44.80 44.42
CA LYS A 3 23.54 44.47 43.11
C LYS A 3 24.64 43.79 42.33
N PHE A 4 24.28 43.00 41.31
CA PHE A 4 25.25 42.51 40.35
C PHE A 4 25.06 43.29 39.08
N ARG A 5 26.15 43.85 38.57
CA ARG A 5 26.13 44.40 37.22
C ARG A 5 26.81 43.39 36.32
N VAL A 6 26.13 42.99 35.25
CA VAL A 6 26.65 41.95 34.37
C VAL A 6 26.71 42.47 32.95
N GLN A 7 27.78 42.09 32.24
CA GLN A 7 28.03 42.51 30.85
C GLN A 7 28.15 41.29 29.95
N GLY A 8 27.33 41.26 28.90
CA GLY A 8 27.35 40.15 27.96
C GLY A 8 27.17 40.62 26.54
N PRO A 9 27.14 39.68 25.58
CA PRO A 9 27.21 38.23 25.82
C PRO A 9 28.62 37.74 26.13
N THR A 10 28.71 36.61 26.80
CA THR A 10 29.98 36.08 27.24
C THR A 10 29.86 34.56 27.25
N LYS A 11 30.88 33.87 26.77
CA LYS A 11 30.81 32.42 26.71
C LYS A 11 31.50 31.79 27.91
N LEU A 12 30.73 31.10 28.74
CA LEU A 12 31.27 30.53 29.98
C LEU A 12 31.96 29.19 29.73
N GLN A 13 33.24 29.12 30.04
CA GLN A 13 33.98 27.90 29.84
C GLN A 13 35.16 27.86 30.80
N GLY A 14 35.65 26.65 31.07
CA GLY A 14 36.73 26.42 32.00
C GLY A 14 36.35 25.36 33.02
N GLU A 15 36.71 25.58 34.28
CA GLU A 15 36.28 24.66 35.33
C GLU A 15 35.85 25.35 36.63
N VAL A 16 35.18 24.59 37.49
CA VAL A 16 34.70 25.11 38.76
C VAL A 16 34.76 24.02 39.82
N THR A 17 35.06 24.42 41.05
CA THR A 17 35.04 23.47 42.16
C THR A 17 33.72 23.59 42.91
N ILE A 18 33.05 22.46 43.12
CA ILE A 18 31.76 22.44 43.79
C ILE A 18 31.91 22.56 45.31
N SER A 19 31.13 23.46 45.92
CA SER A 19 31.09 23.59 47.35
C SER A 19 30.21 22.52 47.99
N GLY A 20 30.26 22.41 49.32
CA GLY A 20 29.43 21.48 50.07
C GLY A 20 27.96 21.80 49.96
N ALA A 21 27.11 20.78 50.04
CA ALA A 21 25.66 21.01 49.91
C ALA A 21 25.09 21.87 51.03
N LYS A 22 24.56 23.04 50.66
CA LYS A 22 23.86 23.93 51.59
C LYS A 22 22.74 23.19 52.31
N ASN A 23 22.04 22.34 51.58
CA ASN A 23 20.91 21.63 52.16
C ASN A 23 21.26 20.31 52.85
N ALA A 24 22.54 20.00 52.94
CA ALA A 24 23.02 18.97 53.85
C ALA A 24 23.60 19.62 55.10
N ALA A 25 24.40 20.66 54.89
CA ALA A 25 24.94 21.44 55.99
C ALA A 25 23.86 21.83 56.99
N LEU A 26 22.75 22.39 56.51
CA LEU A 26 21.70 22.90 57.39
C LEU A 26 21.11 21.85 58.32
N PRO A 27 20.63 20.72 57.78
CA PRO A 27 20.04 19.70 58.65
C PRO A 27 21.06 19.13 59.63
N ILE A 28 22.28 18.98 59.17
CA ILE A 28 23.34 18.44 59.99
C ILE A 28 23.66 19.37 61.17
N LEU A 29 23.85 20.66 60.91
CA LEU A 29 24.03 21.65 61.96
C LEU A 29 22.97 21.58 63.05
N PHE A 30 21.73 21.34 62.65
CA PHE A 30 20.63 21.22 63.62
C PHE A 30 20.59 19.85 64.30
N ALA A 31 21.04 18.84 63.59
CA ALA A 31 21.14 17.52 64.19
C ALA A 31 22.21 17.52 65.29
N ALA A 32 23.17 18.44 65.19
CA ALA A 32 24.26 18.53 66.16
C ALA A 32 23.73 18.84 67.58
N LEU A 33 22.56 19.44 67.66
CA LEU A 33 21.94 19.71 68.95
C LEU A 33 21.73 18.42 69.76
N LEU A 34 21.79 17.29 69.09
CA LEU A 34 21.63 16.00 69.76
C LEU A 34 22.93 15.54 70.39
N ALA A 35 24.04 16.06 69.90
CA ALA A 35 25.34 15.58 70.28
C ALA A 35 25.81 16.04 71.69
N GLU A 36 26.40 15.12 72.45
CA GLU A 36 26.86 15.41 73.81
C GLU A 36 28.37 15.55 73.90
N GLU A 37 29.05 15.34 72.78
CA GLU A 37 30.42 15.77 72.62
C GLU A 37 30.64 16.47 71.31
N PRO A 38 31.77 17.14 71.15
CA PRO A 38 31.86 18.15 70.13
C PRO A 38 32.03 17.55 68.79
N VAL A 39 31.46 18.21 67.81
CA VAL A 39 31.46 17.74 66.45
C VAL A 39 32.05 18.80 65.54
N GLU A 40 32.72 18.32 64.52
CA GLU A 40 33.26 19.14 63.44
C GLU A 40 32.68 18.75 62.11
N ILE A 41 31.99 19.68 61.47
CA ILE A 41 31.44 19.46 60.15
C ILE A 41 32.32 20.10 59.08
N GLN A 42 32.85 19.28 58.19
CA GLN A 42 33.77 19.74 57.15
C GLN A 42 33.09 20.06 55.80
N ASN A 43 33.78 20.84 54.98
CA ASN A 43 33.30 21.19 53.65
C ASN A 43 31.96 21.93 53.68
N VAL A 44 31.81 22.87 54.60
CA VAL A 44 30.56 23.62 54.69
C VAL A 44 30.70 24.89 53.88
N PRO A 45 29.72 25.15 53.01
CA PRO A 45 29.76 26.35 52.15
C PRO A 45 29.60 27.62 52.97
N LYS A 46 30.21 28.69 52.50
CA LYS A 46 30.06 29.96 53.16
C LYS A 46 28.86 30.69 52.60
N LEU A 47 27.75 30.52 53.28
CA LEU A 47 26.45 30.99 52.83
C LEU A 47 25.77 31.67 54.01
N LYS A 48 24.87 32.60 53.71
CA LYS A 48 24.16 33.29 54.76
C LYS A 48 23.29 32.32 55.56
N ASP A 49 22.74 31.30 54.90
CA ASP A 49 21.89 30.32 55.58
C ASP A 49 22.66 29.53 56.66
N VAL A 50 23.95 29.30 56.44
CA VAL A 50 24.81 28.70 57.45
C VAL A 50 25.02 29.69 58.60
N ASP A 51 25.25 30.96 58.27
CA ASP A 51 25.42 32.00 59.29
C ASP A 51 24.20 32.07 60.19
N THR A 52 23.02 32.14 59.58
CA THR A 52 21.77 32.17 60.34
C THR A 52 21.61 30.93 61.25
N SER A 53 22.01 29.78 60.75
CA SER A 53 21.96 28.55 61.54
C SER A 53 22.85 28.65 62.78
N MET A 54 24.09 29.10 62.54
CA MET A 54 25.06 29.24 63.62
C MET A 54 24.55 30.23 64.65
N LYS A 55 24.00 31.34 64.17
CA LYS A 55 23.45 32.34 65.05
C LYS A 55 22.38 31.71 65.97
N LEU A 56 21.56 30.85 65.40
CA LEU A 56 20.50 30.21 66.18
C LEU A 56 21.09 29.22 67.18
N LEU A 57 22.00 28.37 66.71
CA LEU A 57 22.67 27.40 67.58
C LEU A 57 23.27 28.06 68.81
N SER A 58 24.08 29.07 68.56
CA SER A 58 24.72 29.87 69.60
C SER A 58 23.69 30.43 70.59
N GLN A 59 22.64 31.03 70.04
CA GLN A 59 21.57 31.58 70.83
C GLN A 59 20.98 30.52 71.76
N LEU A 60 20.97 29.26 71.32
CA LEU A 60 20.41 28.16 72.12
C LEU A 60 21.38 27.71 73.22
N GLY A 61 22.63 28.14 73.13
CA GLY A 61 23.61 27.84 74.15
C GLY A 61 24.77 27.02 73.65
N ALA A 62 24.79 26.73 72.36
CA ALA A 62 25.89 25.93 71.79
C ALA A 62 27.11 26.80 71.54
N LYS A 63 28.27 26.17 71.43
CA LYS A 63 29.51 26.87 71.16
C LYS A 63 29.91 26.67 69.73
N VAL A 64 29.91 27.75 68.96
CA VAL A 64 30.02 27.66 67.53
C VAL A 64 31.05 28.59 66.94
N GLU A 65 31.94 28.04 66.13
CA GLU A 65 32.86 28.83 65.35
C GLU A 65 33.12 28.18 64.00
N ARG A 66 33.80 28.87 63.11
CA ARG A 66 34.02 28.40 61.75
C ARG A 66 35.02 29.26 60.99
N ASP A 67 35.53 28.73 59.88
CA ASP A 67 36.52 29.39 59.04
C ASP A 67 35.99 30.51 58.16
N GLY A 68 36.78 26.61 57.07
CA GLY A 68 36.34 25.67 56.08
C GLY A 68 35.37 24.71 56.72
N SER A 69 35.47 24.58 58.02
CA SER A 69 34.68 23.63 58.75
C SER A 69 33.91 24.39 59.76
N VAL A 70 32.82 23.84 60.24
CA VAL A 70 32.14 24.45 61.35
C VAL A 70 32.38 23.59 62.59
N HIS A 71 32.49 24.23 63.75
CA HIS A 71 32.73 23.54 65.02
C HIS A 71 31.58 23.74 65.96
N ILE A 72 31.00 22.67 66.47
CA ILE A 72 29.84 22.83 67.35
C ILE A 72 30.02 22.06 68.66
N ASP A 73 29.84 22.76 69.78
CA ASP A 73 29.85 22.15 71.11
C ASP A 73 28.48 22.37 71.73
N ALA A 74 27.68 21.31 71.77
CA ALA A 74 26.29 21.41 72.18
C ALA A 74 26.02 20.85 73.56
N ARG A 75 27.06 20.72 74.37
CA ARG A 75 26.91 20.22 75.73
C ARG A 75 26.10 21.16 76.63
N ASP A 76 26.39 22.46 76.54
CA ASP A 76 25.80 23.44 77.44
C ASP A 76 24.52 24.12 76.91
N VAL A 77 23.84 23.49 75.96
CA VAL A 77 22.57 24.02 75.48
C VAL A 77 21.58 24.12 76.64
N ASN A 78 21.03 25.30 76.83
CA ASN A 78 20.22 25.58 78.02
C ASN A 78 19.01 26.48 77.76
N VAL A 79 18.87 26.92 76.51
CA VAL A 79 17.65 27.59 76.09
C VAL A 79 17.05 26.81 74.93
N PHE A 80 15.73 26.75 74.88
CA PHE A 80 15.06 25.81 73.99
C PHE A 80 14.04 26.44 73.01
N CYS A 81 14.28 27.68 72.62
CA CYS A 81 13.34 28.37 71.78
C CYS A 81 13.99 29.00 70.55
N ALA A 82 13.39 28.75 69.38
CA ALA A 82 13.78 29.48 68.18
C ALA A 82 12.78 30.62 67.97
N PRO A 83 13.21 31.86 68.25
CA PRO A 83 12.31 33.02 68.33
C PRO A 83 11.86 33.51 66.95
N TYR A 84 10.68 34.13 66.93
CA TYR A 84 10.10 34.71 65.71
C TYR A 84 11.11 35.44 64.81
N ASP A 85 11.95 36.30 65.38
CA ASP A 85 12.88 37.11 64.61
C ASP A 85 13.83 36.29 63.74
N LEU A 86 14.19 35.09 64.18
CA LEU A 86 15.07 34.23 63.38
C LEU A 86 14.31 33.40 62.36
N VAL A 87 13.31 32.67 62.84
CA VAL A 87 12.50 31.82 61.97
C VAL A 87 12.00 32.58 60.75
N LYS A 88 11.57 33.82 60.95
CA LYS A 88 11.03 34.62 59.85
C LYS A 88 12.06 34.84 58.75
N THR A 89 13.36 34.85 59.11
CA THR A 89 14.41 35.08 58.12
C THR A 89 14.88 33.78 57.46
N MET A 90 14.53 32.63 58.04
CA MET A 90 14.88 31.32 57.48
C MET A 90 14.01 30.20 58.04
N ARG A 91 12.98 29.79 57.30
CA ARG A 91 12.01 28.82 57.84
C ARG A 91 12.59 27.43 58.16
N ALA A 92 13.81 27.17 57.70
CA ALA A 92 14.47 25.91 58.04
C ALA A 92 14.81 25.79 59.54
N SER A 93 14.84 26.94 60.22
CA SER A 93 14.98 26.98 61.70
C SER A 93 14.04 25.98 62.40
N ILE A 94 12.90 25.71 61.77
CA ILE A 94 11.91 24.79 62.33
C ILE A 94 12.62 23.46 62.72
N TRP A 95 13.77 23.20 62.11
CA TRP A 95 14.47 21.95 62.32
C TRP A 95 15.02 21.84 63.74
N ALA A 96 15.00 22.93 64.47
CA ALA A 96 15.48 22.88 65.85
C ALA A 96 14.52 22.05 66.73
N LEU A 97 13.23 22.08 66.37
CA LEU A 97 12.18 21.52 67.21
C LEU A 97 12.49 20.09 67.59
N GLY A 98 12.65 19.26 66.58
CA GLY A 98 12.89 17.84 66.78
C GLY A 98 13.95 17.49 67.80
N PRO A 99 15.21 17.85 67.52
CA PRO A 99 16.32 17.55 68.45
C PRO A 99 16.09 18.07 69.87
N LEU A 100 15.60 19.29 70.00
CA LEU A 100 15.33 19.84 71.32
C LEU A 100 14.40 18.97 72.14
N VAL A 101 13.27 18.55 71.55
CA VAL A 101 12.30 17.72 72.26
C VAL A 101 12.85 16.31 72.53
N ALA A 102 13.61 15.79 71.59
CA ALA A 102 14.19 14.47 71.75
C ALA A 102 15.17 14.43 72.91
N ARG A 103 15.99 15.47 73.04
CA ARG A 103 17.07 15.47 74.04
C ARG A 103 16.69 16.09 75.39
N PHE A 104 15.96 17.19 75.37
CA PHE A 104 15.69 17.92 76.61
C PHE A 104 14.21 17.84 77.02
N GLY A 105 13.40 17.21 76.18
CA GLY A 105 12.00 16.98 76.49
C GLY A 105 11.10 18.17 76.29
N GLN A 106 11.68 19.26 75.80
CA GLN A 106 10.90 20.47 75.50
C GLN A 106 11.48 21.17 74.28
N GLY A 107 10.66 22.00 73.64
CA GLY A 107 11.09 22.78 72.49
C GLY A 107 10.03 23.77 72.05
N GLN A 108 10.43 25.00 71.77
CA GLN A 108 9.50 26.04 71.31
C GLN A 108 10.05 26.66 70.03
N VAL A 109 9.36 26.41 68.92
CA VAL A 109 9.75 27.03 67.67
C VAL A 109 8.61 27.84 67.05
N SER A 110 8.95 29.03 66.55
CA SER A 110 7.96 29.91 65.92
C SER A 110 7.35 29.23 64.68
N LEU A 111 6.02 29.22 64.56
CA LEU A 111 5.34 28.67 63.39
C LEU A 111 5.61 29.56 62.15
N PRO A 112 6.21 29.03 61.10
CA PRO A 112 6.55 29.82 59.93
C PRO A 112 5.33 30.34 59.22
N GLY A 113 5.41 31.46 58.55
CA GLY A 113 4.27 32.01 57.86
C GLY A 113 4.30 31.81 56.36
N GLY A 114 3.97 32.86 55.61
CA GLY A 114 3.89 32.81 54.18
C GLY A 114 5.22 32.87 53.48
N CYS A 115 5.35 32.13 52.39
CA CYS A 115 6.54 32.21 51.56
C CYS A 115 6.12 32.66 50.19
N THR A 116 6.98 33.39 49.47
CA THR A 116 6.61 33.81 48.13
C THR A 116 6.46 32.67 47.09
N ILE A 117 7.03 31.50 47.33
CA ILE A 117 6.97 30.43 46.33
C ILE A 117 5.73 29.52 46.42
N GLY A 118 4.94 29.66 47.48
CA GLY A 118 3.72 28.89 47.61
C GLY A 118 3.36 28.47 49.03
N ALA A 119 2.33 27.63 49.15
CA ALA A 119 1.91 27.08 50.44
C ALA A 119 2.98 26.15 51.03
N ARG A 120 3.37 26.42 52.29
CA ARG A 120 4.43 25.64 52.93
C ARG A 120 4.15 25.26 54.39
N PRO A 121 3.01 24.59 54.62
CA PRO A 121 2.59 24.12 55.96
C PRO A 121 3.55 23.09 56.54
N VAL A 122 3.57 22.96 57.87
CA VAL A 122 4.49 22.04 58.51
C VAL A 122 3.75 21.00 59.33
N ASP A 123 2.50 20.74 58.94
CA ASP A 123 1.63 19.76 59.59
C ASP A 123 2.28 18.39 59.76
N LEU A 124 3.07 17.99 58.77
CA LEU A 124 3.72 16.69 58.81
C LEU A 124 4.80 16.63 59.88
N HIS A 125 5.49 17.74 60.13
CA HIS A 125 6.49 17.79 61.19
C HIS A 125 5.80 17.57 62.53
N ILE A 126 4.73 18.34 62.76
CA ILE A 126 4.01 18.31 64.02
C ILE A 126 3.41 16.95 64.25
N SER A 127 2.69 16.45 63.25
CA SER A 127 2.05 15.14 63.34
C SER A 127 3.05 14.02 63.62
N GLY A 128 4.20 14.05 62.95
CA GLY A 128 5.23 13.06 63.17
C GLY A 128 5.69 13.02 64.61
N LEU A 129 5.84 14.21 65.20
CA LEU A 129 6.32 14.34 66.59
C LEU A 129 5.26 13.85 67.59
N GLU A 130 4.01 14.16 67.32
CA GLU A 130 2.91 13.72 68.17
C GLU A 130 2.86 12.21 68.15
N GLN A 131 3.10 11.67 66.97
CA GLN A 131 3.06 10.22 66.78
C GLN A 131 4.19 9.56 67.56
N LEU A 132 5.26 10.31 67.82
CA LEU A 132 6.40 9.80 68.57
C LEU A 132 6.20 10.02 70.08
N GLY A 133 5.00 10.45 70.47
CA GLY A 133 4.65 10.66 71.87
C GLY A 133 4.72 12.08 72.40
N ALA A 134 5.09 13.05 71.56
CA ALA A 134 5.17 14.44 71.99
C ALA A 134 3.78 15.06 72.15
N THR A 135 3.66 16.00 73.08
CA THR A 135 2.44 16.79 73.18
C THR A 135 2.74 18.15 72.57
N ILE A 136 1.88 18.61 71.67
CA ILE A 136 2.15 19.85 70.94
C ILE A 136 0.99 20.84 71.02
N LYS A 137 1.30 22.08 71.40
CA LYS A 137 0.29 23.14 71.41
C LYS A 137 0.85 24.40 70.78
N LEU A 138 -0.06 25.28 70.37
CA LEU A 138 0.33 26.51 69.69
C LEU A 138 -0.15 27.70 70.48
N GLU A 139 0.78 28.47 71.03
CA GLU A 139 0.44 29.71 71.73
C GLU A 139 1.40 30.84 71.39
N GLU A 140 0.84 32.03 71.17
CA GLU A 140 1.61 33.24 70.80
C GLU A 140 2.38 33.03 69.50
N GLY A 141 1.86 32.14 68.66
CA GLY A 141 2.53 31.81 67.41
C GLY A 141 3.65 30.79 67.50
N TYR A 142 3.90 30.27 68.70
CA TYR A 142 4.97 29.28 68.88
C TYR A 142 4.39 27.89 68.96
N VAL A 143 4.98 26.95 68.23
CA VAL A 143 4.63 25.55 68.42
C VAL A 143 5.47 25.06 69.58
N LYS A 144 4.79 24.76 70.67
CA LYS A 144 5.42 24.32 71.91
C LYS A 144 5.26 22.80 72.09
N ALA A 145 6.37 22.08 72.09
CA ALA A 145 6.36 20.64 72.22
C ALA A 145 6.97 20.20 73.54
N SER A 146 6.43 19.13 74.10
CA SER A 146 6.93 18.59 75.36
C SER A 146 6.69 17.09 75.47
N VAL A 147 7.56 16.42 76.22
CA VAL A 147 7.39 15.01 76.50
C VAL A 147 7.90 14.66 77.90
N ASP A 148 7.09 13.93 78.66
CA ASP A 148 7.51 13.42 79.97
C ASP A 148 8.44 12.23 79.77
N GLY A 149 9.74 12.46 79.98
CA GLY A 149 10.74 11.44 79.70
C GLY A 149 11.20 11.54 78.26
N ARG A 150 11.30 10.41 77.57
CA ARG A 150 11.71 10.43 76.17
C ARG A 150 10.66 9.91 75.22
N LEU A 151 10.87 10.18 73.92
CA LEU A 151 9.93 9.78 72.89
C LEU A 151 9.96 8.28 72.70
N LYS A 152 8.90 7.77 72.07
CA LYS A 152 8.75 6.34 71.81
C LYS A 152 8.69 6.03 70.33
N GLY A 153 9.55 5.10 69.89
CA GLY A 153 9.53 4.62 68.52
C GLY A 153 8.13 4.26 68.06
N ALA A 154 7.84 4.53 66.79
CA ALA A 154 6.50 4.28 66.24
C ALA A 154 6.57 4.01 64.74
N HIS A 155 5.50 3.44 64.23
CA HIS A 155 5.40 3.17 62.81
C HIS A 155 4.66 4.34 62.20
N ILE A 156 5.39 5.18 61.46
CA ILE A 156 4.81 6.40 60.92
C ILE A 156 4.74 6.36 59.40
N VAL A 157 3.54 6.46 58.87
CA VAL A 157 3.33 6.45 57.43
C VAL A 157 3.04 7.87 56.94
N MET A 158 3.92 8.41 56.12
CA MET A 158 3.82 9.83 55.76
C MET A 158 2.83 10.09 54.66
N ASP A 159 1.91 11.02 54.94
CA ASP A 159 0.81 11.34 54.03
C ASP A 159 1.32 11.73 52.65
N LYS A 160 2.30 12.62 52.64
CA LYS A 160 2.97 12.96 51.40
C LYS A 160 4.48 13.01 51.57
N VAL A 161 5.19 13.17 50.47
CA VAL A 161 6.63 13.14 50.51
C VAL A 161 7.16 14.50 50.94
N SER A 162 7.96 14.52 51.99
CA SER A 162 8.49 15.77 52.52
C SER A 162 9.91 15.65 53.02
N VAL A 163 10.82 16.44 52.45
CA VAL A 163 12.20 16.45 52.90
C VAL A 163 12.31 16.92 54.36
N GLY A 164 11.62 18.02 54.69
CA GLY A 164 11.71 18.60 56.01
C GLY A 164 11.20 17.69 57.12
N ALA A 165 10.02 17.11 56.91
CA ALA A 165 9.43 16.27 57.93
C ALA A 165 10.18 14.94 58.08
N THR A 166 10.68 14.43 56.96
CA THR A 166 11.45 13.21 57.03
C THR A 166 12.66 13.43 57.92
N VAL A 167 13.31 14.57 57.75
CA VAL A 167 14.47 14.89 58.59
C VAL A 167 14.08 15.08 60.06
N THR A 168 13.00 15.83 60.32
CA THR A 168 12.53 16.07 61.67
C THR A 168 12.30 14.75 62.42
N ILE A 169 11.53 13.85 61.81
CA ILE A 169 11.21 12.62 62.49
C ILE A 169 12.44 11.74 62.64
N MET A 170 13.21 11.60 61.57
CA MET A 170 14.39 10.76 61.63
C MET A 170 15.28 11.16 62.78
N CYS A 171 15.51 12.47 62.91
CA CYS A 171 16.42 12.99 63.95
C CYS A 171 15.88 12.80 65.36
N ALA A 172 14.60 13.08 65.55
CA ALA A 172 13.98 12.93 66.86
C ALA A 172 14.00 11.48 67.32
N ALA A 173 13.86 10.56 66.39
CA ALA A 173 13.72 9.14 66.73
C ALA A 173 15.04 8.55 67.26
N THR A 174 16.17 9.13 66.86
CA THR A 174 17.48 8.58 67.27
C THR A 174 17.64 8.48 68.79
N LEU A 175 16.84 9.24 69.53
CA LEU A 175 16.92 9.23 71.00
C LEU A 175 15.60 8.77 71.64
N ALA A 176 14.81 8.00 70.88
CA ALA A 176 13.54 7.50 71.39
C ALA A 176 13.70 6.10 71.96
N GLU A 177 12.69 5.63 72.68
CA GLU A 177 12.64 4.26 73.17
C GLU A 177 12.16 3.33 72.08
N GLY A 178 13.03 2.46 71.60
CA GLY A 178 12.65 1.45 70.65
C GLY A 178 12.81 1.84 69.19
N THR A 179 12.05 1.19 68.33
CA THR A 179 12.21 1.33 66.89
C THR A 179 11.15 2.21 66.21
N THR A 180 11.63 3.16 65.41
CA THR A 180 10.75 3.95 64.58
C THR A 180 10.88 3.51 63.13
N ILE A 181 9.77 3.47 62.42
CA ILE A 181 9.80 3.16 61.00
C ILE A 181 9.04 4.24 60.24
N ILE A 182 9.75 4.93 59.35
CA ILE A 182 9.15 5.95 58.50
C ILE A 182 8.83 5.39 57.11
N GLU A 183 7.55 5.38 56.78
CA GLU A 183 7.09 4.88 55.49
C GLU A 183 6.80 6.05 54.58
N ASN A 184 7.11 5.87 53.28
CA ASN A 184 6.96 6.93 52.29
C ASN A 184 7.90 8.11 52.58
N ALA A 185 9.12 7.78 53.01
CA ALA A 185 10.12 8.80 53.33
C ALA A 185 10.67 9.47 52.07
N ALA A 186 11.17 10.69 52.22
CA ALA A 186 11.86 11.37 51.13
C ALA A 186 13.25 10.74 50.94
N ARG A 187 13.69 10.64 49.68
CA ARG A 187 14.93 9.94 49.35
C ARG A 187 16.08 10.85 48.98
N GLU A 188 15.88 12.17 49.12
CA GLU A 188 16.90 13.17 48.79
C GLU A 188 18.31 12.79 49.31
N PRO A 189 19.35 12.99 48.48
CA PRO A 189 20.74 12.70 48.88
C PRO A 189 21.07 13.34 50.21
N GLU A 190 20.55 14.53 50.47
CA GLU A 190 20.86 15.25 51.70
C GLU A 190 20.32 14.52 52.95
N ILE A 191 19.28 13.73 52.76
CA ILE A 191 18.67 12.99 53.86
C ILE A 191 19.56 11.80 54.17
N VAL A 192 20.21 11.29 53.13
CA VAL A 192 21.20 10.23 53.29
C VAL A 192 22.41 10.75 54.06
N ASP A 193 22.89 11.92 53.66
CA ASP A 193 24.05 12.54 54.31
C ASP A 193 23.78 12.80 55.78
N THR A 194 22.58 13.30 56.07
CA THR A 194 22.16 13.56 57.43
C THR A 194 22.10 12.27 58.27
N ALA A 195 21.59 11.20 57.65
CA ALA A 195 21.54 9.91 58.35
C ALA A 195 22.95 9.41 58.64
N ASN A 196 23.84 9.50 57.66
CA ASN A 196 25.22 9.06 57.83
C ASN A 196 26.00 9.85 58.91
N PHE A 197 25.72 11.14 59.04
CA PHE A 197 26.25 11.95 60.11
C PHE A 197 25.72 11.44 61.46
N LEU A 198 24.42 11.22 61.54
CA LEU A 198 23.81 10.68 62.75
C LEU A 198 24.41 9.35 63.19
N ILE A 199 24.62 8.45 62.23
CA ILE A 199 25.22 7.15 62.52
C ILE A 199 26.60 7.35 63.11
N THR A 200 27.33 8.28 62.53
CA THR A 200 28.68 8.62 62.98
C THR A 200 28.71 9.01 64.47
N LEU A 201 27.64 9.62 64.94
CA LEU A 201 27.54 10.02 66.35
C LEU A 201 27.11 8.86 67.24
N GLY A 202 26.77 7.73 66.62
CA GLY A 202 26.34 6.57 67.35
C GLY A 202 24.87 6.20 67.20
N ALA A 203 24.19 6.79 66.21
CA ALA A 203 22.80 6.47 65.97
C ALA A 203 22.73 5.20 65.16
N LYS A 204 21.55 4.56 65.18
CA LYS A 204 21.32 3.33 64.43
C LYS A 204 20.23 3.55 63.39
N ILE A 205 20.62 3.75 62.15
CA ILE A 205 19.68 4.07 61.08
C ILE A 205 19.94 3.20 59.87
N SER A 206 18.85 2.77 59.23
CA SER A 206 18.99 1.98 58.00
C SER A 206 17.86 2.34 57.03
N GLY A 207 18.14 2.22 55.74
CA GLY A 207 17.12 2.44 54.74
C GLY A 207 17.11 3.84 54.13
N GLN A 208 18.00 4.72 54.61
CA GLN A 208 18.15 6.07 54.07
C GLN A 208 18.40 6.08 52.56
N GLY A 209 17.64 6.92 51.84
CA GLY A 209 17.69 6.93 50.39
C GLY A 209 16.63 6.06 49.76
N THR A 210 15.92 5.29 50.59
CA THR A 210 14.77 4.50 50.15
C THR A 210 13.53 5.05 50.82
N ASP A 211 12.37 4.53 50.43
CA ASP A 211 11.10 5.02 50.98
C ASP A 211 10.85 4.55 52.42
N ARG A 212 11.69 3.65 52.92
CA ARG A 212 11.52 3.17 54.28
C ARG A 212 12.75 3.35 55.13
N ILE A 213 12.65 4.18 56.18
CA ILE A 213 13.77 4.40 57.09
C ILE A 213 13.53 3.78 58.49
N VAL A 214 14.51 3.04 58.98
CA VAL A 214 14.38 2.38 60.27
C VAL A 214 15.39 2.97 61.25
N ILE A 215 14.88 3.46 62.38
CA ILE A 215 15.69 4.03 63.43
C ILE A 215 15.53 3.25 64.72
N GLU A 216 16.66 2.80 65.26
CA GLU A 216 16.72 2.12 66.54
C GLU A 216 17.23 3.08 67.60
N GLY A 217 16.37 3.47 68.52
CA GLY A 217 16.75 4.45 69.52
C GLY A 217 17.93 4.03 70.36
N VAL A 218 18.80 5.00 70.65
CA VAL A 218 19.88 4.82 71.62
C VAL A 218 19.71 5.87 72.71
N GLU A 219 20.46 5.76 73.79
CA GLU A 219 20.22 6.60 74.95
C GLU A 219 20.90 7.95 74.86
N ARG A 220 21.99 7.99 74.14
CA ARG A 220 22.71 9.25 73.95
C ARG A 220 23.62 9.18 72.73
N LEU A 221 23.90 10.34 72.17
CA LEU A 221 24.77 10.48 71.00
C LEU A 221 26.03 11.26 71.34
N GLY A 222 27.14 10.90 70.68
CA GLY A 222 28.43 11.48 70.99
C GLY A 222 28.83 12.62 70.06
N GLY A 223 30.11 12.67 69.72
CA GLY A 223 30.63 13.68 68.83
C GLY A 223 31.30 13.03 67.65
N GLY A 224 32.11 13.79 66.92
CA GLY A 224 32.87 13.26 65.81
C GLY A 224 33.16 14.25 64.70
N VAL A 225 33.62 13.73 63.57
CA VAL A 225 33.93 14.52 62.39
C VAL A 225 33.23 13.96 61.14
N TYR A 226 32.63 14.85 60.37
CA TYR A 226 31.90 14.43 59.17
C TYR A 226 32.02 15.45 58.04
N ARG A 227 32.26 14.96 56.83
CA ARG A 227 32.33 15.81 55.64
C ARG A 227 31.02 15.78 54.82
N VAL A 228 30.49 16.97 54.54
CA VAL A 228 29.24 17.14 53.80
C VAL A 228 29.43 16.87 52.30
N LEU A 229 28.47 16.20 51.69
CA LEU A 229 28.56 15.87 50.27
C LEU A 229 28.49 17.12 49.37
N PRO A 230 28.86 16.98 48.08
CA PRO A 230 28.81 18.11 47.17
C PRO A 230 27.39 18.57 46.87
N ASP A 231 27.25 19.85 46.52
CA ASP A 231 25.95 20.46 46.26
C ASP A 231 25.51 20.21 44.81
N ARG A 232 24.47 19.38 44.64
CA ARG A 232 23.98 19.00 43.31
C ARG A 232 23.33 20.17 42.59
N ILE A 233 22.72 21.06 43.36
CA ILE A 233 22.08 22.24 42.77
C ILE A 233 23.11 23.22 42.23
N GLU A 234 24.21 23.43 42.96
CA GLU A 234 25.25 24.30 42.45
C GLU A 234 25.86 23.68 41.20
N THR A 235 26.10 22.38 41.27
CA THR A 235 26.61 21.63 40.13
C THR A 235 25.74 21.80 38.91
N GLY A 236 24.44 21.59 39.08
CA GLY A 236 23.50 21.76 37.98
C GLY A 236 23.55 23.17 37.41
N THR A 237 23.63 24.15 38.29
CA THR A 237 23.55 25.54 37.87
C THR A 237 24.71 25.89 36.93
N PHE A 238 25.90 25.39 37.24
CA PHE A 238 27.06 25.68 36.41
C PHE A 238 27.05 24.88 35.10
N LEU A 239 26.60 23.63 35.17
CA LEU A 239 26.43 22.82 33.96
C LEU A 239 25.50 23.53 32.99
N VAL A 240 24.43 24.11 33.54
CA VAL A 240 23.47 24.87 32.73
C VAL A 240 24.10 26.15 32.19
N ALA A 241 24.94 26.79 33.01
CA ALA A 241 25.65 27.99 32.62
C ALA A 241 26.42 27.75 31.33
N ALA A 242 27.10 26.60 31.27
CA ALA A 242 27.88 26.25 30.09
C ALA A 242 26.94 25.95 28.92
N ALA A 243 25.91 25.13 29.16
CA ALA A 243 24.99 24.69 28.11
C ALA A 243 24.27 25.84 27.40
N ILE A 244 24.00 26.94 28.09
CA ILE A 244 23.28 28.06 27.46
C ILE A 244 24.23 29.05 26.76
N SER A 245 25.50 29.04 27.14
CA SER A 245 26.47 29.96 26.55
C SER A 245 27.26 29.29 25.44
N ARG A 246 26.85 28.08 25.07
CA ARG A 246 27.52 27.31 24.02
C ARG A 246 28.96 27.04 24.41
N GLY A 247 29.18 26.81 25.69
CA GLY A 247 30.52 26.66 26.22
C GLY A 247 30.89 25.23 26.57
N LYS A 248 31.91 25.03 27.39
CA LYS A 248 32.29 23.71 27.90
C LYS A 248 32.85 23.88 29.29
N ILE A 249 32.69 22.89 30.15
CA ILE A 249 33.01 23.02 31.57
C ILE A 249 33.34 21.70 32.24
N ILE A 250 34.19 21.76 33.26
CA ILE A 250 34.43 20.61 34.12
C ILE A 250 34.11 21.02 35.55
N CYS A 251 33.32 20.22 36.22
CA CYS A 251 32.97 20.46 37.61
C CYS A 251 33.78 19.51 38.47
N ARG A 252 34.52 20.06 39.41
CA ARG A 252 35.39 19.28 40.28
C ARG A 252 34.76 19.16 41.66
N ASN A 253 35.06 18.07 42.36
CA ASN A 253 34.46 17.75 43.65
C ASN A 253 32.94 17.54 43.54
N ALA A 254 32.54 16.77 42.54
CA ALA A 254 31.14 16.49 42.28
C ALA A 254 30.77 15.07 42.72
N GLN A 255 29.47 14.80 42.75
CA GLN A 255 28.98 13.45 42.98
C GLN A 255 27.90 13.13 41.98
N PRO A 256 28.29 12.63 40.80
CA PRO A 256 27.41 12.38 39.65
C PRO A 256 26.15 11.54 39.93
N ASP A 257 26.24 10.52 40.79
CA ASP A 257 25.07 9.64 41.01
C ASP A 257 23.91 10.44 41.62
N THR A 258 24.20 11.71 41.87
CA THR A 258 23.28 12.62 42.55
C THR A 258 22.43 13.43 41.55
N LEU A 259 22.78 13.35 40.27
CA LEU A 259 22.20 14.21 39.26
C LEU A 259 21.65 13.48 38.03
N ASP A 260 21.23 12.24 38.19
CA ASP A 260 20.80 11.42 37.06
C ASP A 260 19.81 12.16 36.16
N ALA A 261 18.70 12.60 36.77
CA ALA A 261 17.64 13.25 36.02
C ALA A 261 18.11 14.50 35.27
N VAL A 262 18.93 15.33 35.93
CA VAL A 262 19.44 16.58 35.36
C VAL A 262 20.38 16.35 34.18
N LEU A 263 21.26 15.36 34.31
CA LEU A 263 22.23 15.04 33.27
C LEU A 263 21.51 14.48 32.05
N ALA A 264 20.49 13.66 32.31
CA ALA A 264 19.69 13.07 31.23
C ALA A 264 18.99 14.15 30.42
N LYS A 265 18.50 15.17 31.11
CA LYS A 265 17.78 16.24 30.46
C LYS A 265 18.74 17.11 29.65
N LEU A 266 19.95 17.28 30.16
CA LEU A 266 20.97 18.07 29.47
C LEU A 266 21.40 17.40 28.16
N ARG A 267 21.51 16.07 28.18
CA ARG A 267 21.74 15.32 26.95
C ARG A 267 20.63 15.53 25.93
N ASP A 268 19.38 15.46 26.37
CA ASP A 268 18.23 15.74 25.50
C ASP A 268 18.28 17.15 24.91
N ALA A 269 18.89 18.08 25.64
CA ALA A 269 19.07 19.44 25.14
C ALA A 269 20.24 19.50 24.16
N GLY A 270 20.97 18.41 24.03
CA GLY A 270 22.06 18.31 23.07
C GLY A 270 23.48 18.41 23.61
N ALA A 271 23.64 18.29 24.92
CA ALA A 271 24.97 18.38 25.52
C ALA A 271 25.75 17.05 25.48
N ASP A 272 27.07 17.17 25.43
CA ASP A 272 27.98 16.04 25.43
C ASP A 272 28.56 15.91 26.85
N ILE A 273 28.14 14.88 27.57
CA ILE A 273 28.47 14.78 28.98
C ILE A 273 29.25 13.54 29.32
N GLU A 274 30.33 13.71 30.06
CA GLU A 274 31.05 12.58 30.65
C GLU A 274 31.21 12.77 32.15
N VAL A 275 31.27 11.65 32.87
CA VAL A 275 31.40 11.69 34.32
C VAL A 275 32.58 10.82 34.81
N GLY A 276 33.27 11.32 35.82
CA GLY A 276 34.27 10.53 36.51
C GLY A 276 33.69 10.13 37.85
N GLU A 277 34.54 9.85 38.82
CA GLU A 277 34.04 9.47 40.12
C GLU A 277 33.75 10.69 40.98
N ASP A 278 34.38 11.81 40.63
CA ASP A 278 34.13 13.06 41.35
C ASP A 278 34.24 14.27 40.43
N TRP A 279 33.90 14.08 39.16
CA TRP A 279 33.83 15.19 38.22
C TRP A 279 32.72 14.99 37.18
N ILE A 280 32.28 16.09 36.59
CA ILE A 280 31.37 16.03 35.47
C ILE A 280 31.89 16.98 34.40
N SER A 281 31.89 16.54 33.14
CA SER A 281 32.24 17.42 32.05
C SER A 281 31.06 17.58 31.12
N LEU A 282 30.93 18.77 30.56
CA LEU A 282 29.88 19.09 29.59
C LEU A 282 30.43 19.93 28.43
N ASP A 283 30.15 19.50 27.20
CA ASP A 283 30.58 20.24 26.02
C ASP A 283 29.43 20.43 25.08
N MET A 284 29.18 21.67 24.67
CA MET A 284 28.13 21.95 23.70
C MET A 284 28.62 21.92 22.25
N HIS A 285 29.93 21.82 22.07
CA HIS A 285 30.53 21.88 20.74
C HIS A 285 29.97 23.05 19.90
N GLY A 286 29.93 24.24 20.50
CA GLY A 286 29.48 25.45 19.85
C GLY A 286 28.00 25.49 19.52
N LYS A 287 27.28 24.43 19.86
CA LYS A 287 25.85 24.32 19.53
C LYS A 287 24.92 25.06 20.49
N ARG A 288 23.82 25.55 19.94
CA ARG A 288 22.71 26.09 20.73
C ARG A 288 21.85 24.92 21.21
N PRO A 289 21.42 24.96 22.48
CA PRO A 289 20.66 23.85 23.10
C PRO A 289 19.27 23.59 22.47
N LYS A 290 18.81 22.35 22.51
CA LYS A 290 17.48 22.01 21.99
C LYS A 290 16.43 22.04 23.11
N ALA A 291 15.23 22.56 22.81
CA ALA A 291 14.18 22.65 23.82
C ALA A 291 13.91 21.30 24.48
N VAL A 292 13.61 21.30 25.77
CA VAL A 292 13.23 20.07 26.46
C VAL A 292 11.94 20.22 27.25
N ASN A 293 11.34 19.09 27.65
CA ASN A 293 10.16 19.09 28.52
C ASN A 293 10.48 18.48 29.87
N VAL A 294 10.08 19.16 30.94
CA VAL A 294 10.47 18.78 32.29
C VAL A 294 9.27 18.75 33.24
N ARG A 295 9.28 17.79 34.15
CA ARG A 295 8.32 17.75 35.25
C ARG A 295 9.02 17.57 36.60
N THR A 296 8.91 18.57 37.47
CA THR A 296 9.57 18.50 38.79
C THR A 296 8.85 17.50 39.71
N ALA A 297 9.62 16.84 40.58
CA ALA A 297 9.06 15.92 41.55
C ALA A 297 10.14 15.57 42.55
N PRO A 298 9.76 14.91 43.66
CA PRO A 298 10.78 14.52 44.64
C PRO A 298 11.85 13.60 44.05
N HIS A 299 13.04 13.66 44.65
CA HIS A 299 14.18 12.86 44.24
C HIS A 299 13.79 11.36 44.13
N PRO A 300 14.33 10.66 43.11
CA PRO A 300 15.41 11.09 42.22
C PRO A 300 14.91 11.67 40.91
N ALA A 301 13.68 12.15 40.87
CA ALA A 301 13.16 12.86 39.70
C ALA A 301 13.81 14.23 39.59
N PHE A 302 13.52 14.97 38.53
CA PHE A 302 14.07 16.31 38.33
C PHE A 302 13.64 17.25 39.46
N PRO A 303 14.60 17.97 40.06
CA PRO A 303 14.41 18.77 41.28
C PRO A 303 13.87 20.16 41.00
N THR A 304 12.93 20.61 41.83
CA THR A 304 12.40 21.96 41.72
C THR A 304 13.51 23.05 41.82
N ASP A 305 14.55 22.78 42.60
CA ASP A 305 15.64 23.73 42.76
C ASP A 305 16.44 23.94 41.47
N MET A 306 16.12 23.18 40.42
CA MET A 306 16.80 23.34 39.13
C MET A 306 15.84 23.88 38.07
N GLN A 307 14.59 24.09 38.48
CA GLN A 307 13.52 24.39 37.53
C GLN A 307 13.69 25.73 36.79
N ALA A 308 14.08 26.78 37.53
CA ALA A 308 14.27 28.10 36.93
C ALA A 308 15.41 28.11 35.97
N GLN A 309 16.46 27.38 36.30
CA GLN A 309 17.62 27.32 35.42
C GLN A 309 17.27 26.67 34.08
N PHE A 310 16.44 25.62 34.12
CA PHE A 310 16.08 24.92 32.91
C PHE A 310 15.04 25.70 32.14
N THR A 311 14.33 26.56 32.84
CA THR A 311 13.41 27.47 32.18
C THR A 311 14.21 28.42 31.31
N LEU A 312 15.34 28.91 31.83
CA LEU A 312 16.22 29.81 31.10
C LEU A 312 16.79 29.12 29.87
N LEU A 313 17.31 27.91 30.08
CA LEU A 313 17.78 27.09 28.98
C LEU A 313 16.75 27.02 27.86
N ASN A 314 15.54 26.60 28.19
CA ASN A 314 14.47 26.54 27.20
C ASN A 314 14.20 27.89 26.51
N LEU A 315 14.38 28.99 27.24
CA LEU A 315 14.02 30.30 26.71
C LEU A 315 15.01 30.81 25.66
N VAL A 316 16.19 30.18 25.60
CA VAL A 316 17.22 30.51 24.61
C VAL A 316 17.51 29.30 23.73
N ALA A 317 16.63 28.32 23.78
CA ALA A 317 16.84 27.09 23.01
C ALA A 317 16.13 27.07 21.67
N GLU A 318 16.42 26.05 20.87
CA GLU A 318 15.76 25.84 19.60
C GLU A 318 14.42 25.10 19.82
N GLY A 319 13.31 25.80 19.57
CA GLY A 319 12.01 25.17 19.66
C GLY A 319 11.16 25.56 20.88
N THR A 320 10.14 24.76 21.13
CA THR A 320 9.23 25.02 22.22
C THR A 320 9.32 23.90 23.27
N GLY A 321 9.37 24.28 24.54
CA GLY A 321 9.49 23.30 25.58
C GLY A 321 8.66 23.74 26.77
N PHE A 322 8.08 22.79 27.48
CA PHE A 322 7.35 23.17 28.69
C PHE A 322 7.95 22.60 29.97
N ILE A 323 7.71 23.30 31.06
CA ILE A 323 8.19 22.88 32.37
C ILE A 323 7.02 22.88 33.35
N THR A 324 6.76 21.72 33.95
CA THR A 324 5.66 21.59 34.88
C THR A 324 6.20 21.39 36.30
N GLU A 325 5.59 22.08 37.24
CA GLU A 325 6.12 22.11 38.59
C GLU A 325 5.09 21.43 39.49
N THR A 326 5.48 20.35 40.13
CA THR A 326 4.50 19.65 40.95
C THR A 326 4.83 19.75 42.42
N VAL A 327 5.95 20.39 42.74
CA VAL A 327 6.37 20.50 44.13
C VAL A 327 5.99 21.86 44.73
N PHE A 328 6.40 22.94 44.06
CA PHE A 328 6.00 24.29 44.46
C PHE A 328 5.26 24.97 43.29
N GLU A 329 3.94 24.88 43.31
CA GLU A 329 3.16 25.21 42.13
C GLU A 329 3.13 26.68 41.71
N ASN A 330 3.63 27.57 42.57
CA ASN A 330 3.68 29.00 42.25
C ASN A 330 5.12 29.54 42.14
N ARG A 331 6.06 28.69 41.80
CA ARG A 331 7.46 29.08 41.79
C ARG A 331 7.88 29.54 40.41
N PHE A 332 7.34 30.66 39.95
CA PHE A 332 7.60 31.14 38.60
C PHE A 332 7.96 32.64 38.46
N MET A 333 8.25 33.29 39.59
CA MET A 333 8.61 34.71 39.55
C MET A 333 9.78 35.05 38.62
N HIS A 334 10.70 34.11 38.41
CA HIS A 334 11.77 34.33 37.47
C HIS A 334 11.26 34.60 36.04
N VAL A 335 10.09 34.04 35.71
CA VAL A 335 9.58 34.09 34.33
C VAL A 335 9.32 35.53 33.85
N PRO A 336 8.53 36.30 34.60
CA PRO A 336 8.29 37.70 34.22
C PRO A 336 9.59 38.54 34.14
N GLU A 337 10.55 38.28 35.02
CA GLU A 337 11.84 38.95 34.94
C GLU A 337 12.57 38.63 33.64
N LEU A 338 12.61 37.34 33.29
CA LEU A 338 13.27 36.94 32.06
C LEU A 338 12.53 37.55 30.88
N SER A 339 11.25 37.82 31.06
CA SER A 339 10.48 38.48 30.01
C SER A 339 10.93 39.94 29.79
N ARG A 340 11.44 40.56 30.83
CA ARG A 340 11.95 41.92 30.70
C ARG A 340 13.19 41.88 29.82
N MET A 341 13.81 40.71 29.73
CA MET A 341 15.04 40.55 28.96
C MET A 341 14.76 39.99 27.57
N GLY A 342 13.48 39.97 27.20
CA GLY A 342 13.08 39.55 25.87
C GLY A 342 12.70 38.09 25.67
N ALA A 343 12.61 37.32 26.76
CA ALA A 343 12.17 35.93 26.67
C ALA A 343 10.68 35.83 26.34
N HIS A 344 10.30 34.75 25.67
CA HIS A 344 8.91 34.53 25.27
C HIS A 344 8.34 33.33 25.99
N ALA A 345 7.47 33.60 26.96
CA ALA A 345 6.90 32.51 27.75
C ALA A 345 5.46 32.79 28.17
N GLU A 346 4.68 31.74 28.36
CA GLU A 346 3.41 31.90 29.03
C GLU A 346 3.28 30.89 30.16
N ILE A 347 2.50 31.24 31.16
CA ILE A 347 2.27 30.38 32.30
C ILE A 347 0.80 29.94 32.35
N GLU A 348 0.58 28.65 32.16
CA GLU A 348 -0.76 28.11 32.23
C GLU A 348 -0.84 27.26 33.48
N SER A 349 -1.51 27.77 34.49
CA SER A 349 -1.62 27.04 35.75
C SER A 349 -0.22 26.83 36.34
N ASN A 350 0.21 25.58 36.43
CA ASN A 350 1.53 25.25 36.97
C ASN A 350 2.53 24.70 35.94
N THR A 351 2.36 25.12 34.68
CA THR A 351 3.28 24.83 33.59
C THR A 351 3.69 26.11 32.91
N VAL A 352 4.99 26.30 32.69
CA VAL A 352 5.44 27.38 31.82
C VAL A 352 5.73 26.83 30.44
N ILE A 353 5.19 27.51 29.45
CA ILE A 353 5.42 27.16 28.05
C ILE A 353 6.39 28.14 27.44
N CYS A 354 7.53 27.62 26.99
CA CYS A 354 8.65 28.44 26.52
C CYS A 354 8.85 28.36 25.02
N HIS A 355 9.04 29.51 24.39
CA HIS A 355 9.40 29.57 22.98
C HIS A 355 10.77 30.21 22.86
N GLY A 356 11.79 29.39 22.60
CA GLY A 356 13.17 29.84 22.56
C GLY A 356 13.46 30.97 21.59
N VAL A 357 14.16 31.99 22.08
CA VAL A 357 14.72 33.02 21.22
C VAL A 357 16.24 32.87 21.11
N GLU A 358 16.78 33.51 20.08
CA GLU A 358 18.16 33.43 19.63
C GLU A 358 19.09 34.11 20.65
N LYS A 359 18.68 35.29 21.14
CA LYS A 359 19.45 36.00 22.17
C LYS A 359 18.59 36.95 23.00
N LEU A 360 18.95 37.10 24.29
CA LEU A 360 18.27 38.00 25.21
C LEU A 360 18.94 39.38 25.26
N SER A 361 18.23 40.35 25.83
CA SER A 361 18.70 41.73 25.96
C SER A 361 18.81 42.13 27.43
N GLY A 362 19.94 42.78 27.80
CA GLY A 362 20.14 43.29 29.14
C GLY A 362 19.04 44.21 29.67
N ALA A 363 18.75 44.11 30.97
CA ALA A 363 17.74 44.92 31.62
C ALA A 363 17.87 44.84 33.13
N GLN A 364 17.09 45.63 33.84
CA GLN A 364 17.13 45.63 35.29
C GLN A 364 16.15 44.60 35.80
N VAL A 365 16.63 43.63 36.58
CA VAL A 365 15.76 42.57 37.08
C VAL A 365 15.92 42.39 38.58
N MET A 366 14.93 41.78 39.20
CA MET A 366 14.92 41.67 40.65
C MET A 366 14.94 40.23 41.15
N ALA A 367 15.95 39.90 41.93
CA ALA A 367 15.99 38.59 42.58
C ALA A 367 14.97 38.48 43.75
N THR A 368 14.44 37.28 43.98
CA THR A 368 13.51 37.03 45.06
C THR A 368 13.63 35.65 45.65
N ASP A 369 14.43 34.81 45.02
CA ASP A 369 14.50 33.41 45.36
C ASP A 369 15.90 32.88 45.57
N LEU A 370 16.12 32.45 46.79
CA LEU A 370 17.28 31.70 47.23
C LEU A 370 18.03 30.94 46.17
N ARG A 371 17.34 30.09 45.41
CA ARG A 371 18.04 29.31 44.38
C ARG A 371 17.65 29.72 42.97
N ALA A 372 16.36 29.98 42.80
CA ALA A 372 15.79 30.21 41.47
C ALA A 372 16.38 31.46 40.78
N SER A 373 16.63 32.51 41.56
CA SER A 373 17.11 33.78 41.04
C SER A 373 18.52 33.74 40.44
N ALA A 374 19.24 32.66 40.69
CA ALA A 374 20.55 32.48 40.09
C ALA A 374 20.38 32.51 38.58
N SER A 375 19.18 32.19 38.14
CA SER A 375 18.93 32.12 36.71
C SER A 375 18.98 33.53 36.09
N LEU A 376 18.66 34.53 36.89
CA LEU A 376 18.77 35.93 36.43
C LEU A 376 20.22 36.34 36.20
N VAL A 377 21.10 35.88 37.09
CA VAL A 377 22.52 36.14 36.93
C VAL A 377 23.03 35.45 35.70
N LEU A 378 22.68 34.18 35.55
CA LEU A 378 23.03 33.42 34.35
C LEU A 378 22.51 34.10 33.06
N ALA A 379 21.25 34.55 33.09
CA ALA A 379 20.71 35.26 31.95
C ALA A 379 21.61 36.47 31.61
N GLY A 380 22.00 37.22 32.64
CA GLY A 380 22.88 38.38 32.47
C GLY A 380 24.16 38.08 31.70
N CYS A 381 24.73 36.92 31.97
CA CYS A 381 25.98 36.53 31.33
C CYS A 381 25.85 36.33 29.82
N ILE A 382 24.68 35.89 29.35
CA ILE A 382 24.51 35.59 27.94
C ILE A 382 23.67 36.62 27.19
N ALA A 383 23.09 37.57 27.91
CA ALA A 383 22.28 38.60 27.27
C ALA A 383 23.13 39.65 26.56
N GLU A 384 22.51 40.41 25.67
CA GLU A 384 23.20 41.41 24.90
C GLU A 384 23.20 42.71 25.69
N GLY A 385 24.37 43.10 26.18
CA GLY A 385 24.52 44.35 26.88
C GLY A 385 24.67 44.26 28.39
N THR A 386 23.99 45.17 29.09
CA THR A 386 24.12 45.29 30.54
C THR A 386 22.87 44.94 31.33
N THR A 387 23.04 44.00 32.26
CA THR A 387 21.96 43.57 33.13
C THR A 387 22.32 43.93 34.57
N VAL A 388 21.38 44.52 35.29
CA VAL A 388 21.58 44.77 36.70
C VAL A 388 20.62 43.89 37.49
N VAL A 389 21.17 43.00 38.30
CA VAL A 389 20.35 42.14 39.14
C VAL A 389 20.28 42.71 40.54
N ASP A 390 19.11 43.24 40.89
CA ASP A 390 18.90 43.93 42.15
C ASP A 390 18.63 42.93 43.26
N ARG A 391 19.02 43.28 44.49
CA ARG A 391 18.52 42.55 45.66
C ARG A 391 19.13 41.14 45.80
N ILE A 392 20.43 41.03 45.53
CA ILE A 392 21.12 39.75 45.47
C ILE A 392 21.42 39.12 46.83
N TYR A 393 20.99 39.77 47.90
CA TYR A 393 21.14 39.13 49.19
C TYR A 393 20.43 37.77 49.24
N HIS A 394 19.37 37.61 48.45
CA HIS A 394 18.71 36.32 48.31
C HIS A 394 19.70 35.29 47.81
N ILE A 395 20.41 35.64 46.74
CA ILE A 395 21.37 34.72 46.14
C ILE A 395 22.50 34.37 47.12
N ASP A 396 22.91 35.36 47.93
CA ASP A 396 23.93 35.17 48.95
C ASP A 396 23.56 34.11 50.00
N ARG A 397 22.25 33.90 50.23
CA ARG A 397 21.81 32.83 51.11
C ARG A 397 22.08 31.45 50.50
N GLY A 398 22.11 31.38 49.18
CA GLY A 398 22.04 30.11 48.45
C GLY A 398 23.30 29.62 47.77
N TYR A 399 24.18 30.54 47.38
CA TYR A 399 25.41 30.15 46.67
C TYR A 399 26.66 30.77 47.32
N GLU A 400 27.73 30.00 47.42
CA GLU A 400 29.00 30.53 47.95
C GLU A 400 29.73 31.30 46.87
N ARG A 401 29.72 32.63 46.99
CA ARG A 401 30.51 33.51 46.13
C ARG A 401 30.35 33.19 44.64
N ILE A 402 29.12 33.36 44.15
CA ILE A 402 28.80 32.96 42.79
C ILE A 402 29.51 33.81 41.72
N GLU A 403 29.81 35.06 42.05
CA GLU A 403 30.47 35.94 41.09
C GLU A 403 31.91 35.56 40.84
N ASP A 404 32.59 35.03 41.86
CA ASP A 404 33.97 34.61 41.70
C ASP A 404 34.04 33.41 40.77
N LYS A 405 33.16 32.44 40.98
CA LYS A 405 33.17 31.26 40.15
C LYS A 405 32.78 31.57 38.69
N LEU A 406 31.81 32.45 38.52
CA LEU A 406 31.37 32.84 37.19
C LEU A 406 32.47 33.60 36.45
N ARG A 407 33.14 34.50 37.16
CA ARG A 407 34.22 35.27 36.57
C ARG A 407 35.35 34.35 36.11
N ALA A 408 35.64 33.33 36.90
CA ALA A 408 36.69 32.38 36.55
C ALA A 408 36.29 31.54 35.32
N LEU A 409 35.05 31.72 34.85
CA LEU A 409 34.57 31.01 33.68
C LEU A 409 34.45 31.97 32.50
N GLY A 410 34.79 33.23 32.72
CA GLY A 410 34.81 34.23 31.66
C GLY A 410 33.76 35.32 31.81
N ALA A 411 32.98 35.26 32.89
CA ALA A 411 31.90 36.22 33.08
C ALA A 411 32.40 37.64 33.36
N ASN A 412 31.73 38.63 32.79
CA ASN A 412 31.98 40.00 33.17
C ASN A 412 30.96 40.43 34.21
N ILE A 413 31.33 40.32 35.48
CA ILE A 413 30.37 40.54 36.54
C ILE A 413 30.96 41.37 37.68
N GLU A 414 30.17 42.25 38.26
CA GLU A 414 30.66 43.08 39.34
C GLU A 414 29.62 43.29 40.44
N ARG A 415 30.06 43.25 41.67
CA ARG A 415 29.19 43.50 42.80
C ARG A 415 29.29 44.97 43.26
N VAL A 416 28.20 45.72 43.12
CA VAL A 416 28.19 47.13 43.53
C VAL A 416 27.27 47.41 44.74
N LYS A 417 27.46 48.55 45.39
CA LYS A 417 26.74 48.88 46.63
C LYS A 417 25.74 50.05 46.50
N GLY A 418 25.02 50.13 45.38
CA GLY A 418 24.09 51.20 45.12
C GLY A 418 23.14 51.47 46.28
N MET B 1 9.23 51.25 59.84
CA MET B 1 8.32 50.13 59.77
C MET B 1 7.15 50.22 60.75
N ASP B 2 6.08 50.89 60.32
CA ASP B 2 4.88 51.02 61.14
C ASP B 2 4.25 49.65 61.37
N LYS B 3 3.53 49.53 62.48
CA LYS B 3 2.82 48.31 62.81
C LYS B 3 1.45 48.69 63.37
N PHE B 4 0.53 47.74 63.36
CA PHE B 4 -0.71 47.88 64.12
C PHE B 4 -0.63 46.95 65.32
N ARG B 5 -0.87 47.51 66.50
CA ARG B 5 -1.11 46.68 67.68
C ARG B 5 -2.61 46.64 67.93
N VAL B 6 -3.15 45.44 68.03
CA VAL B 6 -4.59 45.28 68.16
C VAL B 6 -4.95 44.46 69.41
N GLN B 7 -5.99 44.89 70.12
CA GLN B 7 -6.42 44.24 71.34
C GLN B 7 -7.83 43.73 71.20
N GLY B 8 -8.03 42.45 71.46
CA GLY B 8 -9.36 41.88 71.37
C GLY B 8 -9.62 40.85 72.45
N PRO B 9 -10.82 40.24 72.45
CA PRO B 9 -11.87 40.42 71.43
C PRO B 9 -12.63 41.70 71.61
N THR B 10 -13.25 42.16 70.54
CA THR B 10 -13.93 43.46 70.52
C THR B 10 -15.06 43.33 69.49
N LYS B 11 -16.24 43.83 69.81
CA LYS B 11 -17.39 43.72 68.93
C LYS B 11 -17.56 44.98 68.10
N LEU B 12 -17.41 44.83 66.79
CA LEU B 12 -17.45 45.98 65.91
C LEU B 12 -18.89 46.35 65.51
N GLN B 13 -19.31 47.55 65.90
CA GLN B 13 -20.66 48.00 65.59
C GLN B 13 -20.71 49.52 65.53
N GLY B 14 -21.70 50.02 64.81
CA GLY B 14 -21.85 51.46 64.64
C GLY B 14 -22.03 51.76 63.18
N GLU B 15 -21.46 52.86 62.71
CA GLU B 15 -21.48 53.11 61.27
C GLU B 15 -20.12 53.57 60.70
N VAL B 16 -20.04 53.58 59.37
CA VAL B 16 -18.84 54.01 58.69
C VAL B 16 -19.21 54.69 57.38
N THR B 17 -18.42 55.71 57.01
CA THR B 17 -18.58 56.36 55.71
C THR B 17 -17.58 55.82 54.70
N ILE B 18 -18.09 55.32 53.58
CA ILE B 18 -17.25 54.69 52.55
C ILE B 18 -16.53 55.74 51.70
N SER B 19 -15.22 55.56 51.55
CA SER B 19 -14.42 56.44 50.71
C SER B 19 -14.65 56.13 49.21
N GLY B 20 -14.10 56.98 48.35
CA GLY B 20 -14.12 56.73 46.92
C GLY B 20 -13.33 55.49 46.53
N ALA B 21 -13.74 54.84 45.45
CA ALA B 21 -13.05 53.67 44.95
C ALA B 21 -11.60 53.93 44.53
N LYS B 22 -10.66 53.35 45.28
CA LYS B 22 -9.25 53.36 44.91
C LYS B 22 -9.00 52.96 43.44
N ASN B 23 -9.69 51.91 43.02
CA ASN B 23 -9.53 51.39 41.65
C ASN B 23 -10.41 52.05 40.57
N ALA B 24 -11.09 53.12 40.94
CA ALA B 24 -11.67 54.04 39.95
C ALA B 24 -10.79 55.28 39.86
N ALA B 25 -10.39 55.76 41.02
CA ALA B 25 -9.48 56.90 41.10
C ALA B 25 -8.25 56.70 40.19
N LEU B 26 -7.59 55.55 40.33
CA LEU B 26 -6.34 55.27 39.60
C LEU B 26 -6.47 55.32 38.06
N PRO B 27 -7.44 54.58 37.49
CA PRO B 27 -7.54 54.63 36.03
C PRO B 27 -7.93 56.05 35.55
N ILE B 28 -8.74 56.73 36.35
CA ILE B 28 -9.23 58.08 35.98
C ILE B 28 -8.10 59.09 35.98
N LEU B 29 -7.27 59.05 37.02
CA LEU B 29 -6.06 59.88 37.07
C LEU B 29 -5.18 59.70 35.84
N PHE B 30 -5.09 58.48 35.32
CA PHE B 30 -4.23 58.23 34.16
C PHE B 30 -4.94 58.60 32.86
N ALA B 31 -6.26 58.53 32.89
CA ALA B 31 -7.05 58.92 31.74
C ALA B 31 -6.97 60.45 31.56
N ALA B 32 -6.71 61.16 32.64
CA ALA B 32 -6.54 62.62 32.60
C ALA B 32 -5.40 63.06 31.67
N LEU B 33 -4.42 62.19 31.43
CA LEU B 33 -3.35 62.51 30.52
C LEU B 33 -3.86 62.83 29.11
N LEU B 34 -5.10 62.42 28.81
CA LEU B 34 -5.73 62.70 27.52
C LEU B 34 -6.30 64.11 27.45
N ALA B 35 -6.63 64.67 28.60
CA ALA B 35 -7.34 65.95 28.69
C ALA B 35 -6.45 67.16 28.32
N GLU B 36 -7.05 68.10 27.58
CA GLU B 36 -6.33 69.29 27.14
C GLU B 36 -6.78 70.53 27.90
N GLU B 37 -7.78 70.36 28.74
CA GLU B 37 -8.16 71.39 29.70
C GLU B 37 -8.05 70.83 31.10
N PRO B 38 -7.92 71.70 32.12
CA PRO B 38 -7.81 71.24 33.51
C PRO B 38 -9.00 70.38 33.95
N VAL B 39 -8.75 69.50 34.90
CA VAL B 39 -9.77 68.60 35.37
C VAL B 39 -9.72 68.44 36.89
N GLU B 40 -10.88 68.27 37.50
CA GLU B 40 -10.96 68.04 38.93
C GLU B 40 -11.68 66.71 39.26
N ILE B 41 -10.99 65.82 39.95
CA ILE B 41 -11.57 64.55 40.36
C ILE B 41 -11.93 64.58 41.85
N GLN B 42 -13.22 64.43 42.13
CA GLN B 42 -13.74 64.54 43.49
C GLN B 42 -13.88 63.19 44.19
N ASN B 43 -13.88 63.23 45.52
CA ASN B 43 -14.09 62.05 46.37
C ASN B 43 -13.00 61.04 46.20
N VAL B 44 -11.77 61.50 46.04
CA VAL B 44 -10.62 60.60 45.91
C VAL B 44 -10.08 60.20 47.26
N PRO B 45 -9.94 58.87 47.49
CA PRO B 45 -9.41 58.40 48.79
C PRO B 45 -7.95 58.84 49.01
N LYS B 46 -7.60 59.09 50.26
CA LYS B 46 -6.21 59.39 50.62
C LYS B 46 -5.44 58.09 50.84
N LEU B 47 -4.85 57.60 49.75
CA LEU B 47 -4.16 56.31 49.69
C LEU B 47 -2.79 56.51 49.07
N LYS B 48 -1.84 55.64 49.43
CA LYS B 48 -0.49 55.76 48.90
C LYS B 48 -0.50 55.55 47.39
N ASP B 49 -1.41 54.69 46.91
CA ASP B 49 -1.54 54.45 45.47
C ASP B 49 -1.91 55.70 44.68
N VAL B 50 -2.71 56.57 45.27
CA VAL B 50 -3.03 57.87 44.66
C VAL B 50 -1.79 58.76 44.63
N ASP B 51 -1.06 58.80 45.75
CA ASP B 51 0.18 59.57 45.84
C ASP B 51 1.11 59.16 44.71
N THR B 52 1.32 57.85 44.58
CA THR B 52 2.25 57.32 43.59
C THR B 52 1.83 57.74 42.19
N SER B 53 0.53 57.73 41.93
CA SER B 53 -0.02 58.10 40.65
C SER B 53 0.29 59.57 40.40
N MET B 54 0.04 60.39 41.41
CA MET B 54 0.27 61.84 41.30
C MET B 54 1.73 62.13 41.02
N LYS B 55 2.60 61.47 41.79
CA LYS B 55 4.04 61.54 41.58
C LYS B 55 4.39 61.26 40.12
N LEU B 56 3.78 60.23 39.53
CA LEU B 56 4.06 59.87 38.15
C LEU B 56 3.55 60.92 37.16
N LEU B 57 2.29 61.32 37.33
CA LEU B 57 1.70 62.36 36.49
C LEU B 57 2.60 63.58 36.46
N SER B 58 2.95 64.08 37.65
CA SER B 58 3.79 65.26 37.80
C SER B 58 5.11 65.09 37.05
N GLN B 59 5.72 63.94 37.24
CA GLN B 59 6.98 63.62 36.60
C GLN B 59 6.84 63.70 35.07
N LEU B 60 5.65 63.41 34.56
CA LEU B 60 5.39 63.46 33.11
C LEU B 60 5.19 64.88 32.61
N GLY B 61 4.98 65.81 33.54
CA GLY B 61 4.83 67.22 33.19
C GLY B 61 3.47 67.78 33.49
N ALA B 62 2.63 67.00 34.15
CA ALA B 62 1.31 67.48 34.53
C ALA B 62 1.38 68.33 35.81
N LYS B 63 0.44 69.25 35.95
CA LYS B 63 0.31 70.02 37.17
C LYS B 63 -0.72 69.36 38.08
N VAL B 64 -0.25 68.89 39.23
CA VAL B 64 -1.11 68.14 40.14
C VAL B 64 -1.10 68.68 41.56
N GLU B 65 -2.28 68.76 42.16
CA GLU B 65 -2.41 69.06 43.58
C GLU B 65 -3.70 68.46 44.12
N ARG B 66 -3.70 68.12 45.39
CA ARG B 66 -4.89 67.64 46.04
C ARG B 66 -4.84 68.19 47.43
N ASP B 67 -5.82 67.87 48.25
CA ASP B 67 -5.69 68.11 49.64
C ASP B 67 -4.30 67.73 50.08
N GLY B 68 -8.53 66.80 49.11
CA GLY B 68 -9.93 66.43 49.20
C GLY B 68 -10.44 66.05 47.84
N SER B 69 -9.68 66.42 46.83
CA SER B 69 -9.97 66.09 45.47
C SER B 69 -8.66 66.27 44.78
N VAL B 70 -8.57 65.79 43.55
CA VAL B 70 -7.33 65.89 42.82
C VAL B 70 -7.47 66.79 41.62
N HIS B 71 -6.65 67.83 41.56
CA HIS B 71 -6.65 68.72 40.41
C HIS B 71 -5.50 68.36 39.47
N ILE B 72 -5.83 68.16 38.20
CA ILE B 72 -4.82 67.81 37.21
C ILE B 72 -4.89 68.75 36.02
N ASP B 73 -3.73 69.31 35.68
CA ASP B 73 -3.58 70.10 34.46
C ASP B 73 -2.55 69.42 33.57
N ALA B 74 -3.04 68.79 32.50
CA ALA B 74 -2.19 67.95 31.65
C ALA B 74 -1.86 68.59 30.32
N ARG B 75 -2.00 69.91 30.25
CA ARG B 75 -1.68 70.60 29.00
C ARG B 75 -0.20 70.54 28.66
N ASP B 76 0.68 70.73 29.64
CA ASP B 76 2.11 70.87 29.38
C ASP B 76 2.88 69.56 29.52
N VAL B 77 2.20 68.43 29.36
CA VAL B 77 2.88 67.14 29.42
C VAL B 77 3.93 67.10 28.32
N ASN B 78 5.17 66.79 28.69
CA ASN B 78 6.26 66.88 27.75
C ASN B 78 7.31 65.77 27.88
N VAL B 79 7.14 64.92 28.90
CA VAL B 79 7.94 63.69 29.00
C VAL B 79 7.01 62.49 28.95
N PHE B 80 7.48 61.40 28.34
CA PHE B 80 6.58 60.31 27.96
C PHE B 80 7.01 58.93 28.45
N CYS B 81 7.71 58.91 29.59
CA CYS B 81 8.23 57.65 30.12
C CYS B 81 7.85 57.43 31.58
N ALA B 82 7.33 56.24 31.88
CA ALA B 82 7.12 55.82 33.26
C ALA B 82 8.31 54.94 33.61
N PRO B 83 9.28 55.48 34.39
CA PRO B 83 10.57 54.84 34.69
C PRO B 83 10.49 53.63 35.65
N TYR B 84 11.42 52.70 35.50
CA TYR B 84 11.48 51.52 36.33
C TYR B 84 11.18 51.77 37.82
N ASP B 85 11.84 52.78 38.40
CA ASP B 85 11.72 53.06 39.82
C ASP B 85 10.27 53.24 40.31
N LEU B 86 9.41 53.76 39.45
CA LEU B 86 8.02 53.95 39.85
C LEU B 86 7.18 52.72 39.60
N VAL B 87 7.23 52.23 38.37
CA VAL B 87 6.45 51.06 37.97
C VAL B 87 6.66 49.93 38.99
N LYS B 88 7.91 49.71 39.40
CA LYS B 88 8.22 48.63 40.33
C LYS B 88 7.45 48.77 41.66
N THR B 89 7.07 49.99 42.04
CA THR B 89 6.38 50.18 43.31
C THR B 89 4.87 50.10 43.12
N MET B 90 4.41 50.17 41.88
CA MET B 90 2.97 50.08 41.58
C MET B 90 2.73 49.75 40.10
N ARG B 91 2.44 48.48 39.80
CA ARG B 91 2.33 48.04 38.41
C ARG B 91 1.15 48.64 37.64
N ALA B 92 0.25 49.34 38.33
CA ALA B 92 -0.85 50.03 37.65
C ALA B 92 -0.31 51.22 36.81
N SER B 93 0.94 51.59 37.07
CA SER B 93 1.61 52.64 36.30
C SER B 93 1.54 52.36 34.82
N ILE B 94 1.50 51.09 34.48
CA ILE B 94 1.38 50.64 33.09
C ILE B 94 0.28 51.43 32.35
N TRP B 95 -0.69 51.93 33.10
CA TRP B 95 -1.85 52.58 32.51
C TRP B 95 -1.46 53.90 31.81
N ALA B 96 -0.24 54.35 32.03
CA ALA B 96 0.21 55.58 31.39
C ALA B 96 0.38 55.36 29.89
N LEU B 97 0.83 54.16 29.51
CA LEU B 97 1.14 53.84 28.12
C LEU B 97 0.06 54.25 27.13
N GLY B 98 -1.16 53.74 27.33
CA GLY B 98 -2.26 54.01 26.43
C GLY B 98 -2.47 55.48 26.08
N PRO B 99 -2.79 56.30 27.09
CA PRO B 99 -3.07 57.72 26.83
C PRO B 99 -1.88 58.40 26.13
N LEU B 100 -0.67 58.10 26.59
CA LEU B 100 0.53 58.72 26.03
C LEU B 100 0.62 58.50 24.52
N VAL B 101 0.43 57.25 24.09
CA VAL B 101 0.51 56.92 22.66
C VAL B 101 -0.65 57.48 21.86
N ALA B 102 -1.84 57.48 22.47
CA ALA B 102 -3.02 58.05 21.82
C ALA B 102 -2.87 59.54 21.54
N ARG B 103 -2.36 60.29 22.52
CA ARG B 103 -2.30 61.76 22.42
C ARG B 103 -1.02 62.32 21.80
N PHE B 104 0.14 61.73 22.13
CA PHE B 104 1.45 62.28 21.71
C PHE B 104 2.17 61.39 20.72
N GLY B 105 1.58 60.25 20.40
CA GLY B 105 2.15 59.34 19.41
C GLY B 105 3.35 58.51 19.88
N GLN B 106 3.72 58.65 21.14
CA GLN B 106 4.80 57.84 21.69
C GLN B 106 4.54 57.60 23.17
N GLY B 107 5.23 56.60 23.71
CA GLY B 107 5.13 56.27 25.12
C GLY B 107 6.10 55.16 25.48
N GLN B 108 6.75 55.32 26.62
CA GLN B 108 7.67 54.30 27.15
C GLN B 108 7.29 53.97 28.59
N VAL B 109 6.83 52.74 28.79
CA VAL B 109 6.58 52.29 30.16
C VAL B 109 7.39 51.05 30.49
N SER B 110 7.95 51.02 31.68
CA SER B 110 8.70 49.85 32.16
C SER B 110 7.80 48.62 32.23
N LEU B 111 8.27 47.49 31.69
CA LEU B 111 7.52 46.22 31.76
C LEU B 111 7.54 45.69 33.21
N PRO B 112 6.35 45.56 33.82
CA PRO B 112 6.24 45.08 35.22
C PRO B 112 6.82 43.68 35.45
N GLY B 113 7.58 43.49 36.52
CA GLY B 113 8.15 42.18 36.84
C GLY B 113 7.17 41.32 37.63
N GLY B 114 7.68 40.47 38.52
CA GLY B 114 6.82 39.56 39.28
C GLY B 114 6.07 40.21 40.44
N CYS B 115 4.92 39.95 40.83
CA CYS B 115 4.18 40.27 42.03
C CYS B 115 3.96 39.03 42.90
N THR B 116 3.86 38.99 44.11
CA THR B 116 3.68 37.87 45.02
C THR B 116 2.36 37.10 44.88
N ILE B 117 1.33 37.68 44.27
CA ILE B 117 0.03 36.98 44.21
C ILE B 117 -0.16 36.05 43.01
N GLY B 118 0.76 36.12 42.05
CA GLY B 118 0.73 35.19 40.92
C GLY B 118 1.20 35.80 39.62
N ALA B 119 1.02 35.06 38.53
CA ALA B 119 1.41 35.53 37.21
C ALA B 119 0.56 36.72 36.77
N ARG B 120 1.24 37.80 36.37
CA ARG B 120 0.52 38.99 35.95
C ARG B 120 1.05 39.62 34.67
N PRO B 121 1.07 38.87 33.57
CA PRO B 121 1.53 39.36 32.27
C PRO B 121 0.61 40.48 31.72
N VAL B 122 1.13 41.28 30.79
CA VAL B 122 0.37 42.41 30.24
C VAL B 122 0.24 42.30 28.73
N ASP B 123 0.34 41.08 28.22
CA ASP B 123 0.24 40.78 26.78
C ASP B 123 -1.01 41.38 26.14
N LEU B 124 -2.13 41.37 26.86
CA LEU B 124 -3.39 41.89 26.32
C LEU B 124 -3.34 43.43 26.12
N HIS B 125 -2.64 44.14 27.00
CA HIS B 125 -2.46 45.58 26.85
C HIS B 125 -1.71 45.83 25.56
N ILE B 126 -0.56 45.19 25.44
CA ILE B 126 0.30 45.37 24.29
C ILE B 126 -0.44 45.03 23.00
N SER B 127 -1.03 43.84 22.95
CA SER B 127 -1.73 43.34 21.77
C SER B 127 -2.85 44.28 21.35
N GLY B 128 -3.59 44.78 22.33
CA GLY B 128 -4.68 45.69 22.05
C GLY B 128 -4.19 46.95 21.36
N LEU B 129 -3.06 47.45 21.82
CA LEU B 129 -2.47 48.67 21.27
C LEU B 129 -1.94 48.45 19.86
N GLU B 130 -1.30 47.31 19.65
CA GLU B 130 -0.83 46.96 18.31
C GLU B 130 -2.01 46.87 17.33
N GLN B 131 -3.13 46.33 17.82
CA GLN B 131 -4.31 46.16 17.02
C GLN B 131 -4.91 47.49 16.66
N LEU B 132 -4.61 48.51 17.48
CA LEU B 132 -5.06 49.87 17.22
C LEU B 132 -4.07 50.63 16.34
N GLY B 133 -3.07 49.94 15.81
CA GLY B 133 -2.11 50.57 14.90
C GLY B 133 -0.77 50.98 15.49
N ALA B 134 -0.59 50.80 16.78
CA ALA B 134 0.67 51.13 17.42
C ALA B 134 1.78 50.14 17.07
N THR B 135 3.01 50.62 17.04
CA THR B 135 4.15 49.73 16.88
C THR B 135 4.82 49.64 18.23
N ILE B 136 5.08 48.41 18.69
CA ILE B 136 5.60 48.22 20.03
C ILE B 136 6.84 47.36 20.07
N LYS B 137 7.88 47.86 20.73
CA LYS B 137 9.10 47.08 20.94
C LYS B 137 9.59 47.16 22.38
N LEU B 138 10.43 46.20 22.75
CA LEU B 138 10.91 46.09 24.12
C LEU B 138 12.42 46.27 24.17
N GLU B 139 12.89 47.38 24.72
CA GLU B 139 14.34 47.54 24.90
C GLU B 139 14.67 48.08 26.27
N GLU B 140 15.74 47.55 26.86
CA GLU B 140 16.16 47.92 28.22
C GLU B 140 15.03 47.76 29.24
N GLY B 141 14.15 46.80 28.99
CA GLY B 141 13.04 46.54 29.89
C GLY B 141 11.84 47.46 29.72
N TYR B 142 11.93 48.37 28.75
CA TYR B 142 10.84 49.30 28.50
C TYR B 142 10.01 48.87 27.31
N VAL B 143 8.69 48.89 27.47
CA VAL B 143 7.80 48.69 26.33
C VAL B 143 7.65 50.06 25.68
N LYS B 144 8.24 50.17 24.49
CA LYS B 144 8.24 51.43 23.76
C LYS B 144 7.22 51.41 22.61
N ALA B 145 6.20 52.25 22.75
CA ALA B 145 5.13 52.34 21.75
C ALA B 145 5.21 53.63 20.94
N SER B 146 4.81 53.53 19.69
CA SER B 146 4.84 54.67 18.77
C SER B 146 3.82 54.52 17.65
N VAL B 147 3.29 55.65 17.17
CA VAL B 147 2.41 55.63 16.03
C VAL B 147 2.59 56.88 15.18
N ASP B 148 2.70 56.69 13.87
CA ASP B 148 2.78 57.81 12.93
C ASP B 148 1.39 58.44 12.75
N GLY B 149 1.15 59.57 13.41
CA GLY B 149 -0.16 60.18 13.41
C GLY B 149 -0.98 59.66 14.59
N ARG B 150 -2.23 59.30 14.34
CA ARG B 150 -3.05 58.75 15.42
C ARG B 150 -3.49 57.32 15.18
N LEU B 151 -3.96 56.69 16.25
CA LEU B 151 -4.44 55.31 16.21
C LEU B 151 -5.71 55.20 15.37
N LYS B 152 -6.01 53.97 14.94
CA LYS B 152 -7.19 53.69 14.14
C LYS B 152 -8.11 52.71 14.85
N GLY B 153 -9.38 53.09 14.98
CA GLY B 153 -10.40 52.20 15.50
C GLY B 153 -10.34 50.80 14.90
N ALA B 154 -10.62 49.79 15.72
CA ALA B 154 -10.55 48.40 15.28
C ALA B 154 -11.52 47.55 16.06
N HIS B 155 -11.80 46.37 15.52
CA HIS B 155 -12.65 45.40 16.20
C HIS B 155 -11.75 44.47 16.98
N ILE B 156 -11.76 44.62 18.28
CA ILE B 156 -10.84 43.87 19.10
C ILE B 156 -11.59 42.89 19.98
N VAL B 157 -11.27 41.61 19.84
CA VAL B 157 -11.89 40.56 20.62
C VAL B 157 -10.88 40.08 21.66
N MET B 158 -11.19 40.29 22.94
CA MET B 158 -10.24 39.96 24.00
C MET B 158 -10.18 38.49 24.35
N ASP B 159 -8.97 37.93 24.29
CA ASP B 159 -8.71 36.51 24.59
C ASP B 159 -9.27 36.08 25.95
N LYS B 160 -8.96 36.85 26.98
CA LYS B 160 -9.58 36.61 28.25
C LYS B 160 -10.08 37.91 28.85
N VAL B 161 -10.80 37.81 29.97
CA VAL B 161 -11.33 38.97 30.64
C VAL B 161 -10.26 39.65 31.50
N SER B 162 -10.04 40.94 31.24
CA SER B 162 -9.02 41.70 31.93
C SER B 162 -9.42 43.15 32.24
N VAL B 163 -9.45 43.50 33.52
CA VAL B 163 -9.77 44.90 33.88
C VAL B 163 -8.75 45.87 33.30
N GLY B 164 -7.48 45.57 33.52
CA GLY B 164 -6.41 46.44 33.08
C GLY B 164 -6.39 46.72 31.60
N ALA B 165 -6.42 45.66 30.78
CA ALA B 165 -6.37 45.81 29.32
C ALA B 165 -7.65 46.48 28.75
N THR B 166 -8.80 46.15 29.32
CA THR B 166 -10.03 46.78 28.91
C THR B 166 -9.92 48.29 29.06
N VAL B 167 -9.37 48.72 30.19
CA VAL B 167 -9.17 50.15 30.44
C VAL B 167 -8.14 50.76 29.47
N THR B 168 -7.00 50.10 29.28
CA THR B 168 -5.97 50.57 28.35
C THR B 168 -6.51 50.81 26.93
N ILE B 169 -7.22 49.82 26.39
CA ILE B 169 -7.74 49.95 25.03
C ILE B 169 -8.87 50.99 24.96
N MET B 170 -9.81 50.93 25.89
CA MET B 170 -10.88 51.91 25.92
C MET B 170 -10.38 53.35 25.91
N CYS B 171 -9.40 53.63 26.76
CA CYS B 171 -8.85 54.97 26.84
C CYS B 171 -8.13 55.39 25.55
N ALA B 172 -7.34 54.49 24.99
CA ALA B 172 -6.53 54.84 23.81
C ALA B 172 -7.44 55.10 22.62
N ALA B 173 -8.57 54.40 22.60
CA ALA B 173 -9.48 54.47 21.46
C ALA B 173 -10.21 55.83 21.35
N THR B 174 -10.42 56.48 22.48
CA THR B 174 -11.11 57.77 22.49
C THR B 174 -10.49 58.84 21.57
N LEU B 175 -9.22 58.68 21.22
CA LEU B 175 -8.54 59.63 20.33
C LEU B 175 -8.09 58.98 19.04
N ALA B 176 -8.75 57.89 18.66
CA ALA B 176 -8.40 57.19 17.42
C ALA B 176 -9.28 57.63 16.26
N GLU B 177 -8.87 57.27 15.05
CA GLU B 177 -9.68 57.50 13.87
C GLU B 177 -10.74 56.42 13.73
N GLY B 178 -12.00 56.80 13.92
CA GLY B 178 -13.09 55.88 13.67
C GLY B 178 -13.57 55.15 14.90
N THR B 179 -14.16 53.98 14.68
CA THR B 179 -14.84 53.26 15.75
C THR B 179 -14.07 52.03 16.22
N THR B 180 -13.91 51.90 17.54
CA THR B 180 -13.31 50.72 18.12
C THR B 180 -14.40 49.95 18.82
N ILE B 181 -14.38 48.63 18.65
CA ILE B 181 -15.29 47.75 19.38
C ILE B 181 -14.50 46.71 20.17
N ILE B 182 -14.67 46.73 21.49
CA ILE B 182 -14.06 45.77 22.40
C ILE B 182 -15.04 44.67 22.74
N GLU B 183 -14.71 43.45 22.36
CA GLU B 183 -15.54 42.28 22.64
C GLU B 183 -14.97 41.54 23.85
N ASN B 184 -15.86 40.99 24.67
CA ASN B 184 -15.47 40.24 25.87
C ASN B 184 -14.78 41.16 26.88
N ALA B 185 -15.28 42.39 26.95
CA ALA B 185 -14.71 43.40 27.85
C ALA B 185 -15.06 43.10 29.31
N ALA B 186 -14.25 43.65 30.21
CA ALA B 186 -14.48 43.48 31.64
C ALA B 186 -15.64 44.42 32.05
N ARG B 187 -16.51 43.95 32.94
CA ARG B 187 -17.70 44.70 33.31
C ARG B 187 -17.61 45.37 34.69
N GLU B 188 -16.44 45.35 35.31
CA GLU B 188 -16.22 45.98 36.63
C GLU B 188 -16.81 47.40 36.72
N PRO B 189 -17.44 47.73 37.87
CA PRO B 189 -18.03 49.07 38.10
C PRO B 189 -17.03 50.20 37.83
N GLU B 190 -15.77 49.96 38.15
CA GLU B 190 -14.74 50.96 37.98
C GLU B 190 -14.50 51.28 36.50
N ILE B 191 -14.81 50.32 35.63
CA ILE B 191 -14.62 50.51 34.20
C ILE B 191 -15.73 51.42 33.70
N VAL B 192 -16.90 51.28 34.31
CA VAL B 192 -18.04 52.11 34.00
C VAL B 192 -17.74 53.56 34.40
N ASP B 193 -17.24 53.73 35.61
CA ASP B 193 -16.91 55.04 36.13
C ASP B 193 -15.86 55.70 35.24
N THR B 194 -14.85 54.95 34.84
CA THR B 194 -13.81 55.47 33.95
C THR B 194 -14.37 55.91 32.60
N ALA B 195 -15.31 55.13 32.06
CA ALA B 195 -15.97 55.49 30.81
C ALA B 195 -16.80 56.77 30.96
N ASN B 196 -17.53 56.87 32.07
CA ASN B 196 -18.36 58.05 32.34
C ASN B 196 -17.56 59.34 32.56
N PHE B 197 -16.35 59.20 33.11
CA PHE B 197 -15.41 60.32 33.21
C PHE B 197 -14.94 60.71 31.80
N LEU B 198 -14.58 59.73 30.99
CA LEU B 198 -14.15 59.98 29.62
C LEU B 198 -15.23 60.71 28.78
N ILE B 199 -16.47 60.26 28.90
CA ILE B 199 -17.57 60.89 28.18
C ILE B 199 -17.71 62.35 28.61
N THR B 200 -17.55 62.58 29.90
CA THR B 200 -17.58 63.93 30.47
C THR B 200 -16.55 64.87 29.83
N LEU B 201 -15.40 64.34 29.43
CA LEU B 201 -14.39 65.14 28.75
C LEU B 201 -14.69 65.31 27.26
N GLY B 202 -15.75 64.64 26.79
CA GLY B 202 -16.16 64.73 25.39
C GLY B 202 -15.95 63.47 24.58
N ALA B 203 -15.69 62.35 25.24
CA ALA B 203 -15.48 61.08 24.53
C ALA B 203 -16.81 60.51 24.17
N LYS B 204 -16.83 59.61 23.20
CA LYS B 204 -18.06 58.93 22.80
C LYS B 204 -17.95 57.43 23.08
N ILE B 205 -18.55 56.99 24.19
CA ILE B 205 -18.46 55.60 24.62
C ILE B 205 -19.83 55.03 24.95
N SER B 206 -20.07 53.78 24.55
CA SER B 206 -21.32 53.11 24.86
C SER B 206 -21.07 51.66 25.16
N GLY B 207 -21.90 51.08 26.03
CA GLY B 207 -21.84 49.66 26.34
C GLY B 207 -21.06 49.32 27.60
N GLN B 208 -20.46 50.31 28.24
CA GLN B 208 -19.71 50.09 29.47
C GLN B 208 -20.52 49.35 30.53
N GLY B 209 -19.93 48.34 31.14
CA GLY B 209 -20.66 47.50 32.08
C GLY B 209 -21.23 46.27 31.41
N THR B 210 -21.11 46.21 30.08
CA THR B 210 -21.49 45.02 29.32
C THR B 210 -20.25 44.44 28.68
N ASP B 211 -20.38 43.29 28.04
CA ASP B 211 -19.22 42.64 27.42
C ASP B 211 -18.76 43.33 26.12
N ARG B 212 -19.56 44.29 25.68
CA ARG B 212 -19.32 45.02 24.46
C ARG B 212 -19.19 46.52 24.65
N ILE B 213 -18.01 47.07 24.43
CA ILE B 213 -17.83 48.52 24.49
C ILE B 213 -17.55 49.14 23.12
N VAL B 214 -18.30 50.18 22.78
CA VAL B 214 -18.10 50.89 21.53
C VAL B 214 -17.56 52.30 21.75
N ILE B 215 -16.42 52.60 21.12
CA ILE B 215 -15.79 53.90 21.24
C ILE B 215 -15.72 54.57 19.88
N GLU B 216 -16.27 55.77 19.80
CA GLU B 216 -16.21 56.59 18.61
C GLU B 216 -15.13 57.65 18.81
N GLY B 217 -14.04 57.55 18.06
CA GLY B 217 -12.94 58.49 18.19
C GLY B 217 -13.32 59.93 17.95
N VAL B 218 -12.78 60.79 18.80
CA VAL B 218 -12.86 62.21 18.66
C VAL B 218 -11.42 62.70 18.62
N GLU B 219 -11.20 63.96 18.41
CA GLU B 219 -9.89 64.41 18.05
C GLU B 219 -9.17 65.07 19.18
N ARG B 220 -9.90 65.58 20.14
CA ARG B 220 -9.28 66.03 21.34
C ARG B 220 -10.34 66.10 22.38
N LEU B 221 -9.88 65.91 23.61
CA LEU B 221 -10.69 65.84 24.82
C LEU B 221 -10.41 67.06 25.69
N GLY B 222 -11.44 67.53 26.40
CA GLY B 222 -11.35 68.74 27.20
C GLY B 222 -11.07 68.50 28.67
N GLY B 223 -11.75 69.26 29.51
CA GLY B 223 -11.58 69.14 30.95
C GLY B 223 -12.92 68.96 31.61
N GLY B 224 -12.99 69.13 32.92
CA GLY B 224 -14.26 69.06 33.61
C GLY B 224 -14.17 68.58 35.05
N VAL B 225 -15.32 68.28 35.64
CA VAL B 225 -15.40 67.81 37.02
C VAL B 225 -16.15 66.49 37.15
N TYR B 226 -15.59 65.55 37.92
CA TYR B 226 -16.16 64.22 38.05
C TYR B 226 -15.97 63.65 39.43
N ARG B 227 -17.04 63.05 39.98
CA ARG B 227 -16.97 62.41 41.29
C ARG B 227 -16.85 60.87 41.17
N VAL B 228 -15.85 60.31 41.84
CA VAL B 228 -15.58 58.88 41.80
C VAL B 228 -16.60 58.09 42.64
N LEU B 229 -17.04 56.94 42.13
CA LEU B 229 -18.03 56.13 42.84
C LEU B 229 -17.47 55.54 44.17
N PRO B 230 -18.36 55.02 45.03
CA PRO B 230 -17.89 54.45 46.30
C PRO B 230 -17.09 53.15 46.12
N ASP B 231 -16.16 52.88 47.03
CA ASP B 231 -15.31 51.69 46.98
C ASP B 231 -16.04 50.41 47.49
N ARG B 232 -16.38 49.50 46.58
CA ARG B 232 -17.12 48.29 46.96
C ARG B 232 -16.31 47.34 47.83
N ILE B 233 -15.00 47.36 47.66
CA ILE B 233 -14.13 46.51 48.46
C ILE B 233 -14.03 47.00 49.91
N GLU B 234 -13.88 48.30 50.10
CA GLU B 234 -13.89 48.85 51.46
C GLU B 234 -15.25 48.54 52.12
N THR B 235 -16.31 48.77 51.35
CA THR B 235 -17.65 48.46 51.83
C THR B 235 -17.75 47.02 52.29
N GLY B 236 -17.28 46.09 51.46
CA GLY B 236 -17.33 44.67 51.79
C GLY B 236 -16.52 44.33 53.02
N THR B 237 -15.37 44.99 53.16
CA THR B 237 -14.45 44.69 54.27
C THR B 237 -15.11 45.02 55.60
N PHE B 238 -15.86 46.12 55.64
CA PHE B 238 -16.48 46.57 56.88
C PHE B 238 -17.72 45.75 57.20
N LEU B 239 -18.51 45.41 56.17
CA LEU B 239 -19.65 44.51 56.34
C LEU B 239 -19.18 43.18 56.92
N VAL B 240 -18.04 42.70 56.44
CA VAL B 240 -17.44 41.48 57.00
C VAL B 240 -16.96 41.67 58.44
N ALA B 241 -16.34 42.82 58.73
CA ALA B 241 -15.88 43.13 60.07
C ALA B 241 -17.06 42.96 61.06
N ALA B 242 -18.23 43.45 60.68
CA ALA B 242 -19.40 43.34 61.53
C ALA B 242 -19.82 41.87 61.69
N ALA B 243 -19.93 41.18 60.56
CA ALA B 243 -20.45 39.81 60.50
C ALA B 243 -19.63 38.82 61.33
N ILE B 244 -18.32 39.06 61.47
CA ILE B 244 -17.45 38.15 62.20
C ILE B 244 -17.39 38.45 63.71
N SER B 245 -17.69 39.70 64.07
CA SER B 245 -17.63 40.12 65.46
C SER B 245 -19.01 40.04 66.11
N ARG B 246 -19.96 39.49 65.37
CA ARG B 246 -21.34 39.33 65.85
C ARG B 246 -21.95 40.69 66.13
N GLY B 247 -21.59 41.67 65.30
CA GLY B 247 -22.00 43.04 65.52
C GLY B 247 -23.10 43.53 64.59
N LYS B 248 -23.15 44.84 64.41
CA LYS B 248 -24.12 45.42 63.50
C LYS B 248 -23.58 46.76 62.95
N ILE B 249 -23.85 47.04 61.68
CA ILE B 249 -23.23 48.19 61.04
C ILE B 249 -24.08 48.83 59.93
N ILE B 250 -23.93 50.15 59.79
CA ILE B 250 -24.47 50.85 58.63
C ILE B 250 -23.33 51.48 57.87
N CYS B 251 -23.36 51.27 56.55
CA CYS B 251 -22.35 51.84 55.69
C CYS B 251 -22.99 52.99 54.93
N ARG B 252 -22.39 54.17 55.06
CA ARG B 252 -22.91 55.38 54.41
C ARG B 252 -22.08 55.73 53.18
N ASN B 253 -22.74 56.34 52.21
CA ASN B 253 -22.09 56.69 50.94
C ASN B 253 -21.71 55.43 50.16
N ALA B 254 -22.65 54.49 50.11
CA ALA B 254 -22.45 53.21 49.43
C ALA B 254 -23.20 53.15 48.12
N GLN B 255 -22.86 52.15 47.29
CA GLN B 255 -23.61 51.89 46.07
C GLN B 255 -23.92 50.41 45.97
N PRO B 256 -25.03 49.98 46.59
CA PRO B 256 -25.42 48.56 46.73
C PRO B 256 -25.46 47.73 45.43
N ASP B 257 -25.87 48.31 44.30
CA ASP B 257 -25.98 47.52 43.06
C ASP B 257 -24.60 46.98 42.64
N THR B 258 -23.60 47.40 43.38
CA THR B 258 -22.19 47.14 43.09
C THR B 258 -21.71 45.86 43.81
N LEU B 259 -22.51 45.36 44.75
CA LEU B 259 -22.10 44.29 45.66
C LEU B 259 -23.04 43.10 45.70
N ASP B 260 -23.79 42.86 44.63
CA ASP B 260 -24.79 41.80 44.65
C ASP B 260 -24.23 40.48 45.21
N ALA B 261 -23.18 39.96 44.57
CA ALA B 261 -22.59 38.67 44.97
C ALA B 261 -22.16 38.63 46.43
N VAL B 262 -21.48 39.68 46.89
CA VAL B 262 -21.02 39.77 48.27
C VAL B 262 -22.18 39.76 49.29
N LEU B 263 -23.24 40.51 48.99
CA LEU B 263 -24.35 40.63 49.92
C LEU B 263 -25.09 39.30 50.00
N ALA B 264 -25.26 38.67 48.85
CA ALA B 264 -25.92 37.35 48.81
C ALA B 264 -25.16 36.35 49.68
N LYS B 265 -23.83 36.40 49.59
CA LYS B 265 -22.98 35.47 50.30
C LYS B 265 -23.08 35.70 51.80
N LEU B 266 -23.16 36.98 52.19
CA LEU B 266 -23.31 37.36 53.59
C LEU B 266 -24.63 36.85 54.17
N ARG B 267 -25.71 36.96 53.40
CA ARG B 267 -26.99 36.35 53.81
C ARG B 267 -26.87 34.83 54.04
N ASP B 268 -26.18 34.14 53.13
CA ASP B 268 -25.95 32.71 53.27
C ASP B 268 -25.16 32.43 54.55
N ALA B 269 -24.40 33.42 55.01
CA ALA B 269 -23.61 33.27 56.24
C ALA B 269 -24.47 33.57 57.47
N GLY B 270 -25.69 34.00 57.18
CA GLY B 270 -26.72 34.22 58.16
C GLY B 270 -26.98 35.65 58.58
N ALA B 271 -26.94 36.60 57.65
CA ALA B 271 -27.12 38.00 58.00
C ALA B 271 -28.39 38.61 57.47
N ASP B 272 -28.95 39.56 58.22
CA ASP B 272 -30.15 40.26 57.80
C ASP B 272 -29.58 41.49 57.20
N ILE B 273 -29.90 41.73 55.95
CA ILE B 273 -29.25 42.82 55.30
C ILE B 273 -30.30 43.71 54.71
N GLU B 274 -30.14 45.01 54.89
CA GLU B 274 -31.04 45.91 54.18
C GLU B 274 -30.25 46.95 53.44
N VAL B 275 -30.81 47.41 52.32
CA VAL B 275 -30.14 48.41 51.49
C VAL B 275 -31.03 49.61 51.20
N GLY B 276 -30.42 50.80 51.24
CA GLY B 276 -31.09 52.00 50.78
C GLY B 276 -30.55 52.36 49.41
N GLU B 277 -30.65 53.63 49.04
CA GLU B 277 -30.13 54.06 47.76
C GLU B 277 -28.63 54.39 47.86
N ASP B 278 -28.16 54.68 49.07
CA ASP B 278 -26.74 54.96 49.28
C ASP B 278 -26.25 54.47 50.66
N TRP B 279 -26.91 53.44 51.17
CA TRP B 279 -26.47 52.82 52.41
C TRP B 279 -26.72 51.33 52.41
N ILE B 280 -25.95 50.61 53.24
CA ILE B 280 -26.21 49.20 53.48
C ILE B 280 -26.16 48.96 54.99
N SER B 281 -27.11 48.16 55.46
CA SER B 281 -27.10 47.77 56.87
C SER B 281 -26.98 46.26 57.01
N LEU B 282 -26.27 45.85 58.06
CA LEU B 282 -26.08 44.45 58.35
C LEU B 282 -26.18 44.20 59.86
N ASP B 283 -26.99 43.21 60.22
CA ASP B 283 -27.15 42.83 61.62
C ASP B 283 -26.98 41.33 61.76
N MET B 284 -26.14 40.91 62.69
CA MET B 284 -25.95 39.48 62.97
C MET B 284 -26.88 38.98 64.06
N HIS B 285 -27.51 39.91 64.77
CA HIS B 285 -28.38 39.55 65.90
C HIS B 285 -27.65 38.64 66.87
N GLY B 286 -26.40 39.00 67.18
CA GLY B 286 -25.62 38.27 68.17
C GLY B 286 -25.17 36.89 67.72
N LYS B 287 -25.52 36.53 66.50
CA LYS B 287 -25.19 35.20 65.98
C LYS B 287 -23.77 35.06 65.43
N ARG B 288 -23.24 33.85 65.52
CA ARG B 288 -22.01 33.47 64.85
C ARG B 288 -22.35 33.10 63.41
N PRO B 289 -21.52 33.53 62.45
CA PRO B 289 -21.78 33.28 61.02
C PRO B 289 -21.74 31.80 60.64
N LYS B 290 -22.50 31.44 59.61
CA LYS B 290 -22.49 30.07 59.06
C LYS B 290 -21.49 29.94 57.88
N ALA B 291 -20.79 28.82 57.81
CA ALA B 291 -19.79 28.59 56.74
C ALA B 291 -20.43 28.75 55.36
N VAL B 292 -19.66 29.31 54.42
CA VAL B 292 -20.13 29.44 53.04
C VAL B 292 -19.09 28.93 52.03
N ASN B 293 -19.54 28.71 50.80
CA ASN B 293 -18.68 28.30 49.71
C ASN B 293 -18.59 29.36 48.64
N VAL B 294 -17.37 29.73 48.26
CA VAL B 294 -17.20 30.83 47.35
C VAL B 294 -16.32 30.47 46.17
N ARG B 295 -16.64 31.05 45.01
CA ARG B 295 -15.77 30.97 43.84
C ARG B 295 -15.54 32.37 43.26
N THR B 296 -14.32 32.87 43.34
CA THR B 296 -13.99 34.16 42.73
C THR B 296 -14.03 34.13 41.19
N ALA B 297 -14.41 35.27 40.59
CA ALA B 297 -14.43 35.40 39.14
C ALA B 297 -14.63 36.86 38.79
N PRO B 298 -14.52 37.23 37.49
CA PRO B 298 -14.71 38.65 37.13
C PRO B 298 -16.15 39.12 37.43
N HIS B 299 -16.28 40.43 37.62
CA HIS B 299 -17.57 41.04 37.91
C HIS B 299 -18.66 40.65 36.90
N PRO B 300 -19.91 40.46 37.36
CA PRO B 300 -20.42 40.74 38.70
C PRO B 300 -20.41 39.54 39.62
N ALA B 301 -19.53 38.57 39.36
CA ALA B 301 -19.38 37.45 40.27
C ALA B 301 -18.61 37.91 41.52
N PHE B 302 -18.48 37.03 42.52
CA PHE B 302 -17.69 37.34 43.72
C PHE B 302 -16.24 37.74 43.37
N PRO B 303 -15.77 38.88 43.92
CA PRO B 303 -14.47 39.52 43.60
C PRO B 303 -13.31 38.93 44.37
N THR B 304 -12.17 38.73 43.69
CA THR B 304 -10.94 38.26 44.34
C THR B 304 -10.52 39.21 45.48
N ASP B 305 -10.77 40.50 45.32
CA ASP B 305 -10.39 41.48 46.35
C ASP B 305 -11.14 41.30 47.68
N MET B 306 -12.14 40.43 47.70
CA MET B 306 -12.89 40.16 48.93
C MET B 306 -12.62 38.77 49.45
N GLN B 307 -11.79 38.00 48.72
CA GLN B 307 -11.52 36.58 49.01
C GLN B 307 -10.89 36.30 50.42
N ALA B 308 -9.88 37.08 50.79
CA ALA B 308 -9.21 36.88 52.06
C ALA B 308 -10.14 37.16 53.25
N GLN B 309 -10.94 38.22 53.13
CA GLN B 309 -11.90 38.59 54.15
C GLN B 309 -12.91 37.48 54.39
N PHE B 310 -13.42 36.90 53.31
CA PHE B 310 -14.38 35.80 53.44
C PHE B 310 -13.71 34.51 53.92
N THR B 311 -12.41 34.40 53.67
CA THR B 311 -11.67 33.29 54.21
C THR B 311 -11.68 33.39 55.73
N LEU B 312 -11.47 34.60 56.22
CA LEU B 312 -11.49 34.86 57.66
C LEU B 312 -12.87 34.52 58.25
N LEU B 313 -13.92 35.07 57.64
CA LEU B 313 -15.27 34.75 58.06
C LEU B 313 -15.44 33.23 58.24
N ASN B 314 -15.14 32.47 57.19
CA ASN B 314 -15.22 31.02 57.25
C ASN B 314 -14.40 30.43 58.38
N LEU B 315 -13.27 31.06 58.71
CA LEU B 315 -12.35 30.45 59.68
C LEU B 315 -12.89 30.54 61.12
N VAL B 316 -13.85 31.45 61.30
CA VAL B 316 -14.49 31.67 62.60
C VAL B 316 -15.98 31.36 62.53
N ALA B 317 -16.39 30.66 61.48
CA ALA B 317 -17.80 30.30 61.29
C ALA B 317 -18.18 28.89 61.78
N GLU B 318 -19.46 28.61 61.75
CA GLU B 318 -19.97 27.30 62.11
C GLU B 318 -19.92 26.36 60.88
N GLY B 319 -19.06 25.36 60.95
CA GLY B 319 -18.96 24.38 59.89
C GLY B 319 -17.73 24.47 58.99
N THR B 320 -17.81 23.81 57.85
CA THR B 320 -16.73 23.79 56.89
C THR B 320 -17.17 24.50 55.62
N GLY B 321 -16.31 25.39 55.12
CA GLY B 321 -16.59 26.06 53.85
C GLY B 321 -15.35 26.09 53.00
N PHE B 322 -15.53 26.06 51.69
CA PHE B 322 -14.37 26.26 50.82
C PHE B 322 -14.43 27.55 49.98
N ILE B 323 -13.25 28.05 49.64
CA ILE B 323 -13.09 29.22 48.78
C ILE B 323 -12.17 28.93 47.59
N THR B 324 -12.70 29.01 46.39
CA THR B 324 -11.91 28.71 45.21
C THR B 324 -11.58 30.01 44.50
N GLU B 325 -10.31 30.17 44.15
CA GLU B 325 -9.87 31.40 43.51
C GLU B 325 -9.56 31.14 42.02
N THR B 326 -10.25 31.82 41.10
CA THR B 326 -10.04 31.55 39.67
C THR B 326 -9.37 32.73 38.99
N VAL B 327 -9.16 33.82 39.73
CA VAL B 327 -8.54 35.01 39.14
C VAL B 327 -7.06 35.10 39.43
N PHE B 328 -6.68 35.00 40.70
CA PHE B 328 -5.27 34.96 41.07
C PHE B 328 -5.03 33.70 41.87
N GLU B 329 -4.56 32.66 41.20
CA GLU B 329 -4.56 31.31 41.78
C GLU B 329 -3.59 31.08 42.96
N ASN B 330 -2.67 32.00 43.17
CA ASN B 330 -1.73 31.90 44.30
C ASN B 330 -1.94 32.96 45.37
N ARG B 331 -3.15 33.49 45.50
CA ARG B 331 -3.41 34.57 46.43
C ARG B 331 -3.91 34.03 47.79
N PHE B 332 -3.01 33.39 48.55
CA PHE B 332 -3.41 32.74 49.78
C PHE B 332 -2.44 32.93 50.93
N MET B 333 -1.55 33.91 50.81
CA MET B 333 -0.59 34.17 51.88
C MET B 333 -1.24 34.51 53.23
N HIS B 334 -2.43 35.08 53.20
CA HIS B 334 -3.13 35.36 54.45
C HIS B 334 -3.41 34.07 55.24
N VAL B 335 -3.60 32.96 54.54
CA VAL B 335 -3.97 31.71 55.19
C VAL B 335 -2.97 31.25 56.26
N PRO B 336 -1.69 31.05 55.89
CA PRO B 336 -0.69 30.67 56.90
C PRO B 336 -0.62 31.64 58.11
N GLU B 337 -0.80 32.95 57.85
CA GLU B 337 -0.78 33.95 58.92
C GLU B 337 -1.93 33.73 59.91
N LEU B 338 -3.13 33.59 59.36
CA LEU B 338 -4.29 33.29 60.17
C LEU B 338 -4.09 31.98 60.96
N SER B 339 -3.27 31.10 60.40
CA SER B 339 -2.96 29.83 61.05
C SER B 339 -2.13 30.05 62.31
N ARG B 340 -1.29 31.09 62.29
CA ARG B 340 -0.54 31.49 63.47
C ARG B 340 -1.48 31.89 64.61
N MET B 341 -2.68 32.34 64.25
CA MET B 341 -3.65 32.81 65.22
C MET B 341 -4.65 31.71 65.56
N GLY B 342 -4.34 30.48 65.16
CA GLY B 342 -5.16 29.33 65.52
C GLY B 342 -6.23 28.89 64.53
N ALA B 343 -6.26 29.48 63.34
CA ALA B 343 -7.26 29.08 62.34
C ALA B 343 -6.91 27.69 61.80
N HIS B 344 -7.92 26.98 61.32
CA HIS B 344 -7.73 25.63 60.80
C HIS B 344 -8.07 25.61 59.33
N ALA B 345 -7.07 25.51 58.47
CA ALA B 345 -7.31 25.48 57.03
C ALA B 345 -6.32 24.62 56.28
N GLU B 346 -6.73 24.06 55.17
CA GLU B 346 -5.77 23.51 54.24
C GLU B 346 -5.96 24.11 52.83
N ILE B 347 -4.86 24.20 52.09
CA ILE B 347 -4.92 24.69 50.73
C ILE B 347 -4.66 23.54 49.79
N GLU B 348 -5.66 23.24 48.94
CA GLU B 348 -5.53 22.21 47.93
C GLU B 348 -5.58 22.89 46.58
N SER B 349 -4.42 22.98 45.93
CA SER B 349 -4.35 23.65 44.64
C SER B 349 -4.81 25.10 44.82
N ASN B 350 -5.88 25.50 44.14
CA ASN B 350 -6.37 26.86 44.25
C ASN B 350 -7.65 27.01 45.06
N THR B 351 -7.84 26.12 46.02
CA THR B 351 -9.00 26.16 46.91
C THR B 351 -8.53 26.06 48.34
N VAL B 352 -9.00 26.96 49.19
CA VAL B 352 -8.75 26.79 50.62
C VAL B 352 -9.94 26.15 51.34
N ILE B 353 -9.66 25.09 52.09
CA ILE B 353 -10.70 24.38 52.83
C ILE B 353 -10.69 24.79 54.30
N CYS B 354 -11.77 25.39 54.76
CA CYS B 354 -11.79 26.00 56.08
C CYS B 354 -12.65 25.24 57.08
N HIS B 355 -12.10 25.04 58.27
CA HIS B 355 -12.89 24.47 59.35
C HIS B 355 -13.00 25.48 60.50
N GLY B 356 -14.17 26.11 60.61
CA GLY B 356 -14.40 27.18 61.57
C GLY B 356 -14.14 26.84 63.02
N VAL B 357 -13.36 27.69 63.69
CA VAL B 357 -13.18 27.61 65.12
C VAL B 357 -13.95 28.74 65.81
N GLU B 358 -14.12 28.57 67.11
CA GLU B 358 -14.98 29.38 67.97
C GLU B 358 -14.32 30.76 68.21
N LYS B 359 -13.00 30.76 68.45
CA LYS B 359 -12.27 32.02 68.61
C LYS B 359 -10.76 31.89 68.33
N LEU B 360 -10.18 32.98 67.80
CA LEU B 360 -8.76 33.03 67.44
C LEU B 360 -7.89 33.61 68.56
N SER B 361 -6.58 33.40 68.47
CA SER B 361 -5.65 33.88 69.49
C SER B 361 -4.69 34.86 68.88
N GLY B 362 -4.45 35.97 69.57
CA GLY B 362 -3.50 36.97 69.09
C GLY B 362 -2.09 36.47 68.86
N ALA B 363 -1.41 37.07 67.89
CA ALA B 363 -0.04 36.70 67.54
C ALA B 363 0.57 37.74 66.65
N GLN B 364 1.86 37.59 66.35
CA GLN B 364 2.51 38.50 65.39
C GLN B 364 2.33 37.99 63.95
N VAL B 365 1.81 38.84 63.08
CA VAL B 365 1.57 38.43 61.72
C VAL B 365 2.09 39.49 60.75
N MET B 366 2.32 39.08 59.50
CA MET B 366 2.91 39.97 58.51
C MET B 366 2.02 40.23 57.29
N ALA B 367 1.72 41.50 57.07
CA ALA B 367 0.97 41.91 55.89
C ALA B 367 1.86 41.86 54.63
N THR B 368 1.24 41.53 53.49
CA THR B 368 1.97 41.47 52.21
C THR B 368 1.15 41.98 51.03
N ASP B 369 -0.16 42.02 51.21
CA ASP B 369 -1.06 42.39 50.16
C ASP B 369 -1.94 43.57 50.41
N LEU B 370 -1.81 44.51 49.51
CA LEU B 370 -2.61 45.73 49.49
C LEU B 370 -4.09 45.66 49.87
N ARG B 371 -4.78 44.59 49.48
CA ARG B 371 -6.18 44.46 49.95
C ARG B 371 -6.38 43.28 50.89
N ALA B 372 -5.78 42.15 50.53
CA ALA B 372 -6.01 40.93 51.27
C ALA B 372 -5.58 41.00 52.75
N SER B 373 -4.49 41.70 53.04
CA SER B 373 -3.94 41.78 54.38
C SER B 373 -4.81 42.52 55.41
N ALA B 374 -5.76 43.30 54.92
CA ALA B 374 -6.73 43.91 55.81
C ALA B 374 -7.37 42.84 56.67
N SER B 375 -7.42 41.62 56.14
CA SER B 375 -8.06 40.53 56.89
C SER B 375 -7.30 40.18 58.17
N LEU B 376 -5.99 40.48 58.18
CA LEU B 376 -5.15 40.29 59.35
C LEU B 376 -5.53 41.27 60.47
N VAL B 377 -5.83 42.50 60.06
CA VAL B 377 -6.25 43.52 61.01
C VAL B 377 -7.59 43.12 61.59
N LEU B 378 -8.51 42.73 60.71
CA LEU B 378 -9.83 42.28 61.14
C LEU B 378 -9.70 41.12 62.12
N ALA B 379 -8.81 40.18 61.79
CA ALA B 379 -8.63 39.05 62.68
C ALA B 379 -8.22 39.59 64.06
N GLY B 380 -7.30 40.56 64.09
CA GLY B 380 -6.81 41.11 65.33
C GLY B 380 -7.93 41.61 66.22
N CYS B 381 -8.90 42.27 65.61
CA CYS B 381 -10.04 42.81 66.33
C CYS B 381 -10.86 41.77 67.06
N ILE B 382 -10.96 40.57 66.50
CA ILE B 382 -11.81 39.55 67.14
C ILE B 382 -11.04 38.45 67.87
N ALA B 383 -9.72 38.44 67.75
CA ALA B 383 -8.93 37.40 68.41
C ALA B 383 -8.78 37.66 69.92
N GLU B 384 -8.42 36.62 70.66
CA GLU B 384 -8.24 36.74 72.10
C GLU B 384 -6.84 37.26 72.43
N GLY B 385 -6.76 38.51 72.87
CA GLY B 385 -5.49 39.07 73.28
C GLY B 385 -4.87 40.11 72.36
N THR B 386 -3.57 40.03 72.21
CA THR B 386 -2.83 41.02 71.43
C THR B 386 -2.26 40.48 70.11
N THR B 387 -2.61 41.16 69.03
CA THR B 387 -2.07 40.86 67.73
C THR B 387 -1.21 42.04 67.25
N VAL B 388 -0.03 41.75 66.74
CA VAL B 388 0.77 42.78 66.09
C VAL B 388 0.85 42.52 64.58
N VAL B 389 0.31 43.43 63.79
CA VAL B 389 0.40 43.31 62.34
C VAL B 389 1.55 44.12 61.78
N ASP B 390 2.62 43.44 61.44
CA ASP B 390 3.82 44.04 60.91
C ASP B 390 3.65 44.50 59.45
N ARG B 391 4.35 45.57 59.08
CA ARG B 391 4.56 45.89 57.67
C ARG B 391 3.28 46.41 57.01
N ILE B 392 2.54 47.25 57.74
CA ILE B 392 1.24 47.74 57.27
C ILE B 392 1.27 48.76 56.13
N TYR B 393 2.47 49.13 55.69
CA TYR B 393 2.56 50.07 54.55
C TYR B 393 1.81 49.52 53.33
N HIS B 394 1.79 48.20 53.20
CA HIS B 394 0.94 47.58 52.21
C HIS B 394 -0.52 48.06 52.37
N ILE B 395 -1.03 47.99 53.60
CA ILE B 395 -2.42 48.32 53.84
C ILE B 395 -2.67 49.80 53.56
N ASP B 396 -1.64 50.60 53.81
CA ASP B 396 -1.70 52.03 53.54
C ASP B 396 -1.90 52.36 52.05
N ARG B 397 -1.52 51.45 51.16
CA ARG B 397 -1.73 51.67 49.73
C ARG B 397 -3.19 51.48 49.38
N GLY B 398 -3.90 50.75 50.23
CA GLY B 398 -5.19 50.19 49.84
C GLY B 398 -6.42 50.70 50.55
N TYR B 399 -6.24 51.18 51.77
CA TYR B 399 -7.37 51.70 52.53
C TYR B 399 -7.07 53.08 53.12
N GLU B 400 -8.04 53.99 53.06
CA GLU B 400 -7.88 55.31 53.66
C GLU B 400 -8.07 55.29 55.18
N ARG B 401 -6.97 55.36 55.92
CA ARG B 401 -7.01 55.45 57.39
C ARG B 401 -7.92 54.39 58.05
N ILE B 402 -7.56 53.13 57.86
CA ILE B 402 -8.41 52.05 58.28
C ILE B 402 -8.54 51.99 59.82
N GLU B 403 -7.51 52.44 60.54
CA GLU B 403 -7.54 52.36 62.00
C GLU B 403 -8.56 53.33 62.60
N ASP B 404 -8.75 54.46 61.95
CA ASP B 404 -9.70 55.45 62.43
C ASP B 404 -11.12 54.91 62.31
N LYS B 405 -11.43 54.35 61.15
CA LYS B 405 -12.78 53.81 60.94
C LYS B 405 -13.06 52.61 61.84
N LEU B 406 -12.06 51.75 62.04
CA LEU B 406 -12.22 50.59 62.91
C LEU B 406 -12.42 51.02 64.37
N ARG B 407 -11.68 52.04 64.79
CA ARG B 407 -11.77 52.53 66.14
C ARG B 407 -13.13 53.06 66.41
N ALA B 408 -13.66 53.79 65.44
CA ALA B 408 -15.01 54.35 65.54
C ALA B 408 -16.09 53.25 65.56
N LEU B 409 -15.67 52.00 65.40
CA LEU B 409 -16.61 50.87 65.48
C LEU B 409 -16.38 50.10 66.77
N GLY B 410 -15.45 50.59 67.58
CA GLY B 410 -15.15 49.99 68.89
C GLY B 410 -13.83 49.25 68.98
N ALA B 411 -13.04 49.29 67.91
CA ALA B 411 -11.78 48.55 67.85
C ALA B 411 -10.74 49.13 68.79
N ASN B 412 -9.98 48.27 69.45
CA ASN B 412 -8.82 48.71 70.21
C ASN B 412 -7.57 48.53 69.36
N ILE B 413 -7.12 49.60 68.72
CA ILE B 413 -5.98 49.49 67.86
C ILE B 413 -5.13 50.74 67.87
N GLU B 414 -3.84 50.59 67.73
CA GLU B 414 -2.97 51.72 67.66
C GLU B 414 -1.89 51.47 66.63
N ARG B 415 -1.38 52.53 66.03
CA ARG B 415 -0.30 52.53 65.06
C ARG B 415 1.04 52.91 65.69
N VAL B 416 1.99 51.97 65.75
CA VAL B 416 3.28 52.23 66.40
C VAL B 416 4.45 52.28 65.40
N LYS B 417 5.57 52.86 65.81
CA LYS B 417 6.70 53.08 64.90
C LYS B 417 7.94 52.26 65.24
N GLY B 418 7.75 51.02 65.69
CA GLY B 418 8.85 50.14 66.06
C GLY B 418 9.99 50.08 65.04
N MET C 1 25.14 31.74 -30.53
CA MET C 1 25.10 30.58 -29.63
C MET C 1 23.69 30.18 -29.27
N ASP C 2 23.07 29.36 -30.12
CA ASP C 2 21.74 28.86 -29.82
C ASP C 2 21.70 28.00 -28.54
N LYS C 3 20.55 27.97 -27.88
CA LYS C 3 20.37 27.16 -26.70
C LYS C 3 18.99 26.53 -26.77
N PHE C 4 18.78 25.47 -26.01
CA PHE C 4 17.43 24.92 -25.85
C PHE C 4 17.01 25.25 -24.44
N ARG C 5 15.84 25.87 -24.31
CA ARG C 5 15.20 26.00 -23.00
C ARG C 5 14.12 24.96 -22.90
N VAL C 6 14.18 24.15 -21.84
CA VAL C 6 13.29 23.02 -21.68
C VAL C 6 12.56 23.06 -20.35
N GLN C 7 11.25 22.78 -20.40
CA GLN C 7 10.38 22.83 -19.23
C GLN C 7 9.80 21.46 -18.94
N GLY C 8 9.98 20.99 -17.71
CA GLY C 8 9.48 19.69 -17.32
C GLY C 8 8.96 19.68 -15.90
N PRO C 9 8.46 18.54 -15.42
CA PRO C 9 8.43 17.25 -16.13
C PRO C 9 7.34 17.18 -17.17
N THR C 10 7.53 16.33 -18.18
CA THR C 10 6.62 16.22 -19.30
C THR C 10 6.65 14.77 -19.76
N LYS C 11 5.50 14.18 -20.05
CA LYS C 11 5.47 12.79 -20.46
C LYS C 11 5.46 12.64 -21.99
N LEU C 12 6.48 12.01 -22.53
CA LEU C 12 6.59 11.96 -23.98
C LEU C 12 5.80 10.78 -24.54
N GLN C 13 4.83 11.07 -25.39
CA GLN C 13 4.04 10.03 -26.02
C GLN C 13 3.47 10.48 -27.33
N GLY C 14 3.15 9.51 -28.20
CA GLY C 14 2.67 9.80 -29.53
C GLY C 14 3.43 9.00 -30.56
N GLU C 15 3.70 9.59 -31.71
CA GLU C 15 4.58 8.94 -32.67
C GLU C 15 5.60 9.88 -33.32
N VAL C 16 6.56 9.28 -34.02
CA VAL C 16 7.63 10.02 -34.66
C VAL C 16 8.07 9.29 -35.93
N THR C 17 8.38 10.06 -36.96
CA THR C 17 8.94 9.49 -38.19
C THR C 17 10.49 9.55 -38.22
N ILE C 18 11.11 8.42 -38.43
CA ILE C 18 12.57 8.34 -38.39
C ILE C 18 13.19 8.87 -39.69
N SER C 19 14.19 9.74 -39.53
CA SER C 19 14.94 10.25 -40.68
C SER C 19 15.95 9.24 -41.19
N GLY C 20 16.52 9.49 -42.36
CA GLY C 20 17.56 8.66 -42.90
C GLY C 20 18.83 8.70 -42.07
N ALA C 21 19.58 7.60 -42.11
CA ALA C 21 20.78 7.47 -41.27
C ALA C 21 21.87 8.48 -41.65
N LYS C 22 22.18 9.36 -40.71
CA LYS C 22 23.27 10.31 -40.86
C LYS C 22 24.55 9.60 -41.29
N ASN C 23 24.82 8.46 -40.67
CA ASN C 23 26.07 7.75 -40.86
C ASN C 23 26.05 6.77 -42.02
N ALA C 24 24.97 6.78 -42.78
CA ALA C 24 24.94 6.11 -44.09
C ALA C 24 25.04 7.18 -45.16
N ALA C 25 24.29 8.25 -44.99
CA ALA C 25 24.40 9.42 -45.86
C ALA C 25 25.86 9.87 -46.08
N LEU C 26 26.60 10.03 -44.98
CA LEU C 26 27.95 10.53 -45.09
C LEU C 26 28.90 9.68 -45.93
N PRO C 27 28.98 8.37 -45.64
CA PRO C 27 29.90 7.54 -46.43
C PRO C 27 29.44 7.43 -47.90
N ILE C 28 28.13 7.45 -48.12
CA ILE C 28 27.59 7.39 -49.47
C ILE C 28 27.92 8.63 -50.26
N LEU C 29 27.71 9.80 -49.66
CA LEU C 29 28.09 11.06 -50.30
C LEU C 29 29.56 11.08 -50.78
N PHE C 30 30.45 10.53 -49.96
CA PHE C 30 31.87 10.46 -50.31
C PHE C 30 32.18 9.38 -51.33
N ALA C 31 31.36 8.34 -51.37
CA ALA C 31 31.54 7.29 -52.35
C ALA C 31 31.14 7.80 -53.73
N ALA C 32 30.27 8.79 -53.74
CA ALA C 32 29.82 9.39 -54.99
C ALA C 32 30.98 9.96 -55.80
N LEU C 33 32.08 10.29 -55.15
CA LEU C 33 33.26 10.78 -55.86
C LEU C 33 33.75 9.76 -56.89
N LEU C 34 33.32 8.51 -56.75
CA LEU C 34 33.74 7.45 -57.64
C LEU C 34 32.90 7.43 -58.91
N ALA C 35 31.68 7.92 -58.81
CA ALA C 35 30.73 7.75 -59.88
C ALA C 35 30.96 8.70 -61.02
N GLU C 36 30.83 8.20 -62.23
CA GLU C 36 31.15 8.99 -63.38
C GLU C 36 29.92 9.48 -64.07
N GLU C 37 28.75 9.06 -63.63
CA GLU C 37 27.52 9.62 -64.11
C GLU C 37 26.82 10.18 -62.88
N PRO C 38 25.79 11.00 -63.05
CA PRO C 38 25.15 11.63 -61.91
C PRO C 38 24.38 10.67 -61.01
N VAL C 39 24.11 11.12 -59.80
CA VAL C 39 23.64 10.24 -58.75
C VAL C 39 22.72 11.00 -57.82
N GLU C 40 21.64 10.39 -57.42
CA GLU C 40 20.66 10.99 -56.51
C GLU C 40 20.50 10.13 -55.26
N ILE C 41 20.78 10.73 -54.11
CA ILE C 41 20.64 10.01 -52.85
C ILE C 41 19.39 10.51 -52.13
N GLN C 42 18.48 9.57 -51.88
CA GLN C 42 17.17 9.87 -51.29
C GLN C 42 17.11 9.66 -49.78
N ASN C 43 16.17 10.34 -49.14
CA ASN C 43 15.95 10.20 -47.71
C ASN C 43 17.15 10.62 -46.90
N VAL C 44 17.79 11.72 -47.29
CA VAL C 44 18.93 12.24 -46.56
C VAL C 44 18.48 13.22 -45.49
N PRO C 45 18.95 13.03 -44.25
CA PRO C 45 18.55 13.92 -43.17
C PRO C 45 19.11 15.32 -43.38
N LYS C 46 18.40 16.32 -42.94
CA LYS C 46 18.95 17.63 -42.98
C LYS C 46 19.68 17.87 -41.69
N LEU C 47 20.99 17.71 -41.77
CA LEU C 47 21.93 17.79 -40.64
C LEU C 47 23.12 18.61 -41.05
N LYS C 48 23.75 19.26 -40.10
CA LYS C 48 24.94 20.03 -40.43
C LYS C 48 26.06 19.19 -41.01
N ASP C 49 26.15 17.95 -40.60
CA ASP C 49 27.18 17.04 -41.11
C ASP C 49 27.00 16.77 -42.61
N VAL C 50 25.74 16.80 -43.08
CA VAL C 50 25.48 16.65 -44.52
C VAL C 50 25.90 17.92 -45.26
N ASP C 51 25.55 19.06 -44.70
CA ASP C 51 26.01 20.33 -45.24
C ASP C 51 27.54 20.34 -45.43
N THR C 52 28.28 20.00 -44.37
CA THR C 52 29.73 20.04 -44.41
C THR C 52 30.27 19.14 -45.50
N SER C 53 29.64 17.97 -45.66
CA SER C 53 30.00 17.03 -46.70
C SER C 53 29.79 17.63 -48.08
N MET C 54 28.64 18.25 -48.28
CA MET C 54 28.31 18.88 -49.55
C MET C 54 29.31 20.00 -49.86
N LYS C 55 29.60 20.80 -48.84
CA LYS C 55 30.55 21.89 -48.99
C LYS C 55 31.90 21.34 -49.49
N LEU C 56 32.32 20.20 -48.94
CA LEU C 56 33.59 19.61 -49.33
C LEU C 56 33.52 19.07 -50.75
N LEU C 57 32.48 18.31 -51.06
CA LEU C 57 32.29 17.77 -52.40
C LEU C 57 32.37 18.87 -53.44
N SER C 58 31.60 19.91 -53.24
CA SER C 58 31.55 21.05 -54.15
C SER C 58 32.94 21.63 -54.32
N GLN C 59 33.63 21.84 -53.21
CA GLN C 59 34.98 22.37 -53.22
C GLN C 59 35.92 21.52 -54.08
N LEU C 60 35.66 20.22 -54.15
CA LEU C 60 36.48 19.30 -54.95
C LEU C 60 36.16 19.38 -56.43
N GLY C 61 35.03 20.02 -56.74
CA GLY C 61 34.62 20.21 -58.11
C GLY C 61 33.36 19.46 -58.51
N ALA C 62 32.68 18.86 -57.55
CA ALA C 62 31.42 18.19 -57.88
C ALA C 62 30.29 19.19 -57.91
N LYS C 63 29.25 18.86 -58.65
CA LYS C 63 28.02 19.66 -58.67
C LYS C 63 27.02 19.10 -57.68
N VAL C 64 26.68 19.88 -56.68
CA VAL C 64 25.84 19.38 -55.60
C VAL C 64 24.66 20.29 -55.29
N GLU C 65 23.50 19.68 -55.10
CA GLU C 65 22.33 20.35 -54.56
C GLU C 65 21.36 19.41 -53.84
N ARG C 66 20.56 19.96 -52.92
CA ARG C 66 19.62 19.15 -52.17
C ARG C 66 18.29 19.82 -51.91
N ASP C 67 17.24 19.03 -52.03
CA ASP C 67 16.02 19.11 -51.30
C ASP C 67 15.91 20.02 -50.14
N GLY C 68 14.74 16.25 -50.59
CA GLY C 68 14.49 15.04 -49.87
C GLY C 68 15.78 14.34 -50.17
N SER C 69 16.25 14.60 -51.37
CA SER C 69 17.41 13.95 -51.94
C SER C 69 18.57 14.85 -52.05
N VAL C 70 19.72 14.27 -52.35
CA VAL C 70 20.89 15.04 -52.61
C VAL C 70 21.39 14.65 -53.98
N HIS C 71 21.67 15.62 -54.81
CA HIS C 71 22.08 15.35 -56.16
C HIS C 71 23.52 15.66 -56.29
N ILE C 72 24.27 14.72 -56.82
CA ILE C 72 25.72 14.87 -56.97
C ILE C 72 26.16 14.55 -58.39
N ASP C 73 26.88 15.47 -59.02
CA ASP C 73 27.47 15.24 -60.33
C ASP C 73 28.98 15.34 -60.17
N ALA C 74 29.66 14.20 -60.22
CA ALA C 74 31.07 14.15 -59.88
C ALA C 74 31.97 13.96 -61.11
N ARG C 75 31.45 14.27 -62.28
CA ARG C 75 32.22 14.12 -63.51
C ARG C 75 33.40 15.09 -63.58
N ASP C 76 33.15 16.35 -63.22
CA ASP C 76 34.16 17.41 -63.35
C ASP C 76 35.04 17.62 -62.11
N VAL C 77 35.19 16.61 -61.28
CA VAL C 77 36.05 16.75 -60.12
C VAL C 77 37.46 16.99 -60.59
N ASN C 78 38.09 18.05 -60.09
CA ASN C 78 39.38 18.48 -60.60
C ASN C 78 40.35 19.01 -59.53
N VAL C 79 39.88 19.07 -58.30
CA VAL C 79 40.79 19.33 -57.19
C VAL C 79 40.70 18.15 -56.21
N PHE C 80 41.82 17.82 -55.57
CA PHE C 80 41.96 16.54 -54.88
C PHE C 80 42.37 16.63 -53.42
N CYS C 81 42.02 17.75 -52.79
CA CYS C 81 42.47 18.01 -51.42
C CYS C 81 41.31 18.39 -50.48
N ALA C 82 41.22 17.69 -49.34
CA ALA C 82 40.36 18.15 -48.26
C ALA C 82 41.20 18.96 -47.28
N PRO C 83 41.03 20.28 -47.28
CA PRO C 83 41.86 21.21 -46.52
C PRO C 83 41.61 21.21 -45.00
N TYR C 84 42.65 21.53 -44.24
CA TYR C 84 42.58 21.61 -42.78
C TYR C 84 41.31 22.26 -42.24
N ASP C 85 40.92 23.41 -42.81
CA ASP C 85 39.74 24.12 -42.31
C ASP C 85 38.44 23.30 -42.29
N LEU C 86 38.30 22.36 -43.20
CA LEU C 86 37.12 21.52 -43.21
C LEU C 86 37.28 20.32 -42.30
N VAL C 87 38.35 19.57 -42.51
CA VAL C 87 38.57 18.36 -41.75
C VAL C 87 38.44 18.66 -40.28
N LYS C 88 38.97 19.79 -39.85
CA LYS C 88 38.95 20.11 -38.42
C LYS C 88 37.52 20.23 -37.86
N THR C 89 36.57 20.58 -38.73
CA THR C 89 35.18 20.69 -38.31
C THR C 89 34.41 19.40 -38.43
N MET C 90 34.95 18.42 -39.14
CA MET C 90 34.31 17.11 -39.26
C MET C 90 35.29 16.02 -39.72
N ARG C 91 35.74 15.19 -38.78
CA ARG C 91 36.82 14.25 -39.11
C ARG C 91 36.44 13.20 -40.11
N ALA C 92 35.16 13.08 -40.42
CA ALA C 92 34.72 12.08 -41.40
C ALA C 92 35.15 12.47 -42.82
N SER C 93 35.50 13.74 -43.00
CA SER C 93 36.10 14.21 -44.25
C SER C 93 37.22 13.30 -44.76
N ILE C 94 37.89 12.63 -43.83
CA ILE C 94 38.95 11.70 -44.17
C ILE C 94 38.49 10.70 -45.24
N TRP C 95 37.18 10.53 -45.35
CA TRP C 95 36.63 9.55 -46.27
C TRP C 95 36.85 9.94 -47.73
N ALA C 96 37.26 11.16 -47.96
CA ALA C 96 37.50 11.62 -49.31
C ALA C 96 38.76 10.96 -49.90
N LEU C 97 39.73 10.68 -49.05
CA LEU C 97 41.00 10.09 -49.47
C LEU C 97 40.85 8.89 -50.39
N GLY C 98 40.16 7.86 -49.91
CA GLY C 98 40.02 6.63 -50.66
C GLY C 98 39.56 6.82 -52.10
N PRO C 99 38.37 7.41 -52.30
CA PRO C 99 37.82 7.51 -53.63
C PRO C 99 38.77 8.29 -54.52
N LEU C 100 39.29 9.37 -53.98
CA LEU C 100 40.16 10.24 -54.76
C LEU C 100 41.33 9.47 -55.33
N VAL C 101 42.02 8.69 -54.52
CA VAL C 101 43.18 7.92 -54.98
C VAL C 101 42.77 6.80 -55.93
N ALA C 102 41.64 6.18 -55.66
CA ALA C 102 41.16 5.10 -56.51
C ALA C 102 40.87 5.60 -57.93
N ARG C 103 40.22 6.75 -58.04
CA ARG C 103 39.75 7.25 -59.33
C ARG C 103 40.77 8.11 -60.09
N PHE C 104 41.44 9.02 -59.38
CA PHE C 104 42.34 10.00 -60.02
C PHE C 104 43.82 9.73 -59.79
N GLY C 105 44.13 8.69 -59.01
CA GLY C 105 45.51 8.35 -58.70
C GLY C 105 46.23 9.27 -57.71
N GLN C 106 45.52 10.25 -57.15
CA GLN C 106 46.10 11.11 -56.12
C GLN C 106 45.04 11.59 -55.15
N GLY C 107 45.47 12.03 -53.98
CA GLY C 107 44.57 12.53 -52.96
C GLY C 107 45.34 13.12 -51.79
N GLN C 108 44.91 14.29 -51.31
CA GLN C 108 45.51 14.91 -50.13
C GLN C 108 44.42 15.23 -49.10
N VAL C 109 44.47 14.55 -47.96
CA VAL C 109 43.55 14.87 -46.88
C VAL C 109 44.28 15.24 -45.60
N SER C 110 43.83 16.29 -44.93
CA SER C 110 44.42 16.73 -43.67
C SER C 110 44.28 15.64 -42.60
N LEU C 111 45.37 15.33 -41.89
CA LEU C 111 45.37 14.33 -40.82
C LEU C 111 44.59 14.86 -39.62
N PRO C 112 43.49 14.19 -39.23
CA PRO C 112 42.66 14.67 -38.12
C PRO C 112 43.42 14.75 -36.79
N GLY C 113 43.21 15.83 -36.04
CA GLY C 113 43.79 15.99 -34.71
C GLY C 113 42.96 15.37 -33.60
N GLY C 114 42.98 15.95 -32.41
CA GLY C 114 42.32 15.36 -31.25
C GLY C 114 40.80 15.53 -31.23
N CYS C 115 39.99 14.60 -30.69
CA CYS C 115 38.56 14.67 -30.43
C CYS C 115 38.26 14.58 -28.94
N THR C 116 37.38 15.23 -28.41
CA THR C 116 37.08 15.17 -26.98
C THR C 116 36.67 13.79 -26.45
N ILE C 117 36.26 12.86 -27.32
CA ILE C 117 35.76 11.58 -26.82
C ILE C 117 36.83 10.49 -26.64
N GLY C 118 38.03 10.75 -27.14
CA GLY C 118 39.14 9.82 -26.98
C GLY C 118 40.08 9.69 -28.17
N ALA C 119 41.02 8.74 -28.09
CA ALA C 119 42.00 8.56 -29.15
C ALA C 119 41.32 8.11 -30.42
N ARG C 120 41.62 8.78 -31.52
CA ARG C 120 40.97 8.46 -32.77
C ARG C 120 41.91 8.43 -33.97
N PRO C 121 42.99 7.63 -33.89
CA PRO C 121 43.97 7.52 -34.99
C PRO C 121 43.34 6.94 -36.25
N VAL C 122 43.97 7.15 -37.39
CA VAL C 122 43.48 6.64 -38.66
C VAL C 122 44.53 5.78 -39.36
N ASP C 123 45.39 5.16 -38.55
CA ASP C 123 46.40 4.20 -39.02
C ASP C 123 45.86 3.08 -39.92
N LEU C 124 44.69 2.55 -39.59
CA LEU C 124 44.10 1.48 -40.37
C LEU C 124 43.68 1.95 -41.77
N HIS C 125 43.23 3.21 -41.90
CA HIS C 125 42.88 3.76 -43.20
C HIS C 125 44.13 3.79 -44.09
N ILE C 126 45.17 4.39 -43.56
CA ILE C 126 46.42 4.53 -44.26
C ILE C 126 46.96 3.17 -44.66
N SER C 127 47.11 2.30 -43.68
CA SER C 127 47.66 0.95 -43.92
C SER C 127 46.88 0.18 -44.99
N GLY C 128 45.56 0.30 -44.95
CA GLY C 128 44.73 -0.37 -45.92
C GLY C 128 45.03 0.10 -47.31
N LEU C 129 45.21 1.39 -47.47
CA LEU C 129 45.47 1.96 -48.77
C LEU C 129 46.86 1.60 -49.30
N GLU C 130 47.85 1.56 -48.41
CA GLU C 130 49.20 1.15 -48.78
C GLU C 130 49.18 -0.29 -49.25
N GLN C 131 48.34 -1.08 -48.60
CA GLN C 131 48.23 -2.51 -48.89
C GLN C 131 47.59 -2.72 -50.27
N LEU C 132 46.81 -1.73 -50.69
CA LEU C 132 46.20 -1.73 -52.01
C LEU C 132 47.12 -1.10 -53.08
N GLY C 133 48.36 -0.83 -52.71
CA GLY C 133 49.34 -0.33 -53.67
C GLY C 133 49.63 1.16 -53.63
N ALA C 134 48.93 1.90 -52.78
CA ALA C 134 49.15 3.33 -52.72
C ALA C 134 50.45 3.68 -52.02
N THR C 135 51.04 4.79 -52.39
CA THR C 135 52.18 5.32 -51.67
C THR C 135 51.64 6.47 -50.85
N ILE C 136 52.02 6.52 -49.57
CA ILE C 136 51.49 7.54 -48.68
C ILE C 136 52.56 8.27 -47.89
N LYS C 137 52.53 9.58 -47.94
CA LYS C 137 53.46 10.44 -47.20
C LYS C 137 52.76 11.57 -46.46
N LEU C 138 53.35 12.04 -45.38
CA LEU C 138 52.73 13.09 -44.58
C LEU C 138 53.59 14.34 -44.65
N GLU C 139 53.06 15.39 -45.27
CA GLU C 139 53.74 16.68 -45.25
C GLU C 139 52.79 17.85 -44.99
N GLU C 140 53.26 18.80 -44.21
CA GLU C 140 52.48 19.93 -43.81
C GLU C 140 51.19 19.57 -43.07
N GLY C 141 51.13 18.38 -42.46
CA GLY C 141 49.94 17.87 -41.82
C GLY C 141 48.95 17.21 -42.77
N TYR C 142 49.31 17.08 -44.04
CA TYR C 142 48.45 16.38 -45.00
C TYR C 142 48.93 14.96 -45.29
N VAL C 143 48.01 14.00 -45.23
CA VAL C 143 48.32 12.67 -45.73
C VAL C 143 48.13 12.72 -47.24
N LYS C 144 49.24 12.55 -47.94
CA LYS C 144 49.27 12.63 -49.41
C LYS C 144 49.44 11.25 -50.01
N ALA C 145 48.43 10.80 -50.73
CA ALA C 145 48.44 9.47 -51.31
C ALA C 145 48.53 9.55 -52.83
N SER C 146 49.17 8.55 -53.43
CA SER C 146 49.36 8.52 -54.87
C SER C 146 49.59 7.11 -55.36
N VAL C 147 49.17 6.85 -56.60
CA VAL C 147 49.41 5.56 -57.23
C VAL C 147 49.62 5.70 -58.73
N ASP C 148 50.61 5.02 -59.25
CA ASP C 148 50.98 4.96 -60.66
C ASP C 148 50.01 4.07 -61.44
N GLY C 149 48.91 4.60 -61.97
CA GLY C 149 47.88 3.77 -62.54
C GLY C 149 46.75 3.55 -61.55
N ARG C 150 46.39 2.31 -61.33
CA ARG C 150 45.40 2.08 -60.33
C ARG C 150 45.81 1.13 -59.26
N LEU C 151 44.94 1.02 -58.28
CA LEU C 151 45.23 0.16 -57.15
C LEU C 151 45.07 -1.29 -57.55
N LYS C 152 45.63 -2.18 -56.72
CA LYS C 152 45.56 -3.61 -56.95
C LYS C 152 44.87 -4.34 -55.79
N GLY C 153 43.91 -5.20 -56.12
CA GLY C 153 43.24 -6.01 -55.12
C GLY C 153 44.24 -6.72 -54.20
N ALA C 154 43.88 -6.87 -52.94
CA ALA C 154 44.74 -7.54 -51.98
C ALA C 154 43.94 -8.21 -50.88
N HIS C 155 44.60 -9.09 -50.14
CA HIS C 155 43.98 -9.77 -49.02
C HIS C 155 44.38 -9.00 -47.78
N ILE C 156 43.41 -8.29 -47.20
CA ILE C 156 43.72 -7.40 -46.10
C ILE C 156 43.03 -7.86 -44.84
N VAL C 157 43.81 -8.17 -43.83
CA VAL C 157 43.28 -8.60 -42.55
C VAL C 157 43.38 -7.47 -41.54
N MET C 158 42.24 -6.99 -41.09
CA MET C 158 42.22 -5.81 -40.23
C MET C 158 42.59 -6.07 -38.78
N ASP C 159 43.52 -5.27 -38.28
CA ASP C 159 44.06 -5.44 -36.94
C ASP C 159 42.99 -5.34 -35.86
N LYS C 160 42.15 -4.32 -36.00
CA LYS C 160 40.97 -4.22 -35.16
C LYS C 160 39.77 -3.84 -35.98
N VAL C 161 38.59 -3.88 -35.35
CA VAL C 161 37.34 -3.59 -36.01
C VAL C 161 37.12 -2.08 -36.12
N SER C 162 36.95 -1.60 -37.34
CA SER C 162 36.83 -0.17 -37.59
C SER C 162 35.82 0.15 -38.69
N VAL C 163 34.77 0.89 -38.36
CA VAL C 163 33.81 1.33 -39.36
C VAL C 163 34.45 2.19 -40.45
N GLY C 164 35.23 3.19 -40.03
CA GLY C 164 35.86 4.10 -40.96
C GLY C 164 36.83 3.46 -41.95
N ALA C 165 37.73 2.64 -41.45
CA ALA C 165 38.68 2.01 -42.32
C ALA C 165 38.03 0.95 -43.24
N THR C 166 37.07 0.21 -42.71
CA THR C 166 36.36 -0.75 -43.54
C THR C 166 35.74 -0.02 -44.74
N VAL C 167 35.10 1.11 -44.48
CA VAL C 167 34.51 1.87 -45.58
C VAL C 167 35.59 2.41 -46.56
N THR C 168 36.67 2.95 -46.02
CA THR C 168 37.77 3.46 -46.84
C THR C 168 38.31 2.42 -47.82
N ILE C 169 38.64 1.25 -47.30
CA ILE C 169 39.17 0.19 -48.13
C ILE C 169 38.13 -0.34 -49.10
N MET C 170 36.93 -0.60 -48.62
CA MET C 170 35.89 -1.15 -49.47
C MET C 170 35.66 -0.26 -50.68
N CYS C 171 35.58 1.05 -50.44
CA CYS C 171 35.32 1.98 -51.52
C CYS C 171 36.47 2.05 -52.51
N ALA C 172 37.70 2.06 -52.01
CA ALA C 172 38.88 2.19 -52.85
C ALA C 172 39.01 0.97 -53.76
N ALA C 173 38.67 -0.18 -53.22
CA ALA C 173 38.86 -1.42 -53.93
C ALA C 173 37.98 -1.53 -55.15
N THR C 174 36.82 -0.87 -55.13
CA THR C 174 35.87 -1.02 -56.24
C THR C 174 36.46 -0.66 -57.61
N LEU C 175 37.59 0.06 -57.63
CA LEU C 175 38.19 0.49 -58.88
C LEU C 175 39.62 -0.04 -59.00
N ALA C 176 39.91 -1.10 -58.27
CA ALA C 176 41.23 -1.68 -58.31
C ALA C 176 41.30 -2.85 -59.30
N GLU C 177 42.52 -3.29 -59.60
CA GLU C 177 42.73 -4.43 -60.47
C GLU C 177 42.61 -5.72 -59.66
N GLY C 178 41.56 -6.48 -59.94
CA GLY C 178 41.41 -7.77 -59.31
C GLY C 178 40.57 -7.75 -58.06
N THR C 179 40.82 -8.73 -57.20
CA THR C 179 39.96 -8.99 -56.06
C THR C 179 40.58 -8.59 -54.73
N THR C 180 39.79 -7.91 -53.92
CA THR C 180 40.19 -7.55 -52.57
C THR C 180 39.39 -8.30 -51.55
N ILE C 181 40.03 -8.73 -50.49
CA ILE C 181 39.30 -9.36 -49.44
C ILE C 181 39.60 -8.67 -48.18
N ILE C 182 38.56 -8.25 -47.49
CA ILE C 182 38.70 -7.60 -46.18
C ILE C 182 38.30 -8.56 -45.07
N GLU C 183 39.27 -8.95 -44.25
CA GLU C 183 39.03 -9.84 -43.13
C GLU C 183 38.89 -9.04 -41.84
N ASN C 184 37.93 -9.46 -41.01
CA ASN C 184 37.65 -8.81 -39.73
C ASN C 184 37.02 -7.45 -39.97
N ALA C 185 36.25 -7.36 -41.06
CA ALA C 185 35.54 -6.15 -41.39
C ALA C 185 34.47 -5.77 -40.34
N ALA C 186 34.09 -4.50 -40.31
CA ALA C 186 33.00 -4.02 -39.47
C ALA C 186 31.68 -4.40 -40.14
N ARG C 187 30.68 -4.73 -39.32
CA ARG C 187 29.40 -5.25 -39.80
C ARG C 187 28.26 -4.24 -39.69
N GLU C 188 28.58 -3.01 -39.30
CA GLU C 188 27.57 -1.97 -39.15
C GLU C 188 26.57 -1.87 -40.32
N PRO C 189 25.27 -1.74 -40.02
CA PRO C 189 24.24 -1.61 -41.07
C PRO C 189 24.64 -0.56 -42.10
N GLU C 190 25.29 0.51 -41.68
CA GLU C 190 25.62 1.59 -42.58
C GLU C 190 26.63 1.17 -43.63
N ILE C 191 27.41 0.14 -43.28
CA ILE C 191 28.43 -0.35 -44.16
C ILE C 191 27.74 -1.15 -45.26
N VAL C 192 26.67 -1.82 -44.86
CA VAL C 192 25.87 -2.61 -45.78
C VAL C 192 25.21 -1.70 -46.81
N ASP C 193 24.58 -0.63 -46.31
CA ASP C 193 23.92 0.37 -47.13
C ASP C 193 24.94 0.96 -48.14
N THR C 194 26.14 1.29 -47.67
CA THR C 194 27.18 1.84 -48.53
C THR C 194 27.56 0.85 -49.63
N ALA C 195 27.72 -0.40 -49.25
CA ALA C 195 28.02 -1.44 -50.23
C ALA C 195 26.90 -1.56 -51.27
N ASN C 196 25.66 -1.57 -50.80
CA ASN C 196 24.52 -1.65 -51.71
C ASN C 196 24.37 -0.47 -52.69
N PHE C 197 24.75 0.73 -52.22
CA PHE C 197 24.84 1.92 -53.09
C PHE C 197 25.94 1.72 -54.14
N LEU C 198 27.12 1.28 -53.71
CA LEU C 198 28.21 0.99 -54.63
C LEU C 198 27.83 -0.04 -55.71
N ILE C 199 27.13 -1.11 -55.32
CA ILE C 199 26.72 -2.14 -56.28
C ILE C 199 25.78 -1.53 -57.31
N THR C 200 24.91 -0.65 -56.83
CA THR C 200 23.98 0.07 -57.68
C THR C 200 24.70 0.83 -58.80
N LEU C 201 25.90 1.32 -58.50
CA LEU C 201 26.68 2.08 -59.48
C LEU C 201 27.42 1.14 -60.41
N GLY C 202 27.33 -0.15 -60.13
CA GLY C 202 28.03 -1.15 -60.94
C GLY C 202 29.22 -1.82 -60.29
N ALA C 203 29.36 -1.66 -58.97
CA ALA C 203 30.45 -2.31 -58.27
C ALA C 203 30.09 -3.76 -58.00
N LYS C 204 31.09 -4.58 -57.72
CA LYS C 204 30.87 -5.98 -57.39
C LYS C 204 31.33 -6.31 -55.98
N ILE C 205 30.39 -6.34 -55.04
CA ILE C 205 30.72 -6.54 -53.64
C ILE C 205 29.87 -7.64 -53.04
N SER C 206 30.49 -8.46 -52.19
CA SER C 206 29.75 -9.50 -51.50
C SER C 206 30.26 -9.67 -50.07
N GLY C 207 29.38 -10.07 -49.16
CA GLY C 207 29.78 -10.36 -47.80
C GLY C 207 29.53 -9.22 -46.83
N GLN C 208 29.02 -8.09 -47.32
CA GLN C 208 28.72 -6.94 -46.46
C GLN C 208 27.79 -7.33 -45.32
N GLY C 209 28.11 -6.88 -44.11
CA GLY C 209 27.35 -7.23 -42.93
C GLY C 209 27.93 -8.47 -42.26
N THR C 210 28.95 -9.04 -42.89
CA THR C 210 29.69 -10.14 -42.30
C THR C 210 31.12 -9.70 -42.09
N ASP C 211 31.93 -10.55 -41.46
CA ASP C 211 33.31 -10.19 -41.15
C ASP C 211 34.22 -10.25 -42.38
N ARG C 212 33.70 -10.78 -43.48
CA ARG C 212 34.48 -10.92 -44.71
C ARG C 212 33.83 -10.28 -45.92
N ILE C 213 34.47 -9.24 -46.45
CA ILE C 213 33.93 -8.53 -47.61
C ILE C 213 34.80 -8.77 -48.83
N VAL C 214 34.17 -9.16 -49.93
CA VAL C 214 34.87 -9.43 -51.18
C VAL C 214 34.51 -8.40 -52.23
N ILE C 215 35.53 -7.70 -52.75
CA ILE C 215 35.36 -6.72 -53.81
C ILE C 215 36.09 -7.11 -55.09
N GLU C 216 35.35 -7.16 -56.18
CA GLU C 216 35.87 -7.43 -57.50
C GLU C 216 35.97 -6.12 -58.26
N GLY C 217 37.19 -5.69 -58.53
CA GLY C 217 37.39 -4.42 -59.20
C GLY C 217 36.73 -4.35 -60.57
N VAL C 218 36.15 -3.19 -60.85
CA VAL C 218 35.68 -2.88 -62.20
C VAL C 218 36.42 -1.63 -62.68
N GLU C 219 36.32 -1.30 -63.97
CA GLU C 219 37.15 -0.21 -64.48
C GLU C 219 36.53 1.17 -64.34
N ARG C 220 35.21 1.22 -64.14
CA ARG C 220 34.53 2.49 -63.90
C ARG C 220 33.14 2.28 -63.32
N LEU C 221 32.67 3.27 -62.56
CA LEU C 221 31.36 3.24 -61.96
C LEU C 221 30.45 4.32 -62.55
N GLY C 222 29.17 4.02 -62.63
CA GLY C 222 28.20 4.92 -63.24
C GLY C 222 27.46 5.82 -62.27
N GLY C 223 26.15 5.98 -62.51
CA GLY C 223 25.33 6.82 -61.66
C GLY C 223 24.14 6.02 -61.19
N GLY C 224 23.13 6.70 -60.65
CA GLY C 224 21.91 6.04 -60.26
C GLY C 224 21.14 6.71 -59.14
N VAL C 225 20.15 5.98 -58.62
CA VAL C 225 19.33 6.46 -57.52
C VAL C 225 19.33 5.48 -56.35
N TYR C 226 19.48 5.98 -55.13
CA TYR C 226 19.51 5.10 -53.96
C TYR C 226 18.91 5.77 -52.73
N ARG C 227 18.14 5.00 -51.97
CA ARG C 227 17.52 5.51 -50.75
C ARG C 227 18.24 5.01 -49.49
N VAL C 228 18.59 5.94 -48.62
CA VAL C 228 19.35 5.62 -47.41
C VAL C 228 18.45 4.97 -46.36
N LEU C 229 18.99 3.99 -45.64
CA LEU C 229 18.21 3.29 -44.62
C LEU C 229 17.91 4.18 -43.42
N PRO C 230 16.96 3.76 -42.57
CA PRO C 230 16.59 4.57 -41.41
C PRO C 230 17.69 4.64 -40.36
N ASP C 231 17.72 5.74 -39.60
CA ASP C 231 18.74 5.98 -38.57
C ASP C 231 18.41 5.23 -37.28
N ARG C 232 19.17 4.18 -36.98
CA ARG C 232 18.94 3.39 -35.76
C ARG C 232 19.22 4.18 -34.49
N ILE C 233 20.12 5.14 -34.56
CA ILE C 233 20.48 5.90 -33.37
C ILE C 233 19.40 6.91 -33.02
N GLU C 234 18.84 7.58 -34.03
CA GLU C 234 17.66 8.41 -33.78
C GLU C 234 16.51 7.57 -33.25
N THR C 235 16.30 6.41 -33.86
CA THR C 235 15.25 5.51 -33.40
C THR C 235 15.39 5.18 -31.94
N GLY C 236 16.58 4.75 -31.53
CA GLY C 236 16.85 4.41 -30.14
C GLY C 236 16.67 5.59 -29.21
N THR C 237 17.02 6.78 -29.70
CA THR C 237 16.96 7.96 -28.84
C THR C 237 15.51 8.26 -28.44
N PHE C 238 14.61 8.14 -29.41
CA PHE C 238 13.19 8.38 -29.14
C PHE C 238 12.52 7.24 -28.34
N LEU C 239 12.92 6.00 -28.58
CA LEU C 239 12.44 4.89 -27.78
C LEU C 239 12.83 5.14 -26.33
N VAL C 240 14.04 5.64 -26.13
CA VAL C 240 14.51 5.91 -24.77
C VAL C 240 13.79 7.10 -24.16
N ALA C 241 13.50 8.10 -24.99
CA ALA C 241 12.70 9.25 -24.58
C ALA C 241 11.38 8.79 -23.95
N ALA C 242 10.71 7.84 -24.60
CA ALA C 242 9.45 7.30 -24.08
C ALA C 242 9.67 6.50 -22.79
N ALA C 243 10.65 5.62 -22.81
CA ALA C 243 10.90 4.74 -21.69
C ALA C 243 11.23 5.46 -20.37
N ILE C 244 11.83 6.65 -20.44
CA ILE C 244 12.21 7.39 -19.24
C ILE C 244 11.10 8.33 -18.73
N SER C 245 10.18 8.70 -19.61
CA SER C 245 9.09 9.57 -19.23
C SER C 245 7.84 8.77 -18.89
N ARG C 246 7.98 7.45 -18.79
CA ARG C 246 6.86 6.57 -18.51
C ARG C 246 5.78 6.78 -19.57
N GLY C 247 6.21 7.01 -20.82
CA GLY C 247 5.29 7.25 -21.92
C GLY C 247 5.05 6.06 -22.84
N LYS C 248 4.61 6.37 -24.07
CA LYS C 248 4.37 5.33 -25.08
C LYS C 248 4.57 5.93 -26.45
N ILE C 249 5.13 5.16 -27.37
CA ILE C 249 5.54 5.73 -28.65
C ILE C 249 5.51 4.73 -29.83
N ILE C 250 5.21 5.26 -31.01
CA ILE C 250 5.39 4.49 -32.25
C ILE C 250 6.41 5.19 -33.13
N CYS C 251 7.41 4.44 -33.58
CA CYS C 251 8.39 4.97 -34.51
C CYS C 251 8.07 4.47 -35.90
N ARG C 252 7.88 5.42 -36.82
CA ARG C 252 7.55 5.11 -38.22
C ARG C 252 8.76 5.25 -39.12
N ASN C 253 8.79 4.46 -40.19
CA ASN C 253 9.92 4.42 -41.11
C ASN C 253 11.16 3.90 -40.40
N ALA C 254 10.99 2.81 -39.66
CA ALA C 254 12.09 2.19 -38.92
C ALA C 254 12.56 0.89 -39.60
N GLN C 255 13.71 0.40 -39.17
CA GLN C 255 14.20 -0.90 -39.60
C GLN C 255 14.65 -1.72 -38.40
N PRO C 256 13.72 -2.42 -37.77
CA PRO C 256 13.93 -3.13 -36.50
C PRO C 256 15.11 -4.09 -36.45
N ASP C 257 15.38 -4.84 -37.51
CA ASP C 257 16.48 -5.82 -37.48
C ASP C 257 17.83 -5.15 -37.21
N THR C 258 17.78 -3.82 -37.13
CA THR C 258 18.93 -2.95 -36.99
C THR C 258 19.23 -2.62 -35.53
N LEU C 259 18.29 -2.96 -34.65
CA LEU C 259 18.33 -2.56 -33.25
C LEU C 259 18.20 -3.70 -32.23
N ASP C 260 18.58 -4.92 -32.61
CA ASP C 260 18.36 -6.07 -31.74
C ASP C 260 18.83 -5.80 -30.30
N ALA C 261 20.10 -5.46 -30.16
CA ALA C 261 20.67 -5.29 -28.82
C ALA C 261 19.90 -4.24 -28.00
N VAL C 262 19.62 -3.10 -28.61
CA VAL C 262 18.94 -1.99 -27.96
C VAL C 262 17.50 -2.34 -27.49
N LEU C 263 16.75 -3.04 -28.35
CA LEU C 263 15.40 -3.46 -28.00
C LEU C 263 15.42 -4.46 -26.85
N ALA C 264 16.34 -5.41 -26.91
CA ALA C 264 16.53 -6.37 -25.83
C ALA C 264 16.79 -5.68 -24.48
N LYS C 265 17.62 -4.64 -24.51
CA LYS C 265 18.00 -3.94 -23.30
C LYS C 265 16.81 -3.16 -22.73
N LEU C 266 16.03 -2.57 -23.63
CA LEU C 266 14.81 -1.88 -23.23
C LEU C 266 13.78 -2.83 -22.58
N ARG C 267 13.62 -4.04 -23.13
CA ARG C 267 12.78 -5.03 -22.45
C ARG C 267 13.28 -5.30 -21.04
N ASP C 268 14.59 -5.49 -20.88
CA ASP C 268 15.17 -5.74 -19.56
C ASP C 268 14.89 -4.56 -18.63
N ALA C 269 14.71 -3.38 -19.19
CA ALA C 269 14.39 -2.21 -18.39
C ALA C 269 12.92 -2.16 -18.06
N GLY C 270 12.15 -3.07 -18.65
CA GLY C 270 10.74 -3.19 -18.36
C GLY C 270 9.77 -2.68 -19.42
N ALA C 271 10.27 -2.45 -20.63
CA ALA C 271 9.39 -1.91 -21.66
C ALA C 271 8.64 -3.00 -22.41
N ASP C 272 7.47 -2.63 -22.92
CA ASP C 272 6.63 -3.53 -23.72
C ASP C 272 6.78 -3.16 -25.19
N ILE C 273 7.45 -4.00 -25.95
CA ILE C 273 7.85 -3.62 -27.29
C ILE C 273 7.31 -4.55 -28.36
N GLU C 274 6.73 -3.97 -29.41
CA GLU C 274 6.34 -4.72 -30.59
C GLU C 274 6.93 -4.12 -31.87
N VAL C 275 7.22 -4.97 -32.83
CA VAL C 275 7.80 -4.48 -34.07
C VAL C 275 6.97 -4.89 -35.26
N GLY C 276 6.86 -4.00 -36.23
CA GLY C 276 6.32 -4.33 -37.53
C GLY C 276 7.45 -4.48 -38.53
N GLU C 277 7.16 -4.32 -39.81
CA GLU C 277 8.20 -4.42 -40.82
C GLU C 277 8.91 -3.09 -40.99
N ASP C 278 8.25 -2.01 -40.61
CA ASP C 278 8.87 -0.69 -40.66
C ASP C 278 8.39 0.23 -39.54
N TRP C 279 8.02 -0.38 -38.41
CA TRP C 279 7.68 0.37 -37.20
C TRP C 279 8.11 -0.34 -35.92
N ILE C 280 8.27 0.43 -34.86
CA ILE C 280 8.53 -0.14 -33.55
C ILE C 280 7.61 0.57 -32.56
N SER C 281 6.99 -0.18 -31.67
CA SER C 281 6.18 0.44 -30.62
C SER C 281 6.75 0.11 -29.26
N LEU C 282 6.59 1.04 -28.33
CA LEU C 282 7.09 0.88 -26.97
C LEU C 282 6.09 1.46 -25.98
N ASP C 283 5.73 0.67 -24.98
CA ASP C 283 4.80 1.11 -23.94
C ASP C 283 5.36 0.81 -22.56
N MET C 284 5.41 1.82 -21.71
CA MET C 284 5.89 1.61 -20.33
C MET C 284 4.76 1.25 -19.37
N HIS C 285 3.51 1.43 -19.81
CA HIS C 285 2.36 1.19 -18.97
C HIS C 285 2.49 1.93 -17.66
N GLY C 286 2.89 3.19 -17.73
CA GLY C 286 3.03 4.06 -16.57
C GLY C 286 4.15 3.70 -15.63
N LYS C 287 4.93 2.68 -15.97
CA LYS C 287 5.97 2.20 -15.07
C LYS C 287 7.27 2.98 -15.20
N ARG C 288 8.00 3.07 -14.08
CA ARG C 288 9.37 3.56 -14.06
C ARG C 288 10.31 2.40 -14.46
N PRO C 289 11.31 2.69 -15.32
CA PRO C 289 12.23 1.68 -15.86
C PRO C 289 13.11 1.02 -14.81
N LYS C 290 13.52 -0.22 -15.07
CA LYS C 290 14.38 -0.97 -14.15
C LYS C 290 15.83 -0.83 -14.61
N ALA C 291 16.76 -0.66 -13.67
CA ALA C 291 18.18 -0.55 -13.98
C ALA C 291 18.66 -1.71 -14.86
N VAL C 292 19.54 -1.41 -15.82
CA VAL C 292 20.18 -2.45 -16.65
C VAL C 292 21.71 -2.31 -16.71
N ASN C 293 22.37 -3.37 -17.17
CA ASN C 293 23.82 -3.35 -17.34
C ASN C 293 24.14 -3.44 -18.81
N VAL C 294 25.05 -2.60 -19.28
CA VAL C 294 25.36 -2.53 -20.69
C VAL C 294 26.86 -2.53 -20.99
N ARG C 295 27.24 -3.16 -22.08
CA ARG C 295 28.61 -3.13 -22.56
C ARG C 295 28.63 -2.79 -24.05
N THR C 296 29.15 -1.62 -24.39
CA THR C 296 29.25 -1.22 -25.79
C THR C 296 30.28 -2.06 -26.56
N ALA C 297 30.03 -2.27 -27.84
CA ALA C 297 30.95 -2.99 -28.71
C ALA C 297 30.49 -2.86 -30.16
N PRO C 298 31.32 -3.28 -31.12
CA PRO C 298 30.93 -3.12 -32.52
C PRO C 298 29.68 -3.90 -32.83
N HIS C 299 28.93 -3.43 -33.82
CA HIS C 299 27.70 -4.08 -34.26
C HIS C 299 27.90 -5.58 -34.52
N PRO C 300 26.90 -6.41 -34.16
CA PRO C 300 25.56 -6.05 -33.72
C PRO C 300 25.39 -5.97 -32.20
N ALA C 301 26.47 -5.82 -31.46
CA ALA C 301 26.38 -5.58 -30.02
C ALA C 301 25.80 -4.19 -29.79
N PHE C 302 25.63 -3.83 -28.52
CA PHE C 302 25.09 -2.51 -28.15
C PHE C 302 26.05 -1.37 -28.58
N PRO C 303 25.52 -0.37 -29.27
CA PRO C 303 26.29 0.73 -29.90
C PRO C 303 26.71 1.84 -28.95
N THR C 304 27.94 2.30 -29.08
CA THR C 304 28.44 3.44 -28.29
C THR C 304 27.58 4.68 -28.51
N ASP C 305 27.02 4.82 -29.71
CA ASP C 305 26.17 5.97 -29.99
C ASP C 305 24.87 6.02 -29.20
N MET C 306 24.57 4.94 -28.45
CA MET C 306 23.38 4.88 -27.62
C MET C 306 23.74 4.87 -26.15
N GLN C 307 25.03 4.86 -25.87
CA GLN C 307 25.51 4.75 -24.49
C GLN C 307 25.04 5.87 -23.52
N ALA C 308 25.08 7.13 -23.94
CA ALA C 308 24.72 8.24 -23.07
C ALA C 308 23.21 8.24 -22.77
N GLN C 309 22.42 7.87 -23.76
CA GLN C 309 20.98 7.76 -23.57
C GLN C 309 20.62 6.69 -22.54
N PHE C 310 21.31 5.55 -22.58
CA PHE C 310 21.05 4.49 -21.62
C PHE C 310 21.62 4.80 -20.24
N THR C 311 22.62 5.67 -20.20
CA THR C 311 23.13 6.17 -18.95
C THR C 311 22.04 6.98 -18.26
N LEU C 312 21.36 7.82 -19.02
CA LEU C 312 20.26 8.61 -18.47
C LEU C 312 19.14 7.71 -17.95
N LEU C 313 18.74 6.72 -18.76
CA LEU C 313 17.72 5.79 -18.34
C LEU C 313 18.08 5.21 -16.97
N ASN C 314 19.28 4.67 -16.85
CA ASN C 314 19.73 4.13 -15.58
C ASN C 314 19.70 5.15 -14.46
N LEU C 315 19.91 6.42 -14.79
CA LEU C 315 20.04 7.42 -13.74
C LEU C 315 18.68 7.78 -13.12
N VAL C 316 17.61 7.42 -13.80
CA VAL C 316 16.25 7.65 -13.33
C VAL C 316 15.48 6.33 -13.17
N ALA C 317 16.23 5.23 -13.13
CA ALA C 317 15.63 3.92 -13.01
C ALA C 317 15.60 3.40 -11.59
N GLU C 318 14.94 2.26 -11.41
CA GLU C 318 14.90 1.60 -10.13
C GLU C 318 16.14 0.72 -9.97
N GLY C 319 17.01 1.06 -9.03
CA GLY C 319 18.16 0.24 -8.73
C GLY C 319 19.50 0.77 -9.21
N THR C 320 20.49 -0.10 -9.23
CA THR C 320 21.82 0.25 -9.66
C THR C 320 22.17 -0.49 -10.94
N GLY C 321 22.68 0.22 -11.94
CA GLY C 321 23.13 -0.42 -13.16
C GLY C 321 24.47 0.15 -13.60
N PHE C 322 25.26 -0.65 -14.29
CA PHE C 322 26.51 -0.11 -14.83
C PHE C 322 26.58 -0.13 -16.35
N ILE C 323 27.37 0.80 -16.89
CA ILE C 323 27.56 0.86 -18.32
C ILE C 323 29.04 0.89 -18.65
N THR C 324 29.51 -0.11 -19.38
CA THR C 324 30.92 -0.19 -19.72
C THR C 324 31.15 0.14 -21.19
N GLU C 325 32.14 0.98 -21.42
CA GLU C 325 32.40 1.46 -22.78
C GLU C 325 33.69 0.83 -23.32
N THR C 326 33.60 0.06 -24.41
CA THR C 326 34.82 -0.56 -24.93
C THR C 326 35.26 0.01 -26.28
N VAL C 327 34.47 0.91 -26.83
CA VAL C 327 34.78 1.51 -28.12
C VAL C 327 35.44 2.89 -27.96
N PHE C 328 34.82 3.77 -27.20
CA PHE C 328 35.42 5.06 -26.91
C PHE C 328 35.51 5.22 -25.41
N GLU C 329 36.68 4.89 -24.85
CA GLU C 329 36.82 4.73 -23.42
C GLU C 329 36.72 5.99 -22.57
N ASN C 330 36.82 7.14 -23.22
CA ASN C 330 36.62 8.41 -22.56
C ASN C 330 35.37 9.17 -22.99
N ARG C 331 34.28 8.47 -23.26
CA ARG C 331 33.06 9.12 -23.73
C ARG C 331 32.04 9.23 -22.59
N PHE C 332 32.33 10.08 -21.62
CA PHE C 332 31.50 10.21 -20.43
C PHE C 332 31.20 11.64 -19.96
N MET C 333 31.54 12.62 -20.77
CA MET C 333 31.24 14.02 -20.41
C MET C 333 29.77 14.30 -20.02
N HIS C 334 28.83 13.55 -20.59
CA HIS C 334 27.42 13.71 -20.23
C HIS C 334 27.19 13.44 -18.73
N VAL C 335 28.00 12.57 -18.15
CA VAL C 335 27.77 12.16 -16.77
C VAL C 335 27.81 13.33 -15.77
N PRO C 336 28.94 14.08 -15.74
CA PRO C 336 29.00 15.25 -14.85
C PRO C 336 27.86 16.26 -15.09
N GLU C 337 27.45 16.47 -16.34
CA GLU C 337 26.34 17.37 -16.64
C GLU C 337 25.05 16.86 -15.99
N LEU C 338 24.80 15.57 -16.11
CA LEU C 338 23.61 14.98 -15.53
C LEU C 338 23.70 15.07 -14.01
N SER C 339 24.92 15.06 -13.49
CA SER C 339 25.10 15.27 -12.06
C SER C 339 24.68 16.65 -11.59
N ARG C 340 24.77 17.65 -12.46
CA ARG C 340 24.31 19.00 -12.14
C ARG C 340 22.80 18.99 -11.98
N MET C 341 22.15 18.02 -12.62
CA MET C 341 20.70 17.88 -12.55
C MET C 341 20.24 16.93 -11.43
N GLY C 342 21.18 16.49 -10.59
CA GLY C 342 20.84 15.66 -9.46
C GLY C 342 21.08 14.17 -9.61
N ALA C 343 21.60 13.75 -10.75
CA ALA C 343 21.88 12.33 -10.96
C ALA C 343 23.00 11.85 -10.03
N HIS C 344 22.98 10.55 -9.70
CA HIS C 344 23.99 9.94 -8.82
C HIS C 344 24.82 8.91 -9.59
N ALA C 345 26.04 9.25 -9.93
CA ALA C 345 26.89 8.34 -10.68
C ALA C 345 28.35 8.44 -10.30
N GLU C 346 29.07 7.34 -10.43
CA GLU C 346 30.52 7.43 -10.37
C GLU C 346 31.13 6.76 -11.57
N ILE C 347 32.31 7.22 -11.95
CA ILE C 347 33.01 6.67 -13.09
C ILE C 347 34.27 5.98 -12.63
N GLU C 348 34.37 4.69 -12.88
CA GLU C 348 35.55 3.95 -12.50
C GLU C 348 36.16 3.47 -13.76
N SER C 349 37.28 4.06 -14.12
CA SER C 349 37.95 3.70 -15.37
C SER C 349 37.01 3.92 -16.54
N ASN C 350 36.65 2.85 -17.25
CA ASN C 350 35.73 3.01 -18.38
C ASN C 350 34.31 2.45 -18.12
N THR C 351 33.90 2.46 -16.87
CA THR C 351 32.55 2.05 -16.48
C THR C 351 31.88 3.14 -15.66
N VAL C 352 30.64 3.47 -15.99
CA VAL C 352 29.90 4.35 -15.14
C VAL C 352 28.92 3.56 -14.28
N ILE C 353 28.99 3.79 -12.99
CA ILE C 353 28.11 3.13 -12.04
C ILE C 353 26.97 4.06 -11.62
N CYS C 354 25.76 3.66 -11.97
CA CYS C 354 24.59 4.51 -11.78
C CYS C 354 23.69 4.05 -10.63
N HIS C 355 23.22 5.01 -9.84
CA HIS C 355 22.22 4.76 -8.79
C HIS C 355 21.00 5.61 -9.06
N GLY C 356 19.96 4.99 -9.60
CA GLY C 356 18.78 5.71 -10.04
C GLY C 356 18.05 6.49 -8.98
N VAL C 357 17.72 7.73 -9.32
CA VAL C 357 16.88 8.57 -8.49
C VAL C 357 15.51 8.69 -9.14
N GLU C 358 14.56 9.16 -8.33
CA GLU C 358 13.14 9.21 -8.62
C GLU C 358 12.86 10.32 -9.65
N LYS C 359 13.48 11.49 -9.45
CA LYS C 359 13.35 12.58 -10.42
C LYS C 359 14.55 13.55 -10.42
N LEU C 360 14.87 14.09 -11.59
CA LEU C 360 15.95 15.08 -11.75
C LEU C 360 15.47 16.53 -11.61
N SER C 361 16.41 17.45 -11.45
CA SER C 361 16.11 18.87 -11.30
C SER C 361 16.74 19.68 -12.42
N GLY C 362 15.97 20.58 -13.03
CA GLY C 362 16.49 21.46 -14.07
C GLY C 362 17.72 22.28 -13.68
N ALA C 363 18.60 22.50 -14.65
CA ALA C 363 19.83 23.26 -14.44
C ALA C 363 20.40 23.65 -15.79
N GLN C 364 21.47 24.45 -15.76
CA GLN C 364 22.17 24.83 -17.00
C GLN C 364 23.21 23.78 -17.32
N VAL C 365 23.15 23.22 -18.52
CA VAL C 365 24.11 22.18 -18.88
C VAL C 365 24.74 22.45 -20.25
N MET C 366 25.88 21.83 -20.52
CA MET C 366 26.58 22.10 -21.78
C MET C 366 26.73 20.88 -22.68
N ALA C 367 26.23 20.98 -23.91
CA ALA C 367 26.42 19.94 -24.92
C ALA C 367 27.85 19.97 -25.47
N THR C 368 28.37 18.82 -25.86
CA THR C 368 29.73 18.69 -26.42
C THR C 368 29.85 17.57 -27.45
N ASP C 369 28.83 16.74 -27.56
CA ASP C 369 28.94 15.51 -28.34
C ASP C 369 27.77 15.35 -29.30
N LEU C 370 28.12 15.39 -30.59
CA LEU C 370 27.17 15.17 -31.66
C LEU C 370 26.02 14.21 -31.45
N ARG C 371 26.25 13.08 -30.79
CA ARG C 371 25.13 12.19 -30.48
C ARG C 371 24.83 12.15 -29.00
N ALA C 372 25.87 12.02 -28.21
CA ALA C 372 25.71 11.78 -26.80
C ALA C 372 24.91 12.88 -26.07
N SER C 373 25.10 14.14 -26.48
CA SER C 373 24.46 15.27 -25.81
C SER C 373 22.95 15.39 -25.98
N ALA C 374 22.39 14.63 -26.89
CA ALA C 374 20.95 14.52 -27.01
C ALA C 374 20.38 14.07 -25.65
N SER C 375 21.20 13.41 -24.86
CA SER C 375 20.70 12.90 -23.62
C SER C 375 20.38 14.05 -22.67
N LEU C 376 21.10 15.17 -22.83
CA LEU C 376 20.87 16.34 -22.00
C LEU C 376 19.52 16.97 -22.30
N VAL C 377 19.16 17.00 -23.58
CA VAL C 377 17.85 17.46 -23.98
C VAL C 377 16.79 16.56 -23.39
N LEU C 378 16.98 15.25 -23.55
CA LEU C 378 16.06 14.26 -22.98
C LEU C 378 15.90 14.44 -21.47
N ALA C 379 17.02 14.64 -20.79
CA ALA C 379 16.95 14.85 -19.36
C ALA C 379 16.09 16.07 -19.04
N GLY C 380 16.24 17.13 -19.85
CA GLY C 380 15.45 18.34 -19.68
C GLY C 380 13.96 18.12 -19.71
N CYS C 381 13.52 17.23 -20.59
CA CYS C 381 12.10 16.91 -20.74
C CYS C 381 11.49 16.27 -19.52
N ILE C 382 12.26 15.51 -18.76
CA ILE C 382 11.71 14.82 -17.60
C ILE C 382 12.14 15.43 -16.27
N ALA C 383 13.03 16.40 -16.29
CA ALA C 383 13.45 17.00 -15.02
C ALA C 383 12.41 17.96 -14.46
N GLU C 384 12.48 18.19 -13.16
CA GLU C 384 11.59 19.15 -12.51
C GLU C 384 12.04 20.61 -12.74
N GLY C 385 11.32 21.33 -13.57
CA GLY C 385 11.59 22.74 -13.76
C GLY C 385 12.20 23.10 -15.11
N THR C 386 13.15 24.03 -15.07
CA THR C 386 13.72 24.56 -16.30
C THR C 386 15.17 24.16 -16.50
N THR C 387 15.45 23.61 -17.67
CA THR C 387 16.81 23.24 -18.06
C THR C 387 17.21 24.07 -19.28
N VAL C 388 18.42 24.62 -19.24
CA VAL C 388 18.97 25.30 -20.40
C VAL C 388 20.15 24.48 -20.92
N VAL C 389 20.03 24.00 -22.15
CA VAL C 389 21.12 23.27 -22.78
C VAL C 389 21.88 24.21 -23.71
N ASP C 390 23.07 24.57 -23.29
CA ASP C 390 23.93 25.49 -24.02
C ASP C 390 24.65 24.78 -25.18
N ARG C 391 24.85 25.49 -26.29
CA ARG C 391 25.84 25.05 -27.25
C ARG C 391 25.32 23.89 -28.08
N ILE C 392 24.05 23.98 -28.45
CA ILE C 392 23.40 22.89 -29.16
C ILE C 392 23.80 22.71 -30.62
N TYR C 393 24.77 23.48 -31.06
CA TYR C 393 25.20 23.37 -32.44
C TYR C 393 25.72 22.00 -32.68
N HIS C 394 26.26 21.40 -31.63
CA HIS C 394 26.70 20.02 -31.64
C HIS C 394 25.54 19.09 -32.02
N ILE C 395 24.43 19.25 -31.33
CA ILE C 395 23.24 18.44 -31.60
C ILE C 395 22.70 18.63 -33.02
N ASP C 396 22.84 19.84 -33.55
CA ASP C 396 22.45 20.15 -34.93
C ASP C 396 23.25 19.38 -35.97
N ARG C 397 24.44 18.91 -35.59
CA ARG C 397 25.21 18.10 -36.54
C ARG C 397 24.63 16.70 -36.62
N GLY C 398 23.91 16.31 -35.57
CA GLY C 398 23.60 14.90 -35.37
C GLY C 398 22.15 14.48 -35.53
N TYR C 399 21.22 15.39 -35.28
CA TYR C 399 19.79 15.08 -35.37
C TYR C 399 19.03 16.09 -36.24
N GLU C 400 18.12 15.60 -37.09
CA GLU C 400 17.31 16.49 -37.90
C GLU C 400 16.16 17.10 -37.10
N ARG C 401 16.24 18.37 -36.78
CA ARG C 401 15.20 19.05 -36.06
C ARG C 401 14.68 18.30 -34.88
N ILE C 402 15.50 18.14 -33.87
CA ILE C 402 15.09 17.32 -32.74
C ILE C 402 13.99 17.97 -31.90
N GLU C 403 13.95 19.30 -31.85
CA GLU C 403 12.95 20.00 -31.05
C GLU C 403 11.53 19.86 -31.62
N ASP C 404 11.40 19.76 -32.93
CA ASP C 404 10.09 19.61 -33.55
C ASP C 404 9.51 18.22 -33.24
N LYS C 405 10.34 17.20 -33.34
CA LYS C 405 9.89 15.85 -33.07
C LYS C 405 9.55 15.68 -31.58
N LEU C 406 10.33 16.30 -30.71
CA LEU C 406 10.11 16.20 -29.28
C LEU C 406 8.85 16.93 -28.86
N ARG C 407 8.62 18.08 -29.48
CA ARG C 407 7.43 18.87 -29.20
C ARG C 407 6.17 18.12 -29.63
N ALA C 408 6.24 17.47 -30.79
CA ALA C 408 5.15 16.62 -31.26
C ALA C 408 4.88 15.42 -30.33
N LEU C 409 5.72 15.24 -29.31
CA LEU C 409 5.54 14.14 -28.37
C LEU C 409 5.13 14.70 -27.03
N GLY C 410 4.96 16.01 -26.98
CA GLY C 410 4.49 16.65 -25.75
C GLY C 410 5.51 17.50 -25.03
N ALA C 411 6.71 17.61 -25.60
CA ALA C 411 7.80 18.32 -24.93
C ALA C 411 7.60 19.83 -24.91
N ASN C 412 7.96 20.45 -23.79
CA ASN C 412 7.98 21.91 -23.71
C ASN C 412 9.40 22.42 -23.95
N ILE C 413 9.68 22.78 -25.19
CA ILE C 413 11.04 23.05 -25.61
C ILE C 413 11.10 24.24 -26.57
N GLU C 414 12.10 25.10 -26.38
CA GLU C 414 12.24 26.28 -27.22
C GLU C 414 13.69 26.56 -27.59
N ARG C 415 13.90 26.99 -28.83
CA ARG C 415 15.22 27.32 -29.31
C ARG C 415 15.43 28.83 -29.21
N VAL C 416 16.33 29.29 -28.33
CA VAL C 416 16.61 30.73 -28.20
C VAL C 416 18.01 31.14 -28.69
N LYS C 417 18.20 32.44 -28.94
CA LYS C 417 19.44 32.94 -29.55
C LYS C 417 20.28 33.81 -28.61
N GLY C 418 20.36 33.43 -27.34
CA GLY C 418 21.10 34.18 -26.36
C GLY C 418 22.51 34.56 -26.78
N MET D 1 40.72 35.38 -31.97
CA MET D 1 41.41 34.11 -31.88
C MET D 1 42.88 34.26 -32.17
N ASP D 2 43.64 34.51 -31.12
CA ASP D 2 45.10 34.65 -31.17
C ASP D 2 45.79 33.34 -31.56
N LYS D 3 46.89 33.41 -32.29
CA LYS D 3 47.62 32.23 -32.73
C LYS D 3 49.07 32.49 -32.50
N PHE D 4 49.88 31.44 -32.38
CA PHE D 4 51.33 31.58 -32.46
C PHE D 4 51.76 31.08 -33.82
N ARG D 5 52.56 31.88 -34.52
CA ARG D 5 53.27 31.41 -35.71
C ARG D 5 54.68 31.15 -35.28
N VAL D 6 55.20 29.96 -35.57
CA VAL D 6 56.52 29.59 -35.13
C VAL D 6 57.36 29.10 -36.30
N GLN D 7 58.63 29.50 -36.31
CA GLN D 7 59.58 29.19 -37.37
C GLN D 7 60.76 28.39 -36.83
N GLY D 8 61.01 27.22 -37.40
CA GLY D 8 62.12 26.39 -36.96
C GLY D 8 62.83 25.71 -38.11
N PRO D 9 63.86 24.93 -37.81
CA PRO D 9 64.33 24.60 -36.46
C PRO D 9 65.15 25.71 -35.83
N THR D 10 65.20 25.72 -34.51
CA THR D 10 65.86 26.77 -33.76
C THR D 10 66.38 26.15 -32.47
N LYS D 11 67.60 26.47 -32.08
CA LYS D 11 68.19 25.88 -30.89
C LYS D 11 68.01 26.79 -29.69
N LEU D 12 67.29 26.33 -28.69
CA LEU D 12 66.94 27.17 -27.55
C LEU D 12 68.03 27.15 -26.51
N GLN D 13 68.64 28.30 -26.25
CA GLN D 13 69.71 28.42 -25.28
C GLN D 13 69.80 29.81 -24.67
N GLY D 14 70.39 29.91 -23.49
CA GLY D 14 70.46 31.15 -22.78
C GLY D 14 69.96 30.99 -21.36
N GLU D 15 69.24 31.98 -20.86
CA GLU D 15 68.62 31.84 -19.55
C GLU D 15 67.20 32.37 -19.47
N VAL D 16 66.50 32.00 -18.41
CA VAL D 16 65.11 32.40 -18.20
C VAL D 16 64.84 32.59 -16.72
N THR D 17 64.00 33.57 -16.39
CA THR D 17 63.60 33.78 -15.00
C THR D 17 62.24 33.17 -14.76
N ILE D 18 62.16 32.28 -13.78
CA ILE D 18 60.93 31.59 -13.43
C ILE D 18 59.93 32.48 -12.69
N SER D 19 58.69 32.52 -13.18
CA SER D 19 57.60 33.23 -12.52
C SER D 19 57.07 32.47 -11.32
N GLY D 20 56.23 33.14 -10.54
CA GLY D 20 55.58 32.52 -9.39
C GLY D 20 54.66 31.40 -9.80
N ALA D 21 54.51 30.40 -8.94
CA ALA D 21 53.65 29.23 -9.22
C ALA D 21 52.19 29.61 -9.37
N LYS D 22 51.65 29.38 -10.56
CA LYS D 22 50.25 29.62 -10.86
C LYS D 22 49.35 28.88 -9.85
N ASN D 23 49.73 27.64 -9.57
CA ASN D 23 48.92 26.80 -8.72
C ASN D 23 49.19 26.98 -7.23
N ALA D 24 50.03 27.95 -6.88
CA ALA D 24 50.16 28.40 -5.50
C ALA D 24 49.38 29.69 -5.35
N ALA D 25 49.56 30.56 -6.34
CA ALA D 25 48.82 31.81 -6.36
C ALA D 25 47.32 31.58 -6.21
N LEU D 26 46.78 30.63 -6.98
CA LEU D 26 45.33 30.40 -7.01
C LEU D 26 44.73 30.02 -5.66
N PRO D 27 45.29 29.00 -4.98
CA PRO D 27 44.72 28.61 -3.70
C PRO D 27 44.91 29.72 -2.65
N ILE D 28 46.03 30.44 -2.74
CA ILE D 28 46.30 31.49 -1.78
C ILE D 28 45.31 32.64 -1.93
N LEU D 29 45.07 33.06 -3.17
CA LEU D 29 44.05 34.08 -3.44
C LEU D 29 42.67 33.75 -2.84
N PHE D 30 42.31 32.47 -2.86
CA PHE D 30 41.02 32.04 -2.33
C PHE D 30 41.07 31.91 -0.80
N ALA D 31 42.23 31.61 -0.27
CA ALA D 31 42.39 31.52 1.17
C ALA D 31 42.32 32.91 1.77
N ALA D 32 42.54 33.92 0.95
CA ALA D 32 42.50 35.31 1.43
C ALA D 32 41.11 35.69 1.88
N LEU D 33 40.09 34.98 1.39
CA LEU D 33 38.72 35.19 1.82
C LEU D 33 38.56 35.01 3.33
N LEU D 34 39.49 34.29 3.94
CA LEU D 34 39.49 34.09 5.39
C LEU D 34 39.99 35.32 6.16
N ALA D 35 40.79 36.13 5.51
CA ALA D 35 41.51 37.20 6.19
C ALA D 35 40.61 38.40 6.54
N GLU D 36 40.80 38.93 7.75
CA GLU D 36 40.02 40.07 8.22
C GLU D 36 40.82 41.38 8.21
N GLU D 37 42.10 41.30 7.87
CA GLU D 37 42.90 42.47 7.57
C GLU D 37 43.43 42.33 6.14
N PRO D 38 43.81 43.46 5.53
CA PRO D 38 44.34 43.44 4.16
C PRO D 38 45.55 42.52 4.00
N VAL D 39 45.73 42.02 2.79
CA VAL D 39 46.83 41.12 2.53
C VAL D 39 47.49 41.44 1.17
N GLU D 40 48.77 41.17 1.05
CA GLU D 40 49.49 41.37 -0.19
C GLU D 40 50.25 40.11 -0.57
N ILE D 41 49.95 39.59 -1.75
CA ILE D 41 50.62 38.41 -2.28
C ILE D 41 51.63 38.80 -3.35
N GLN D 42 52.88 38.43 -3.11
CA GLN D 42 53.97 38.86 -3.99
C GLN D 42 54.38 37.78 -4.98
N ASN D 43 54.99 38.20 -6.09
CA ASN D 43 55.52 37.29 -7.09
C ASN D 43 54.42 36.47 -7.76
N VAL D 44 53.31 37.14 -8.08
CA VAL D 44 52.20 36.47 -8.71
C VAL D 44 52.33 36.57 -10.22
N PRO D 45 52.23 35.43 -10.92
CA PRO D 45 52.33 35.45 -12.37
C PRO D 45 51.16 36.19 -13.02
N LYS D 46 51.40 36.85 -14.13
CA LYS D 46 50.33 37.53 -14.84
C LYS D 46 49.74 36.53 -15.84
N LEU D 47 48.71 35.83 -15.38
CA LEU D 47 48.06 34.73 -16.08
C LEU D 47 46.57 34.99 -16.07
N LYS D 48 45.87 34.41 -17.03
CA LYS D 48 44.44 34.52 -17.15
C LYS D 48 43.74 33.93 -15.97
N ASP D 49 44.30 32.88 -15.44
CA ASP D 49 43.72 32.24 -14.26
C ASP D 49 43.73 33.13 -13.00
N VAL D 50 44.75 33.96 -12.84
CA VAL D 50 44.78 34.95 -11.78
C VAL D 50 43.73 36.04 -12.02
N ASP D 51 43.61 36.50 -13.25
CA ASP D 51 42.55 37.45 -13.56
C ASP D 51 41.17 36.94 -13.14
N THR D 52 40.84 35.73 -13.57
CA THR D 52 39.55 35.13 -13.29
C THR D 52 39.32 35.02 -11.79
N SER D 53 40.38 34.70 -11.05
CA SER D 53 40.28 34.60 -9.60
C SER D 53 39.94 35.95 -9.00
N MET D 54 40.66 36.98 -9.44
CA MET D 54 40.44 38.35 -8.98
C MET D 54 39.00 38.79 -9.28
N LYS D 55 38.57 38.53 -10.51
CA LYS D 55 37.20 38.82 -10.92
C LYS D 55 36.20 38.18 -9.96
N LEU D 56 36.48 36.96 -9.52
CA LEU D 56 35.55 36.29 -8.63
C LEU D 56 35.62 36.91 -7.23
N LEU D 57 36.82 37.08 -6.70
CA LEU D 57 37.00 37.73 -5.41
C LEU D 57 36.25 39.05 -5.32
N SER D 58 36.50 39.92 -6.28
CA SER D 58 35.84 41.22 -6.37
C SER D 58 34.32 41.08 -6.36
N GLN D 59 33.82 40.14 -7.15
CA GLN D 59 32.40 39.88 -7.25
C GLN D 59 31.80 39.48 -5.90
N LEU D 60 32.59 38.82 -5.07
CA LEU D 60 32.18 38.44 -3.72
C LEU D 60 32.19 39.61 -2.74
N GLY D 61 32.79 40.73 -3.14
CA GLY D 61 32.84 41.91 -2.32
C GLY D 61 34.21 42.27 -1.78
N ALA D 62 35.25 41.55 -2.19
CA ALA D 62 36.61 41.90 -1.78
C ALA D 62 37.15 43.06 -2.62
N LYS D 63 38.07 43.81 -2.05
CA LYS D 63 38.79 44.86 -2.76
C LYS D 63 40.11 44.32 -3.32
N VAL D 64 40.23 44.32 -4.65
CA VAL D 64 41.36 43.68 -5.28
C VAL D 64 42.03 44.59 -6.30
N GLU D 65 43.36 44.56 -6.30
CA GLU D 65 44.11 45.19 -7.35
C GLU D 65 45.47 44.56 -7.52
N ARG D 66 46.04 44.75 -8.69
CA ARG D 66 47.34 44.19 -9.01
C ARG D 66 48.13 44.97 -10.05
N ASP D 67 49.37 45.15 -9.74
CA ASP D 67 50.51 45.13 -10.60
C ASP D 67 50.31 44.73 -12.00
N GLY D 68 53.12 43.53 -9.70
CA GLY D 68 53.96 42.43 -9.33
C GLY D 68 53.20 41.63 -8.32
N SER D 69 52.41 42.32 -7.52
CA SER D 69 51.70 41.71 -6.42
C SER D 69 50.23 41.86 -6.59
N VAL D 70 49.48 41.21 -5.73
CA VAL D 70 48.06 41.37 -5.70
C VAL D 70 47.69 41.82 -4.31
N HIS D 71 46.85 42.84 -4.23
CA HIS D 71 46.38 43.34 -2.96
C HIS D 71 44.94 42.96 -2.78
N ILE D 72 44.63 42.28 -1.68
CA ILE D 72 43.28 41.84 -1.39
C ILE D 72 42.81 42.35 -0.04
N ASP D 73 41.66 43.00 -0.04
CA ASP D 73 40.99 43.45 1.18
C ASP D 73 39.66 42.75 1.27
N ALA D 74 39.58 41.76 2.15
CA ALA D 74 38.42 40.88 2.22
C ALA D 74 37.51 41.17 3.42
N ARG D 75 37.60 42.37 3.96
CA ARG D 75 36.78 42.72 5.12
C ARG D 75 35.30 42.84 4.78
N ASP D 76 35.02 43.44 3.63
CA ASP D 76 33.65 43.75 3.28
C ASP D 76 33.02 42.71 2.37
N VAL D 77 33.49 41.47 2.43
CA VAL D 77 32.85 40.41 1.65
C VAL D 77 31.42 40.23 2.13
N ASN D 78 30.48 40.28 1.19
CA ASN D 78 29.06 40.32 1.54
C ASN D 78 28.15 39.54 0.60
N VAL D 79 28.73 38.96 -0.44
CA VAL D 79 28.01 38.00 -1.27
C VAL D 79 28.78 36.68 -1.25
N PHE D 80 28.05 35.57 -1.32
CA PHE D 80 28.64 34.27 -0.99
C PHE D 80 28.43 33.22 -2.06
N CYS D 81 28.35 33.64 -3.31
CA CYS D 81 28.09 32.71 -4.40
C CYS D 81 29.08 32.84 -5.56
N ALA D 82 29.64 31.71 -5.99
CA ALA D 82 30.43 31.67 -7.22
C ALA D 82 29.51 31.16 -8.31
N PRO D 83 29.06 32.06 -9.18
CA PRO D 83 28.03 31.78 -10.19
C PRO D 83 28.52 30.91 -11.35
N TYR D 84 27.58 30.24 -12.00
CA TYR D 84 27.84 29.38 -13.13
C TYR D 84 28.68 30.01 -14.18
N ASP D 85 28.30 31.18 -14.65
CA ASP D 85 29.02 31.81 -15.71
C ASP D 85 30.49 31.95 -15.43
N LEU D 86 30.87 31.80 -14.18
CA LEU D 86 32.25 31.99 -13.83
C LEU D 86 32.98 30.71 -13.53
N VAL D 87 32.28 29.75 -12.95
CA VAL D 87 32.88 28.49 -12.61
C VAL D 87 33.12 27.67 -13.86
N LYS D 88 32.42 27.96 -14.91
CA LYS D 88 32.56 27.15 -16.09
C LYS D 88 33.84 27.44 -16.84
N THR D 89 34.33 28.65 -16.66
CA THR D 89 35.56 29.07 -17.27
C THR D 89 36.77 28.62 -16.48
N MET D 90 36.61 28.29 -15.21
CA MET D 90 37.74 27.87 -14.37
C MET D 90 37.27 27.08 -13.13
N ARG D 91 37.32 25.74 -13.22
CA ARG D 91 36.79 24.90 -12.15
C ARG D 91 37.49 25.03 -10.80
N ALA D 92 38.63 25.71 -10.75
CA ALA D 92 39.30 25.96 -9.48
C ALA D 92 38.49 26.94 -8.60
N SER D 93 37.58 27.68 -9.21
CA SER D 93 36.65 28.54 -8.48
C SER D 93 36.04 27.82 -7.28
N ILE D 94 35.94 26.49 -7.40
CA ILE D 94 35.30 25.67 -6.40
C ILE D 94 35.96 25.94 -5.05
N TRP D 95 37.19 26.45 -5.10
CA TRP D 95 37.96 26.71 -3.86
C TRP D 95 37.33 27.82 -3.01
N ALA D 96 36.36 28.53 -3.56
CA ALA D 96 35.71 29.58 -2.80
C ALA D 96 34.86 28.99 -1.69
N LEU D 97 34.26 27.83 -1.96
CA LEU D 97 33.33 27.20 -1.04
C LEU D 97 33.84 27.11 0.41
N GLY D 98 35.00 26.47 0.58
CA GLY D 98 35.57 26.27 1.90
C GLY D 98 35.65 27.52 2.77
N PRO D 99 36.41 28.52 2.31
CA PRO D 99 36.59 29.73 3.13
C PRO D 99 35.26 30.41 3.43
N LEU D 100 34.38 30.49 2.43
CA LEU D 100 33.08 31.11 2.65
C LEU D 100 32.30 30.47 3.80
N VAL D 101 32.22 29.14 3.81
CA VAL D 101 31.48 28.45 4.86
C VAL D 101 32.17 28.56 6.22
N ALA D 102 33.49 28.53 6.21
CA ALA D 102 34.26 28.61 7.45
C ALA D 102 34.07 29.96 8.14
N ARG D 103 34.04 31.03 7.36
CA ARG D 103 34.01 32.38 7.92
C ARG D 103 32.61 32.98 8.08
N PHE D 104 31.75 32.78 7.09
CA PHE D 104 30.42 33.38 7.11
C PHE D 104 29.28 32.39 7.35
N GLY D 105 29.61 31.11 7.53
CA GLY D 105 28.61 30.07 7.75
C GLY D 105 27.78 29.64 6.56
N GLN D 106 28.00 30.23 5.40
CA GLN D 106 27.28 29.86 4.19
C GLN D 106 28.16 30.00 2.95
N GLY D 107 27.77 29.34 1.88
CA GLY D 107 28.50 29.40 0.63
C GLY D 107 27.78 28.63 -0.44
N GLN D 108 27.67 29.24 -1.62
CA GLN D 108 27.08 28.61 -2.79
C GLN D 108 28.07 28.62 -3.96
N VAL D 109 28.54 27.46 -4.37
CA VAL D 109 29.38 27.34 -5.57
C VAL D 109 28.78 26.40 -6.61
N SER D 110 28.82 26.81 -7.87
CA SER D 110 28.29 26.01 -8.96
C SER D 110 29.09 24.72 -9.06
N LEU D 111 28.41 23.58 -9.21
CA LEU D 111 29.06 22.29 -9.37
C LEU D 111 29.71 22.17 -10.76
N PRO D 112 31.03 21.97 -10.81
CA PRO D 112 31.73 21.92 -12.10
C PRO D 112 31.25 20.79 -13.01
N GLY D 113 31.04 21.06 -14.28
CA GLY D 113 30.69 20.05 -15.25
C GLY D 113 31.84 19.28 -15.83
N GLY D 114 31.77 19.02 -17.11
CA GLY D 114 32.71 18.19 -17.80
C GLY D 114 33.97 18.88 -18.21
N CYS D 115 35.03 18.12 -18.25
CA CYS D 115 36.33 18.63 -18.62
C CYS D 115 36.92 17.71 -19.63
N THR D 116 37.70 18.25 -20.53
CA THR D 116 38.24 17.51 -21.63
C THR D 116 39.30 16.48 -21.25
N ILE D 117 40.02 16.68 -20.17
CA ILE D 117 41.11 15.78 -19.82
C ILE D 117 40.70 14.52 -19.06
N GLY D 118 39.43 14.46 -18.65
CA GLY D 118 38.89 13.27 -17.98
C GLY D 118 37.92 13.54 -16.84
N ALA D 119 37.58 12.50 -16.10
CA ALA D 119 36.63 12.63 -15.00
C ALA D 119 37.21 13.45 -13.87
N ARG D 120 36.47 14.48 -13.43
CA ARG D 120 36.97 15.35 -12.38
C ARG D 120 35.94 15.71 -11.31
N PRO D 121 35.39 14.69 -10.64
CA PRO D 121 34.39 14.88 -9.59
C PRO D 121 34.98 15.57 -8.36
N VAL D 122 34.14 16.20 -7.55
CA VAL D 122 34.60 16.93 -6.38
C VAL D 122 33.99 16.37 -5.10
N ASP D 123 33.66 15.09 -5.12
CA ASP D 123 33.06 14.38 -3.98
C ASP D 123 33.87 14.49 -2.69
N LEU D 124 35.19 14.46 -2.83
CA LEU D 124 36.09 14.61 -1.67
C LEU D 124 36.02 16.00 -1.02
N HIS D 125 35.79 17.04 -1.82
CA HIS D 125 35.61 18.38 -1.27
C HIS D 125 34.35 18.40 -0.43
N ILE D 126 33.26 17.98 -1.02
CA ILE D 126 31.98 17.96 -0.33
C ILE D 126 32.03 17.12 0.94
N SER D 127 32.52 15.90 0.81
CA SER D 127 32.59 14.98 1.94
C SER D 127 33.43 15.55 3.08
N GLY D 128 34.55 16.16 2.73
CA GLY D 128 35.42 16.74 3.73
C GLY D 128 34.72 17.81 4.55
N LEU D 129 33.95 18.65 3.88
CA LEU D 129 33.21 19.74 4.52
C LEU D 129 32.06 19.23 5.40
N GLU D 130 31.37 18.20 4.93
CA GLU D 130 30.32 17.58 5.72
C GLU D 130 30.92 17.00 6.99
N GLN D 131 32.11 16.42 6.86
CA GLN D 131 32.77 15.78 7.97
C GLN D 131 33.20 16.85 8.99
N LEU D 132 33.34 18.08 8.53
CA LEU D 132 33.67 19.20 9.40
C LEU D 132 32.42 19.88 9.96
N GLY D 133 31.26 19.26 9.74
CA GLY D 133 30.02 19.73 10.33
C GLY D 133 29.11 20.55 9.42
N ALA D 134 29.53 20.76 8.18
CA ALA D 134 28.70 21.50 7.23
C ALA D 134 27.52 20.67 6.74
N THR D 135 26.43 21.35 6.42
CA THR D 135 25.31 20.71 5.76
C THR D 135 25.36 21.11 4.28
N ILE D 136 25.31 20.12 3.38
CA ILE D 136 25.45 20.41 1.96
C ILE D 136 24.32 19.85 1.11
N LYS D 137 23.72 20.70 0.30
CA LYS D 137 22.70 20.28 -0.65
C LYS D 137 22.94 20.87 -2.04
N LEU D 138 22.36 20.21 -3.04
CA LEU D 138 22.53 20.60 -4.41
C LEU D 138 21.22 21.07 -4.99
N GLU D 139 21.09 22.36 -5.29
CA GLU D 139 19.91 22.84 -6.02
C GLU D 139 20.25 23.81 -7.14
N GLU D 140 19.59 23.65 -8.28
CA GLU D 140 19.84 24.48 -9.46
C GLU D 140 21.30 24.42 -9.92
N GLY D 141 21.96 23.29 -9.66
CA GLY D 141 23.33 23.10 -10.05
C GLY D 141 24.34 23.72 -9.08
N TYR D 142 23.85 24.27 -7.98
CA TYR D 142 24.75 24.87 -7.00
C TYR D 142 24.91 23.96 -5.80
N VAL D 143 26.15 23.75 -5.37
CA VAL D 143 26.41 23.11 -4.09
C VAL D 143 26.30 24.19 -3.02
N LYS D 144 25.28 24.05 -2.18
CA LYS D 144 24.96 25.05 -1.17
C LYS D 144 25.32 24.51 0.20
N ALA D 145 26.23 25.18 0.87
CA ALA D 145 26.76 24.71 2.14
C ALA D 145 26.40 25.69 3.24
N SER D 146 26.20 25.18 4.44
CA SER D 146 25.79 26.01 5.55
C SER D 146 26.14 25.35 6.87
N VAL D 147 26.40 26.16 7.88
CA VAL D 147 26.68 25.67 9.21
C VAL D 147 26.18 26.65 10.26
N ASP D 148 25.47 26.13 11.26
CA ASP D 148 25.00 26.93 12.39
C ASP D 148 26.19 27.17 13.32
N GLY D 149 26.74 28.38 13.27
CA GLY D 149 27.93 28.70 14.04
C GLY D 149 29.17 28.40 13.21
N ARG D 150 30.16 27.75 13.82
CA ARG D 150 31.36 27.39 13.08
C ARG D 150 31.57 25.91 12.98
N LEU D 151 32.48 25.53 12.08
CA LEU D 151 32.82 24.13 11.84
C LEU D 151 33.56 23.57 13.03
N LYS D 152 33.61 22.24 13.10
CA LYS D 152 34.26 21.53 14.18
C LYS D 152 35.38 20.65 13.63
N GLY D 153 36.57 20.78 14.20
CA GLY D 153 37.68 19.90 13.90
C GLY D 153 37.27 18.44 13.91
N ALA D 154 37.87 17.67 13.00
CA ALA D 154 37.58 16.25 12.87
C ALA D 154 38.79 15.48 12.34
N HIS D 155 38.75 14.17 12.52
CA HIS D 155 39.77 13.30 11.97
C HIS D 155 39.29 12.79 10.62
N ILE D 156 39.91 13.30 9.55
CA ILE D 156 39.43 13.01 8.21
C ILE D 156 40.45 12.19 7.42
N VAL D 157 40.04 11.00 7.01
CA VAL D 157 40.91 10.13 6.26
C VAL D 157 40.50 10.16 4.79
N MET D 158 41.40 10.61 3.93
CA MET D 158 41.04 10.83 2.54
C MET D 158 41.08 9.55 1.70
N ASP D 159 39.99 9.29 1.00
CA ASP D 159 39.83 8.08 0.22
C ASP D 159 40.91 7.95 -0.82
N LYS D 160 41.17 9.04 -1.52
CA LYS D 160 42.29 9.07 -2.45
C LYS D 160 43.02 10.38 -2.36
N VAL D 161 44.18 10.44 -3.00
CA VAL D 161 45.01 11.63 -2.93
C VAL D 161 44.48 12.72 -3.85
N SER D 162 44.21 13.88 -3.29
CA SER D 162 43.68 14.99 -4.07
C SER D 162 44.26 16.33 -3.64
N VAL D 163 44.86 17.06 -4.58
CA VAL D 163 45.34 18.39 -4.26
C VAL D 163 44.20 19.33 -3.87
N GLY D 164 43.13 19.31 -4.67
CA GLY D 164 42.04 20.24 -4.46
C GLY D 164 41.35 20.11 -3.12
N ALA D 165 40.96 18.88 -2.78
CA ALA D 165 40.23 18.62 -1.54
C ALA D 165 41.11 18.83 -0.29
N THR D 166 42.38 18.43 -0.39
CA THR D 166 43.31 18.70 0.68
C THR D 166 43.32 20.19 0.99
N VAL D 167 43.36 21.01 -0.05
CA VAL D 167 43.38 22.45 0.13
C VAL D 167 42.05 22.93 0.73
N THR D 168 40.93 22.46 0.16
CA THR D 168 39.61 22.83 0.66
C THR D 168 39.44 22.58 2.15
N ILE D 169 39.75 21.36 2.58
CA ILE D 169 39.64 21.01 3.99
C ILE D 169 40.60 21.78 4.88
N MET D 170 41.88 21.83 4.47
CA MET D 170 42.89 22.51 5.26
C MET D 170 42.49 23.95 5.55
N CYS D 171 42.01 24.64 4.53
CA CYS D 171 41.64 26.04 4.70
C CYS D 171 40.42 26.22 5.60
N ALA D 172 39.40 25.39 5.38
CA ALA D 172 38.16 25.49 6.16
C ALA D 172 38.44 25.21 7.63
N ALA D 173 39.36 24.28 7.90
CA ALA D 173 39.66 23.89 9.27
C ALA D 173 40.30 25.00 10.12
N THR D 174 41.00 25.94 9.48
CA THR D 174 41.72 26.99 10.22
C THR D 174 40.79 27.86 11.06
N LEU D 175 39.49 27.83 10.78
CA LEU D 175 38.53 28.59 11.56
C LEU D 175 37.51 27.72 12.27
N ALA D 176 37.86 26.45 12.50
CA ALA D 176 36.95 25.53 13.16
C ALA D 176 37.22 25.45 14.66
N GLU D 177 36.30 24.81 15.37
CA GLU D 177 36.48 24.55 16.78
C GLU D 177 37.33 23.29 17.01
N GLY D 178 38.53 23.47 17.50
CA GLY D 178 39.36 22.33 17.86
C GLY D 178 40.32 21.91 16.76
N THR D 179 40.72 20.63 16.81
CA THR D 179 41.77 20.13 15.93
C THR D 179 41.26 19.23 14.81
N THR D 180 41.67 19.55 13.59
CA THR D 180 41.41 18.70 12.45
C THR D 180 42.68 17.95 12.07
N ILE D 181 42.53 16.67 11.72
CA ILE D 181 43.64 15.89 11.21
C ILE D 181 43.29 15.26 9.86
N ILE D 182 44.07 15.61 8.83
CA ILE D 182 43.89 15.11 7.47
C ILE D 182 44.86 14.01 7.20
N GLU D 183 44.34 12.79 7.00
CA GLU D 183 45.17 11.63 6.70
C GLU D 183 45.17 11.37 5.21
N ASN D 184 46.33 10.96 4.69
CA ASN D 184 46.51 10.68 3.26
C ASN D 184 46.41 11.96 2.45
N ALA D 185 46.90 13.04 3.03
CA ALA D 185 46.89 14.34 2.35
C ALA D 185 47.85 14.38 1.17
N ALA D 186 47.56 15.27 0.24
CA ALA D 186 48.45 15.54 -0.89
C ALA D 186 49.68 16.31 -0.43
N ARG D 187 50.84 15.97 -0.97
CA ARG D 187 52.08 16.57 -0.55
C ARG D 187 52.64 17.64 -1.49
N GLU D 188 51.88 18.05 -2.50
CA GLU D 188 52.34 19.06 -3.49
C GLU D 188 52.93 20.31 -2.85
N PRO D 189 54.03 20.81 -3.42
CA PRO D 189 54.73 21.99 -2.90
C PRO D 189 53.78 23.16 -2.70
N GLU D 190 52.81 23.28 -3.61
CA GLU D 190 51.82 24.35 -3.55
C GLU D 190 50.91 24.25 -2.34
N ILE D 191 50.75 23.05 -1.80
CA ILE D 191 49.95 22.88 -0.60
C ILE D 191 50.73 23.40 0.59
N VAL D 192 52.05 23.20 0.52
CA VAL D 192 52.96 23.69 1.54
C VAL D 192 52.94 25.21 1.58
N ASP D 193 53.07 25.82 0.41
CA ASP D 193 53.06 27.27 0.28
C ASP D 193 51.75 27.85 0.81
N THR D 194 50.64 27.20 0.50
CA THR D 194 49.33 27.63 0.98
C THR D 194 49.23 27.55 2.49
N ALA D 195 49.77 26.47 3.06
CA ALA D 195 49.78 26.33 4.51
C ALA D 195 50.65 27.43 5.15
N ASN D 196 51.80 27.70 4.57
CA ASN D 196 52.69 28.74 5.10
C ASN D 196 52.11 30.16 5.02
N PHE D 197 51.30 30.42 3.99
CA PHE D 197 50.56 31.67 3.91
C PHE D 197 49.52 31.74 5.03
N LEU D 198 48.78 30.66 5.22
CA LEU D 198 47.77 30.59 6.27
C LEU D 198 48.38 30.85 7.66
N ILE D 199 49.51 30.22 7.93
CA ILE D 199 50.19 30.39 9.22
C ILE D 199 50.56 31.85 9.42
N THR D 200 50.98 32.48 8.34
CA THR D 200 51.37 33.88 8.36
C THR D 200 50.20 34.74 8.81
N LEU D 201 48.98 34.31 8.51
CA LEU D 201 47.80 35.09 8.89
C LEU D 201 47.39 34.82 10.34
N GLY D 202 48.08 33.85 10.95
CA GLY D 202 47.80 33.46 12.32
C GLY D 202 47.19 32.07 12.47
N ALA D 203 47.19 31.27 11.42
CA ALA D 203 46.63 29.92 11.51
C ALA D 203 47.63 29.00 12.18
N LYS D 204 47.17 27.87 12.68
CA LYS D 204 48.07 26.89 13.29
C LYS D 204 48.07 25.58 12.51
N ILE D 205 49.09 25.38 11.68
CA ILE D 205 49.15 24.21 10.80
C ILE D 205 50.49 23.51 10.93
N SER D 206 50.45 22.18 10.96
CA SER D 206 51.68 21.38 10.98
C SER D 206 51.54 20.15 10.11
N GLY D 207 52.66 19.71 9.54
CA GLY D 207 52.71 18.47 8.79
C GLY D 207 52.59 18.63 7.28
N GLN D 208 52.46 19.88 6.82
CA GLN D 208 52.33 20.18 5.38
C GLN D 208 53.52 19.63 4.60
N GLY D 209 53.25 18.95 3.49
CA GLY D 209 54.29 18.31 2.72
C GLY D 209 54.39 16.85 3.10
N THR D 210 53.68 16.47 4.17
CA THR D 210 53.64 15.07 4.54
C THR D 210 52.21 14.56 4.35
N ASP D 211 51.99 13.26 4.52
CA ASP D 211 50.67 12.69 4.37
C ASP D 211 49.70 13.06 5.51
N ARG D 212 50.22 13.67 6.57
CA ARG D 212 49.37 14.03 7.71
C ARG D 212 49.44 15.50 8.08
N ILE D 213 48.34 16.22 7.88
CA ILE D 213 48.25 17.63 8.22
C ILE D 213 47.37 17.89 9.47
N VAL D 214 47.93 18.63 10.42
CA VAL D 214 47.21 18.96 11.65
C VAL D 214 46.90 20.44 11.70
N ILE D 215 45.61 20.75 11.84
CA ILE D 215 45.14 22.13 11.94
C ILE D 215 44.48 22.39 13.29
N GLU D 216 44.98 23.39 14.00
CA GLU D 216 44.40 23.84 15.26
C GLU D 216 43.56 25.10 15.02
N GLY D 217 42.24 24.98 15.14
CA GLY D 217 41.38 26.11 14.88
C GLY D 217 41.68 27.35 15.72
N VAL D 218 41.62 28.51 15.08
CA VAL D 218 41.67 29.78 15.78
C VAL D 218 40.38 30.53 15.44
N GLU D 219 40.11 31.62 16.15
CA GLU D 219 38.80 32.25 16.01
C GLU D 219 38.76 33.30 14.92
N ARG D 220 39.91 33.81 14.53
CA ARG D 220 39.97 34.73 13.40
C ARG D 220 41.39 34.87 12.81
N LEU D 221 41.46 35.18 11.52
CA LEU D 221 42.71 35.34 10.82
C LEU D 221 42.90 36.78 10.36
N GLY D 222 44.14 37.24 10.39
CA GLY D 222 44.47 38.63 10.09
C GLY D 222 44.91 38.88 8.66
N GLY D 223 45.90 39.75 8.49
CA GLY D 223 46.44 40.07 7.18
C GLY D 223 47.94 39.84 7.15
N GLY D 224 48.61 40.39 6.14
CA GLY D 224 50.05 40.21 6.05
C GLY D 224 50.61 40.23 4.65
N VAL D 225 51.88 39.85 4.52
CA VAL D 225 52.54 39.82 3.23
C VAL D 225 53.23 38.47 3.00
N TYR D 226 53.03 37.91 1.81
CA TYR D 226 53.56 36.58 1.47
C TYR D 226 54.02 36.46 0.01
N ARG D 227 55.17 35.83 -0.18
CA ARG D 227 55.73 35.65 -1.51
C ARG D 227 55.55 34.19 -1.97
N VAL D 228 54.94 34.04 -3.14
CA VAL D 228 54.64 32.73 -3.72
C VAL D 228 55.90 32.07 -4.25
N LEU D 229 56.03 30.75 -4.05
CA LEU D 229 57.20 30.01 -4.50
C LEU D 229 57.27 29.93 -6.04
N PRO D 230 58.42 29.50 -6.56
CA PRO D 230 58.57 29.41 -8.03
C PRO D 230 57.73 28.29 -8.63
N ASP D 231 57.33 28.46 -9.89
CA ASP D 231 56.52 27.48 -10.61
C ASP D 231 57.37 26.34 -11.18
N ARG D 232 57.23 25.15 -10.59
CA ARG D 232 58.02 24.00 -11.01
C ARG D 232 57.66 23.53 -12.42
N ILE D 233 56.41 23.75 -12.82
CA ILE D 233 55.95 23.32 -14.13
C ILE D 233 56.52 24.19 -15.25
N GLU D 234 56.54 25.50 -15.03
CA GLU D 234 57.22 26.39 -15.97
C GLU D 234 58.70 26.03 -16.04
N THR D 235 59.31 25.79 -14.86
CA THR D 235 60.70 25.41 -14.81
C THR D 235 60.95 24.17 -15.66
N GLY D 236 60.11 23.15 -15.48
CA GLY D 236 60.27 21.91 -16.21
C GLY D 236 60.13 22.10 -17.71
N THR D 237 59.22 22.99 -18.07
CA THR D 237 58.88 23.20 -19.46
C THR D 237 60.08 23.78 -20.23
N PHE D 238 60.82 24.65 -19.56
CA PHE D 238 61.93 25.32 -20.20
C PHE D 238 63.16 24.42 -20.19
N LEU D 239 63.36 23.66 -19.11
CA LEU D 239 64.41 22.65 -19.10
C LEU D 239 64.22 21.67 -20.27
N VAL D 240 62.97 21.30 -20.52
CA VAL D 240 62.67 20.38 -21.61
C VAL D 240 62.91 21.07 -22.97
N ALA D 241 62.58 22.37 -23.04
CA ALA D 241 62.81 23.15 -24.24
C ALA D 241 64.25 23.07 -24.66
N ALA D 242 65.14 23.17 -23.70
CA ALA D 242 66.57 23.07 -23.97
C ALA D 242 66.95 21.66 -24.39
N ALA D 243 66.52 20.69 -23.60
CA ALA D 243 66.87 19.30 -23.83
C ALA D 243 66.48 18.76 -25.22
N ILE D 244 65.42 19.30 -25.82
CA ILE D 244 64.95 18.77 -27.10
C ILE D 244 65.59 19.49 -28.29
N SER D 245 66.08 20.69 -28.05
CA SER D 245 66.70 21.50 -29.09
C SER D 245 68.23 21.37 -29.06
N ARG D 246 68.72 20.42 -28.24
CA ARG D 246 70.14 20.18 -28.13
C ARG D 246 70.84 21.45 -27.65
N GLY D 247 70.18 22.17 -26.76
CA GLY D 247 70.70 23.45 -26.30
C GLY D 247 71.26 23.44 -24.89
N LYS D 248 71.29 24.61 -24.26
CA LYS D 248 71.75 24.75 -22.88
C LYS D 248 71.10 25.95 -22.22
N ILE D 249 70.76 25.83 -20.95
CA ILE D 249 69.92 26.82 -20.29
C ILE D 249 70.22 26.97 -18.79
N ILE D 250 70.03 28.18 -18.28
CA ILE D 250 69.99 28.40 -16.84
C ILE D 250 68.61 28.94 -16.47
N CYS D 251 68.02 28.36 -15.44
CA CYS D 251 66.75 28.86 -14.93
C CYS D 251 67.01 29.60 -13.63
N ARG D 252 66.58 30.85 -13.58
CA ARG D 252 66.80 31.71 -12.42
C ARG D 252 65.52 31.85 -11.60
N ASN D 253 65.67 32.06 -10.29
CA ASN D 253 64.53 32.10 -9.36
C ASN D 253 63.80 30.77 -9.34
N ALA D 254 64.56 29.69 -9.20
CA ALA D 254 64.01 28.35 -9.17
C ALA D 254 64.05 27.77 -7.76
N GLN D 255 63.34 26.66 -7.56
CA GLN D 255 63.44 25.94 -6.31
C GLN D 255 63.63 24.46 -6.58
N PRO D 256 64.89 24.02 -6.76
CA PRO D 256 65.25 22.66 -7.22
C PRO D 256 64.66 21.48 -6.40
N ASP D 257 64.50 21.61 -5.08
CA ASP D 257 64.00 20.49 -4.26
C ASP D 257 62.56 20.13 -4.66
N THR D 258 62.02 20.93 -5.55
CA THR D 258 60.66 20.85 -6.00
C THR D 258 60.54 19.95 -7.27
N LEU D 259 61.67 19.58 -7.85
CA LEU D 259 61.70 18.93 -9.17
C LEU D 259 62.50 17.61 -9.21
N ASP D 260 62.61 16.93 -8.08
CA ASP D 260 63.50 15.78 -8.03
C ASP D 260 63.22 14.82 -9.18
N ALA D 261 61.98 14.35 -9.28
CA ALA D 261 61.63 13.34 -10.29
C ALA D 261 61.92 13.82 -11.71
N VAL D 262 61.56 15.06 -12.01
CA VAL D 262 61.78 15.63 -13.33
C VAL D 262 63.26 15.70 -13.73
N LEU D 263 64.10 16.17 -12.80
CA LEU D 263 65.54 16.30 -13.04
C LEU D 263 66.18 14.94 -13.24
N ALA D 264 65.75 13.96 -12.45
CA ALA D 264 66.24 12.60 -12.58
C ALA D 264 65.92 12.03 -13.95
N LYS D 265 64.72 12.32 -14.43
CA LYS D 265 64.29 11.77 -15.70
C LYS D 265 65.09 12.41 -16.82
N LEU D 266 65.37 13.71 -16.68
CA LEU D 266 66.17 14.45 -17.65
C LEU D 266 67.59 13.89 -17.76
N ARG D 267 68.19 13.59 -16.62
CA ARG D 267 69.50 12.92 -16.64
C ARG D 267 69.43 11.61 -17.41
N ASP D 268 68.37 10.81 -17.17
CA ASP D 268 68.19 9.53 -17.89
C ASP D 268 68.08 9.77 -19.38
N ALA D 269 67.61 10.96 -19.76
CA ALA D 269 67.51 11.32 -21.15
C ALA D 269 68.88 11.80 -21.70
N GLY D 270 69.84 11.93 -20.79
CA GLY D 270 71.20 12.25 -21.18
C GLY D 270 71.64 13.68 -20.90
N ALA D 271 70.90 14.39 -20.06
CA ALA D 271 71.21 15.79 -19.83
C ALA D 271 72.26 15.92 -18.74
N ASP D 272 73.00 17.03 -18.79
CA ASP D 272 74.00 17.37 -17.79
C ASP D 272 73.42 18.48 -16.92
N ILE D 273 73.08 18.16 -15.67
CA ILE D 273 72.34 19.08 -14.83
C ILE D 273 73.07 19.46 -13.56
N GLU D 274 73.07 20.75 -13.25
CA GLU D 274 73.59 21.22 -11.97
C GLU D 274 72.59 22.14 -11.32
N VAL D 275 72.57 22.12 -10.00
CA VAL D 275 71.63 22.96 -9.27
C VAL D 275 72.34 23.87 -8.25
N GLY D 276 71.83 25.09 -8.11
CA GLY D 276 72.25 25.97 -7.05
C GLY D 276 71.15 26.03 -6.02
N GLU D 277 71.11 27.11 -5.24
CA GLU D 277 70.08 27.23 -4.23
C GLU D 277 68.82 27.84 -4.82
N ASP D 278 68.96 28.52 -5.95
CA ASP D 278 67.80 29.12 -6.62
C ASP D 278 67.99 29.16 -8.15
N TRP D 279 68.75 28.21 -8.67
CA TRP D 279 68.94 28.07 -10.11
C TRP D 279 69.13 26.62 -10.52
N ILE D 280 68.78 26.31 -11.76
CA ILE D 280 69.08 25.01 -12.33
C ILE D 280 69.72 25.24 -13.68
N SER D 281 70.73 24.42 -14.00
CA SER D 281 71.36 24.49 -15.32
C SER D 281 71.26 23.17 -15.99
N LEU D 282 71.15 23.19 -17.31
CA LEU D 282 71.05 21.98 -18.10
C LEU D 282 71.83 22.14 -19.40
N ASP D 283 72.68 21.17 -19.70
CA ASP D 283 73.46 21.18 -20.92
C ASP D 283 73.35 19.85 -21.67
N MET D 284 73.01 19.90 -22.95
CA MET D 284 72.91 18.68 -23.73
C MET D 284 74.23 18.35 -24.43
N HIS D 285 75.15 19.31 -24.43
CA HIS D 285 76.41 19.13 -25.14
C HIS D 285 76.18 18.66 -26.56
N GLY D 286 75.24 19.30 -27.23
CA GLY D 286 75.00 19.02 -28.65
C GLY D 286 74.34 17.69 -28.92
N LYS D 287 74.07 16.94 -27.86
CA LYS D 287 73.46 15.61 -28.02
C LYS D 287 71.94 15.60 -28.20
N ARG D 288 71.47 14.62 -28.95
CA ARG D 288 70.06 14.29 -29.02
C ARG D 288 69.69 13.46 -27.79
N PRO D 289 68.53 13.73 -27.18
CA PRO D 289 68.09 13.04 -25.96
C PRO D 289 67.82 11.54 -26.16
N LYS D 290 67.97 10.77 -25.09
CA LYS D 290 67.69 9.33 -25.12
C LYS D 290 66.30 9.06 -24.59
N ALA D 291 65.58 8.13 -25.22
CA ALA D 291 64.22 7.80 -24.80
C ALA D 291 64.15 7.42 -23.32
N VAL D 292 63.07 7.82 -22.66
CA VAL D 292 62.83 7.43 -21.27
C VAL D 292 61.42 6.85 -21.02
N ASN D 293 61.25 6.16 -19.90
CA ASN D 293 59.94 5.70 -19.47
C ASN D 293 59.44 6.45 -18.25
N VAL D 294 58.18 6.88 -18.29
CA VAL D 294 57.64 7.71 -17.24
C VAL D 294 56.28 7.22 -16.73
N ARG D 295 56.05 7.33 -15.43
CA ARG D 295 54.74 7.08 -14.85
C ARG D 295 54.32 8.25 -13.96
N THR D 296 53.27 8.96 -14.35
CA THR D 296 52.77 10.08 -13.56
C THR D 296 52.09 9.62 -12.27
N ALA D 297 52.17 10.44 -11.23
CA ALA D 297 51.54 10.15 -9.95
C ALA D 297 51.64 11.38 -9.09
N PRO D 298 50.95 11.39 -7.93
CA PRO D 298 51.02 12.54 -7.04
C PRO D 298 52.43 12.83 -6.57
N HIS D 299 52.72 14.09 -6.29
CA HIS D 299 54.00 14.50 -5.72
C HIS D 299 54.45 13.62 -4.52
N PRO D 300 55.76 13.33 -4.43
CA PRO D 300 56.84 13.90 -5.24
C PRO D 300 57.21 13.04 -6.45
N ALA D 301 56.30 12.21 -6.91
CA ALA D 301 56.52 11.45 -8.15
C ALA D 301 56.45 12.41 -9.34
N PHE D 302 56.67 11.88 -10.54
CA PHE D 302 56.59 12.68 -11.76
C PHE D 302 55.19 13.22 -12.00
N PRO D 303 55.07 14.54 -12.24
CA PRO D 303 53.79 15.27 -12.31
C PRO D 303 53.09 15.17 -13.65
N THR D 304 51.77 15.00 -13.61
CA THR D 304 50.97 14.94 -14.83
C THR D 304 51.12 16.24 -15.66
N ASP D 305 51.32 17.37 -14.97
CA ASP D 305 51.49 18.65 -15.65
C ASP D 305 52.77 18.73 -16.51
N MET D 306 53.64 17.72 -16.44
CA MET D 306 54.86 17.66 -17.23
C MET D 306 54.81 16.54 -18.26
N GLN D 307 53.70 15.81 -18.26
CA GLN D 307 53.58 14.61 -19.09
C GLN D 307 53.65 14.87 -20.59
N ALA D 308 53.00 15.93 -21.08
CA ALA D 308 52.95 16.18 -22.51
C ALA D 308 54.33 16.65 -23.00
N GLN D 309 55.00 17.44 -22.16
CA GLN D 309 56.34 17.89 -22.50
C GLN D 309 57.30 16.72 -22.63
N PHE D 310 57.21 15.76 -21.73
CA PHE D 310 58.09 14.60 -21.83
C PHE D 310 57.70 13.66 -22.97
N THR D 311 56.44 13.73 -23.39
CA THR D 311 55.99 12.95 -24.52
C THR D 311 56.69 13.50 -25.76
N LEU D 312 56.78 14.81 -25.86
CA LEU D 312 57.49 15.46 -26.98
C LEU D 312 58.96 15.06 -26.97
N LEU D 313 59.57 15.15 -25.80
CA LEU D 313 60.97 14.74 -25.70
C LEU D 313 61.16 13.36 -26.31
N ASN D 314 60.39 12.40 -25.82
CA ASN D 314 60.46 11.05 -26.35
C ASN D 314 60.25 10.99 -27.87
N LEU D 315 59.43 11.88 -28.41
CA LEU D 315 59.03 11.75 -29.80
C LEU D 315 60.15 12.20 -30.74
N VAL D 316 61.14 12.87 -30.17
CA VAL D 316 62.29 13.31 -30.94
C VAL D 316 63.56 12.74 -30.36
N ALA D 317 63.44 11.68 -29.55
CA ALA D 317 64.60 11.08 -28.89
C ALA D 317 65.12 9.86 -29.64
N GLU D 318 66.21 9.31 -29.13
CA GLU D 318 66.77 8.10 -29.67
C GLU D 318 66.14 6.90 -28.97
N GLY D 319 65.38 6.10 -29.73
CA GLY D 319 64.78 4.86 -29.24
C GLY D 319 63.29 4.88 -28.97
N THR D 320 62.83 3.94 -28.16
CA THR D 320 61.41 3.85 -27.83
C THR D 320 61.22 4.08 -26.34
N GLY D 321 60.25 4.92 -25.99
CA GLY D 321 59.92 5.17 -24.61
C GLY D 321 58.42 5.18 -24.41
N PHE D 322 57.96 4.83 -23.21
CA PHE D 322 56.55 4.93 -22.93
C PHE D 322 56.24 5.88 -21.77
N ILE D 323 55.03 6.42 -21.80
CA ILE D 323 54.57 7.30 -20.74
C ILE D 323 53.20 6.85 -20.25
N THR D 324 53.13 6.53 -18.96
CA THR D 324 51.88 6.07 -18.40
C THR D 324 51.30 7.11 -17.49
N GLU D 325 50.01 7.38 -17.67
CA GLU D 325 49.34 8.42 -16.93
C GLU D 325 48.41 7.76 -15.90
N THR D 326 48.64 8.01 -14.62
CA THR D 326 47.75 7.45 -13.58
C THR D 326 46.92 8.48 -12.84
N VAL D 327 47.08 9.75 -13.18
CA VAL D 327 46.30 10.82 -12.54
C VAL D 327 45.12 11.29 -13.40
N PHE D 328 45.38 11.61 -14.68
CA PHE D 328 44.32 11.96 -15.63
C PHE D 328 44.43 11.05 -16.84
N GLU D 329 43.67 9.95 -16.81
CA GLU D 329 43.89 8.85 -17.74
C GLU D 329 43.56 9.13 -19.22
N ASN D 330 42.88 10.24 -19.50
CA ASN D 330 42.56 10.63 -20.88
C ASN D 330 43.28 11.92 -21.32
N ARG D 331 44.42 12.21 -20.71
CA ARG D 331 45.11 13.47 -21.00
C ARG D 331 46.15 13.27 -22.12
N PHE D 332 45.67 13.06 -23.34
CA PHE D 332 46.56 12.72 -24.45
C PHE D 332 46.27 13.42 -25.75
N MET D 333 45.45 14.46 -25.71
CA MET D 333 45.11 15.21 -26.91
C MET D 333 46.32 15.80 -27.67
N HIS D 334 47.39 16.10 -26.95
CA HIS D 334 48.61 16.58 -27.60
C HIS D 334 49.20 15.57 -28.58
N VAL D 335 48.99 14.28 -28.31
CA VAL D 335 49.56 13.22 -29.12
C VAL D 335 49.15 13.30 -30.61
N PRO D 336 47.84 13.28 -30.90
CA PRO D 336 47.41 13.37 -32.30
C PRO D 336 47.92 14.63 -32.98
N GLU D 337 47.98 15.75 -32.25
CA GLU D 337 48.51 16.99 -32.81
C GLU D 337 49.98 16.82 -33.22
N LEU D 338 50.77 16.25 -32.33
CA LEU D 338 52.17 16.03 -32.62
C LEU D 338 52.31 15.08 -33.80
N SER D 339 51.31 14.23 -33.99
CA SER D 339 51.30 13.32 -35.11
C SER D 339 51.14 14.08 -36.43
N ARG D 340 50.45 15.21 -36.39
CA ARG D 340 50.31 16.02 -37.58
C ARG D 340 51.67 16.54 -38.00
N MET D 341 52.58 16.61 -37.04
CA MET D 341 53.90 17.15 -37.25
C MET D 341 54.93 16.07 -37.52
N GLY D 342 54.45 14.85 -37.72
CA GLY D 342 55.29 13.73 -38.08
C GLY D 342 55.80 12.86 -36.95
N ALA D 343 55.30 13.04 -35.75
CA ALA D 343 55.67 12.17 -34.63
C ALA D 343 55.09 10.77 -34.79
N HIS D 344 55.76 9.78 -34.22
CA HIS D 344 55.30 8.39 -34.29
C HIS D 344 54.91 7.84 -32.93
N ALA D 345 53.62 7.76 -32.64
CA ALA D 345 53.13 7.33 -31.34
C ALA D 345 51.85 6.49 -31.44
N GLU D 346 51.67 5.56 -30.50
CA GLU D 346 50.39 4.93 -30.35
C GLU D 346 49.97 5.04 -28.89
N ILE D 347 48.66 5.12 -28.69
CA ILE D 347 48.08 5.16 -27.36
C ILE D 347 47.38 3.84 -27.07
N GLU D 348 47.87 3.12 -26.07
CA GLU D 348 47.25 1.88 -25.60
C GLU D 348 46.68 2.13 -24.22
N SER D 349 45.36 2.24 -24.13
CA SER D 349 44.75 2.51 -22.85
C SER D 349 45.30 3.82 -22.29
N ASN D 350 45.99 3.78 -21.15
CA ASN D 350 46.50 5.01 -20.56
C ASN D 350 48.02 5.13 -20.66
N THR D 351 48.58 4.49 -21.66
CA THR D 351 49.99 4.61 -21.93
C THR D 351 50.22 5.09 -23.39
N VAL D 352 51.08 6.08 -23.57
CA VAL D 352 51.51 6.40 -24.93
C VAL D 352 52.87 5.76 -25.25
N ILE D 353 52.90 5.00 -26.33
CA ILE D 353 54.14 4.38 -26.79
C ILE D 353 54.81 5.20 -27.89
N CYS D 354 56.01 5.72 -27.59
CA CYS D 354 56.69 6.65 -28.49
C CYS D 354 57.86 6.03 -29.23
N HIS D 355 57.94 6.31 -30.54
CA HIS D 355 59.12 5.93 -31.32
C HIS D 355 59.77 7.17 -31.89
N GLY D 356 60.90 7.56 -31.30
CA GLY D 356 61.57 8.81 -31.63
C GLY D 356 62.01 8.97 -33.08
N VAL D 357 61.64 10.09 -33.68
CA VAL D 357 62.15 10.49 -34.98
C VAL D 357 63.18 11.59 -34.82
N GLU D 358 63.93 11.80 -35.89
CA GLU D 358 65.14 12.62 -35.97
C GLU D 358 64.70 14.09 -35.97
N LYS D 359 63.66 14.41 -36.75
CA LYS D 359 63.11 15.79 -36.79
C LYS D 359 61.63 15.90 -37.21
N LEU D 360 60.92 16.87 -36.64
CA LEU D 360 59.51 17.08 -36.93
C LEU D 360 59.27 18.10 -38.04
N SER D 361 58.06 18.12 -38.58
CA SER D 361 57.70 19.01 -39.67
C SER D 361 56.61 19.97 -39.22
N GLY D 362 56.74 21.25 -39.56
CA GLY D 362 55.74 22.25 -39.25
C GLY D 362 54.35 21.96 -39.81
N ALA D 363 53.32 22.34 -39.05
CA ALA D 363 51.93 22.14 -39.45
C ALA D 363 51.01 22.97 -38.58
N GLN D 364 49.74 23.08 -38.97
CA GLN D 364 48.74 23.72 -38.12
C GLN D 364 48.23 22.82 -37.01
N VAL D 365 48.35 23.27 -35.77
CA VAL D 365 47.91 22.45 -34.64
C VAL D 365 47.05 23.25 -33.68
N MET D 366 46.29 22.55 -32.84
CA MET D 366 45.29 23.19 -31.99
C MET D 366 45.53 22.92 -30.52
N ALA D 367 45.70 24.00 -29.76
CA ALA D 367 45.82 23.92 -28.30
C ALA D 367 44.47 23.65 -27.64
N THR D 368 44.47 22.89 -26.55
CA THR D 368 43.26 22.59 -25.80
C THR D 368 43.47 22.52 -24.31
N ASP D 369 44.71 22.46 -23.86
CA ASP D 369 45.04 22.21 -22.47
C ASP D 369 45.99 23.26 -21.86
N LEU D 370 45.46 23.97 -20.87
CA LEU D 370 46.21 24.96 -20.11
C LEU D 370 47.70 24.75 -19.83
N ARG D 371 48.11 23.51 -19.57
CA ARG D 371 49.55 23.26 -19.43
C ARG D 371 50.12 22.40 -20.54
N ALA D 372 49.40 21.34 -20.86
CA ALA D 372 49.87 20.35 -21.83
C ALA D 372 50.17 20.93 -23.23
N SER D 373 49.37 21.88 -23.70
CA SER D 373 49.53 22.42 -25.04
C SER D 373 50.78 23.25 -25.25
N ALA D 374 51.45 23.59 -24.17
CA ALA D 374 52.73 24.28 -24.28
C ALA D 374 53.68 23.45 -25.12
N SER D 375 53.43 22.14 -25.11
CA SER D 375 54.30 21.22 -25.83
C SER D 375 54.18 21.41 -27.34
N LEU D 376 53.03 21.91 -27.78
CA LEU D 376 52.84 22.22 -29.20
C LEU D 376 53.70 23.41 -29.62
N VAL D 377 53.80 24.39 -28.75
CA VAL D 377 54.65 25.54 -29.00
C VAL D 377 56.12 25.12 -29.05
N LEU D 378 56.52 24.33 -28.07
CA LEU D 378 57.86 23.76 -28.03
C LEU D 378 58.15 22.97 -29.30
N ALA D 379 57.18 22.18 -29.75
CA ALA D 379 57.36 21.38 -30.95
C ALA D 379 57.64 22.29 -32.16
N GLY D 380 56.87 23.38 -32.25
CA GLY D 380 57.07 24.39 -33.27
C GLY D 380 58.51 24.92 -33.35
N CYS D 381 59.12 25.16 -32.19
CA CYS D 381 60.46 25.71 -32.14
C CYS D 381 61.50 24.81 -32.78
N ILE D 382 61.29 23.50 -32.69
CA ILE D 382 62.30 22.56 -33.19
C ILE D 382 61.92 21.92 -34.50
N ALA D 383 60.68 22.10 -34.96
CA ALA D 383 60.24 21.45 -36.18
C ALA D 383 60.83 22.13 -37.42
N GLU D 384 60.85 21.46 -38.54
CA GLU D 384 61.36 22.09 -39.71
C GLU D 384 60.25 22.83 -40.37
N GLY D 385 60.41 24.14 -40.48
CA GLY D 385 59.51 25.03 -41.18
C GLY D 385 58.58 25.85 -40.29
N THR D 386 57.33 25.99 -40.74
CA THR D 386 56.37 26.84 -40.05
C THR D 386 55.24 26.09 -39.38
N THR D 387 55.07 26.35 -38.09
CA THR D 387 53.99 25.77 -37.31
C THR D 387 53.04 26.88 -36.89
N VAL D 388 51.74 26.66 -37.05
CA VAL D 388 50.76 27.58 -36.51
C VAL D 388 49.99 26.94 -35.35
N VAL D 389 50.12 27.49 -34.15
CA VAL D 389 49.38 26.96 -33.02
C VAL D 389 48.13 27.78 -32.75
N ASP D 390 47.00 27.20 -33.09
CA ASP D 390 45.70 27.84 -32.97
C ASP D 390 45.15 27.83 -31.54
N ARG D 391 44.37 28.81 -31.18
CA ARG D 391 43.67 28.72 -29.93
C ARG D 391 44.52 28.83 -28.68
N ILE D 392 45.48 29.74 -28.67
CA ILE D 392 46.45 29.82 -27.58
C ILE D 392 45.90 30.46 -26.30
N TYR D 393 44.67 30.93 -26.33
CA TYR D 393 44.09 31.47 -25.10
C TYR D 393 44.16 30.48 -23.95
N HIS D 394 44.14 29.18 -24.26
CA HIS D 394 44.41 28.14 -23.27
C HIS D 394 45.78 28.33 -22.64
N ILE D 395 46.80 28.50 -23.49
CA ILE D 395 48.15 28.67 -22.97
C ILE D 395 48.26 29.95 -22.12
N ASP D 396 47.50 30.99 -22.49
CA ASP D 396 47.51 32.23 -21.76
C ASP D 396 47.00 32.09 -20.32
N ARG D 397 46.19 31.08 -20.06
CA ARG D 397 45.76 30.78 -18.70
C ARG D 397 46.89 30.22 -17.83
N GLY D 398 47.87 29.60 -18.48
CA GLY D 398 48.82 28.76 -17.79
C GLY D 398 50.26 29.25 -17.71
N TYR D 399 50.67 30.08 -18.66
CA TYR D 399 52.04 30.60 -18.65
C TYR D 399 52.06 32.12 -18.79
N GLU D 400 52.92 32.78 -18.01
CA GLU D 400 53.10 34.23 -18.15
C GLU D 400 53.98 34.57 -19.37
N ARG D 401 53.35 35.05 -20.44
CA ARG D 401 54.08 35.57 -21.62
C ARG D 401 55.13 34.60 -22.15
N ILE D 402 54.68 33.43 -22.58
CA ILE D 402 55.60 32.38 -22.95
C ILE D 402 56.43 32.75 -24.20
N GLU D 403 55.86 33.54 -25.09
CA GLU D 403 56.57 33.92 -26.31
C GLU D 403 57.77 34.84 -26.05
N ASP D 404 57.68 35.66 -25.02
CA ASP D 404 58.78 36.53 -24.67
C ASP D 404 59.97 35.75 -24.15
N LYS D 405 59.71 34.81 -23.26
CA LYS D 405 60.76 33.97 -22.71
C LYS D 405 61.37 33.06 -23.77
N LEU D 406 60.54 32.52 -24.65
CA LEU D 406 61.05 31.65 -25.68
C LEU D 406 61.95 32.44 -26.66
N ARG D 407 61.51 33.65 -26.98
CA ARG D 407 62.23 34.47 -27.93
C ARG D 407 63.61 34.83 -27.37
N ALA D 408 63.66 35.07 -26.06
CA ALA D 408 64.91 35.38 -25.38
C ALA D 408 65.82 34.18 -25.32
N LEU D 409 65.32 33.04 -25.80
CA LEU D 409 66.14 31.84 -25.88
C LEU D 409 66.52 31.53 -27.34
N GLY D 410 66.06 32.36 -28.28
CA GLY D 410 66.41 32.18 -29.67
C GLY D 410 65.26 31.74 -30.55
N ALA D 411 64.07 31.62 -29.98
CA ALA D 411 62.91 31.17 -30.73
C ALA D 411 62.46 32.22 -31.76
N ASN D 412 62.03 31.75 -32.92
CA ASN D 412 61.35 32.59 -33.89
C ASN D 412 59.85 32.39 -33.74
N ILE D 413 59.22 33.27 -32.97
CA ILE D 413 57.82 33.13 -32.58
C ILE D 413 57.01 34.45 -32.60
N GLU D 414 55.80 34.42 -33.13
CA GLU D 414 55.01 35.63 -33.25
C GLU D 414 53.55 35.37 -32.86
N ARG D 415 52.95 36.31 -32.16
CA ARG D 415 51.55 36.25 -31.83
C ARG D 415 50.66 37.06 -32.81
N VAL D 416 49.84 36.39 -33.61
CA VAL D 416 49.04 37.09 -34.60
C VAL D 416 47.56 37.11 -34.24
N LYS D 417 46.78 38.01 -34.83
CA LYS D 417 45.36 38.06 -34.51
C LYS D 417 44.36 37.67 -35.63
N GLY D 418 44.65 36.54 -36.33
CA GLY D 418 43.84 36.03 -37.43
C GLY D 418 42.37 35.87 -37.08
N MET E 1 -24.83 -0.67 15.14
CA MET E 1 -23.69 0.22 15.34
C MET E 1 -23.19 0.83 14.03
N ASP E 2 -23.83 1.93 13.63
CA ASP E 2 -23.41 2.66 12.45
C ASP E 2 -21.98 3.18 12.60
N LYS E 3 -21.31 3.40 11.48
CA LYS E 3 -19.97 3.93 11.45
C LYS E 3 -19.85 4.87 10.29
N PHE E 4 -18.84 5.72 10.31
CA PHE E 4 -18.48 6.51 9.14
C PHE E 4 -17.16 5.99 8.59
N ARG E 5 -17.15 5.66 7.30
CA ARG E 5 -15.90 5.35 6.60
C ARG E 5 -15.53 6.57 5.80
N VAL E 6 -14.33 7.07 6.05
CA VAL E 6 -13.88 8.31 5.44
C VAL E 6 -12.57 8.13 4.67
N GLN E 7 -12.52 8.70 3.47
CA GLN E 7 -11.37 8.60 2.60
C GLN E 7 -10.72 9.97 2.40
N GLY E 8 -9.43 10.07 2.71
CA GLY E 8 -8.74 11.33 2.47
C GLY E 8 -7.35 11.12 1.90
N PRO E 9 -6.61 12.23 1.70
CA PRO E 9 -7.00 13.61 2.01
C PRO E 9 -7.96 14.17 1.00
N THR E 10 -8.71 15.18 1.41
CA THR E 10 -9.74 15.78 0.56
C THR E 10 -9.85 17.25 0.98
N LYS E 11 -9.99 18.15 0.01
CA LYS E 11 -10.05 19.57 0.34
C LYS E 11 -11.50 20.05 0.36
N LEU E 12 -11.93 20.53 1.52
CA LEU E 12 -13.34 20.87 1.71
C LEU E 12 -13.57 22.29 1.25
N GLN E 13 -14.42 22.45 0.25
CA GLN E 13 -14.75 23.77 -0.25
C GLN E 13 -16.16 23.81 -0.84
N GLY E 14 -16.73 25.01 -0.93
CA GLY E 14 -18.07 25.19 -1.45
C GLY E 14 -18.91 25.98 -0.47
N GLU E 15 -20.17 25.61 -0.31
CA GLU E 15 -21.00 26.25 0.73
C GLU E 15 -21.87 25.27 1.55
N VAL E 16 -22.42 25.77 2.65
CA VAL E 16 -23.27 24.97 3.52
C VAL E 16 -24.36 25.83 4.14
N THR E 17 -25.55 25.27 4.30
CA THR E 17 -26.61 25.97 5.00
C THR E 17 -26.70 25.54 6.47
N ILE E 18 -26.62 26.51 7.37
CA ILE E 18 -26.63 26.22 8.79
C ILE E 18 -28.03 25.86 9.31
N SER E 19 -28.11 24.79 10.09
CA SER E 19 -29.37 24.40 10.70
C SER E 19 -29.67 25.22 11.95
N GLY E 20 -30.87 25.07 12.48
CA GLY E 20 -31.26 25.74 13.71
C GLY E 20 -30.47 25.22 14.89
N ALA E 21 -30.24 26.09 15.87
CA ALA E 21 -29.48 25.74 17.08
C ALA E 21 -30.11 24.59 17.90
N LYS E 22 -29.42 23.46 17.95
CA LYS E 22 -29.83 22.34 18.78
C LYS E 22 -30.09 22.81 20.21
N ASN E 23 -29.21 23.64 20.74
CA ASN E 23 -29.28 24.07 22.12
C ASN E 23 -30.17 25.28 22.37
N ALA E 24 -30.89 25.71 21.34
CA ALA E 24 -31.99 26.65 21.51
C ALA E 24 -33.29 25.87 21.38
N ALA E 25 -33.34 24.99 20.38
CA ALA E 25 -34.49 24.09 20.22
C ALA E 25 -34.86 23.36 21.54
N LEU E 26 -33.87 22.77 22.19
CA LEU E 26 -34.13 21.98 23.39
C LEU E 26 -34.79 22.78 24.54
N PRO E 27 -34.20 23.93 24.93
CA PRO E 27 -34.82 24.69 26.03
C PRO E 27 -36.20 25.19 25.63
N ILE E 28 -36.38 25.49 24.36
CA ILE E 28 -37.63 26.07 23.92
C ILE E 28 -38.73 25.02 23.98
N LEU E 29 -38.43 23.82 23.47
CA LEU E 29 -39.35 22.69 23.54
C LEU E 29 -39.83 22.42 24.96
N PHE E 30 -38.93 22.58 25.92
CA PHE E 30 -39.32 22.36 27.33
C PHE E 30 -40.08 23.55 27.90
N ALA E 31 -39.77 24.75 27.41
CA ALA E 31 -40.49 25.93 27.84
C ALA E 31 -41.94 25.85 27.37
N ALA E 32 -42.17 25.13 26.29
CA ALA E 32 -43.52 24.97 25.75
C ALA E 32 -44.48 24.32 26.76
N LEU E 33 -43.94 23.62 27.75
CA LEU E 33 -44.80 23.03 28.77
C LEU E 33 -45.58 24.11 29.55
N LEU E 34 -45.13 25.35 29.45
CA LEU E 34 -45.79 26.46 30.12
C LEU E 34 -47.01 26.94 29.34
N ALA E 35 -47.06 26.66 28.05
CA ALA E 35 -48.08 27.21 27.18
C ALA E 35 -49.44 26.52 27.23
N GLU E 36 -50.50 27.33 27.15
CA GLU E 36 -51.84 26.82 27.14
C GLU E 36 -52.55 27.00 25.80
N GLU E 37 -51.83 27.37 24.76
CA GLU E 37 -52.35 27.31 23.39
C GLU E 37 -51.30 26.67 22.50
N PRO E 38 -51.71 26.02 21.45
CA PRO E 38 -50.78 25.43 20.51
C PRO E 38 -49.60 26.33 20.12
N VAL E 39 -48.44 25.72 19.97
CA VAL E 39 -47.23 26.47 19.70
C VAL E 39 -46.44 25.78 18.57
N GLU E 40 -45.88 26.55 17.64
CA GLU E 40 -45.11 26.02 16.53
C GLU E 40 -43.70 26.57 16.60
N ILE E 41 -42.73 25.68 16.71
CA ILE E 41 -41.33 26.09 16.67
C ILE E 41 -40.72 25.77 15.31
N GLN E 42 -40.22 26.82 14.64
CA GLN E 42 -39.69 26.71 13.29
C GLN E 42 -38.16 26.59 13.22
N ASN E 43 -37.68 25.99 12.13
CA ASN E 43 -36.25 25.84 11.90
C ASN E 43 -35.58 24.96 12.95
N VAL E 44 -36.25 23.86 13.32
CA VAL E 44 -35.68 22.93 14.29
C VAL E 44 -34.84 21.86 13.58
N PRO E 45 -33.62 21.64 14.06
CA PRO E 45 -32.76 20.64 13.41
C PRO E 45 -33.29 19.22 13.63
N LYS E 46 -33.08 18.35 12.64
CA LYS E 46 -33.44 16.96 12.79
C LYS E 46 -32.29 16.21 13.48
N LEU E 47 -32.37 16.16 14.81
CA LEU E 47 -31.34 15.59 15.67
C LEU E 47 -32.00 14.61 16.62
N LYS E 48 -31.24 13.62 17.08
CA LYS E 48 -31.76 12.66 18.03
C LYS E 48 -32.18 13.33 19.34
N ASP E 49 -31.44 14.38 19.74
CA ASP E 49 -31.77 15.14 20.95
C ASP E 49 -33.16 15.80 20.89
N VAL E 50 -33.59 16.22 19.71
CA VAL E 50 -34.93 16.72 19.52
C VAL E 50 -35.95 15.60 19.62
N ASP E 51 -35.65 14.46 19.02
CA ASP E 51 -36.50 13.29 19.14
C ASP E 51 -36.72 12.94 20.61
N THR E 52 -35.65 12.89 21.38
CA THR E 52 -35.75 12.47 22.77
C THR E 52 -36.59 13.43 23.56
N SER E 53 -36.50 14.71 23.21
CA SER E 53 -37.29 15.75 23.85
C SER E 53 -38.77 15.53 23.54
N MET E 54 -39.09 15.30 22.30
CA MET E 54 -40.46 15.13 21.92
C MET E 54 -41.03 13.89 22.58
N LYS E 55 -40.24 12.83 22.60
CA LYS E 55 -40.66 11.60 23.28
C LYS E 55 -41.03 11.92 24.72
N LEU E 56 -40.24 12.76 25.38
CA LEU E 56 -40.53 13.11 26.76
C LEU E 56 -41.80 13.95 26.86
N LEU E 57 -41.89 14.99 26.04
CA LEU E 57 -43.07 15.86 26.06
C LEU E 57 -44.33 15.04 25.90
N SER E 58 -44.36 14.23 24.85
CA SER E 58 -45.49 13.38 24.58
C SER E 58 -45.84 12.53 25.79
N GLN E 59 -44.83 11.92 26.39
CA GLN E 59 -45.01 11.08 27.57
C GLN E 59 -45.67 11.85 28.71
N LEU E 60 -45.42 13.16 28.77
CA LEU E 60 -46.00 14.01 29.82
C LEU E 60 -47.48 14.32 29.53
N GLY E 61 -47.90 14.06 28.30
CA GLY E 61 -49.27 14.32 27.89
C GLY E 61 -49.44 15.39 26.83
N ALA E 62 -48.33 15.91 26.32
CA ALA E 62 -48.43 16.93 25.27
C ALA E 62 -48.67 16.29 23.91
N LYS E 63 -49.27 17.03 22.99
CA LYS E 63 -49.54 16.50 21.68
C LYS E 63 -48.52 17.04 20.74
N VAL E 64 -47.62 16.18 20.27
CA VAL E 64 -46.39 16.61 19.63
C VAL E 64 -46.18 16.01 18.26
N GLU E 65 -45.76 16.81 17.30
CA GLU E 65 -45.49 16.26 16.00
C GLU E 65 -44.52 17.15 15.24
N ARG E 66 -43.93 16.65 14.16
CA ARG E 66 -42.98 17.44 13.39
C ARG E 66 -42.83 16.97 11.97
N ASP E 67 -42.05 17.72 11.20
CA ASP E 67 -41.78 17.47 9.80
C ASP E 67 -40.65 16.59 9.51
N GLY E 68 -40.25 20.54 8.75
CA GLY E 68 -39.49 21.71 9.06
C GLY E 68 -39.67 22.17 10.49
N SER E 69 -40.84 22.00 11.07
CA SER E 69 -41.12 22.52 12.40
C SER E 69 -41.67 21.53 13.39
N VAL E 70 -41.79 21.95 14.63
CA VAL E 70 -42.37 21.13 15.64
C VAL E 70 -43.56 21.81 16.24
N HIS E 71 -44.67 21.09 16.24
CA HIS E 71 -45.91 21.57 16.79
C HIS E 71 -46.10 20.92 18.12
N ILE E 72 -46.36 21.73 19.12
CA ILE E 72 -46.61 21.29 20.49
C ILE E 72 -47.93 21.81 21.06
N ASP E 73 -48.78 20.89 21.54
CA ASP E 73 -50.02 21.24 22.22
C ASP E 73 -49.92 20.74 23.65
N ALA E 74 -49.71 21.66 24.58
CA ALA E 74 -49.42 21.31 25.97
C ALA E 74 -50.59 21.56 26.91
N ARG E 75 -51.80 21.63 26.36
CA ARG E 75 -52.99 21.88 27.17
C ARG E 75 -53.34 20.70 28.08
N ASP E 76 -53.24 19.50 27.55
CA ASP E 76 -53.66 18.29 28.26
C ASP E 76 -52.55 17.57 29.02
N VAL E 77 -51.49 18.30 29.38
CA VAL E 77 -50.40 17.71 30.15
C VAL E 77 -50.96 17.26 31.50
N ASN E 78 -50.76 15.98 31.83
CA ASN E 78 -51.40 15.38 32.99
C ASN E 78 -50.51 14.42 33.76
N VAL E 79 -49.30 14.17 33.26
CA VAL E 79 -48.31 13.45 34.05
C VAL E 79 -47.10 14.34 34.23
N PHE E 80 -46.43 14.22 35.36
CA PHE E 80 -45.46 15.24 35.79
C PHE E 80 -44.08 14.70 36.15
N CYS E 81 -43.72 13.57 35.55
CA CYS E 81 -42.46 12.90 35.85
C CYS E 81 -41.61 12.62 34.62
N ALA E 82 -40.34 12.99 34.68
CA ALA E 82 -39.36 12.58 33.68
C ALA E 82 -38.59 11.40 34.27
N PRO E 83 -38.91 10.19 33.78
CA PRO E 83 -38.42 8.93 34.35
C PRO E 83 -36.94 8.65 34.07
N TYR E 84 -36.32 7.89 34.97
CA TYR E 84 -34.91 7.51 34.84
C TYR E 84 -34.50 7.11 33.41
N ASP E 85 -35.28 6.23 32.78
CA ASP E 85 -34.94 5.71 31.46
C ASP E 85 -34.70 6.80 30.41
N LEU E 86 -35.36 7.94 30.53
CA LEU E 86 -35.15 9.02 29.58
C LEU E 86 -34.00 9.92 30.00
N VAL E 87 -34.06 10.43 31.22
CA VAL E 87 -33.03 11.30 31.72
C VAL E 87 -31.64 10.70 31.48
N LYS E 88 -31.50 9.40 31.70
CA LYS E 88 -30.19 8.77 31.54
C LYS E 88 -29.65 8.88 30.10
N THR E 89 -30.54 8.97 29.12
CA THR E 89 -30.10 9.09 27.75
C THR E 89 -29.88 10.54 27.30
N MET E 90 -30.33 11.50 28.11
CA MET E 90 -30.16 12.93 27.80
C MET E 90 -30.41 13.80 29.02
N ARG E 91 -29.35 14.21 29.71
CA ARG E 91 -29.48 14.91 30.98
C ARG E 91 -30.18 16.27 30.87
N ALA E 92 -30.38 16.76 29.63
CA ALA E 92 -31.08 18.02 29.45
C ALA E 92 -32.55 17.91 29.80
N SER E 93 -33.06 16.67 29.83
CA SER E 93 -34.39 16.36 30.36
C SER E 93 -34.71 17.07 31.67
N ILE E 94 -33.69 17.30 32.49
CA ILE E 94 -33.84 18.02 33.75
C ILE E 94 -34.63 19.33 33.57
N TRP E 95 -34.61 19.87 32.36
CA TRP E 95 -35.30 21.13 32.05
C TRP E 95 -36.81 21.03 32.17
N ALA E 96 -37.31 19.82 32.34
CA ALA E 96 -38.75 19.65 32.51
C ALA E 96 -39.18 20.17 33.89
N LEU E 97 -38.31 20.02 34.87
CA LEU E 97 -38.64 20.33 36.26
C LEU E 97 -39.26 21.69 36.45
N GLY E 98 -38.54 22.73 36.02
CA GLY E 98 -38.97 24.09 36.20
C GLY E 98 -40.38 24.38 35.73
N PRO E 99 -40.65 24.19 34.43
CA PRO E 99 -42.00 24.50 33.92
C PRO E 99 -43.08 23.72 34.66
N LEU E 100 -42.84 22.44 34.93
CA LEU E 100 -43.83 21.61 35.57
C LEU E 100 -44.23 22.19 36.91
N VAL E 101 -43.26 22.59 37.71
CA VAL E 101 -43.54 23.12 39.05
C VAL E 101 -44.20 24.49 38.97
N ALA E 102 -43.79 25.28 38.00
CA ALA E 102 -44.34 26.61 37.82
C ALA E 102 -45.84 26.55 37.45
N ARG E 103 -46.20 25.63 36.57
CA ARG E 103 -47.55 25.59 36.04
C ARG E 103 -48.53 24.65 36.78
N PHE E 104 -48.05 23.51 37.23
CA PHE E 104 -48.95 22.54 37.89
C PHE E 104 -48.65 22.35 39.37
N GLY E 105 -47.65 23.05 39.89
CA GLY E 105 -47.33 23.00 41.30
C GLY E 105 -46.59 21.75 41.76
N GLN E 106 -46.29 20.86 40.83
CA GLN E 106 -45.50 19.66 41.13
C GLN E 106 -44.63 19.25 39.95
N GLY E 107 -43.62 18.43 40.23
CA GLY E 107 -42.72 17.92 39.22
C GLY E 107 -41.72 16.94 39.80
N GLN E 108 -41.52 15.85 39.08
CA GLN E 108 -40.55 14.83 39.49
C GLN E 108 -39.61 14.54 38.33
N VAL E 109 -38.33 14.88 38.51
CA VAL E 109 -37.33 14.55 37.51
C VAL E 109 -36.17 13.73 38.10
N SER E 110 -35.77 12.70 37.39
CA SER E 110 -34.66 11.87 37.82
C SER E 110 -33.36 12.70 37.91
N LEU E 111 -32.63 12.56 39.01
CA LEU E 111 -31.34 13.22 39.21
C LEU E 111 -30.29 12.61 38.28
N PRO E 112 -29.73 13.42 37.37
CA PRO E 112 -28.74 12.90 36.41
C PRO E 112 -27.48 12.34 37.09
N GLY E 113 -26.98 11.23 36.59
CA GLY E 113 -25.78 10.63 37.13
C GLY E 113 -24.51 11.13 36.47
N GLY E 114 -23.54 10.26 36.31
CA GLY E 114 -22.25 10.65 35.80
C GLY E 114 -22.20 10.87 34.33
N CYS E 115 -21.33 11.79 33.92
CA CYS E 115 -21.09 12.04 32.52
C CYS E 115 -19.63 11.86 32.27
N THR E 116 -19.26 11.51 31.05
CA THR E 116 -17.86 11.25 30.73
C THR E 116 -17.03 12.49 30.49
N ILE E 117 -17.64 13.64 30.34
CA ILE E 117 -16.83 14.86 30.17
C ILE E 117 -16.44 15.57 31.46
N GLY E 118 -16.99 15.13 32.59
CA GLY E 118 -16.61 15.67 33.89
C GLY E 118 -17.76 15.83 34.86
N ALA E 119 -17.50 16.48 36.00
CA ALA E 119 -18.52 16.73 37.02
C ALA E 119 -19.64 17.65 36.50
N ARG E 120 -20.89 17.24 36.65
CA ARG E 120 -22.00 18.02 36.13
C ARG E 120 -23.21 18.07 37.07
N PRO E 121 -23.00 18.58 38.30
CA PRO E 121 -24.03 18.71 39.33
C PRO E 121 -25.09 19.72 38.93
N VAL E 122 -26.28 19.62 39.52
CA VAL E 122 -27.38 20.49 39.16
C VAL E 122 -27.89 21.24 40.38
N ASP E 123 -27.01 21.37 41.38
CA ASP E 123 -27.29 22.10 42.61
C ASP E 123 -27.89 23.49 42.40
N LEU E 124 -27.41 24.19 41.36
CA LEU E 124 -27.88 25.53 41.04
C LEU E 124 -29.33 25.52 40.53
N HIS E 125 -29.72 24.47 39.82
CA HIS E 125 -31.12 24.35 39.41
C HIS E 125 -32.01 24.21 40.66
N ILE E 126 -31.67 23.26 41.51
CA ILE E 126 -32.42 23.00 42.72
C ILE E 126 -32.50 24.22 43.60
N SER E 127 -31.35 24.81 43.91
CA SER E 127 -31.29 25.98 44.77
C SER E 127 -32.11 27.16 44.23
N GLY E 128 -32.06 27.36 42.92
CA GLY E 128 -32.83 28.42 42.29
C GLY E 128 -34.31 28.27 42.48
N LEU E 129 -34.78 27.02 42.37
CA LEU E 129 -36.19 26.72 42.53
C LEU E 129 -36.65 26.82 43.99
N GLU E 130 -35.80 26.45 44.93
CA GLU E 130 -36.13 26.57 46.33
C GLU E 130 -36.25 28.05 46.68
N GLN E 131 -35.37 28.84 46.10
CA GLN E 131 -35.34 30.28 46.33
C GLN E 131 -36.60 30.96 45.78
N LEU E 132 -37.23 30.32 44.80
CA LEU E 132 -38.50 30.77 44.24
C LEU E 132 -39.71 30.22 45.01
N GLY E 133 -39.44 29.60 46.16
CA GLY E 133 -40.49 29.08 47.02
C GLY E 133 -40.87 27.61 46.90
N ALA E 134 -40.21 26.88 46.01
CA ALA E 134 -40.49 25.46 45.88
C ALA E 134 -39.93 24.65 47.05
N THR E 135 -40.58 23.54 47.36
CA THR E 135 -40.04 22.60 48.31
C THR E 135 -39.47 21.46 47.49
N ILE E 136 -38.24 21.04 47.79
CA ILE E 136 -37.60 19.99 47.01
C ILE E 136 -37.03 18.86 47.86
N LYS E 137 -37.41 17.63 47.55
CA LYS E 137 -36.81 16.48 48.22
C LYS E 137 -36.36 15.41 47.22
N LEU E 138 -35.43 14.56 47.66
CA LEU E 138 -34.88 13.50 46.83
C LEU E 138 -35.29 12.10 47.35
N GLU E 139 -36.12 11.41 46.58
CA GLU E 139 -36.43 10.03 46.93
C GLU E 139 -36.42 9.12 45.71
N GLU E 140 -35.84 7.93 45.89
CA GLU E 140 -35.73 6.95 44.81
C GLU E 140 -34.98 7.52 43.60
N GLY E 141 -34.04 8.42 43.87
CA GLY E 141 -33.28 9.04 42.81
C GLY E 141 -34.01 10.15 42.08
N TYR E 142 -35.22 10.48 42.50
CA TYR E 142 -35.99 11.55 41.84
C TYR E 142 -35.97 12.83 42.64
N VAL E 143 -35.68 13.95 41.98
CA VAL E 143 -35.84 15.24 42.62
C VAL E 143 -37.30 15.62 42.49
N LYS E 144 -37.99 15.70 43.62
CA LYS E 144 -39.43 15.90 43.65
C LYS E 144 -39.80 17.26 44.19
N ALA E 145 -40.31 18.11 43.34
CA ALA E 145 -40.53 19.50 43.70
C ALA E 145 -42.02 19.77 43.81
N SER E 146 -42.37 20.67 44.71
CA SER E 146 -43.77 21.02 44.93
C SER E 146 -43.93 22.42 45.49
N VAL E 147 -45.06 23.04 45.19
CA VAL E 147 -45.37 24.34 45.75
C VAL E 147 -46.88 24.47 45.95
N ASP E 148 -47.26 24.98 47.12
CA ASP E 148 -48.67 25.30 47.42
C ASP E 148 -49.07 26.62 46.74
N GLY E 149 -49.82 26.52 45.65
CA GLY E 149 -50.13 27.68 44.84
C GLY E 149 -49.07 27.91 43.78
N ARG E 150 -48.61 29.14 43.62
CA ARG E 150 -47.56 29.41 42.66
C ARG E 150 -46.28 29.96 43.29
N LEU E 151 -45.22 29.95 42.50
CA LEU E 151 -43.92 30.43 42.97
C LEU E 151 -43.93 31.93 43.19
N LYS E 152 -42.94 32.42 43.92
CA LYS E 152 -42.82 33.85 44.21
C LYS E 152 -41.51 34.43 43.67
N GLY E 153 -41.61 35.53 42.93
CA GLY E 153 -40.43 36.23 42.47
C GLY E 153 -39.41 36.45 43.57
N ALA E 154 -38.13 36.39 43.23
CA ALA E 154 -37.07 36.58 44.22
C ALA E 154 -35.82 37.16 43.56
N HIS E 155 -34.94 37.70 44.39
CA HIS E 155 -33.65 38.18 43.93
C HIS E 155 -32.66 37.03 44.09
N ILE E 156 -32.27 36.45 42.95
CA ILE E 156 -31.38 35.30 42.99
C ILE E 156 -30.00 35.61 42.39
N VAL E 157 -28.97 35.48 43.22
CA VAL E 157 -27.61 35.70 42.81
C VAL E 157 -26.92 34.37 42.60
N MET E 158 -26.57 34.08 41.36
CA MET E 158 -25.99 32.79 41.03
C MET E 158 -24.51 32.63 41.42
N ASP E 159 -24.23 31.59 42.20
CA ASP E 159 -22.89 31.26 42.66
C ASP E 159 -21.86 31.19 41.54
N LYS E 160 -22.18 30.46 40.47
CA LYS E 160 -21.35 30.47 39.28
C LYS E 160 -22.20 30.57 38.01
N VAL E 161 -21.53 30.70 36.87
CA VAL E 161 -22.23 30.91 35.63
C VAL E 161 -22.70 29.58 35.08
N SER E 162 -24.00 29.47 34.83
CA SER E 162 -24.55 28.21 34.35
C SER E 162 -25.66 28.37 33.32
N VAL E 163 -25.47 27.82 32.12
CA VAL E 163 -26.53 27.90 31.11
C VAL E 163 -27.81 27.21 31.56
N GLY E 164 -27.66 26.01 32.11
CA GLY E 164 -28.80 25.18 32.46
C GLY E 164 -29.67 25.80 33.53
N ALA E 165 -29.04 26.23 34.62
CA ALA E 165 -29.78 26.80 35.75
C ALA E 165 -30.40 28.16 35.41
N THR E 166 -29.68 28.97 34.64
CA THR E 166 -30.20 30.26 34.21
C THR E 166 -31.53 29.98 33.49
N VAL E 167 -31.53 29.01 32.60
CA VAL E 167 -32.76 28.68 31.86
C VAL E 167 -33.85 28.12 32.77
N THR E 168 -33.49 27.26 33.71
CA THR E 168 -34.46 26.70 34.66
C THR E 168 -35.19 27.79 35.44
N ILE E 169 -34.42 28.69 36.05
CA ILE E 169 -34.99 29.73 36.86
C ILE E 169 -35.77 30.74 36.02
N MET E 170 -35.19 31.19 34.91
CA MET E 170 -35.87 32.14 34.05
C MET E 170 -37.25 31.64 33.66
N CYS E 171 -37.35 30.38 33.27
CA CYS E 171 -38.61 29.81 32.80
C CYS E 171 -39.64 29.66 33.92
N ALA E 172 -39.18 29.24 35.09
CA ALA E 172 -40.07 29.03 36.21
C ALA E 172 -40.64 30.36 36.66
N ALA E 173 -39.82 31.40 36.59
CA ALA E 173 -40.21 32.71 37.09
C ALA E 173 -41.33 33.35 36.28
N THR E 174 -41.49 32.97 35.02
CA THR E 174 -42.49 33.61 34.16
C THR E 174 -43.91 33.43 34.67
N LEU E 175 -44.13 32.45 35.57
CA LEU E 175 -45.46 32.22 36.10
C LEU E 175 -45.52 32.43 37.62
N ALA E 176 -44.56 33.16 38.16
CA ALA E 176 -44.50 33.38 39.59
C ALA E 176 -45.20 34.68 39.97
N GLU E 177 -45.39 34.88 41.28
CA GLU E 177 -45.97 36.12 41.78
C GLU E 177 -44.89 37.19 41.95
N GLY E 178 -44.96 38.23 41.12
CA GLY E 178 -44.05 39.34 41.26
C GLY E 178 -42.81 39.24 40.39
N THR E 179 -41.74 39.88 40.84
CA THR E 179 -40.56 40.06 40.02
C THR E 179 -39.37 39.24 40.50
N THR E 180 -38.78 38.49 39.57
CA THR E 180 -37.56 37.76 39.84
C THR E 180 -36.39 38.48 39.16
N ILE E 181 -35.25 38.52 39.86
CA ILE E 181 -34.04 39.07 39.29
C ILE E 181 -32.91 38.06 39.42
N ILE E 182 -32.38 37.64 38.27
CA ILE E 182 -31.24 36.72 38.22
C ILE E 182 -29.93 37.47 38.01
N GLU E 183 -29.06 37.40 39.01
CA GLU E 183 -27.75 38.06 38.96
C GLU E 183 -26.66 37.04 38.59
N ASN E 184 -25.70 37.48 37.76
CA ASN E 184 -24.61 36.63 37.28
C ASN E 184 -25.15 35.55 36.33
N ALA E 185 -26.17 35.93 35.56
CA ALA E 185 -26.79 35.03 34.61
C ALA E 185 -25.86 34.71 33.44
N ALA E 186 -26.09 33.56 32.81
CA ALA E 186 -25.35 33.18 31.64
C ALA E 186 -25.83 34.02 30.46
N ARG E 187 -24.91 34.41 29.58
CA ARG E 187 -25.26 35.27 28.45
C ARG E 187 -25.38 34.56 27.09
N GLU E 188 -25.30 33.23 27.07
CA GLU E 188 -25.36 32.46 25.83
C GLU E 188 -26.49 32.90 24.90
N PRO E 189 -26.20 32.97 23.59
CA PRO E 189 -27.22 33.39 22.61
C PRO E 189 -28.53 32.57 22.74
N GLU E 190 -28.39 31.30 23.10
CA GLU E 190 -29.52 30.40 23.18
C GLU E 190 -30.45 30.79 24.34
N ILE E 191 -29.89 31.45 25.34
CA ILE E 191 -30.66 31.93 26.48
C ILE E 191 -31.51 33.11 26.03
N VAL E 192 -30.93 33.91 25.14
CA VAL E 192 -31.62 35.05 24.55
C VAL E 192 -32.79 34.57 23.70
N ASP E 193 -32.54 33.58 22.84
CA ASP E 193 -33.57 32.99 21.99
C ASP E 193 -34.73 32.44 22.83
N THR E 194 -34.40 31.72 23.91
CA THR E 194 -35.39 31.17 24.82
C THR E 194 -36.25 32.25 25.50
N ALA E 195 -35.60 33.32 25.95
CA ALA E 195 -36.32 34.46 26.50
C ALA E 195 -37.25 35.08 25.46
N ASN E 196 -36.78 35.25 24.23
CA ASN E 196 -37.61 35.84 23.17
C ASN E 196 -38.82 34.99 22.76
N PHE E 197 -38.66 33.68 22.86
CA PHE E 197 -39.78 32.76 22.68
C PHE E 197 -40.77 32.93 23.83
N LEU E 198 -40.27 33.00 25.06
CA LEU E 198 -41.14 33.20 26.22
C LEU E 198 -41.95 34.49 26.13
N ILE E 199 -41.29 35.59 25.77
CA ILE E 199 -41.98 36.87 25.60
C ILE E 199 -43.08 36.73 24.56
N THR E 200 -42.79 36.04 23.47
CA THR E 200 -43.76 35.78 22.42
C THR E 200 -45.04 35.12 22.96
N LEU E 201 -44.91 34.31 24.00
CA LEU E 201 -46.08 33.65 24.60
C LEU E 201 -46.81 34.56 25.58
N GLY E 202 -46.21 35.71 25.86
CA GLY E 202 -46.80 36.68 26.76
C GLY E 202 -46.02 36.88 28.04
N ALA E 203 -44.80 36.39 28.09
CA ALA E 203 -43.98 36.58 29.29
C ALA E 203 -43.39 37.98 29.29
N LYS E 204 -42.95 38.42 30.46
CA LYS E 204 -42.29 39.71 30.58
C LYS E 204 -40.85 39.56 31.08
N ILE E 205 -39.90 39.62 30.15
CA ILE E 205 -38.48 39.42 30.46
C ILE E 205 -37.62 40.53 29.85
N SER E 206 -36.62 40.97 30.61
CA SER E 206 -35.70 41.97 30.15
C SER E 206 -34.31 41.65 30.64
N GLY E 207 -33.29 42.01 29.87
CA GLY E 207 -31.90 41.86 30.30
C GLY E 207 -31.20 40.63 29.75
N GLN E 208 -31.95 39.80 29.01
CA GLN E 208 -31.37 38.61 28.39
C GLN E 208 -30.13 38.93 27.53
N GLY E 209 -29.05 38.21 27.74
CA GLY E 209 -27.83 38.50 27.05
C GLY E 209 -26.88 39.28 27.92
N THR E 210 -27.40 39.84 28.98
CA THR E 210 -26.60 40.55 29.95
C THR E 210 -26.58 39.72 31.18
N ASP E 211 -25.84 40.17 32.17
CA ASP E 211 -25.69 39.41 33.37
C ASP E 211 -26.87 39.47 34.32
N ARG E 212 -27.79 40.37 34.07
CA ARG E 212 -28.94 40.48 34.92
C ARG E 212 -30.21 40.39 34.15
N ILE E 213 -30.96 39.36 34.46
CA ILE E 213 -32.26 39.10 33.84
C ILE E 213 -33.42 39.43 34.80
N VAL E 214 -34.37 40.21 34.31
CA VAL E 214 -35.55 40.58 35.08
C VAL E 214 -36.81 39.93 34.51
N ILE E 215 -37.51 39.18 35.37
CA ILE E 215 -38.76 38.52 34.98
C ILE E 215 -39.94 39.00 35.81
N GLU E 216 -40.96 39.49 35.12
CA GLU E 216 -42.21 39.93 35.75
C GLU E 216 -43.25 38.84 35.57
N GLY E 217 -43.65 38.21 36.66
CA GLY E 217 -44.62 37.14 36.59
C GLY E 217 -45.94 37.53 35.96
N VAL E 218 -46.48 36.65 35.13
CA VAL E 218 -47.84 36.79 34.62
C VAL E 218 -48.61 35.54 35.04
N GLU E 219 -49.92 35.53 34.89
CA GLU E 219 -50.71 34.43 35.46
C GLU E 219 -50.89 33.26 34.50
N ARG E 220 -50.69 33.51 33.21
CA ARG E 220 -50.71 32.42 32.25
C ARG E 220 -50.07 32.81 30.92
N LEU E 221 -49.56 31.80 30.21
CA LEU E 221 -48.90 32.00 28.93
C LEU E 221 -49.69 31.33 27.81
N GLY E 222 -49.64 31.93 26.63
CA GLY E 222 -50.43 31.47 25.51
C GLY E 222 -49.69 30.59 24.54
N GLY E 223 -49.96 30.77 23.24
CA GLY E 223 -49.27 30.03 22.20
C GLY E 223 -48.59 30.95 21.21
N GLY E 224 -48.23 30.43 20.05
CA GLY E 224 -47.64 31.27 19.03
C GLY E 224 -46.69 30.57 18.09
N VAL E 225 -45.96 31.36 17.32
CA VAL E 225 -44.99 30.81 16.38
C VAL E 225 -43.63 31.48 16.58
N TYR E 226 -42.57 30.67 16.59
CA TYR E 226 -41.21 31.18 16.81
C TYR E 226 -40.15 30.45 16.00
N ARG E 227 -39.23 31.19 15.42
CA ARG E 227 -38.13 30.60 14.65
C ARG E 227 -36.82 30.58 15.45
N VAL E 228 -36.22 29.40 15.56
CA VAL E 228 -34.97 29.23 16.30
C VAL E 228 -33.75 29.81 15.57
N LEU E 229 -32.85 30.46 16.30
CA LEU E 229 -31.69 31.06 15.68
C LEU E 229 -30.73 29.99 15.12
N PRO E 230 -29.77 30.40 14.29
CA PRO E 230 -28.81 29.46 13.72
C PRO E 230 -27.87 28.89 14.78
N ASP E 231 -27.41 27.67 14.52
CA ASP E 231 -26.45 26.98 15.40
C ASP E 231 -25.00 27.47 15.19
N ARG E 232 -24.48 28.18 16.17
CA ARG E 232 -23.12 28.69 16.10
C ARG E 232 -22.07 27.58 16.14
N ILE E 233 -22.35 26.51 16.86
CA ILE E 233 -21.41 25.41 16.94
C ILE E 233 -21.28 24.67 15.61
N GLU E 234 -22.39 24.42 14.93
CA GLU E 234 -22.33 23.82 13.60
C GLU E 234 -21.58 24.75 12.66
N THR E 235 -21.87 26.06 12.78
CA THR E 235 -21.19 27.06 11.97
C THR E 235 -19.68 27.00 12.17
N GLY E 236 -19.27 26.98 13.43
CA GLY E 236 -17.85 26.92 13.76
C GLY E 236 -17.21 25.68 13.21
N THR E 237 -17.89 24.55 13.32
CA THR E 237 -17.36 23.27 12.90
C THR E 237 -17.04 23.26 11.38
N PHE E 238 -17.91 23.84 10.58
CA PHE E 238 -17.68 23.88 9.14
C PHE E 238 -16.60 24.90 8.73
N LEU E 239 -16.58 26.03 9.41
CA LEU E 239 -15.53 27.01 9.22
C LEU E 239 -14.19 26.34 9.49
N VAL E 240 -14.15 25.53 10.55
CA VAL E 240 -12.93 24.82 10.89
C VAL E 240 -12.57 23.77 9.87
N ALA E 241 -13.59 23.09 9.36
CA ALA E 241 -13.42 22.09 8.31
C ALA E 241 -12.68 22.68 7.09
N ALA E 242 -13.05 23.89 6.69
CA ALA E 242 -12.38 24.59 5.61
C ALA E 242 -10.94 24.98 5.97
N ALA E 243 -10.77 25.57 7.14
CA ALA E 243 -9.47 26.09 7.56
C ALA E 243 -8.40 25.02 7.66
N ILE E 244 -8.77 23.77 7.92
CA ILE E 244 -7.79 22.73 8.12
C ILE E 244 -7.50 21.97 6.85
N SER E 245 -8.41 22.06 5.88
CA SER E 245 -8.23 21.40 4.59
C SER E 245 -7.66 22.37 3.53
N ARG E 246 -7.24 23.55 3.98
CA ARG E 246 -6.73 24.57 3.08
C ARG E 246 -7.77 24.96 2.02
N GLY E 247 -9.03 25.01 2.44
CA GLY E 247 -10.14 25.19 1.54
C GLY E 247 -10.77 26.56 1.64
N LYS E 248 -12.01 26.67 1.19
CA LYS E 248 -12.75 27.92 1.21
C LYS E 248 -14.25 27.62 1.30
N ILE E 249 -14.97 28.39 2.10
CA ILE E 249 -16.36 28.07 2.37
C ILE E 249 -17.26 29.30 2.61
N ILE E 250 -18.54 29.16 2.24
CA ILE E 250 -19.57 30.12 2.62
C ILE E 250 -20.60 29.42 3.45
N CYS E 251 -20.90 29.97 4.62
CA CYS E 251 -21.98 29.47 5.46
C CYS E 251 -23.22 30.35 5.33
N ARG E 252 -24.34 29.72 4.96
CA ARG E 252 -25.57 30.45 4.70
C ARG E 252 -26.50 30.24 5.88
N ASN E 253 -27.37 31.21 6.12
CA ASN E 253 -28.28 31.18 7.27
C ASN E 253 -27.51 31.21 8.58
N ALA E 254 -26.54 32.10 8.66
CA ALA E 254 -25.71 32.22 9.85
C ALA E 254 -26.08 33.47 10.63
N GLN E 255 -25.54 33.59 11.84
CA GLN E 255 -25.67 34.79 12.64
C GLN E 255 -24.33 35.20 13.25
N PRO E 256 -23.54 35.92 12.47
CA PRO E 256 -22.15 36.24 12.81
C PRO E 256 -21.91 36.85 14.19
N ASP E 257 -22.79 37.72 14.69
CA ASP E 257 -22.57 38.37 16.01
C ASP E 257 -22.48 37.35 17.14
N THR E 258 -22.71 36.11 16.78
CA THR E 258 -22.80 34.99 17.70
C THR E 258 -21.46 34.27 17.84
N LEU E 259 -20.50 34.62 16.99
CA LEU E 259 -19.24 33.90 16.87
C LEU E 259 -17.99 34.77 16.99
N ASP E 260 -18.07 35.89 17.71
CA ASP E 260 -16.95 36.83 17.72
C ASP E 260 -15.62 36.15 18.06
N ALA E 261 -15.60 35.47 19.21
CA ALA E 261 -14.38 34.83 19.69
C ALA E 261 -13.78 33.82 18.68
N VAL E 262 -14.64 32.96 18.13
CA VAL E 262 -14.25 31.93 17.17
C VAL E 262 -13.68 32.50 15.85
N LEU E 263 -14.32 33.55 15.34
CA LEU E 263 -13.86 34.21 14.11
C LEU E 263 -12.49 34.86 14.34
N ALA E 264 -12.33 35.47 15.52
CA ALA E 264 -11.05 36.13 15.86
C ALA E 264 -9.92 35.12 15.89
N LYS E 265 -10.22 33.97 16.47
CA LYS E 265 -9.22 32.94 16.61
C LYS E 265 -8.84 32.33 15.24
N LEU E 266 -9.81 32.22 14.35
CA LEU E 266 -9.56 31.74 13.00
C LEU E 266 -8.65 32.71 12.22
N ARG E 267 -8.89 34.03 12.36
CA ARG E 267 -7.98 35.02 11.78
C ARG E 267 -6.55 34.87 12.28
N ASP E 268 -6.40 34.66 13.59
CA ASP E 268 -5.09 34.44 14.19
C ASP E 268 -4.46 33.18 13.59
N ALA E 269 -5.30 32.24 13.15
CA ALA E 269 -4.80 31.03 12.51
C ALA E 269 -4.43 31.28 11.05
N GLY E 270 -4.77 32.47 10.56
CA GLY E 270 -4.40 32.89 9.23
C GLY E 270 -5.52 32.85 8.21
N ALA E 271 -6.76 32.80 8.66
CA ALA E 271 -7.87 32.73 7.72
C ALA E 271 -8.30 34.11 7.28
N ASP E 272 -8.82 34.17 6.06
CA ASP E 272 -9.40 35.38 5.48
C ASP E 272 -10.92 35.30 5.60
N ILE E 273 -11.48 36.14 6.49
CA ILE E 273 -12.91 36.03 6.85
C ILE E 273 -13.73 37.29 6.58
N GLU E 274 -14.86 37.11 5.92
CA GLU E 274 -15.81 38.19 5.71
C GLU E 274 -17.19 37.76 6.21
N VAL E 275 -17.96 38.72 6.68
CA VAL E 275 -19.29 38.41 7.18
C VAL E 275 -20.36 39.29 6.54
N GLY E 276 -21.51 38.71 6.28
CA GLY E 276 -22.64 39.48 5.82
C GLY E 276 -23.61 39.59 6.97
N GLU E 277 -24.89 39.79 6.67
CA GLU E 277 -25.88 39.86 7.73
C GLU E 277 -26.37 38.46 8.10
N ASP E 278 -26.22 37.50 7.19
CA ASP E 278 -26.62 36.14 7.48
C ASP E 278 -25.73 35.11 6.80
N TRP E 279 -24.49 35.50 6.54
CA TRP E 279 -23.47 34.59 5.97
C TRP E 279 -22.09 34.86 6.55
N ILE E 280 -21.25 33.83 6.51
CA ILE E 280 -19.85 33.98 6.83
C ILE E 280 -19.03 33.31 5.73
N SER E 281 -17.97 34.00 5.28
CA SER E 281 -17.05 33.39 4.32
C SER E 281 -15.65 33.23 4.93
N LEU E 282 -14.99 32.15 4.53
CA LEU E 282 -13.63 31.87 4.99
C LEU E 282 -12.77 31.36 3.84
N ASP E 283 -11.60 31.96 3.66
CA ASP E 283 -10.67 31.53 2.63
C ASP E 283 -9.27 31.35 3.22
N MET E 284 -8.68 30.17 3.02
CA MET E 284 -7.30 29.92 3.46
C MET E 284 -6.24 30.29 2.41
N HIS E 285 -6.68 30.54 1.19
CA HIS E 285 -5.78 30.88 0.08
C HIS E 285 -4.69 29.84 -0.02
N GLY E 286 -5.07 28.57 0.10
CA GLY E 286 -4.13 27.48 -0.06
C GLY E 286 -3.19 27.27 1.11
N LYS E 287 -3.25 28.15 2.09
CA LYS E 287 -2.33 28.12 3.20
C LYS E 287 -2.67 27.08 4.27
N ARG E 288 -1.65 26.56 4.91
CA ARG E 288 -1.80 25.78 6.13
C ARG E 288 -1.95 26.74 7.32
N PRO E 289 -2.83 26.40 8.27
CA PRO E 289 -3.14 27.26 9.43
C PRO E 289 -1.98 27.44 10.38
N LYS E 290 -1.95 28.57 11.07
CA LYS E 290 -0.92 28.83 12.09
C LYS E 290 -1.46 28.47 13.48
N ALA E 291 -0.59 27.91 14.32
CA ALA E 291 -0.97 27.52 15.68
C ALA E 291 -1.58 28.69 16.47
N VAL E 292 -2.61 28.41 17.27
CA VAL E 292 -3.17 29.40 18.17
C VAL E 292 -3.26 28.93 19.64
N ASN E 293 -3.45 29.88 20.55
CA ASN E 293 -3.70 29.56 21.94
C ASN E 293 -5.12 29.93 22.36
N VAL E 294 -5.81 28.99 23.00
CA VAL E 294 -7.21 29.20 23.33
C VAL E 294 -7.50 28.89 24.79
N ARG E 295 -8.42 29.67 25.36
CA ARG E 295 -8.99 29.40 26.68
C ARG E 295 -10.54 29.42 26.63
N THR E 296 -11.15 28.28 26.88
CA THR E 296 -12.61 28.21 26.93
C THR E 296 -13.19 28.88 28.16
N ALA E 297 -14.40 29.42 28.03
CA ALA E 297 -15.10 30.06 29.12
C ALA E 297 -16.52 30.38 28.68
N PRO E 298 -17.38 30.85 29.60
CA PRO E 298 -18.76 31.16 29.19
C PRO E 298 -18.83 32.27 28.14
N HIS E 299 -19.88 32.23 27.32
CA HIS E 299 -20.12 33.26 26.32
C HIS E 299 -20.03 34.69 26.91
N PRO E 300 -19.50 35.64 26.13
CA PRO E 300 -19.11 35.51 24.72
C PRO E 300 -17.64 35.12 24.50
N ALA E 301 -17.03 34.49 25.49
CA ALA E 301 -15.67 33.98 25.32
C ALA E 301 -15.74 32.77 24.39
N PHE E 302 -14.59 32.19 24.08
CA PHE E 302 -14.51 30.99 23.24
C PHE E 302 -15.18 29.80 23.92
N PRO E 303 -16.09 29.13 23.20
CA PRO E 303 -16.99 28.05 23.69
C PRO E 303 -16.32 26.69 23.80
N THR E 304 -16.60 25.98 24.89
CA THR E 304 -16.11 24.61 25.07
C THR E 304 -16.60 23.67 23.94
N ASP E 305 -17.78 23.94 23.41
CA ASP E 305 -18.32 23.13 22.31
C ASP E 305 -17.48 23.27 21.00
N MET E 306 -16.51 24.18 20.98
CA MET E 306 -15.65 24.33 19.80
C MET E 306 -14.22 23.91 20.12
N GLN E 307 -14.00 23.46 21.35
CA GLN E 307 -12.65 23.16 21.81
C GLN E 307 -11.94 22.02 21.05
N ALA E 308 -12.64 20.90 20.84
CA ALA E 308 -12.05 19.76 20.19
C ALA E 308 -11.74 20.04 18.72
N GLN E 309 -12.58 20.84 18.07
CA GLN E 309 -12.33 21.24 16.68
C GLN E 309 -11.07 22.09 16.54
N PHE E 310 -10.84 23.00 17.47
CA PHE E 310 -9.64 23.85 17.40
C PHE E 310 -8.42 23.08 17.86
N THR E 311 -8.64 22.02 18.63
CA THR E 311 -7.52 21.17 19.00
C THR E 311 -7.02 20.51 17.72
N LEU E 312 -7.95 20.06 16.88
CA LEU E 312 -7.59 19.44 15.61
C LEU E 312 -6.83 20.42 14.71
N LEU E 313 -7.34 21.64 14.61
CA LEU E 313 -6.69 22.69 13.85
C LEU E 313 -5.24 22.83 14.28
N ASN E 314 -5.01 22.94 15.58
CA ASN E 314 -3.64 23.08 16.08
C ASN E 314 -2.79 21.84 15.75
N LEU E 315 -3.42 20.68 15.71
CA LEU E 315 -2.63 19.47 15.54
C LEU E 315 -2.12 19.30 14.13
N VAL E 316 -2.69 20.06 13.19
CA VAL E 316 -2.22 20.06 11.81
C VAL E 316 -1.68 21.45 11.40
N ALA E 317 -1.40 22.29 12.38
CA ALA E 317 -0.98 23.65 12.12
C ALA E 317 0.54 23.81 12.13
N GLU E 318 0.98 25.00 11.74
CA GLU E 318 2.39 25.35 11.84
C GLU E 318 2.72 25.84 13.26
N GLY E 319 3.55 25.09 13.96
CA GLY E 319 3.97 25.51 15.28
C GLY E 319 3.33 24.81 16.47
N THR E 320 3.50 25.40 17.66
CA THR E 320 2.92 24.88 18.89
C THR E 320 1.83 25.80 19.46
N GLY E 321 0.67 25.23 19.75
CA GLY E 321 -0.39 25.99 20.38
C GLY E 321 -0.99 25.22 21.55
N PHE E 322 -1.49 25.93 22.55
CA PHE E 322 -2.15 25.24 23.65
C PHE E 322 -3.62 25.61 23.76
N ILE E 323 -4.40 24.70 24.32
CA ILE E 323 -5.81 24.93 24.56
C ILE E 323 -6.16 24.62 26.00
N THR E 324 -6.65 25.62 26.71
CA THR E 324 -7.01 25.45 28.12
C THR E 324 -8.52 25.43 28.29
N GLU E 325 -8.99 24.43 29.02
CA GLU E 325 -10.43 24.25 29.20
C GLU E 325 -10.77 24.65 30.63
N THR E 326 -11.65 25.64 30.79
CA THR E 326 -12.07 26.06 32.13
C THR E 326 -13.52 25.71 32.47
N VAL E 327 -14.24 25.15 31.49
CA VAL E 327 -15.65 24.84 31.69
C VAL E 327 -15.88 23.38 32.00
N PHE E 328 -15.39 22.50 31.15
CA PHE E 328 -15.42 21.08 31.42
C PHE E 328 -13.98 20.63 31.38
N GLU E 329 -13.36 20.52 32.52
CA GLU E 329 -11.94 20.37 32.60
C GLU E 329 -11.39 19.02 32.21
N ASN E 330 -12.25 18.05 32.00
CA ASN E 330 -11.74 16.78 31.59
C ASN E 330 -12.31 16.33 30.22
N ARG E 331 -12.57 17.28 29.35
CA ARG E 331 -13.16 17.08 28.04
C ARG E 331 -12.03 16.95 26.97
N PHE E 332 -11.29 15.85 27.03
CA PHE E 332 -10.14 15.63 26.16
C PHE E 332 -10.04 14.24 25.54
N MET E 333 -11.10 13.49 25.54
CA MET E 333 -11.05 12.18 24.94
C MET E 333 -10.69 12.17 23.48
N HIS E 334 -11.05 13.19 22.75
CA HIS E 334 -10.69 13.30 21.34
C HIS E 334 -9.17 13.25 21.12
N VAL E 335 -8.42 13.76 22.09
CA VAL E 335 -6.96 13.85 21.96
C VAL E 335 -6.27 12.50 21.72
N PRO E 336 -6.46 11.53 22.63
CA PRO E 336 -5.85 10.22 22.39
C PRO E 336 -6.30 9.58 21.04
N GLU E 337 -7.53 9.83 20.60
CA GLU E 337 -8.01 9.29 19.33
C GLU E 337 -7.25 9.91 18.18
N LEU E 338 -7.12 11.24 18.20
CA LEU E 338 -6.32 11.95 17.21
C LEU E 338 -4.86 11.44 17.21
N SER E 339 -4.34 11.07 18.38
CA SER E 339 -3.03 10.47 18.49
C SER E 339 -2.90 9.17 17.77
N ARG E 340 -4.00 8.43 17.63
CA ARG E 340 -3.97 7.20 16.84
C ARG E 340 -3.73 7.53 15.38
N MET E 341 -4.09 8.74 14.98
CA MET E 341 -3.99 9.18 13.59
C MET E 341 -2.69 9.94 13.35
N GLY E 342 -1.77 9.87 14.30
CA GLY E 342 -0.48 10.52 14.21
C GLY E 342 -0.31 11.91 14.81
N ALA E 343 -1.34 12.46 15.46
CA ALA E 343 -1.21 13.79 16.05
C ALA E 343 -0.24 13.79 17.24
N HIS E 344 0.41 14.93 17.49
CA HIS E 344 1.38 15.03 18.59
C HIS E 344 0.87 15.97 19.67
N ALA E 345 0.47 15.42 20.81
CA ALA E 345 -0.07 16.26 21.86
C ALA E 345 0.23 15.70 23.25
N GLU E 346 0.31 16.58 24.23
CA GLU E 346 0.32 16.13 25.61
C GLU E 346 -0.70 16.90 26.41
N ILE E 347 -1.24 16.25 27.43
CA ILE E 347 -2.24 16.86 28.28
C ILE E 347 -1.63 17.12 29.64
N GLU E 348 -1.56 18.41 30.02
CA GLU E 348 -1.08 18.79 31.35
C GLU E 348 -2.24 19.37 32.11
N SER E 349 -2.77 18.63 33.07
CA SER E 349 -3.91 19.08 33.86
C SER E 349 -5.05 19.38 32.88
N ASN E 350 -5.47 20.64 32.79
CA ASN E 350 -6.58 20.99 31.92
C ASN E 350 -6.18 21.79 30.67
N THR E 351 -4.94 21.55 30.24
CA THR E 351 -4.43 22.18 29.05
C THR E 351 -3.86 21.12 28.11
N VAL E 352 -4.26 21.17 26.85
CA VAL E 352 -3.59 20.32 25.88
C VAL E 352 -2.54 21.12 25.11
N ILE E 353 -1.33 20.59 25.08
CA ILE E 353 -0.25 21.20 24.35
C ILE E 353 -0.03 20.50 23.00
N CYS E 354 -0.26 21.23 21.92
CA CYS E 354 -0.23 20.67 20.57
C CYS E 354 1.00 21.03 19.75
N HIS E 355 1.58 20.04 19.11
CA HIS E 355 2.67 20.29 18.17
C HIS E 355 2.29 19.86 16.76
N GLY E 356 1.96 20.85 15.93
CA GLY E 356 1.44 20.61 14.59
C GLY E 356 2.26 19.72 13.67
N VAL E 357 1.61 18.71 13.10
CA VAL E 357 2.21 17.93 12.02
C VAL E 357 1.60 18.27 10.70
N GLU E 358 2.32 17.88 9.65
CA GLU E 358 2.06 18.25 8.28
C GLU E 358 0.82 17.50 7.76
N LYS E 359 0.73 16.21 8.04
CA LYS E 359 -0.48 15.45 7.70
C LYS E 359 -0.76 14.24 8.60
N LEU E 360 -2.04 13.92 8.80
CA LEU E 360 -2.44 12.80 9.63
C LEU E 360 -2.61 11.50 8.84
N SER E 361 -2.68 10.38 9.55
CA SER E 361 -2.87 9.09 8.90
C SER E 361 -4.18 8.42 9.33
N GLY E 362 -4.93 7.86 8.38
CA GLY E 362 -6.19 7.20 8.67
C GLY E 362 -6.04 6.08 9.68
N ALA E 363 -7.05 5.90 10.53
CA ALA E 363 -7.05 4.83 11.50
C ALA E 363 -8.48 4.62 12.02
N GLN E 364 -8.68 3.59 12.85
CA GLN E 364 -9.97 3.36 13.48
C GLN E 364 -10.11 4.16 14.78
N VAL E 365 -11.12 5.02 14.84
CA VAL E 365 -11.30 5.85 16.03
C VAL E 365 -12.72 5.76 16.58
N MET E 366 -12.88 6.08 17.85
CA MET E 366 -14.17 5.96 18.52
C MET E 366 -14.72 7.31 19.01
N ALA E 367 -15.93 7.62 18.58
CA ALA E 367 -16.67 8.80 19.04
C ALA E 367 -17.24 8.53 20.44
N THR E 368 -17.35 9.58 21.24
CA THR E 368 -17.94 9.48 22.59
C THR E 368 -18.71 10.76 23.00
N ASP E 369 -18.54 11.84 22.26
CA ASP E 369 -19.04 13.15 22.66
C ASP E 369 -19.91 13.79 21.59
N LEU E 370 -21.16 14.00 21.96
CA LEU E 370 -22.13 14.68 21.12
C LEU E 370 -21.65 15.80 20.21
N ARG E 371 -20.74 16.64 20.69
CA ARG E 371 -20.23 17.70 19.79
C ARG E 371 -18.78 17.49 19.46
N ALA E 372 -18.01 17.12 20.49
CA ALA E 372 -16.57 17.07 20.35
C ALA E 372 -16.08 16.06 19.30
N SER E 373 -16.81 14.96 19.15
CA SER E 373 -16.38 13.86 18.27
C SER E 373 -16.54 14.14 16.78
N ALA E 374 -17.25 15.20 16.45
CA ALA E 374 -17.27 15.68 15.08
C ALA E 374 -15.84 15.92 14.59
N SER E 375 -14.96 16.26 15.51
CA SER E 375 -13.57 16.51 15.15
C SER E 375 -12.89 15.24 14.56
N LEU E 376 -13.31 14.07 15.00
CA LEU E 376 -12.79 12.83 14.43
C LEU E 376 -13.22 12.66 12.97
N VAL E 377 -14.47 13.03 12.68
CA VAL E 377 -14.94 13.00 11.29
C VAL E 377 -14.15 13.97 10.43
N LEU E 378 -13.97 15.18 10.94
CA LEU E 378 -13.15 16.20 10.29
C LEU E 378 -11.74 15.70 10.04
N ALA E 379 -11.15 15.07 11.06
CA ALA E 379 -9.80 14.55 10.91
C ALA E 379 -9.78 13.55 9.73
N GLY E 380 -10.76 12.66 9.69
CA GLY E 380 -10.85 11.71 8.61
C GLY E 380 -10.80 12.31 7.21
N CYS E 381 -11.48 13.45 7.04
CA CYS E 381 -11.51 14.15 5.77
C CYS E 381 -10.13 14.64 5.29
N ILE E 382 -9.23 14.94 6.22
CA ILE E 382 -7.94 15.46 5.81
C ILE E 382 -6.80 14.48 6.02
N ALA E 383 -7.07 13.33 6.64
CA ALA E 383 -6.00 12.36 6.88
C ALA E 383 -5.63 11.57 5.61
N GLU E 384 -4.47 10.94 5.62
CA GLU E 384 -4.01 10.18 4.50
C GLU E 384 -4.56 8.76 4.59
N GLY E 385 -5.50 8.45 3.71
CA GLY E 385 -6.06 7.11 3.65
C GLY E 385 -7.48 6.96 4.18
N THR E 386 -7.72 5.85 4.88
CA THR E 386 -9.04 5.48 5.37
C THR E 386 -9.19 5.52 6.89
N THR E 387 -10.18 6.27 7.32
CA THR E 387 -10.50 6.40 8.72
C THR E 387 -11.88 5.83 8.95
N VAL E 388 -12.00 5.02 9.98
CA VAL E 388 -13.30 4.50 10.37
C VAL E 388 -13.68 5.08 11.72
N VAL E 389 -14.76 5.86 11.73
CA VAL E 389 -15.25 6.43 12.99
C VAL E 389 -16.40 5.57 13.51
N ASP E 390 -16.10 4.86 14.59
CA ASP E 390 -17.06 3.97 15.22
C ASP E 390 -18.02 4.73 16.12
N ARG E 391 -19.24 4.22 16.24
CA ARG E 391 -20.13 4.63 17.32
C ARG E 391 -20.68 6.05 17.11
N ILE E 392 -21.08 6.36 15.88
CA ILE E 392 -21.45 7.73 15.49
C ILE E 392 -22.85 8.15 15.95
N TYR E 393 -23.55 7.27 16.66
CA TYR E 393 -24.86 7.64 17.19
C TYR E 393 -24.70 8.87 18.09
N HIS E 394 -23.55 9.01 18.74
CA HIS E 394 -23.24 10.24 19.48
C HIS E 394 -23.37 11.48 18.59
N ILE E 395 -22.70 11.44 17.45
CA ILE E 395 -22.73 12.55 16.51
C ILE E 395 -24.15 12.83 16.02
N ASP E 396 -24.94 11.76 15.86
CA ASP E 396 -26.34 11.87 15.44
C ASP E 396 -27.20 12.67 16.41
N ARG E 397 -26.79 12.71 17.69
CA ARG E 397 -27.50 13.54 18.66
C ARG E 397 -27.25 15.02 18.42
N GLY E 398 -26.10 15.35 17.85
CA GLY E 398 -25.60 16.71 17.86
C GLY E 398 -25.61 17.47 16.54
N TYR E 399 -25.56 16.77 15.41
CA TYR E 399 -25.55 17.44 14.11
C TYR E 399 -26.60 16.87 13.19
N GLU E 400 -27.31 17.75 12.47
CA GLU E 400 -28.24 17.29 11.45
C GLU E 400 -27.56 16.81 10.15
N ARG E 401 -27.52 15.53 9.84
CA ARG E 401 -27.00 15.19 8.53
C ARG E 401 -25.58 15.63 8.31
N ILE E 402 -24.62 15.23 9.11
CA ILE E 402 -23.33 15.85 8.89
C ILE E 402 -22.65 15.29 7.62
N GLU E 403 -22.96 14.05 7.27
CA GLU E 403 -22.29 13.44 6.12
C GLU E 403 -22.74 14.06 4.80
N ASP E 404 -23.97 14.52 4.76
CA ASP E 404 -24.53 15.13 3.58
C ASP E 404 -23.90 16.46 3.28
N LYS E 405 -23.78 17.26 4.32
CA LYS E 405 -23.16 18.55 4.23
C LYS E 405 -21.66 18.44 3.92
N LEU E 406 -20.98 17.46 4.52
CA LEU E 406 -19.55 17.29 4.27
C LEU E 406 -19.29 16.83 2.82
N ARG E 407 -20.13 15.93 2.34
CA ARG E 407 -20.02 15.41 0.98
C ARG E 407 -20.25 16.53 -0.04
N ALA E 408 -21.17 17.43 0.26
CA ALA E 408 -21.42 18.56 -0.62
C ALA E 408 -20.26 19.56 -0.58
N LEU E 409 -19.26 19.29 0.25
CA LEU E 409 -18.07 20.11 0.29
C LEU E 409 -16.88 19.36 -0.32
N GLY E 410 -17.14 18.14 -0.79
CA GLY E 410 -16.11 17.35 -1.44
C GLY E 410 -15.61 16.17 -0.65
N ALA E 411 -16.22 15.92 0.50
CA ALA E 411 -15.77 14.84 1.37
C ALA E 411 -16.08 13.48 0.78
N ASN E 412 -15.16 12.53 0.95
CA ASN E 412 -15.42 11.13 0.62
C ASN E 412 -15.83 10.41 1.90
N ILE E 413 -17.13 10.29 2.12
CA ILE E 413 -17.66 9.79 3.38
C ILE E 413 -18.87 8.88 3.19
N GLU E 414 -18.90 7.77 3.93
CA GLU E 414 -19.99 6.83 3.80
C GLU E 414 -20.46 6.30 5.16
N ARG E 415 -21.77 6.16 5.30
CA ARG E 415 -22.36 5.59 6.51
C ARG E 415 -22.61 4.09 6.35
N VAL E 416 -21.92 3.25 7.12
CA VAL E 416 -22.12 1.79 7.03
C VAL E 416 -22.77 1.17 8.27
N LYS E 417 -23.34 -0.02 8.13
CA LYS E 417 -24.05 -0.68 9.23
C LYS E 417 -23.37 -1.93 9.81
N GLY E 418 -22.04 -1.89 9.95
CA GLY E 418 -21.27 -3.01 10.46
C GLY E 418 -21.79 -3.61 11.76
N MET F 1 47.52 -32.98 1.76
CA MET F 1 46.66 -31.85 1.43
C MET F 1 45.65 -31.55 2.54
N ASP F 2 46.07 -30.75 3.50
CA ASP F 2 45.18 -30.33 4.57
C ASP F 2 44.02 -29.49 4.02
N LYS F 3 42.91 -29.49 4.74
CA LYS F 3 41.73 -28.70 4.37
C LYS F 3 41.12 -28.12 5.63
N PHE F 4 40.32 -27.07 5.49
CA PHE F 4 39.50 -26.61 6.60
C PHE F 4 38.06 -27.01 6.31
N ARG F 5 37.43 -27.69 7.27
CA ARG F 5 35.98 -27.86 7.21
C ARG F 5 35.35 -26.84 8.13
N VAL F 6 34.37 -26.11 7.62
CA VAL F 6 33.80 -25.03 8.38
C VAL F 6 32.27 -25.15 8.41
N GLN F 7 31.70 -24.91 9.59
CA GLN F 7 30.26 -25.01 9.81
C GLN F 7 29.69 -23.66 10.22
N GLY F 8 28.68 -23.21 9.50
CA GLY F 8 28.04 -21.95 9.80
C GLY F 8 26.54 -22.00 9.57
N PRO F 9 25.85 -20.87 9.80
CA PRO F 9 26.42 -19.58 10.21
C PRO F 9 26.82 -19.54 11.68
N THR F 10 27.73 -18.63 12.02
CA THR F 10 28.30 -18.54 13.35
C THR F 10 28.68 -17.09 13.57
N LYS F 11 28.39 -16.56 14.74
CA LYS F 11 28.68 -15.16 15.01
C LYS F 11 30.02 -14.99 15.74
N LEU F 12 30.96 -14.32 15.09
CA LEU F 12 32.29 -14.21 15.64
C LEU F 12 32.36 -13.05 16.64
N GLN F 13 32.64 -13.36 17.89
CA GLN F 13 32.79 -12.32 18.91
C GLN F 13 33.73 -12.75 20.03
N GLY F 14 34.24 -11.77 20.75
CA GLY F 14 35.25 -12.05 21.76
C GLY F 14 36.50 -11.20 21.60
N GLU F 15 37.66 -11.79 21.86
CA GLU F 15 38.90 -11.08 21.58
C GLU F 15 39.99 -11.95 20.94
N VAL F 16 41.00 -11.28 20.40
CA VAL F 16 42.13 -11.95 19.75
C VAL F 16 43.42 -11.18 20.01
N THR F 17 44.53 -11.91 20.13
CA THR F 17 45.84 -11.29 20.30
C THR F 17 46.58 -11.30 18.96
N ILE F 18 46.99 -10.12 18.50
CA ILE F 18 47.65 -9.98 17.21
C ILE F 18 49.09 -10.43 17.27
N SER F 19 49.46 -11.27 16.31
CA SER F 19 50.84 -11.74 16.16
C SER F 19 51.73 -10.66 15.55
N GLY F 20 53.04 -10.87 15.59
CA GLY F 20 53.96 -9.97 14.92
C GLY F 20 53.82 -9.97 13.40
N ALA F 21 54.20 -8.85 12.77
CA ALA F 21 54.02 -8.68 11.34
C ALA F 21 54.89 -9.63 10.52
N LYS F 22 54.24 -10.52 9.78
CA LYS F 22 54.91 -11.43 8.86
C LYS F 22 55.84 -10.64 7.93
N ASN F 23 55.34 -9.52 7.42
CA ASN F 23 56.10 -8.75 6.44
C ASN F 23 57.08 -7.73 7.04
N ALA F 24 57.25 -7.80 8.35
CA ALA F 24 58.35 -7.10 9.02
C ALA F 24 59.39 -8.14 9.39
N ALA F 25 58.92 -9.28 9.88
CA ALA F 25 59.81 -10.37 10.23
C ALA F 25 60.71 -10.71 9.05
N LEU F 26 60.11 -10.89 7.86
CA LEU F 26 60.84 -11.34 6.68
C LEU F 26 61.99 -10.44 6.26
N PRO F 27 61.74 -9.14 6.10
CA PRO F 27 62.84 -8.25 5.70
C PRO F 27 63.91 -8.17 6.79
N ILE F 28 63.49 -8.23 8.05
CA ILE F 28 64.42 -8.13 9.17
C ILE F 28 65.34 -9.35 9.22
N LEU F 29 64.77 -10.55 9.10
CA LEU F 29 65.57 -11.76 9.03
C LEU F 29 66.65 -11.70 7.94
N PHE F 30 66.34 -11.08 6.80
CA PHE F 30 67.31 -10.99 5.70
C PHE F 30 68.30 -9.86 5.94
N ALA F 31 67.86 -8.81 6.63
CA ALA F 31 68.77 -7.75 7.01
C ALA F 31 69.83 -8.25 8.01
N ALA F 32 69.51 -9.30 8.75
CA ALA F 32 70.43 -9.91 9.71
C ALA F 32 71.71 -10.42 9.05
N LEU F 33 71.65 -10.70 7.76
CA LEU F 33 72.86 -11.12 7.03
C LEU F 33 73.95 -10.04 7.09
N LEU F 34 73.57 -8.83 7.42
CA LEU F 34 74.54 -7.75 7.53
C LEU F 34 75.28 -7.80 8.86
N ALA F 35 74.67 -8.39 9.86
CA ALA F 35 75.14 -8.27 11.22
C ALA F 35 76.37 -9.08 11.49
N GLU F 36 77.33 -8.51 12.21
CA GLU F 36 78.52 -9.27 12.58
C GLU F 36 78.54 -9.87 14.00
N GLU F 37 77.63 -9.46 14.85
CA GLU F 37 77.43 -10.14 16.11
C GLU F 37 76.01 -10.69 16.15
N PRO F 38 75.78 -11.66 17.00
CA PRO F 38 74.48 -12.31 17.07
C PRO F 38 73.37 -11.32 17.23
N VAL F 39 72.14 -11.79 17.06
CA VAL F 39 70.96 -10.95 16.94
C VAL F 39 69.69 -11.75 17.23
N GLU F 40 68.78 -11.20 18.04
CA GLU F 40 67.56 -11.88 18.46
C GLU F 40 66.36 -11.05 18.04
N ILE F 41 65.48 -11.66 17.25
CA ILE F 41 64.29 -10.98 16.82
C ILE F 41 63.09 -11.53 17.58
N GLN F 42 62.39 -10.63 18.26
CA GLN F 42 61.27 -11.01 19.13
C GLN F 42 59.91 -10.83 18.49
N ASN F 43 58.92 -11.58 18.99
CA ASN F 43 57.54 -11.49 18.54
C ASN F 43 57.41 -11.88 17.07
N VAL F 44 58.08 -12.94 16.68
CA VAL F 44 58.01 -13.42 15.31
C VAL F 44 56.91 -14.46 15.16
N PRO F 45 56.04 -14.27 14.17
CA PRO F 45 54.91 -15.20 13.99
C PRO F 45 55.38 -16.57 13.54
N LYS F 46 54.67 -17.64 13.87
CA LYS F 46 55.03 -18.98 13.45
C LYS F 46 54.29 -19.21 12.18
N LEU F 47 54.96 -18.89 11.08
CA LEU F 47 54.43 -18.95 9.73
C LEU F 47 55.41 -19.71 8.86
N LYS F 48 54.89 -20.38 7.84
CA LYS F 48 55.75 -21.11 6.91
C LYS F 48 56.76 -20.19 6.22
N ASP F 49 56.36 -18.94 5.95
CA ASP F 49 57.26 -17.99 5.32
C ASP F 49 58.48 -17.67 6.18
N VAL F 50 58.33 -17.72 7.51
CA VAL F 50 59.46 -17.58 8.41
C VAL F 50 60.35 -18.83 8.36
N ASP F 51 59.72 -20.01 8.34
CA ASP F 51 60.46 -21.25 8.20
C ASP F 51 61.34 -21.24 6.96
N THR F 52 60.74 -20.90 5.82
CA THR F 52 61.46 -20.83 4.56
C THR F 52 62.63 -19.85 4.64
N SER F 53 62.42 -18.72 5.29
CA SER F 53 63.51 -17.74 5.46
C SER F 53 64.67 -18.31 6.25
N MET F 54 64.35 -18.95 7.37
CA MET F 54 65.34 -19.56 8.24
C MET F 54 66.13 -20.61 7.46
N LYS F 55 65.40 -21.48 6.77
CA LYS F 55 66.01 -22.50 5.92
C LYS F 55 67.01 -21.88 4.94
N LEU F 56 66.64 -20.76 4.33
CA LEU F 56 67.57 -20.08 3.43
C LEU F 56 68.78 -19.52 4.17
N LEU F 57 68.54 -18.78 5.26
CA LEU F 57 69.62 -18.22 6.07
C LEU F 57 70.63 -19.31 6.46
N SER F 58 70.12 -20.40 7.02
CA SER F 58 70.94 -21.51 7.45
C SER F 58 71.77 -22.01 6.28
N GLN F 59 71.13 -22.21 5.15
CA GLN F 59 71.79 -22.70 3.95
C GLN F 59 72.97 -21.79 3.54
N LEU F 60 72.86 -20.50 3.85
CA LEU F 60 73.90 -19.54 3.51
C LEU F 60 75.06 -19.63 4.50
N GLY F 61 74.83 -20.33 5.61
CA GLY F 61 75.88 -20.47 6.62
C GLY F 61 75.61 -19.75 7.94
N ALA F 62 74.41 -19.21 8.11
CA ALA F 62 74.09 -18.58 9.39
C ALA F 62 73.60 -19.62 10.39
N LYS F 63 73.75 -19.31 11.67
CA LYS F 63 73.24 -20.17 12.72
C LYS F 63 71.88 -19.66 13.16
N VAL F 64 70.86 -20.49 12.98
CA VAL F 64 69.49 -20.05 13.23
C VAL F 64 68.74 -21.02 14.15
N GLU F 65 67.98 -20.45 15.07
CA GLU F 65 67.01 -21.18 15.83
C GLU F 65 65.99 -20.25 16.42
N ARG F 66 64.82 -20.78 16.75
CA ARG F 66 63.70 -20.01 17.24
C ARG F 66 62.81 -20.87 18.09
N ASP F 67 61.80 -20.30 18.71
CA ASP F 67 60.88 -21.11 19.47
C ASP F 67 60.17 -22.08 18.59
N GLY F 68 59.57 -18.11 19.65
CA GLY F 68 59.09 -16.87 20.16
C GLY F 68 59.92 -15.74 19.65
N SER F 69 61.22 -15.97 19.64
CA SER F 69 62.14 -15.01 19.13
C SER F 69 62.90 -15.84 18.18
N VAL F 70 63.54 -15.23 17.20
CA VAL F 70 64.41 -16.01 16.36
C VAL F 70 65.80 -15.58 16.63
N HIS F 71 66.69 -16.54 16.76
CA HIS F 71 68.09 -16.21 17.00
C HIS F 71 68.90 -16.45 15.74
N ILE F 72 69.64 -15.43 15.33
CA ILE F 72 70.47 -15.50 14.12
C ILE F 72 71.93 -15.13 14.42
N ASP F 73 72.84 -16.01 14.03
CA ASP F 73 74.27 -15.74 14.12
C ASP F 73 74.85 -15.80 12.72
N ALA F 74 75.15 -14.63 12.17
CA ALA F 74 75.52 -14.52 10.76
C ALA F 74 77.01 -14.29 10.54
N ARG F 75 77.81 -14.60 11.54
CA ARG F 75 79.25 -14.38 11.44
C ARG F 75 79.90 -15.29 10.41
N ASP F 76 79.50 -16.56 10.40
CA ASP F 76 80.16 -17.56 9.56
C ASP F 76 79.50 -17.76 8.19
N VAL F 77 78.76 -16.75 7.71
CA VAL F 77 78.13 -16.88 6.40
C VAL F 77 79.23 -17.04 5.36
N ASN F 78 79.13 -18.09 4.56
CA ASN F 78 80.20 -18.45 3.64
C ASN F 78 79.74 -18.95 2.27
N VAL F 79 78.43 -19.08 2.10
CA VAL F 79 77.87 -19.31 0.76
C VAL F 79 76.93 -18.15 0.40
N PHE F 80 76.88 -17.80 -0.87
CA PHE F 80 76.28 -16.52 -1.28
C PHE F 80 75.19 -16.65 -2.36
N CYS F 81 74.52 -17.79 -2.40
CA CYS F 81 73.51 -18.03 -3.41
C CYS F 81 72.16 -18.48 -2.84
N ALA F 82 71.08 -17.84 -3.27
CA ALA F 82 69.75 -18.33 -2.99
C ALA F 82 69.30 -19.13 -4.22
N PRO F 83 69.29 -20.45 -4.11
CA PRO F 83 69.06 -21.36 -5.24
C PRO F 83 67.62 -21.40 -5.75
N TYR F 84 67.44 -21.72 -7.02
CA TYR F 84 66.12 -21.86 -7.63
C TYR F 84 65.06 -22.56 -6.73
N ASP F 85 65.42 -23.70 -6.16
CA ASP F 85 64.45 -24.48 -5.39
C ASP F 85 63.80 -23.72 -4.22
N LEU F 86 64.52 -22.76 -3.65
CA LEU F 86 63.94 -21.97 -2.58
C LEU F 86 63.13 -20.78 -3.09
N VAL F 87 63.78 -19.96 -3.91
CA VAL F 87 63.17 -18.75 -4.44
C VAL F 87 61.82 -19.08 -5.05
N LYS F 88 61.70 -20.22 -5.73
CA LYS F 88 60.44 -20.57 -6.39
C LYS F 88 59.32 -20.78 -5.39
N THR F 89 59.66 -21.13 -4.16
CA THR F 89 58.63 -21.34 -3.14
C THR F 89 58.31 -20.05 -2.35
N MET F 90 59.14 -19.03 -2.51
CA MET F 90 58.91 -17.75 -1.85
C MET F 90 59.75 -16.65 -2.45
N ARG F 91 59.16 -15.84 -3.34
CA ARG F 91 59.92 -14.81 -4.08
C ARG F 91 60.54 -13.73 -3.23
N ALA F 92 60.21 -13.69 -1.94
CA ALA F 92 60.83 -12.71 -1.03
C ALA F 92 62.30 -13.03 -0.75
N SER F 93 62.67 -14.29 -1.00
CA SER F 93 64.07 -14.71 -0.94
C SER F 93 64.98 -13.75 -1.69
N ILE F 94 64.44 -13.06 -2.70
CA ILE F 94 65.20 -12.09 -3.48
C ILE F 94 65.90 -11.09 -2.56
N TRP F 95 65.35 -10.91 -1.36
CA TRP F 95 65.87 -9.95 -0.39
C TRP F 95 67.27 -10.31 0.11
N ALA F 96 67.72 -11.53 -0.18
CA ALA F 96 69.06 -11.91 0.21
C ALA F 96 70.11 -11.12 -0.58
N LEU F 97 69.82 -10.84 -1.84
CA LEU F 97 70.77 -10.21 -2.75
C LEU F 97 71.48 -9.00 -2.16
N GLY F 98 70.70 -8.02 -1.76
CA GLY F 98 71.24 -6.77 -1.25
C GLY F 98 72.28 -6.94 -0.17
N PRO F 99 71.90 -7.53 0.99
CA PRO F 99 72.85 -7.69 2.09
C PRO F 99 74.11 -8.43 1.63
N LEU F 100 73.97 -9.53 0.90
CA LEU F 100 75.13 -10.32 0.46
C LEU F 100 76.16 -9.47 -0.29
N VAL F 101 75.69 -8.65 -1.23
CA VAL F 101 76.59 -7.84 -2.03
C VAL F 101 77.21 -6.73 -1.20
N ALA F 102 76.44 -6.18 -0.28
CA ALA F 102 76.90 -5.07 0.54
C ALA F 102 78.04 -5.53 1.46
N ARG F 103 77.90 -6.72 2.02
CA ARG F 103 78.86 -7.19 3.02
C ARG F 103 80.00 -8.03 2.47
N PHE F 104 79.71 -8.93 1.53
CA PHE F 104 80.73 -9.85 1.01
C PHE F 104 81.19 -9.52 -0.43
N GLY F 105 80.59 -8.49 -1.03
CA GLY F 105 80.96 -8.09 -2.38
C GLY F 105 80.45 -8.98 -3.51
N GLN F 106 79.68 -10.01 -3.18
CA GLN F 106 79.06 -10.87 -4.19
C GLN F 106 77.71 -11.39 -3.71
N GLY F 107 76.91 -11.88 -4.65
CA GLY F 107 75.62 -12.47 -4.34
C GLY F 107 74.96 -13.03 -5.59
N GLN F 108 74.38 -14.22 -5.46
CA GLN F 108 73.66 -14.84 -6.56
C GLN F 108 72.27 -15.22 -6.10
N VAL F 109 71.25 -14.58 -6.66
CA VAL F 109 69.88 -14.95 -6.38
C VAL F 109 69.11 -15.32 -7.65
N SER F 110 68.36 -16.42 -7.58
CA SER F 110 67.53 -16.85 -8.69
C SER F 110 66.46 -15.81 -9.04
N LEU F 111 66.33 -15.47 -10.33
CA LEU F 111 65.34 -14.48 -10.79
C LEU F 111 63.94 -15.08 -10.67
N PRO F 112 63.06 -14.46 -9.87
CA PRO F 112 61.69 -15.00 -9.66
C PRO F 112 60.87 -15.09 -10.95
N GLY F 113 60.09 -16.14 -11.09
CA GLY F 113 59.26 -16.34 -12.24
C GLY F 113 57.84 -15.86 -12.04
N GLY F 114 56.88 -16.53 -12.64
CA GLY F 114 55.52 -16.05 -12.65
C GLY F 114 54.78 -16.21 -11.36
N CYS F 115 53.98 -15.22 -11.01
CA CYS F 115 53.15 -15.33 -9.83
C CYS F 115 51.74 -15.29 -10.30
N THR F 116 50.82 -15.88 -9.56
CA THR F 116 49.44 -15.94 -10.00
C THR F 116 48.63 -14.65 -9.84
N ILE F 117 49.09 -13.73 -9.01
CA ILE F 117 48.38 -12.47 -8.79
C ILE F 117 48.68 -11.36 -9.79
N GLY F 118 49.69 -11.56 -10.63
CA GLY F 118 50.02 -10.56 -11.63
C GLY F 118 51.49 -10.39 -11.92
N ALA F 119 51.81 -9.38 -12.73
CA ALA F 119 53.18 -9.11 -13.12
C ALA F 119 53.97 -8.64 -11.91
N ARG F 120 55.12 -9.28 -11.66
CA ARG F 120 55.93 -8.95 -10.49
C ARG F 120 57.43 -8.88 -10.76
N PRO F 121 57.83 -8.04 -11.70
CA PRO F 121 59.24 -7.85 -12.07
C PRO F 121 60.04 -7.25 -10.90
N VAL F 122 61.36 -7.43 -10.92
CA VAL F 122 62.23 -6.88 -9.88
C VAL F 122 63.30 -5.94 -10.44
N ASP F 123 62.96 -5.32 -11.57
CA ASP F 123 63.82 -4.34 -12.23
C ASP F 123 64.34 -3.23 -11.29
N LEU F 124 63.47 -2.78 -10.38
CA LEU F 124 63.82 -1.71 -9.46
C LEU F 124 64.86 -2.16 -8.43
N HIS F 125 64.85 -3.44 -8.08
CA HIS F 125 65.87 -3.97 -7.16
C HIS F 125 67.22 -3.92 -7.84
N ILE F 126 67.29 -4.53 -9.02
CA ILE F 126 68.50 -4.58 -9.83
C ILE F 126 69.04 -3.19 -10.13
N SER F 127 68.21 -2.32 -10.68
CA SER F 127 68.60 -0.94 -10.99
C SER F 127 69.14 -0.18 -9.75
N GLY F 128 68.51 -0.36 -8.59
CA GLY F 128 68.94 0.33 -7.40
C GLY F 128 70.34 -0.11 -7.02
N LEU F 129 70.59 -1.40 -7.11
CA LEU F 129 71.91 -1.94 -6.78
C LEU F 129 73.01 -1.48 -7.77
N GLU F 130 72.69 -1.42 -9.05
CA GLU F 130 73.63 -0.96 -10.06
C GLU F 130 73.99 0.49 -9.78
N GLN F 131 72.99 1.25 -9.35
CA GLN F 131 73.15 2.66 -9.08
C GLN F 131 74.02 2.84 -7.84
N LEU F 132 74.11 1.82 -7.01
CA LEU F 132 74.98 1.83 -5.83
C LEU F 132 76.37 1.29 -6.14
N GLY F 133 76.65 1.06 -7.42
CA GLY F 133 77.96 0.64 -7.86
C GLY F 133 78.15 -0.84 -8.15
N ALA F 134 77.10 -1.64 -7.95
CA ALA F 134 77.19 -3.07 -8.21
C ALA F 134 77.17 -3.35 -9.72
N THR F 135 77.81 -4.43 -10.11
CA THR F 135 77.74 -4.91 -11.49
C THR F 135 76.83 -6.12 -11.47
N ILE F 136 75.84 -6.15 -12.36
CA ILE F 136 74.86 -7.23 -12.31
C ILE F 136 74.66 -7.91 -13.67
N LYS F 137 74.72 -9.24 -13.67
CA LYS F 137 74.49 -10.00 -14.87
C LYS F 137 73.60 -11.20 -14.57
N LEU F 138 72.96 -11.71 -15.62
CA LEU F 138 72.02 -12.81 -15.50
C LEU F 138 72.53 -14.02 -16.27
N GLU F 139 72.87 -15.09 -15.54
CA GLU F 139 73.34 -16.35 -16.09
C GLU F 139 72.57 -17.52 -15.50
N GLU F 140 72.18 -18.48 -16.30
CA GLU F 140 71.50 -19.68 -15.80
C GLU F 140 70.27 -19.36 -14.94
N GLY F 141 69.66 -18.20 -15.17
CA GLY F 141 68.49 -17.78 -14.42
C GLY F 141 68.83 -17.05 -13.12
N TYR F 142 70.12 -16.88 -12.85
CA TYR F 142 70.54 -16.26 -11.61
C TYR F 142 70.97 -14.81 -11.85
N VAL F 143 70.48 -13.91 -11.01
CA VAL F 143 70.99 -12.55 -11.06
C VAL F 143 72.24 -12.53 -10.19
N LYS F 144 73.36 -12.32 -10.85
CA LYS F 144 74.67 -12.40 -10.20
C LYS F 144 75.27 -10.99 -10.02
N ALA F 145 75.40 -10.58 -8.77
CA ALA F 145 75.87 -9.24 -8.47
C ALA F 145 77.25 -9.30 -7.84
N SER F 146 78.02 -8.24 -8.05
CA SER F 146 79.41 -8.18 -7.57
C SER F 146 79.90 -6.75 -7.49
N VAL F 147 80.79 -6.49 -6.55
CA VAL F 147 81.39 -5.18 -6.43
C VAL F 147 82.82 -5.27 -5.92
N ASP F 148 83.73 -4.57 -6.58
CA ASP F 148 85.12 -4.51 -6.13
C ASP F 148 85.26 -3.57 -4.94
N GLY F 149 85.34 -4.13 -3.73
CA GLY F 149 85.32 -3.32 -2.52
C GLY F 149 83.90 -3.18 -2.00
N ARG F 150 83.50 -1.96 -1.64
CA ARG F 150 82.13 -1.75 -1.17
C ARG F 150 81.35 -0.77 -2.02
N LEU F 151 80.04 -0.76 -1.83
CA LEU F 151 79.13 0.05 -2.63
C LEU F 151 79.33 1.50 -2.25
N LYS F 152 78.84 2.38 -3.11
CA LYS F 152 78.93 3.83 -2.90
C LYS F 152 77.56 4.49 -2.81
N GLY F 153 77.37 5.29 -1.76
CA GLY F 153 76.15 6.06 -1.61
C GLY F 153 75.80 6.81 -2.88
N ALA F 154 74.51 6.92 -3.17
CA ALA F 154 74.04 7.60 -4.38
C ALA F 154 72.65 8.22 -4.17
N HIS F 155 72.30 9.14 -5.05
CA HIS F 155 70.96 9.73 -5.03
C HIS F 155 70.08 8.94 -5.97
N ILE F 156 69.17 8.15 -5.40
CA ILE F 156 68.36 7.26 -6.21
C ILE F 156 66.88 7.66 -6.18
N VAL F 157 66.37 8.02 -7.35
CA VAL F 157 64.97 8.40 -7.46
C VAL F 157 64.18 7.22 -8.05
N MET F 158 63.24 6.70 -7.28
CA MET F 158 62.53 5.48 -7.68
C MET F 158 61.40 5.73 -8.69
N ASP F 159 61.44 4.98 -9.78
CA ASP F 159 60.50 5.15 -10.89
C ASP F 159 59.05 4.98 -10.41
N LYS F 160 58.82 3.92 -9.65
CA LYS F 160 57.52 3.76 -9.03
C LYS F 160 57.69 3.33 -7.57
N VAL F 161 56.58 3.29 -6.84
CA VAL F 161 56.62 2.97 -5.44
C VAL F 161 56.70 1.47 -5.26
N SER F 162 57.74 1.01 -4.58
CA SER F 162 57.91 -0.42 -4.33
C SER F 162 58.43 -0.76 -2.93
N VAL F 163 57.68 -1.59 -2.20
CA VAL F 163 58.12 -2.03 -0.88
C VAL F 163 59.41 -2.83 -0.96
N GLY F 164 59.44 -3.81 -1.84
CA GLY F 164 60.60 -4.66 -1.98
C GLY F 164 61.89 -3.94 -2.35
N ALA F 165 61.86 -3.09 -3.36
CA ALA F 165 63.07 -2.41 -3.79
C ALA F 165 63.50 -1.38 -2.77
N THR F 166 62.55 -0.68 -2.16
CA THR F 166 62.91 0.26 -1.11
C THR F 166 63.71 -0.45 -0.01
N VAL F 167 63.27 -1.63 0.37
CA VAL F 167 63.99 -2.38 1.38
C VAL F 167 65.37 -2.85 0.88
N THR F 168 65.43 -3.39 -0.34
CA THR F 168 66.71 -3.83 -0.93
C THR F 168 67.77 -2.72 -0.92
N ILE F 169 67.42 -1.56 -1.43
CA ILE F 169 68.37 -0.46 -1.50
C ILE F 169 68.71 0.05 -0.11
N MET F 170 67.71 0.26 0.73
CA MET F 170 67.97 0.79 2.07
C MET F 170 68.96 -0.08 2.81
N CYS F 171 68.77 -1.40 2.74
CA CYS F 171 69.64 -2.33 3.45
C CYS F 171 71.07 -2.33 2.90
N ALA F 172 71.18 -2.36 1.57
CA ALA F 172 72.50 -2.39 0.93
C ALA F 172 73.29 -1.14 1.24
N ALA F 173 72.59 -0.01 1.37
CA ALA F 173 73.28 1.26 1.55
C ALA F 173 73.95 1.38 2.92
N THR F 174 73.44 0.65 3.91
CA THR F 174 73.94 0.78 5.29
C THR F 174 75.43 0.47 5.41
N LEU F 175 75.98 -0.24 4.43
CA LEU F 175 77.40 -0.58 4.42
C LEU F 175 78.12 0.02 3.22
N ALA F 176 77.59 1.09 2.67
CA ALA F 176 78.23 1.70 1.53
C ALA F 176 79.09 2.88 1.95
N GLU F 177 79.90 3.39 1.02
CA GLU F 177 80.71 4.59 1.25
C GLU F 177 79.91 5.87 1.04
N GLY F 178 79.61 6.56 2.12
CA GLY F 178 78.95 7.84 1.99
C GLY F 178 77.45 7.76 2.17
N THR F 179 76.77 8.75 1.60
CA THR F 179 75.33 8.92 1.84
C THR F 179 74.47 8.51 0.64
N THR F 180 73.46 7.70 0.91
CA THR F 180 72.47 7.34 -0.10
C THR F 180 71.18 8.07 0.21
N ILE F 181 70.49 8.47 -0.84
CA ILE F 181 69.21 9.10 -0.68
C ILE F 181 68.18 8.52 -1.60
N ILE F 182 67.18 7.86 -1.02
CA ILE F 182 66.08 7.30 -1.78
C ILE F 182 64.90 8.22 -1.81
N GLU F 183 64.54 8.63 -2.99
CA GLU F 183 63.42 9.50 -3.18
C GLU F 183 62.31 8.64 -3.73
N ASN F 184 61.07 9.00 -3.43
CA ASN F 184 59.91 8.20 -3.82
C ASN F 184 59.90 6.85 -3.15
N ALA F 185 60.30 6.85 -1.91
CA ALA F 185 60.36 5.59 -1.21
C ALA F 185 58.98 5.12 -0.74
N ALA F 186 58.84 3.82 -0.58
CA ALA F 186 57.63 3.26 0.03
C ALA F 186 57.56 3.62 1.50
N ARG F 187 56.36 3.98 1.98
CA ARG F 187 56.18 4.37 3.37
C ARG F 187 55.58 3.28 4.31
N GLU F 188 55.47 2.04 3.84
CA GLU F 188 54.89 0.96 4.62
C GLU F 188 55.47 0.86 6.03
N PRO F 189 54.61 0.68 7.05
CA PRO F 189 55.05 0.51 8.45
C PRO F 189 56.19 -0.49 8.59
N GLU F 190 56.16 -1.56 7.82
CA GLU F 190 57.18 -2.59 7.88
C GLU F 190 58.55 -2.08 7.45
N ILE F 191 58.56 -1.04 6.64
CA ILE F 191 59.81 -0.46 6.15
C ILE F 191 60.41 0.35 7.27
N VAL F 192 59.53 0.98 8.05
CA VAL F 192 59.92 1.70 9.24
C VAL F 192 60.53 0.74 10.27
N ASP F 193 59.87 -0.39 10.49
CA ASP F 193 60.35 -1.35 11.47
C ASP F 193 61.74 -1.87 11.04
N THR F 194 61.88 -2.15 9.76
CA THR F 194 63.16 -2.63 9.24
C THR F 194 64.27 -1.61 9.42
N ALA F 195 63.97 -0.34 9.18
CA ALA F 195 64.94 0.72 9.41
C ALA F 195 65.33 0.82 10.87
N ASN F 196 64.36 0.79 11.78
CA ASN F 196 64.63 0.83 13.20
C ASN F 196 65.46 -0.36 13.72
N PHE F 197 65.24 -1.55 13.16
CA PHE F 197 66.12 -2.69 13.43
C PHE F 197 67.55 -2.44 12.96
N LEU F 198 67.70 -1.90 11.75
CA LEU F 198 69.02 -1.56 11.21
C LEU F 198 69.76 -0.54 12.08
N ILE F 199 69.06 0.50 12.50
CA ILE F 199 69.66 1.52 13.36
C ILE F 199 70.13 0.87 14.66
N THR F 200 69.34 -0.05 15.18
CA THR F 200 69.71 -0.78 16.38
C THR F 200 71.05 -1.50 16.24
N LEU F 201 71.36 -1.95 15.03
CA LEU F 201 72.63 -2.65 14.79
C LEU F 201 73.79 -1.67 14.60
N GLY F 202 73.46 -0.38 14.57
CA GLY F 202 74.45 0.65 14.37
C GLY F 202 74.36 1.38 13.03
N ALA F 203 73.28 1.20 12.29
CA ALA F 203 73.16 1.87 11.01
C ALA F 203 72.70 3.29 11.25
N LYS F 204 72.86 4.14 10.26
CA LYS F 204 72.42 5.54 10.34
C LYS F 204 71.37 5.85 9.27
N ILE F 205 70.10 5.82 9.66
CA ILE F 205 68.99 6.01 8.72
C ILE F 205 68.00 7.05 9.23
N SER F 206 67.48 7.85 8.32
CA SER F 206 66.53 8.88 8.69
C SER F 206 65.49 9.07 7.58
N GLY F 207 64.28 9.48 7.96
CA GLY F 207 63.21 9.69 7.00
C GLY F 207 62.31 8.48 6.72
N GLN F 208 62.57 7.34 7.36
CA GLN F 208 61.71 6.17 7.18
C GLN F 208 60.23 6.48 7.48
N GLY F 209 59.34 6.02 6.59
CA GLY F 209 57.92 6.33 6.73
C GLY F 209 57.56 7.57 5.94
N THR F 210 58.57 8.26 5.41
CA THR F 210 58.32 9.35 4.48
C THR F 210 58.83 8.95 3.09
N ASP F 211 58.60 9.80 2.10
CA ASP F 211 59.01 9.49 0.74
C ASP F 211 60.51 9.61 0.51
N ARG F 212 61.22 10.16 1.49
CA ARG F 212 62.67 10.36 1.39
C ARG F 212 63.46 9.71 2.52
N ILE F 213 64.26 8.72 2.17
CA ILE F 213 65.09 8.02 3.15
C ILE F 213 66.58 8.32 2.95
N VAL F 214 67.24 8.69 4.04
CA VAL F 214 68.65 9.03 4.00
C VAL F 214 69.48 8.03 4.80
N ILE F 215 70.43 7.40 4.12
CA ILE F 215 71.31 6.42 4.75
C ILE F 215 72.78 6.86 4.71
N GLU F 216 73.37 6.93 5.89
CA GLU F 216 74.78 7.25 6.05
C GLU F 216 75.55 5.96 6.27
N GLY F 217 76.41 5.62 5.32
CA GLY F 217 77.14 4.37 5.40
C GLY F 217 78.05 4.26 6.61
N VAL F 218 78.10 3.09 7.22
CA VAL F 218 79.07 2.80 8.26
C VAL F 218 79.84 1.58 7.81
N GLU F 219 80.94 1.25 8.49
CA GLU F 219 81.83 0.22 7.96
C GLU F 219 81.47 -1.19 8.41
N ARG F 220 80.71 -1.30 9.50
CA ARG F 220 80.21 -2.61 9.92
C ARG F 220 79.04 -2.48 10.89
N LEU F 221 78.21 -3.52 10.90
CA LEU F 221 77.04 -3.55 11.78
C LEU F 221 77.18 -4.67 12.82
N GLY F 222 76.61 -4.44 14.00
CA GLY F 222 76.75 -5.36 15.11
C GLY F 222 75.59 -6.32 15.29
N GLY F 223 75.21 -6.56 16.54
CA GLY F 223 74.11 -7.43 16.87
C GLY F 223 73.13 -6.71 17.77
N GLY F 224 72.24 -7.45 18.41
CA GLY F 224 71.30 -6.81 19.30
C GLY F 224 69.97 -7.52 19.40
N VAL F 225 68.98 -6.83 20.00
CA VAL F 225 67.66 -7.39 20.20
C VAL F 225 66.59 -6.42 19.72
N TYR F 226 65.60 -6.95 18.99
CA TYR F 226 64.54 -6.14 18.41
C TYR F 226 63.18 -6.86 18.39
N ARG F 227 62.14 -6.14 18.76
CA ARG F 227 60.77 -6.67 18.72
C ARG F 227 59.98 -6.16 17.49
N VAL F 228 59.42 -7.10 16.73
CA VAL F 228 58.69 -6.79 15.50
C VAL F 228 57.31 -6.24 15.80
N LEU F 229 56.90 -5.22 15.05
CA LEU F 229 55.60 -4.57 15.28
C LEU F 229 54.43 -5.52 14.99
N PRO F 230 53.22 -5.16 15.44
CA PRO F 230 52.05 -6.01 15.20
C PRO F 230 51.64 -6.06 13.71
N ASP F 231 51.04 -7.17 13.28
CA ASP F 231 50.59 -7.37 11.91
C ASP F 231 49.26 -6.69 11.59
N ARG F 232 49.31 -5.61 10.82
CA ARG F 232 48.12 -4.84 10.51
C ARG F 232 47.13 -5.61 9.64
N ILE F 233 47.64 -6.52 8.80
CA ILE F 233 46.79 -7.34 7.95
C ILE F 233 46.02 -8.38 8.76
N GLU F 234 46.70 -9.06 9.68
CA GLU F 234 45.98 -9.95 10.56
C GLU F 234 44.94 -9.17 11.34
N THR F 235 45.32 -7.97 11.79
CA THR F 235 44.41 -7.16 12.55
C THR F 235 43.16 -6.85 11.75
N GLY F 236 43.34 -6.40 10.51
CA GLY F 236 42.20 -6.07 9.67
C GLY F 236 41.31 -7.28 9.38
N THR F 237 41.94 -8.43 9.25
CA THR F 237 41.22 -9.64 8.88
C THR F 237 40.23 -10.04 9.96
N PHE F 238 40.64 -9.89 11.23
CA PHE F 238 39.76 -10.20 12.34
C PHE F 238 38.71 -9.12 12.57
N LEU F 239 39.08 -7.87 12.38
CA LEU F 239 38.12 -6.80 12.47
C LEU F 239 37.01 -7.02 11.44
N VAL F 240 37.41 -7.48 10.26
CA VAL F 240 36.45 -7.77 9.20
C VAL F 240 35.59 -8.99 9.54
N ALA F 241 36.22 -9.99 10.15
CA ALA F 241 35.52 -11.19 10.61
C ALA F 241 34.33 -10.81 11.50
N ALA F 242 34.54 -9.87 12.40
CA ALA F 242 33.48 -9.43 13.29
C ALA F 242 32.42 -8.66 12.52
N ALA F 243 32.85 -7.75 11.66
CA ALA F 243 31.94 -6.86 10.96
C ALA F 243 30.96 -7.59 10.05
N ILE F 244 31.36 -8.75 9.55
CA ILE F 244 30.52 -9.46 8.60
C ILE F 244 29.60 -10.44 9.30
N SER F 245 29.94 -10.82 10.53
CA SER F 245 29.15 -11.78 11.29
C SER F 245 28.23 -11.06 12.28
N ARG F 246 28.14 -9.75 12.13
CA ARG F 246 27.33 -8.95 13.04
C ARG F 246 27.76 -9.14 14.50
N GLY F 247 29.06 -9.25 14.69
CA GLY F 247 29.62 -9.53 16.02
C GLY F 247 30.29 -8.34 16.66
N LYS F 248 31.19 -8.64 17.59
CA LYS F 248 31.95 -7.62 18.33
C LYS F 248 33.29 -8.20 18.79
N ILE F 249 34.34 -7.39 18.79
CA ILE F 249 35.68 -7.93 18.97
C ILE F 249 36.65 -6.91 19.54
N ILE F 250 37.61 -7.40 20.31
CA ILE F 250 38.71 -6.58 20.76
C ILE F 250 39.99 -7.23 20.27
N CYS F 251 40.85 -6.41 19.67
CA CYS F 251 42.16 -6.88 19.22
C CYS F 251 43.21 -6.36 20.16
N ARG F 252 44.01 -7.28 20.70
CA ARG F 252 45.03 -6.96 21.67
C ARG F 252 46.40 -7.03 21.01
N ASN F 253 47.33 -6.22 21.51
CA ASN F 253 48.67 -6.14 20.92
C ASN F 253 48.61 -5.57 19.52
N ALA F 254 47.89 -4.48 19.36
CA ALA F 254 47.68 -3.84 18.07
C ALA F 254 48.43 -2.53 18.01
N GLN F 255 48.52 -1.97 16.81
CA GLN F 255 49.08 -0.65 16.62
C GLN F 255 48.18 0.13 15.67
N PRO F 256 47.17 0.78 16.22
CA PRO F 256 46.14 1.48 15.47
C PRO F 256 46.63 2.48 14.43
N ASP F 257 47.69 3.25 14.69
CA ASP F 257 48.12 4.29 13.74
C ASP F 257 48.50 3.68 12.39
N THR F 258 48.51 2.36 12.37
CA THR F 258 48.93 1.54 11.26
C THR F 258 47.76 1.25 10.28
N LEU F 259 46.54 1.57 10.69
CA LEU F 259 45.34 1.08 10.03
C LEU F 259 44.32 2.18 9.72
N ASP F 260 44.78 3.42 9.64
CA ASP F 260 43.86 4.52 9.43
C ASP F 260 42.85 4.21 8.33
N ALA F 261 43.32 3.91 7.12
CA ALA F 261 42.43 3.74 5.98
C ALA F 261 41.40 2.62 6.19
N VAL F 262 41.86 1.50 6.72
CA VAL F 262 40.99 0.37 6.99
C VAL F 262 39.91 0.69 8.03
N LEU F 263 40.30 1.33 9.12
CA LEU F 263 39.34 1.66 10.16
C LEU F 263 38.27 2.61 9.63
N ALA F 264 38.70 3.59 8.85
CA ALA F 264 37.80 4.57 8.27
C ALA F 264 36.76 3.88 7.39
N LYS F 265 37.22 2.89 6.64
CA LYS F 265 36.34 2.19 5.71
C LYS F 265 35.32 1.35 6.46
N LEU F 266 35.75 0.80 7.59
CA LEU F 266 34.88 -0.01 8.44
C LEU F 266 33.78 0.85 9.03
N ARG F 267 34.14 2.07 9.47
CA ARG F 267 33.13 3.01 9.94
C ARG F 267 32.09 3.29 8.85
N ASP F 268 32.56 3.51 7.62
CA ASP F 268 31.66 3.78 6.52
C ASP F 268 30.71 2.58 6.31
N ALA F 269 31.19 1.38 6.68
CA ALA F 269 30.38 0.18 6.54
C ALA F 269 29.37 0.05 7.71
N GLY F 270 29.51 0.93 8.70
CA GLY F 270 28.58 1.00 9.80
C GLY F 270 29.12 0.51 11.13
N ALA F 271 30.43 0.29 11.23
CA ALA F 271 30.98 -0.26 12.46
C ALA F 271 31.23 0.82 13.51
N ASP F 272 31.15 0.43 14.77
CA ASP F 272 31.43 1.31 15.91
C ASP F 272 32.81 0.96 16.45
N ILE F 273 33.78 1.85 16.24
CA ILE F 273 35.18 1.52 16.50
C ILE F 273 35.81 2.44 17.54
N GLU F 274 36.51 1.85 18.51
CA GLU F 274 37.34 2.62 19.43
C GLU F 274 38.75 2.08 19.46
N VAL F 275 39.70 2.95 19.72
CA VAL F 275 41.09 2.53 19.77
C VAL F 275 41.77 2.94 21.08
N GLY F 276 42.63 2.06 21.59
CA GLY F 276 43.50 2.40 22.69
C GLY F 276 44.90 2.59 22.16
N GLU F 277 45.89 2.45 23.01
CA GLU F 277 47.25 2.63 22.56
C GLU F 277 47.77 1.35 21.94
N ASP F 278 47.17 0.22 22.31
CA ASP F 278 47.59 -1.09 21.78
C ASP F 278 46.43 -2.06 21.62
N TRP F 279 45.23 -1.50 21.40
CA TRP F 279 44.04 -2.30 21.16
C TRP F 279 43.06 -1.60 20.21
N ILE F 280 42.26 -2.38 19.52
CA ILE F 280 41.16 -1.82 18.74
C ILE F 280 39.89 -2.59 19.08
N SER F 281 38.79 -1.87 19.23
CA SER F 281 37.50 -2.53 19.44
C SER F 281 36.52 -2.20 18.31
N LEU F 282 35.66 -3.16 18.01
CA LEU F 282 34.68 -2.99 16.94
C LEU F 282 33.36 -3.64 17.35
N ASP F 283 32.28 -2.89 17.20
CA ASP F 283 30.98 -3.40 17.52
C ASP F 283 30.02 -3.10 16.37
N MET F 284 29.33 -4.12 15.88
CA MET F 284 28.32 -3.93 14.83
C MET F 284 26.91 -3.67 15.41
N HIS F 285 26.73 -3.89 16.70
CA HIS F 285 25.43 -3.72 17.35
C HIS F 285 24.37 -4.49 16.58
N GLY F 286 24.69 -5.73 16.24
CA GLY F 286 23.77 -6.64 15.56
C GLY F 286 23.43 -6.26 14.12
N LYS F 287 24.02 -5.18 13.63
CA LYS F 287 23.72 -4.67 12.30
C LYS F 287 24.45 -5.41 11.19
N ARG F 288 23.81 -5.45 10.03
CA ARG F 288 24.47 -5.90 8.81
C ARG F 288 25.22 -4.70 8.20
N PRO F 289 26.44 -4.95 7.68
CA PRO F 289 27.30 -3.87 7.16
C PRO F 289 26.71 -3.18 5.90
N LYS F 290 27.09 -1.92 5.70
CA LYS F 290 26.67 -1.17 4.52
C LYS F 290 27.79 -1.23 3.47
N ALA F 291 27.40 -1.35 2.20
CA ALA F 291 28.37 -1.42 1.10
C ALA F 291 29.31 -0.22 1.10
N VAL F 292 30.58 -0.47 0.77
CA VAL F 292 31.55 0.62 0.62
C VAL F 292 32.28 0.58 -0.74
N ASN F 293 32.96 1.67 -1.06
CA ASN F 293 33.82 1.74 -2.25
C ASN F 293 35.27 1.89 -1.85
N VAL F 294 36.13 1.08 -2.44
CA VAL F 294 37.53 1.04 -2.06
C VAL F 294 38.47 1.07 -3.25
N ARG F 295 39.57 1.77 -3.06
CA ARG F 295 40.69 1.84 -3.98
C ARG F 295 41.96 1.44 -3.26
N THR F 296 42.59 0.37 -3.68
CA THR F 296 43.89 0.00 -3.12
C THR F 296 45.01 0.89 -3.65
N ALA F 297 46.01 1.15 -2.80
CA ALA F 297 47.19 1.89 -3.20
C ALA F 297 48.26 1.76 -2.13
N PRO F 298 49.49 2.22 -2.42
CA PRO F 298 50.53 2.10 -1.40
C PRO F 298 50.15 2.83 -0.12
N HIS F 299 50.72 2.37 0.98
CA HIS F 299 50.52 2.98 2.29
C HIS F 299 50.79 4.49 2.25
N PRO F 300 50.02 5.28 3.04
CA PRO F 300 49.02 4.83 4.02
C PRO F 300 47.60 4.70 3.46
N ALA F 301 47.45 4.55 2.15
CA ALA F 301 46.15 4.27 1.54
C ALA F 301 45.70 2.87 1.91
N PHE F 302 44.52 2.47 1.45
CA PHE F 302 43.98 1.14 1.68
C PHE F 302 44.82 0.07 0.98
N PRO F 303 45.26 -0.95 1.73
CA PRO F 303 46.25 -1.97 1.33
C PRO F 303 45.66 -3.11 0.52
N THR F 304 46.37 -3.50 -0.53
CA THR F 304 45.94 -4.63 -1.36
C THR F 304 45.76 -5.90 -0.53
N ASP F 305 46.57 -6.06 0.51
CA ASP F 305 46.46 -7.25 1.35
C ASP F 305 45.12 -7.36 2.12
N MET F 306 44.32 -6.30 2.11
CA MET F 306 43.03 -6.31 2.76
C MET F 306 41.88 -6.34 1.74
N GLN F 307 42.23 -6.34 0.47
CA GLN F 307 41.25 -6.20 -0.61
C GLN F 307 40.21 -7.34 -0.67
N ALA F 308 40.66 -8.59 -0.58
CA ALA F 308 39.73 -9.71 -0.69
C ALA F 308 38.79 -9.78 0.51
N GLN F 309 39.31 -9.43 1.67
CA GLN F 309 38.47 -9.37 2.85
C GLN F 309 37.33 -8.37 2.68
N PHE F 310 37.64 -7.18 2.19
CA PHE F 310 36.62 -6.15 2.03
C PHE F 310 35.68 -6.47 0.87
N THR F 311 36.16 -7.27 -0.07
CA THR F 311 35.31 -7.78 -1.13
C THR F 311 34.23 -8.63 -0.50
N LEU F 312 34.62 -9.50 0.42
CA LEU F 312 33.67 -10.38 1.11
C LEU F 312 32.64 -9.55 1.89
N LEU F 313 33.12 -8.58 2.64
CA LEU F 313 32.25 -7.65 3.36
C LEU F 313 31.18 -7.13 2.42
N ASN F 314 31.59 -6.52 1.32
CA ASN F 314 30.65 -5.97 0.35
C ASN F 314 29.69 -7.02 -0.17
N LEU F 315 30.12 -8.28 -0.24
CA LEU F 315 29.29 -9.30 -0.87
C LEU F 315 28.13 -9.74 0.03
N VAL F 316 28.23 -9.42 1.31
CA VAL F 316 27.18 -9.72 2.28
C VAL F 316 26.61 -8.44 2.86
N ALA F 317 26.86 -7.31 2.22
CA ALA F 317 26.43 -6.03 2.76
C ALA F 317 25.12 -5.55 2.15
N GLU F 318 24.63 -4.43 2.64
CA GLU F 318 23.44 -3.81 2.11
C GLU F 318 23.85 -2.85 0.99
N GLY F 319 23.42 -3.16 -0.22
CA GLY F 319 23.70 -2.29 -1.36
C GLY F 319 24.77 -2.77 -2.34
N THR F 320 25.20 -1.84 -3.17
CA THR F 320 26.25 -2.11 -4.16
C THR F 320 27.53 -1.33 -3.83
N GLY F 321 28.68 -2.00 -3.85
CA GLY F 321 29.96 -1.37 -3.60
C GLY F 321 30.98 -1.86 -4.60
N PHE F 322 31.92 -1.00 -4.98
CA PHE F 322 32.96 -1.49 -5.87
C PHE F 322 34.32 -1.42 -5.19
N ILE F 323 35.24 -2.28 -5.66
CA ILE F 323 36.62 -2.32 -5.18
C ILE F 323 37.59 -2.27 -6.35
N THR F 324 38.46 -1.27 -6.36
CA THR F 324 39.38 -1.09 -7.46
C THR F 324 40.78 -1.37 -7.01
N GLU F 325 41.46 -2.22 -7.74
CA GLU F 325 42.76 -2.68 -7.37
C GLU F 325 43.82 -1.99 -8.20
N THR F 326 44.75 -1.36 -7.51
CA THR F 326 45.73 -0.50 -8.11
C THR F 326 47.13 -1.01 -7.96
N VAL F 327 47.30 -2.09 -7.23
CA VAL F 327 48.62 -2.58 -6.94
C VAL F 327 48.82 -3.86 -7.66
N PHE F 328 47.88 -4.76 -7.54
CA PHE F 328 47.98 -6.02 -8.22
C PHE F 328 46.73 -6.15 -9.04
N GLU F 329 46.80 -5.82 -10.32
CA GLU F 329 45.57 -5.65 -11.09
C GLU F 329 44.83 -6.94 -11.43
N ASN F 330 45.47 -8.10 -11.22
CA ASN F 330 44.81 -9.40 -11.44
C ASN F 330 44.51 -10.21 -10.14
N ARG F 331 44.41 -9.54 -9.01
CA ARG F 331 44.28 -10.22 -7.74
C ARG F 331 42.81 -10.41 -7.37
N PHE F 332 42.11 -11.29 -8.10
CA PHE F 332 40.67 -11.44 -7.91
C PHE F 332 40.19 -12.88 -7.91
N MET F 333 41.11 -13.83 -7.76
CA MET F 333 40.71 -15.24 -7.78
C MET F 333 39.73 -15.64 -6.68
N HIS F 334 39.74 -14.92 -5.58
CA HIS F 334 38.77 -15.13 -4.53
C HIS F 334 37.32 -14.92 -4.98
N VAL F 335 37.12 -14.00 -5.93
CA VAL F 335 35.78 -13.65 -6.41
C VAL F 335 35.00 -14.84 -6.95
N PRO F 336 35.57 -15.58 -7.92
CA PRO F 336 34.82 -16.72 -8.46
C PRO F 336 34.51 -17.78 -7.39
N GLU F 337 35.44 -17.99 -6.45
CA GLU F 337 35.20 -18.92 -5.36
C GLU F 337 34.02 -18.50 -4.51
N LEU F 338 34.00 -17.21 -4.14
CA LEU F 338 32.89 -16.66 -3.40
C LEU F 338 31.60 -16.78 -4.20
N SER F 339 31.72 -16.79 -5.51
CA SER F 339 30.55 -16.99 -6.38
C SER F 339 29.98 -18.40 -6.26
N ARG F 340 30.83 -19.37 -5.96
CA ARG F 340 30.35 -20.73 -5.74
C ARG F 340 29.50 -20.75 -4.49
N MET F 341 29.71 -19.77 -3.61
CA MET F 341 29.00 -19.72 -2.34
C MET F 341 27.75 -18.82 -2.41
N GLY F 342 27.39 -18.41 -3.63
CA GLY F 342 26.21 -17.59 -3.83
C GLY F 342 26.41 -16.08 -3.87
N ALA F 343 27.65 -15.61 -3.84
CA ALA F 343 27.89 -14.17 -3.92
C ALA F 343 27.60 -13.63 -5.32
N HIS F 344 27.24 -12.37 -5.42
CA HIS F 344 26.92 -11.77 -6.72
C HIS F 344 27.92 -10.69 -7.05
N ALA F 345 28.82 -10.97 -7.99
CA ALA F 345 29.82 -9.99 -8.36
C ALA F 345 30.14 -10.06 -9.83
N GLU F 346 30.55 -8.93 -10.40
CA GLU F 346 31.23 -8.94 -11.69
C GLU F 346 32.57 -8.19 -11.64
N ILE F 347 33.50 -8.66 -12.44
CA ILE F 347 34.80 -8.01 -12.58
C ILE F 347 34.90 -7.29 -13.91
N GLU F 348 35.08 -5.99 -13.85
CA GLU F 348 35.28 -5.16 -15.04
C GLU F 348 36.68 -4.63 -14.99
N SER F 349 37.55 -5.17 -15.84
CA SER F 349 38.93 -4.74 -15.82
C SER F 349 39.51 -4.99 -14.41
N ASN F 350 39.97 -3.94 -13.74
CA ASN F 350 40.56 -4.12 -12.41
C ASN F 350 39.64 -3.63 -11.28
N THR F 351 38.34 -3.67 -11.52
CA THR F 351 37.38 -3.33 -10.49
C THR F 351 36.38 -4.47 -10.31
N VAL F 352 36.13 -4.88 -9.08
CA VAL F 352 35.03 -5.79 -8.83
C VAL F 352 33.77 -5.06 -8.35
N ILE F 353 32.67 -5.30 -9.03
CA ILE F 353 31.39 -4.70 -8.67
C ILE F 353 30.52 -5.68 -7.87
N CYS F 354 30.25 -5.32 -6.62
CA CYS F 354 29.58 -6.21 -5.69
C CYS F 354 28.11 -5.84 -5.43
N HIS F 355 27.24 -6.85 -5.42
CA HIS F 355 25.87 -6.64 -5.03
C HIS F 355 25.55 -7.51 -3.84
N GLY F 356 25.51 -6.90 -2.66
CA GLY F 356 25.36 -7.64 -1.42
C GLY F 356 24.14 -8.53 -1.30
N VAL F 357 24.36 -9.77 -0.89
CA VAL F 357 23.27 -10.69 -0.55
C VAL F 357 23.19 -10.87 0.96
N GLU F 358 22.05 -11.41 1.38
CA GLU F 358 21.63 -11.51 2.78
C GLU F 358 22.45 -12.61 3.47
N LYS F 359 22.51 -13.77 2.81
CA LYS F 359 23.17 -14.95 3.32
C LYS F 359 23.83 -15.72 2.20
N LEU F 360 24.89 -16.44 2.54
CA LEU F 360 25.65 -17.27 1.62
C LEU F 360 25.50 -18.73 1.98
N SER F 361 25.98 -19.62 1.13
CA SER F 361 25.74 -21.02 1.36
C SER F 361 27.02 -21.78 1.31
N GLY F 362 27.14 -22.86 2.04
CA GLY F 362 28.37 -23.62 2.03
C GLY F 362 28.74 -24.24 0.70
N ALA F 363 30.02 -24.44 0.43
CA ALA F 363 30.48 -25.07 -0.80
C ALA F 363 31.94 -25.49 -0.69
N GLN F 364 32.45 -26.27 -1.63
CA GLN F 364 33.90 -26.53 -1.71
C GLN F 364 34.61 -25.43 -2.48
N VAL F 365 35.64 -24.85 -1.87
CA VAL F 365 36.37 -23.75 -2.48
C VAL F 365 37.87 -23.95 -2.36
N MET F 366 38.63 -23.29 -3.22
CA MET F 366 40.07 -23.50 -3.28
C MET F 366 40.89 -22.26 -2.96
N ALA F 367 41.77 -22.35 -1.98
CA ALA F 367 42.66 -21.26 -1.64
C ALA F 367 43.83 -21.25 -2.63
N THR F 368 44.38 -20.06 -2.90
CA THR F 368 45.52 -19.88 -3.82
C THR F 368 46.45 -18.76 -3.38
N ASP F 369 45.98 -17.91 -2.47
CA ASP F 369 46.69 -16.67 -2.15
C ASP F 369 47.00 -16.55 -0.67
N LEU F 370 48.30 -16.52 -0.38
CA LEU F 370 48.81 -16.29 0.96
C LEU F 370 48.06 -15.39 1.92
N ARG F 371 47.51 -14.27 1.44
CA ARG F 371 46.70 -13.45 2.33
C ARG F 371 45.23 -13.43 1.92
N ALA F 372 45.01 -13.28 0.62
CA ALA F 372 43.65 -13.12 0.10
C ALA F 372 42.71 -14.28 0.42
N SER F 373 43.22 -15.50 0.42
CA SER F 373 42.36 -16.68 0.61
C SER F 373 41.76 -16.81 2.01
N ALA F 374 42.28 -16.06 2.96
CA ALA F 374 41.74 -16.05 4.30
C ALA F 374 40.26 -15.67 4.22
N SER F 375 39.91 -14.92 3.20
CA SER F 375 38.54 -14.48 3.04
C SER F 375 37.61 -15.68 2.77
N LEU F 376 38.15 -16.77 2.21
CA LEU F 376 37.34 -17.97 1.98
C LEU F 376 37.00 -18.66 3.30
N VAL F 377 37.98 -18.67 4.22
CA VAL F 377 37.74 -19.17 5.56
C VAL F 377 36.69 -18.34 6.28
N LEU F 378 36.87 -17.02 6.24
CA LEU F 378 35.90 -16.10 6.80
C LEU F 378 34.51 -16.34 6.23
N ALA F 379 34.43 -16.55 4.92
CA ALA F 379 33.14 -16.78 4.27
C ALA F 379 32.50 -18.06 4.81
N GLY F 380 33.32 -19.08 5.02
CA GLY F 380 32.85 -20.31 5.64
C GLY F 380 32.16 -20.11 6.98
N CYS F 381 32.73 -19.25 7.82
CA CYS F 381 32.17 -18.98 9.14
C CYS F 381 30.77 -18.39 9.10
N ILE F 382 30.44 -17.62 8.08
CA ILE F 382 29.14 -16.97 8.08
C ILE F 382 28.17 -17.54 7.05
N ALA F 383 28.62 -18.47 6.23
CA ALA F 383 27.73 -19.10 5.26
C ALA F 383 26.80 -20.15 5.91
N GLU F 384 25.75 -20.49 5.20
CA GLU F 384 24.77 -21.44 5.68
C GLU F 384 25.15 -22.87 5.37
N GLY F 385 25.59 -23.61 6.37
CA GLY F 385 25.96 -25.00 6.18
C GLY F 385 27.46 -25.28 6.24
N THR F 386 27.93 -26.16 5.36
CA THR F 386 29.30 -26.64 5.39
C THR F 386 30.17 -26.18 4.21
N THR F 387 31.30 -25.60 4.55
CA THR F 387 32.25 -25.13 3.55
C THR F 387 33.54 -25.93 3.73
N VAL F 388 34.12 -26.40 2.62
CA VAL F 388 35.42 -27.04 2.68
C VAL F 388 36.41 -26.20 1.90
N VAL F 389 37.43 -25.69 2.58
CA VAL F 389 38.43 -24.89 1.94
C VAL F 389 39.63 -25.74 1.75
N ASP F 390 40.11 -25.76 0.54
CA ASP F 390 41.17 -26.63 0.12
C ASP F 390 42.48 -25.91 -0.06
N ARG F 391 43.55 -26.69 -0.09
CA ARG F 391 44.90 -26.19 -0.21
C ARG F 391 45.11 -25.07 0.73
N ILE F 392 44.90 -25.32 1.99
CA ILE F 392 45.15 -24.23 2.96
C ILE F 392 46.61 -24.02 3.30
N TYR F 393 47.51 -24.81 2.71
CA TYR F 393 48.94 -24.59 2.92
C TYR F 393 49.33 -23.19 2.53
N HIS F 394 48.63 -22.62 1.54
CA HIS F 394 48.79 -21.19 1.24
C HIS F 394 48.55 -20.34 2.47
N ILE F 395 47.43 -20.59 3.14
CA ILE F 395 47.05 -19.78 4.31
C ILE F 395 48.07 -19.93 5.44
N ASP F 396 48.63 -21.14 5.53
CA ASP F 396 49.69 -21.45 6.49
C ASP F 396 50.94 -20.60 6.34
N ARG F 397 51.18 -20.10 5.13
CA ARG F 397 52.33 -19.21 4.90
C ARG F 397 52.07 -17.85 5.50
N GLY F 398 50.79 -17.51 5.65
CA GLY F 398 50.41 -16.13 5.89
C GLY F 398 49.86 -15.75 7.24
N TYR F 399 49.27 -16.72 7.94
CA TYR F 399 48.67 -16.43 9.25
C TYR F 399 49.12 -17.47 10.28
N GLU F 400 49.44 -17.02 11.49
CA GLU F 400 49.81 -17.95 12.56
C GLU F 400 48.57 -18.60 13.19
N ARG F 401 48.40 -19.88 12.96
CA ARG F 401 47.27 -20.58 13.53
C ARG F 401 45.99 -19.79 13.42
N ILE F 402 45.42 -19.74 12.24
CA ILE F 402 44.19 -18.97 12.08
C ILE F 402 42.96 -19.71 12.64
N GLU F 403 42.98 -21.04 12.62
CA GLU F 403 41.82 -21.80 13.11
C GLU F 403 41.64 -21.67 14.63
N ASP F 404 42.75 -21.57 15.36
CA ASP F 404 42.69 -21.45 16.81
C ASP F 404 42.06 -20.13 17.21
N LYS F 405 42.50 -19.06 16.55
CA LYS F 405 41.99 -17.73 16.85
C LYS F 405 40.54 -17.58 16.46
N LEU F 406 40.16 -18.15 15.33
CA LEU F 406 38.76 -18.14 14.87
C LEU F 406 37.84 -18.95 15.77
N ARG F 407 38.29 -20.12 16.21
CA ARG F 407 37.56 -20.94 17.16
C ARG F 407 37.31 -20.20 18.48
N ALA F 408 38.34 -19.52 18.98
CA ALA F 408 38.23 -18.69 20.20
C ALA F 408 37.26 -17.53 20.03
N LEU F 409 36.73 -17.37 18.83
CA LEU F 409 35.76 -16.32 18.57
C LEU F 409 34.38 -16.91 18.31
N GLY F 410 34.31 -18.24 18.35
CA GLY F 410 33.05 -18.94 18.21
C GLY F 410 32.91 -19.73 16.92
N ALA F 411 33.97 -19.78 16.13
CA ALA F 411 33.92 -20.47 14.85
C ALA F 411 33.88 -22.00 14.99
N ASN F 412 33.07 -22.63 14.16
CA ASN F 412 33.08 -24.08 14.04
C ASN F 412 33.99 -24.50 12.89
N ILE F 413 35.25 -24.78 13.22
CA ILE F 413 36.26 -25.03 12.20
C ILE F 413 37.16 -26.22 12.55
N GLU F 414 37.49 -27.02 11.55
CA GLU F 414 38.34 -28.17 11.78
C GLU F 414 39.37 -28.38 10.66
N ARG F 415 40.58 -28.75 11.04
CA ARG F 415 41.65 -29.05 10.10
C ARG F 415 41.73 -30.56 9.82
N VAL F 416 41.40 -30.98 8.61
CA VAL F 416 41.44 -32.41 8.26
C VAL F 416 42.55 -32.77 7.26
N LYS F 417 42.90 -34.05 7.16
CA LYS F 417 44.03 -34.49 6.34
C LYS F 417 43.64 -35.32 5.11
N GLY F 418 42.54 -34.96 4.47
CA GLY F 418 42.04 -35.70 3.32
C GLY F 418 43.10 -36.00 2.27
N MET G 1 55.86 -36.13 -11.29
CA MET G 1 56.10 -34.83 -11.92
C MET G 1 57.04 -34.92 -13.11
N ASP G 2 56.47 -35.24 -14.28
CA ASP G 2 57.26 -35.28 -15.51
C ASP G 2 57.83 -33.90 -15.85
N LYS G 3 58.96 -33.91 -16.56
CA LYS G 3 59.62 -32.69 -17.00
C LYS G 3 60.12 -32.89 -18.42
N PHE G 4 60.34 -31.80 -19.13
CA PHE G 4 61.04 -31.87 -20.40
C PHE G 4 62.42 -31.33 -20.19
N ARG G 5 63.43 -32.09 -20.61
CA ARG G 5 64.80 -31.57 -20.69
C ARG G 5 65.08 -31.27 -22.15
N VAL G 6 65.52 -30.04 -22.42
CA VAL G 6 65.70 -29.61 -23.80
C VAL G 6 67.09 -29.06 -24.03
N GLN G 7 67.69 -29.45 -25.15
CA GLN G 7 69.06 -29.06 -25.49
C GLN G 7 69.07 -28.21 -26.76
N GLY G 8 69.69 -27.03 -26.70
CA GLY G 8 69.72 -26.15 -27.85
C GLY G 8 71.02 -25.40 -27.92
N PRO G 9 71.20 -24.56 -28.95
CA PRO G 9 70.22 -24.25 -30.00
C PRO G 9 70.11 -25.33 -31.06
N THR G 10 68.95 -25.37 -31.71
CA THR G 10 68.60 -26.43 -32.64
C THR G 10 67.66 -25.82 -33.66
N LYS G 11 67.87 -26.12 -34.93
CA LYS G 11 67.06 -25.54 -35.99
C LYS G 11 65.93 -26.48 -36.39
N LEU G 12 64.70 -26.06 -36.15
CA LEU G 12 63.57 -26.93 -36.43
C LEU G 12 63.14 -26.87 -37.90
N GLN G 13 63.22 -28.00 -38.58
CA GLN G 13 62.83 -28.08 -39.98
C GLN G 13 62.37 -29.46 -40.36
N GLY G 14 61.59 -29.53 -41.43
CA GLY G 14 61.00 -30.79 -41.84
C GLY G 14 59.51 -30.65 -42.02
N GLU G 15 58.76 -31.67 -41.62
CA GLU G 15 57.30 -31.56 -41.67
C GLU G 15 56.62 -32.15 -40.45
N VAL G 16 55.31 -31.90 -40.33
CA VAL G 16 54.52 -32.36 -39.21
C VAL G 16 53.09 -32.59 -39.66
N THR G 17 52.44 -33.59 -39.08
CA THR G 17 51.03 -33.83 -39.35
C THR G 17 50.17 -33.27 -38.21
N ILE G 18 49.21 -32.42 -38.56
CA ILE G 18 48.36 -31.76 -37.58
C ILE G 18 47.30 -32.71 -37.04
N SER G 19 47.17 -32.75 -35.73
CA SER G 19 46.11 -33.53 -35.09
C SER G 19 44.76 -32.83 -35.17
N GLY G 20 43.71 -33.55 -34.79
CA GLY G 20 42.38 -32.96 -34.70
C GLY G 20 42.28 -31.87 -33.63
N ALA G 21 41.38 -30.92 -33.84
CA ALA G 21 41.23 -29.79 -32.94
C ALA G 21 40.71 -30.21 -31.56
N LYS G 22 41.55 -30.02 -30.54
CA LYS G 22 41.19 -30.30 -29.16
C LYS G 22 39.89 -29.61 -28.78
N ASN G 23 39.75 -28.36 -29.21
CA ASN G 23 38.58 -27.55 -28.86
C ASN G 23 37.37 -27.72 -29.78
N ALA G 24 37.45 -28.65 -30.71
CA ALA G 24 36.27 -29.08 -31.45
C ALA G 24 35.87 -30.42 -30.83
N ALA G 25 36.86 -31.28 -30.59
CA ALA G 25 36.60 -32.59 -30.00
C ALA G 25 35.78 -32.42 -28.72
N LEU G 26 36.18 -31.49 -27.86
CA LEU G 26 35.53 -31.34 -26.56
C LEU G 26 34.04 -30.98 -26.65
N PRO G 27 33.69 -29.93 -27.41
CA PRO G 27 32.26 -29.56 -27.46
C PRO G 27 31.44 -30.67 -28.12
N ILE G 28 32.03 -31.34 -29.11
CA ILE G 28 31.34 -32.41 -29.81
C ILE G 28 31.06 -33.60 -28.88
N LEU G 29 32.09 -34.03 -28.13
CA LEU G 29 31.91 -35.08 -27.14
C LEU G 29 30.74 -34.80 -26.17
N PHE G 30 30.55 -33.55 -25.80
CA PHE G 30 29.48 -33.21 -24.88
C PHE G 30 28.16 -33.07 -25.62
N ALA G 31 28.24 -32.74 -26.90
CA ALA G 31 27.01 -32.65 -27.71
C ALA G 31 26.42 -34.06 -27.96
N ALA G 32 27.29 -35.08 -27.92
CA ALA G 32 26.88 -36.46 -28.04
C ALA G 32 25.84 -36.86 -26.99
N LEU G 33 25.82 -36.19 -25.85
CA LEU G 33 24.83 -36.50 -24.83
C LEU G 33 23.41 -36.33 -25.35
N LEU G 34 23.28 -35.62 -26.47
CA LEU G 34 21.97 -35.41 -27.07
C LEU G 34 21.54 -36.63 -27.89
N ALA G 35 22.51 -37.40 -28.34
CA ALA G 35 22.27 -38.43 -29.34
C ALA G 35 21.58 -39.65 -28.73
N GLU G 36 20.62 -40.17 -29.49
CA GLU G 36 19.79 -41.29 -29.09
C GLU G 36 20.25 -42.59 -29.73
N GLU G 37 21.08 -42.50 -30.73
CA GLU G 37 21.64 -43.70 -31.31
C GLU G 37 23.15 -43.52 -31.23
N PRO G 38 23.93 -44.57 -31.36
CA PRO G 38 25.37 -44.46 -31.14
C PRO G 38 26.07 -43.58 -32.15
N VAL G 39 27.29 -43.14 -31.82
CA VAL G 39 28.03 -42.18 -32.63
C VAL G 39 29.55 -42.29 -32.53
N GLU G 40 30.25 -42.01 -33.63
CA GLU G 40 31.69 -42.19 -33.73
C GLU G 40 32.33 -40.88 -34.18
N ILE G 41 33.24 -40.36 -33.34
CA ILE G 41 33.96 -39.14 -33.67
C ILE G 41 35.39 -39.46 -34.09
N GLN G 42 35.73 -39.09 -35.32
CA GLN G 42 37.02 -39.44 -35.92
C GLN G 42 38.04 -38.33 -35.79
N ASN G 43 39.31 -38.69 -35.85
CA ASN G 43 40.42 -37.73 -35.82
C ASN G 43 40.48 -36.97 -34.51
N VAL G 44 40.27 -37.68 -33.40
CA VAL G 44 40.33 -37.06 -32.10
C VAL G 44 41.73 -37.16 -31.50
N PRO G 45 42.27 -36.02 -31.06
CA PRO G 45 43.64 -36.02 -30.55
C PRO G 45 43.72 -36.79 -29.23
N LYS G 46 44.88 -37.33 -28.94
CA LYS G 46 45.05 -38.06 -27.72
C LYS G 46 45.61 -37.10 -26.69
N LEU G 47 44.69 -36.46 -25.99
CA LEU G 47 44.97 -35.40 -25.03
C LEU G 47 44.30 -35.73 -23.70
N LYS G 48 44.90 -35.28 -22.60
CA LYS G 48 44.30 -35.49 -21.29
C LYS G 48 42.90 -34.89 -21.23
N ASP G 49 42.66 -33.79 -21.96
CA ASP G 49 41.37 -33.12 -21.92
C ASP G 49 40.27 -33.99 -22.50
N VAL G 50 40.63 -34.81 -23.48
CA VAL G 50 39.71 -35.78 -24.06
C VAL G 50 39.44 -36.88 -23.04
N ASP G 51 40.50 -37.38 -22.41
CA ASP G 51 40.36 -38.38 -21.35
C ASP G 51 39.34 -37.91 -20.29
N THR G 52 39.57 -36.71 -19.75
CA THR G 52 38.70 -36.15 -18.71
C THR G 52 37.26 -36.07 -19.18
N SER G 53 37.05 -35.70 -20.44
CA SER G 53 35.70 -35.67 -21.01
C SER G 53 35.08 -37.05 -21.03
N MET G 54 35.83 -38.04 -21.49
CA MET G 54 35.36 -39.41 -21.57
C MET G 54 35.00 -39.93 -20.18
N LYS G 55 35.90 -39.71 -19.24
CA LYS G 55 35.65 -40.02 -17.83
C LYS G 55 34.30 -39.45 -17.35
N LEU G 56 34.01 -38.21 -17.72
CA LEU G 56 32.76 -37.58 -17.32
C LEU G 56 31.55 -38.20 -18.02
N LEU G 57 31.65 -38.38 -19.34
CA LEU G 57 30.58 -39.00 -20.10
C LEU G 57 30.21 -40.34 -19.51
N SER G 58 31.21 -41.19 -19.34
CA SER G 58 31.04 -42.51 -18.76
C SER G 58 30.33 -42.45 -17.41
N GLN G 59 30.80 -41.54 -16.55
CA GLN G 59 30.22 -41.34 -15.23
C GLN G 59 28.74 -40.97 -15.32
N LEU G 60 28.35 -40.30 -16.40
CA LEU G 60 26.94 -39.93 -16.60
C LEU G 60 26.09 -41.11 -17.08
N GLY G 61 26.75 -42.18 -17.49
CA GLY G 61 26.05 -43.38 -17.93
C GLY G 61 26.21 -43.69 -19.40
N ALA G 62 27.05 -42.94 -20.11
CA ALA G 62 27.30 -43.24 -21.50
C ALA G 62 28.34 -44.37 -21.65
N LYS G 63 28.29 -45.04 -22.79
CA LYS G 63 29.28 -46.07 -23.11
C LYS G 63 30.34 -45.47 -24.01
N VAL G 64 31.57 -45.44 -23.53
CA VAL G 64 32.63 -44.73 -24.24
C VAL G 64 33.84 -45.62 -24.41
N GLU G 65 34.43 -45.57 -25.58
CA GLU G 65 35.74 -46.14 -25.79
C GLU G 65 36.41 -45.42 -26.93
N ARG G 66 37.67 -45.07 -26.76
CA ARG G 66 38.39 -44.41 -27.81
C ARG G 66 39.50 -45.32 -28.23
N ASP G 67 39.95 -45.16 -29.46
CA ASP G 67 41.06 -45.95 -29.91
C ASP G 67 42.21 -45.56 -29.09
N GLY G 68 41.30 -43.94 -32.45
CA GLY G 68 41.75 -42.92 -33.36
C GLY G 68 40.55 -42.04 -33.44
N SER G 69 39.43 -42.63 -33.06
CA SER G 69 38.15 -41.98 -32.98
C SER G 69 37.66 -42.26 -31.60
N VAL G 70 36.50 -41.73 -31.27
CA VAL G 70 35.91 -41.99 -29.97
C VAL G 70 34.50 -42.47 -30.18
N HIS G 71 34.19 -43.62 -29.61
CA HIS G 71 32.85 -44.17 -29.74
C HIS G 71 32.01 -43.85 -28.52
N ILE G 72 30.85 -43.27 -28.75
CA ILE G 72 29.95 -42.87 -27.66
C ILE G 72 28.54 -43.40 -27.86
N ASP G 73 28.06 -44.14 -26.86
CA ASP G 73 26.68 -44.64 -26.82
C ASP G 73 25.98 -43.99 -25.64
N ALA G 74 25.13 -43.02 -25.92
CA ALA G 74 24.52 -42.18 -24.89
C ALA G 74 23.06 -42.52 -24.63
N ARG G 75 22.67 -43.74 -24.98
CA ARG G 75 21.30 -44.22 -24.82
C ARG G 75 20.92 -44.36 -23.38
N ASP G 76 21.81 -44.93 -22.62
CA ASP G 76 21.53 -45.29 -21.23
C ASP G 76 21.97 -44.25 -20.20
N VAL G 77 22.14 -43.00 -20.61
CA VAL G 77 22.50 -41.95 -19.67
C VAL G 77 21.42 -41.87 -18.59
N ASN G 78 21.83 -41.95 -17.34
CA ASN G 78 20.86 -42.02 -16.25
C ASN G 78 21.29 -41.24 -14.99
N VAL G 79 22.48 -40.64 -15.02
CA VAL G 79 22.86 -39.70 -13.98
C VAL G 79 23.13 -38.34 -14.62
N PHE G 80 22.84 -37.26 -13.90
CA PHE G 80 22.77 -35.94 -14.52
C PHE G 80 23.61 -34.87 -13.82
N CYS G 81 24.70 -35.28 -13.21
CA CYS G 81 25.53 -34.35 -12.47
C CYS G 81 27.00 -34.44 -12.84
N ALA G 82 27.60 -33.30 -13.12
CA ALA G 82 29.06 -33.18 -13.25
C ALA G 82 29.63 -32.70 -11.92
N PRO G 83 30.23 -33.62 -11.15
CA PRO G 83 30.65 -33.36 -9.76
C PRO G 83 31.86 -32.45 -9.65
N TYR G 84 31.92 -31.73 -8.52
CA TYR G 84 33.04 -30.85 -8.21
C TYR G 84 34.41 -31.42 -8.62
N ASP G 85 34.69 -32.67 -8.25
CA ASP G 85 36.03 -33.25 -8.46
C ASP G 85 36.46 -33.27 -9.92
N LEU G 86 35.51 -33.33 -10.83
CA LEU G 86 35.85 -33.29 -12.25
C LEU G 86 35.95 -31.87 -12.77
N VAL G 87 34.88 -31.11 -12.58
CA VAL G 87 34.86 -29.75 -13.07
C VAL G 87 36.12 -29.01 -12.66
N LYS G 88 36.57 -29.23 -11.43
CA LYS G 88 37.72 -28.46 -10.95
C LYS G 88 38.97 -28.76 -11.78
N THR G 89 39.03 -29.94 -12.39
CA THR G 89 40.21 -30.29 -13.17
C THR G 89 40.06 -29.84 -14.63
N MET G 90 38.84 -29.49 -15.02
CA MET G 90 38.61 -29.01 -16.40
C MET G 90 37.29 -28.24 -16.54
N ARG G 91 37.36 -26.91 -16.53
CA ARG G 91 36.14 -26.11 -16.49
C ARG G 91 35.24 -26.26 -17.71
N ALA G 92 35.74 -26.88 -18.78
CA ALA G 92 34.92 -27.14 -19.96
C ALA G 92 33.82 -28.15 -19.68
N SER G 93 33.96 -28.89 -18.60
CA SER G 93 32.91 -29.79 -18.13
C SER G 93 31.53 -29.13 -18.06
N ILE G 94 31.54 -27.82 -17.82
CA ILE G 94 30.31 -27.01 -17.76
C ILE G 94 29.43 -27.27 -18.97
N TRP G 95 30.05 -27.70 -20.08
CA TRP G 95 29.31 -27.97 -21.31
C TRP G 95 28.30 -29.14 -21.20
N ALA G 96 28.36 -29.89 -20.10
CA ALA G 96 27.41 -30.95 -19.90
C ALA G 96 26.01 -30.41 -19.61
N LEU G 97 25.96 -29.28 -18.91
CA LEU G 97 24.69 -28.70 -18.49
C LEU G 97 23.66 -28.60 -19.58
N GLY G 98 24.00 -27.91 -20.67
CA GLY G 98 23.07 -27.70 -21.76
C GLY G 98 22.36 -28.96 -22.27
N PRO G 99 23.13 -29.92 -22.80
CA PRO G 99 22.53 -31.13 -23.35
C PRO G 99 21.66 -31.84 -22.32
N LEU G 100 22.17 -31.97 -21.10
CA LEU G 100 21.42 -32.66 -20.06
C LEU G 100 20.02 -32.08 -19.87
N VAL G 101 19.93 -30.75 -19.75
CA VAL G 101 18.63 -30.11 -19.53
C VAL G 101 17.74 -30.18 -20.76
N ALA G 102 18.35 -30.06 -21.94
CA ALA G 102 17.59 -30.16 -23.19
C ALA G 102 16.92 -31.52 -23.34
N ARG G 103 17.65 -32.59 -23.02
CA ARG G 103 17.18 -33.95 -23.30
C ARG G 103 16.42 -34.59 -22.14
N PHE G 104 16.90 -34.43 -20.91
CA PHE G 104 16.30 -35.10 -19.77
C PHE G 104 15.54 -34.16 -18.83
N GLY G 105 15.53 -32.87 -19.15
CA GLY G 105 14.81 -31.89 -18.35
C GLY G 105 15.46 -31.51 -17.02
N GLN G 106 16.63 -32.06 -16.73
CA GLN G 106 17.36 -31.68 -15.53
C GLN G 106 18.87 -31.78 -15.76
N GLY G 107 19.64 -31.10 -14.90
CA GLY G 107 21.08 -31.11 -14.99
C GLY G 107 21.67 -30.40 -13.79
N GLN G 108 22.73 -30.97 -13.24
CA GLN G 108 23.49 -30.33 -12.16
C GLN G 108 24.97 -30.28 -12.51
N VAL G 109 25.51 -29.08 -12.67
CA VAL G 109 26.95 -28.93 -12.91
C VAL G 109 27.60 -28.01 -11.88
N SER G 110 28.76 -28.41 -11.38
CA SER G 110 29.51 -27.63 -10.40
C SER G 110 29.91 -26.26 -11.03
N LEU G 111 29.65 -25.16 -10.32
CA LEU G 111 30.04 -23.83 -10.79
C LEU G 111 31.56 -23.70 -10.72
N PRO G 112 32.22 -23.43 -11.87
CA PRO G 112 33.69 -23.31 -11.93
C PRO G 112 34.27 -22.18 -11.06
N GLY G 113 35.35 -22.47 -10.35
CA GLY G 113 36.04 -21.48 -9.51
C GLY G 113 37.06 -20.70 -10.31
N GLY G 114 38.12 -20.25 -9.64
CA GLY G 114 39.10 -19.38 -10.29
C GLY G 114 40.06 -20.11 -11.21
N CYS G 115 40.56 -19.40 -12.21
CA CYS G 115 41.57 -19.87 -13.11
C CYS G 115 42.72 -18.89 -13.07
N THR G 116 43.93 -19.39 -13.26
CA THR G 116 45.11 -18.54 -13.24
C THR G 116 45.19 -17.48 -14.36
N ILE G 117 44.45 -17.66 -15.45
CA ILE G 117 44.60 -16.72 -16.57
C ILE G 117 43.69 -15.48 -16.50
N GLY G 118 42.71 -15.49 -15.60
CA GLY G 118 41.85 -14.33 -15.40
C GLY G 118 40.43 -14.67 -15.03
N ALA G 119 39.60 -13.64 -14.97
CA ALA G 119 38.18 -13.81 -14.65
C ALA G 119 37.46 -14.66 -15.72
N ARG G 120 36.77 -15.71 -15.29
CA ARG G 120 36.10 -16.57 -16.23
C ARG G 120 34.69 -16.98 -15.82
N PRO G 121 33.80 -15.99 -15.59
CA PRO G 121 32.42 -16.24 -15.17
C PRO G 121 31.65 -16.94 -16.28
N VAL G 122 30.54 -17.61 -15.91
CA VAL G 122 29.70 -18.31 -16.89
C VAL G 122 28.27 -17.81 -16.88
N ASP G 123 28.10 -16.54 -16.50
CA ASP G 123 26.81 -15.87 -16.50
C ASP G 123 26.04 -15.98 -17.82
N LEU G 124 26.75 -15.90 -18.93
CA LEU G 124 26.12 -16.01 -20.25
C LEU G 124 25.56 -17.40 -20.55
N HIS G 125 26.20 -18.45 -20.05
CA HIS G 125 25.65 -19.80 -20.21
C HIS G 125 24.32 -19.88 -19.44
N ILE G 126 24.35 -19.49 -18.17
CA ILE G 126 23.17 -19.57 -17.33
C ILE G 126 22.01 -18.75 -17.93
N SER G 127 22.29 -17.49 -18.24
CA SER G 127 21.29 -16.57 -18.78
C SER G 127 20.68 -17.11 -20.08
N GLY G 128 21.52 -17.68 -20.94
CA GLY G 128 21.04 -18.21 -22.19
C GLY G 128 20.04 -19.32 -21.97
N LEU G 129 20.33 -20.18 -20.99
CA LEU G 129 19.46 -21.30 -20.68
C LEU G 129 18.14 -20.86 -20.04
N GLU G 130 18.21 -19.85 -19.18
CA GLU G 130 17.00 -19.32 -18.55
C GLU G 130 16.11 -18.73 -19.63
N GLN G 131 16.75 -18.14 -20.64
CA GLN G 131 16.05 -17.46 -21.71
C GLN G 131 15.37 -18.51 -22.59
N LEU G 132 15.90 -19.74 -22.54
CA LEU G 132 15.29 -20.86 -23.26
C LEU G 132 14.23 -21.56 -22.41
N GLY G 133 13.88 -20.96 -21.28
CA GLY G 133 12.82 -21.50 -20.45
C GLY G 133 13.26 -22.33 -19.26
N ALA G 134 14.55 -22.45 -19.05
CA ALA G 134 14.98 -23.24 -17.93
C ALA G 134 14.90 -22.38 -16.72
N THR G 135 14.82 -23.03 -15.59
CA THR G 135 14.84 -22.36 -14.33
C THR G 135 16.08 -22.86 -13.65
N ILE G 136 16.83 -21.96 -13.05
CA ILE G 136 18.13 -22.33 -12.55
C ILE G 136 18.36 -21.82 -11.15
N LYS G 137 18.97 -22.66 -10.33
CA LYS G 137 19.33 -22.24 -8.97
C LYS G 137 20.70 -22.80 -8.59
N LEU G 138 21.31 -22.19 -7.59
CA LEU G 138 22.64 -22.55 -7.17
C LEU G 138 22.57 -23.06 -5.72
N GLU G 139 22.81 -24.33 -5.52
CA GLU G 139 22.95 -24.84 -4.15
C GLU G 139 24.12 -25.79 -3.97
N GLU G 140 24.83 -25.65 -2.85
CA GLU G 140 26.02 -26.45 -2.59
C GLU G 140 27.09 -26.28 -3.68
N GLY G 141 27.07 -25.14 -4.35
CA GLY G 141 28.06 -24.86 -5.37
C GLY G 141 27.70 -25.44 -6.72
N TYR G 142 26.54 -26.10 -6.79
CA TYR G 142 26.08 -26.66 -8.06
C TYR G 142 25.04 -25.78 -8.74
N VAL G 143 25.21 -25.53 -10.04
CA VAL G 143 24.18 -24.87 -10.81
C VAL G 143 23.20 -25.95 -11.23
N LYS G 144 21.99 -25.87 -10.68
CA LYS G 144 20.96 -26.89 -10.89
C LYS G 144 19.89 -26.37 -11.81
N ALA G 145 19.79 -26.97 -13.00
CA ALA G 145 18.86 -26.53 -14.01
C ALA G 145 17.74 -27.54 -14.20
N SER G 146 16.55 -27.04 -14.51
CA SER G 146 15.39 -27.91 -14.71
C SER G 146 14.38 -27.24 -15.62
N VAL G 147 13.62 -28.07 -16.34
CA VAL G 147 12.52 -27.56 -17.16
C VAL G 147 11.38 -28.57 -17.22
N ASP G 148 10.16 -28.09 -17.00
CA ASP G 148 8.96 -28.93 -17.12
C ASP G 148 8.63 -29.19 -18.60
N GLY G 149 8.98 -30.36 -19.10
CA GLY G 149 8.86 -30.63 -20.52
C GLY G 149 10.13 -30.29 -21.27
N ARG G 150 10.00 -29.59 -22.40
CA ARG G 150 11.20 -29.16 -23.13
C ARG G 150 11.36 -27.65 -23.24
N LEU G 151 12.56 -27.24 -23.63
CA LEU G 151 12.89 -25.84 -23.76
C LEU G 151 12.15 -25.24 -24.96
N LYS G 152 12.06 -23.91 -24.97
CA LYS G 152 11.36 -23.18 -26.03
C LYS G 152 12.29 -22.22 -26.75
N GLY G 153 12.32 -22.32 -28.07
CA GLY G 153 13.11 -21.43 -28.91
C GLY G 153 12.90 -19.98 -28.50
N ALA G 154 13.95 -19.17 -28.62
CA ALA G 154 13.87 -17.77 -28.23
C ALA G 154 14.86 -16.93 -29.00
N HIS G 155 14.64 -15.62 -29.00
CA HIS G 155 15.56 -14.69 -29.64
C HIS G 155 16.55 -14.20 -28.58
N ILE G 156 17.79 -14.67 -28.67
CA ILE G 156 18.78 -14.39 -27.65
C ILE G 156 19.91 -13.51 -28.21
N VAL G 157 20.06 -12.34 -27.62
CA VAL G 157 21.09 -11.41 -28.03
C VAL G 157 22.19 -11.45 -26.98
N MET G 158 23.37 -11.92 -27.38
CA MET G 158 24.46 -12.09 -26.43
C MET G 158 25.18 -10.78 -26.06
N ASP G 159 25.25 -10.52 -24.77
CA ASP G 159 25.91 -9.33 -24.21
C ASP G 159 27.35 -9.14 -24.69
N LYS G 160 28.13 -10.20 -24.61
CA LYS G 160 29.45 -10.20 -25.22
C LYS G 160 29.72 -11.50 -26.00
N VAL G 161 30.81 -11.49 -26.76
CA VAL G 161 31.18 -12.65 -27.56
C VAL G 161 31.82 -13.74 -26.73
N SER G 162 31.22 -14.92 -26.75
CA SER G 162 31.68 -16.02 -25.92
C SER G 162 31.60 -17.36 -26.64
N VAL G 163 32.75 -18.02 -26.81
CA VAL G 163 32.74 -19.36 -27.41
C VAL G 163 31.91 -20.34 -26.60
N GLY G 164 32.16 -20.37 -25.31
CA GLY G 164 31.49 -21.33 -24.44
C GLY G 164 29.99 -21.22 -24.42
N ALA G 165 29.48 -20.00 -24.23
CA ALA G 165 28.03 -19.79 -24.16
C ALA G 165 27.30 -19.95 -25.50
N THR G 166 27.93 -19.49 -26.58
CA THR G 166 27.42 -19.79 -27.90
C THR G 166 27.20 -21.30 -28.07
N VAL G 167 28.20 -22.10 -27.72
CA VAL G 167 28.04 -23.55 -27.81
C VAL G 167 26.95 -24.11 -26.89
N THR G 168 26.91 -23.66 -25.65
CA THR G 168 25.87 -24.10 -24.71
C THR G 168 24.44 -23.87 -25.24
N ILE G 169 24.17 -22.63 -25.65
CA ILE G 169 22.86 -22.30 -26.18
C ILE G 169 22.54 -23.03 -27.49
N MET G 170 23.45 -22.98 -28.46
CA MET G 170 23.25 -23.69 -29.71
C MET G 170 22.85 -25.15 -29.51
N CYS G 171 23.57 -25.85 -28.64
CA CYS G 171 23.30 -27.27 -28.42
C CYS G 171 21.96 -27.49 -27.75
N ALA G 172 21.67 -26.72 -26.72
CA ALA G 172 20.42 -26.89 -25.99
C ALA G 172 19.22 -26.66 -26.92
N ALA G 173 19.36 -25.71 -27.83
CA ALA G 173 18.24 -25.31 -28.67
C ALA G 173 17.81 -26.40 -29.65
N THR G 174 18.73 -27.30 -30.00
CA THR G 174 18.44 -28.32 -31.02
C THR G 174 17.31 -29.23 -30.63
N LEU G 175 16.96 -29.26 -29.35
CA LEU G 175 15.83 -30.06 -28.90
C LEU G 175 14.72 -29.22 -28.27
N ALA G 176 14.69 -27.93 -28.59
CA ALA G 176 13.65 -27.07 -28.04
C ALA G 176 12.43 -26.98 -28.97
N GLU G 177 11.35 -26.41 -28.46
CA GLU G 177 10.15 -26.16 -29.27
C GLU G 177 10.28 -24.87 -30.08
N GLY G 178 10.40 -25.01 -31.40
CA GLY G 178 10.43 -23.84 -32.26
C GLY G 178 11.82 -23.35 -32.63
N THR G 179 11.91 -22.06 -32.91
CA THR G 179 13.14 -21.51 -33.46
C THR G 179 13.89 -20.63 -32.48
N THR G 180 15.19 -20.90 -32.33
CA THR G 180 16.07 -20.05 -31.53
C THR G 180 16.98 -19.25 -32.45
N ILE G 181 17.18 -17.99 -32.12
CA ILE G 181 18.11 -17.15 -32.86
C ILE G 181 19.13 -16.55 -31.90
N ILE G 182 20.40 -16.87 -32.13
CA ILE G 182 21.49 -16.34 -31.35
C ILE G 182 22.15 -15.15 -32.07
N GLU G 183 22.07 -13.98 -31.45
CA GLU G 183 22.66 -12.77 -32.00
C GLU G 183 23.99 -12.46 -31.33
N ASN G 184 24.97 -12.01 -32.12
CA ASN G 184 26.29 -11.68 -31.64
C ASN G 184 27.02 -12.93 -31.20
N ALA G 185 26.78 -14.02 -31.95
CA ALA G 185 27.40 -15.31 -31.69
C ALA G 185 28.90 -15.32 -31.98
N ALA G 186 29.62 -16.24 -31.34
CA ALA G 186 31.04 -16.42 -31.61
C ALA G 186 31.17 -17.12 -32.94
N ARG G 187 32.18 -16.75 -33.71
CA ARG G 187 32.39 -17.30 -35.06
C ARG G 187 33.51 -18.34 -35.18
N GLU G 188 34.05 -18.77 -34.05
CA GLU G 188 35.19 -19.72 -34.03
C GLU G 188 34.94 -20.93 -34.92
N PRO G 189 35.97 -21.37 -35.68
CA PRO G 189 35.86 -22.56 -36.54
C PRO G 189 35.29 -23.77 -35.79
N GLU G 190 35.68 -23.90 -34.53
CA GLU G 190 35.20 -25.02 -33.70
C GLU G 190 33.68 -25.01 -33.48
N ILE G 191 33.10 -23.82 -33.51
CA ILE G 191 31.67 -23.69 -33.34
C ILE G 191 30.96 -24.17 -34.60
N VAL G 192 31.60 -23.91 -35.75
CA VAL G 192 31.13 -24.39 -37.04
C VAL G 192 31.16 -25.91 -37.08
N ASP G 193 32.30 -26.50 -36.71
CA ASP G 193 32.44 -27.95 -36.66
C ASP G 193 31.35 -28.56 -35.77
N THR G 194 31.14 -27.97 -34.59
CA THR G 194 30.15 -28.47 -33.64
C THR G 194 28.75 -28.42 -34.24
N ALA G 195 28.44 -27.32 -34.91
CA ALA G 195 27.15 -27.21 -35.60
C ALA G 195 27.00 -28.29 -36.68
N ASN G 196 28.06 -28.50 -37.48
CA ASN G 196 28.01 -29.50 -38.56
C ASN G 196 27.85 -30.93 -38.05
N PHE G 197 28.41 -31.21 -36.87
CA PHE G 197 28.19 -32.50 -36.21
C PHE G 197 26.74 -32.63 -35.77
N LEU G 198 26.20 -31.56 -35.22
CA LEU G 198 24.81 -31.55 -34.77
C LEU G 198 23.85 -31.81 -35.94
N ILE G 199 24.10 -31.15 -37.07
CA ILE G 199 23.26 -31.30 -38.25
C ILE G 199 23.31 -32.74 -38.72
N THR G 200 24.50 -33.34 -38.67
CA THR G 200 24.69 -34.74 -39.00
C THR G 200 23.78 -35.68 -38.18
N LEU G 201 23.48 -35.30 -36.95
CA LEU G 201 22.63 -36.10 -36.09
C LEU G 201 21.15 -35.84 -36.38
N GLY G 202 20.88 -34.88 -37.25
CA GLY G 202 19.52 -34.52 -37.59
C GLY G 202 19.06 -33.16 -37.07
N ALA G 203 20.00 -32.34 -36.63
CA ALA G 203 19.62 -31.02 -36.12
C ALA G 203 19.45 -30.08 -37.30
N LYS G 204 18.76 -28.97 -37.08
CA LYS G 204 18.58 -27.97 -38.11
C LYS G 204 19.22 -26.63 -37.70
N ILE G 205 20.42 -26.37 -38.21
CA ILE G 205 21.17 -25.18 -37.85
C ILE G 205 21.66 -24.44 -39.08
N SER G 206 21.58 -23.12 -39.03
CA SER G 206 22.10 -22.29 -40.11
C SER G 206 22.74 -21.01 -39.57
N GLY G 207 23.74 -20.49 -40.29
CA GLY G 207 24.41 -19.26 -39.90
C GLY G 207 25.69 -19.44 -39.09
N GLN G 208 26.05 -20.68 -38.78
CA GLN G 208 27.30 -20.96 -38.05
C GLN G 208 28.50 -20.30 -38.74
N GLY G 209 29.32 -19.61 -37.95
CA GLY G 209 30.50 -18.96 -38.48
C GLY G 209 30.19 -17.52 -38.80
N THR G 210 28.92 -17.17 -38.60
CA THR G 210 28.49 -15.77 -38.68
C THR G 210 27.96 -15.35 -37.32
N ASP G 211 27.64 -14.07 -37.17
CA ASP G 211 27.22 -13.53 -35.89
C ASP G 211 25.78 -13.90 -35.56
N ARG G 212 25.09 -14.52 -36.51
CA ARG G 212 23.73 -14.95 -36.30
C ARG G 212 23.48 -16.43 -36.58
N ILE G 213 23.13 -17.18 -35.53
CA ILE G 213 22.87 -18.60 -35.68
C ILE G 213 21.38 -18.92 -35.48
N VAL G 214 20.81 -19.66 -36.42
CA VAL G 214 19.41 -20.05 -36.34
C VAL G 214 19.26 -21.55 -36.10
N ILE G 215 18.57 -21.89 -35.02
CA ILE G 215 18.30 -23.29 -34.71
C ILE G 215 16.80 -23.60 -34.72
N GLU G 216 16.41 -24.56 -35.54
CA GLU G 216 15.03 -24.99 -35.54
C GLU G 216 14.88 -26.25 -34.73
N GLY G 217 14.01 -26.18 -33.73
CA GLY G 217 13.81 -27.27 -32.82
C GLY G 217 13.37 -28.56 -33.46
N VAL G 218 14.00 -29.64 -33.07
CA VAL G 218 13.65 -30.97 -33.52
C VAL G 218 13.18 -31.71 -32.31
N GLU G 219 12.74 -32.95 -32.47
CA GLU G 219 12.14 -33.68 -31.37
C GLU G 219 13.02 -34.79 -30.81
N ARG G 220 13.99 -35.24 -31.58
CA ARG G 220 15.07 -36.12 -31.16
C ARG G 220 16.22 -36.18 -32.16
N LEU G 221 17.41 -36.50 -31.64
CA LEU G 221 18.61 -36.58 -32.47
C LEU G 221 19.12 -38.01 -32.48
N GLY G 222 19.72 -38.40 -33.60
CA GLY G 222 20.16 -39.77 -33.81
C GLY G 222 21.63 -40.00 -33.54
N GLY G 223 22.26 -40.84 -34.39
CA GLY G 223 23.68 -41.11 -34.28
C GLY G 223 24.40 -40.80 -35.58
N GLY G 224 25.62 -41.31 -35.73
CA GLY G 224 26.34 -41.09 -36.98
C GLY G 224 27.83 -41.00 -36.80
N VAL G 225 28.51 -40.60 -37.87
CA VAL G 225 29.97 -40.52 -37.90
C VAL G 225 30.41 -39.14 -38.37
N TYR G 226 31.38 -38.57 -37.66
CA TYR G 226 31.88 -37.23 -37.97
C TYR G 226 33.37 -37.08 -37.71
N ARG G 227 34.07 -36.42 -38.65
CA ARG G 227 35.51 -36.16 -38.50
C ARG G 227 35.79 -34.73 -38.07
N VAL G 228 36.56 -34.58 -36.99
CA VAL G 228 36.91 -33.29 -36.42
C VAL G 228 37.94 -32.54 -37.28
N LEU G 229 37.75 -31.24 -37.43
CA LEU G 229 38.65 -30.45 -38.26
C LEU G 229 40.04 -30.34 -37.62
N PRO G 230 41.06 -29.89 -38.40
CA PRO G 230 42.42 -29.76 -37.86
C PRO G 230 42.54 -28.67 -36.81
N ASP G 231 43.48 -28.83 -35.89
CA ASP G 231 43.70 -27.88 -34.80
C ASP G 231 44.56 -26.70 -35.26
N ARG G 232 43.93 -25.53 -35.41
CA ARG G 232 44.64 -24.31 -35.85
C ARG G 232 45.72 -23.84 -34.87
N ILE G 233 45.49 -24.07 -33.58
CA ILE G 233 46.48 -23.68 -32.57
C ILE G 233 47.76 -24.52 -32.63
N GLU G 234 47.62 -25.83 -32.80
CA GLU G 234 48.79 -26.67 -32.98
C GLU G 234 49.52 -26.26 -34.27
N THR G 235 48.74 -26.04 -35.32
CA THR G 235 49.32 -25.60 -36.58
C THR G 235 50.14 -24.33 -36.40
N GLY G 236 49.56 -23.34 -35.72
CA GLY G 236 50.25 -22.09 -35.49
C GLY G 236 51.49 -22.27 -34.64
N THR G 237 51.41 -23.19 -33.68
CA THR G 237 52.55 -23.40 -32.79
C THR G 237 53.78 -23.89 -33.54
N PHE G 238 53.57 -24.81 -34.49
CA PHE G 238 54.68 -25.38 -35.24
C PHE G 238 55.19 -24.41 -36.31
N LEU G 239 54.29 -23.64 -36.90
CA LEU G 239 54.72 -22.61 -37.83
C LEU G 239 55.66 -21.64 -37.10
N VAL G 240 55.29 -21.30 -35.87
CA VAL G 240 56.09 -20.39 -35.07
C VAL G 240 57.42 -21.04 -34.68
N ALA G 241 57.36 -22.33 -34.33
CA ALA G 241 58.56 -23.07 -34.03
C ALA G 241 59.60 -22.95 -35.17
N ALA G 242 59.14 -23.06 -36.42
CA ALA G 242 60.05 -22.88 -37.56
C ALA G 242 60.56 -21.44 -37.67
N ALA G 243 59.65 -20.48 -37.56
CA ALA G 243 59.98 -19.07 -37.79
C ALA G 243 61.01 -18.54 -36.80
N ILE G 244 61.05 -19.10 -35.59
CA ILE G 244 61.97 -18.58 -34.57
C ILE G 244 63.34 -19.28 -34.61
N SER G 245 63.36 -20.48 -35.18
CA SER G 245 64.60 -21.22 -35.32
C SER G 245 65.25 -21.01 -36.69
N ARG G 246 64.72 -20.07 -37.47
CA ARG G 246 65.27 -19.77 -38.79
C ARG G 246 65.21 -21.02 -39.67
N GLY G 247 64.14 -21.80 -39.49
CA GLY G 247 63.98 -23.06 -40.18
C GLY G 247 62.96 -23.03 -41.30
N LYS G 248 62.47 -24.21 -41.66
CA LYS G 248 61.48 -24.36 -42.73
C LYS G 248 60.61 -25.58 -42.47
N ILE G 249 59.32 -25.47 -42.76
CA ILE G 249 58.39 -26.52 -42.34
C ILE G 249 57.19 -26.65 -43.26
N ILE G 250 56.68 -27.89 -43.36
CA ILE G 250 55.40 -28.14 -44.01
C ILE G 250 54.45 -28.77 -43.00
N CYS G 251 53.25 -28.22 -42.90
CA CYS G 251 52.24 -28.78 -42.03
C CYS G 251 51.20 -29.51 -42.87
N ARG G 252 51.00 -30.78 -42.54
CA ARG G 252 50.11 -31.64 -43.29
C ARG G 252 48.82 -31.84 -42.53
N ASN G 253 47.72 -31.99 -43.24
CA ASN G 253 46.43 -32.15 -42.60
C ASN G 253 45.94 -30.85 -42.01
N ALA G 254 46.19 -29.76 -42.70
CA ALA G 254 45.86 -28.43 -42.18
C ALA G 254 44.59 -27.89 -42.84
N GLN G 255 44.08 -26.79 -42.29
CA GLN G 255 42.96 -26.07 -42.88
C GLN G 255 43.23 -24.57 -42.90
N PRO G 256 43.98 -24.12 -43.91
CA PRO G 256 44.50 -22.75 -43.96
C PRO G 256 43.47 -21.64 -43.74
N ASP G 257 42.24 -21.77 -44.25
CA ASP G 257 41.24 -20.68 -44.15
C ASP G 257 40.93 -20.39 -42.68
N THR G 258 41.51 -21.21 -41.81
CA THR G 258 41.30 -21.16 -40.38
C THR G 258 42.32 -20.25 -39.68
N LEU G 259 43.36 -19.84 -40.41
CA LEU G 259 44.51 -19.16 -39.83
C LEU G 259 44.87 -17.81 -40.46
N ASP G 260 43.92 -17.13 -41.09
CA ASP G 260 44.23 -15.92 -41.84
C ASP G 260 45.10 -14.92 -41.04
N ALA G 261 44.59 -14.49 -39.89
CA ALA G 261 45.29 -13.52 -39.06
C ALA G 261 46.73 -13.97 -38.69
N VAL G 262 46.89 -15.23 -38.28
CA VAL G 262 48.20 -15.75 -37.89
C VAL G 262 49.19 -15.78 -39.05
N LEU G 263 48.75 -16.22 -40.22
CA LEU G 263 49.63 -16.29 -41.38
C LEU G 263 50.04 -14.89 -41.81
N ALA G 264 49.11 -13.95 -41.73
CA ALA G 264 49.40 -12.57 -42.11
C ALA G 264 50.49 -12.00 -41.20
N LYS G 265 50.39 -12.32 -39.92
CA LYS G 265 51.31 -11.80 -38.91
C LYS G 265 52.69 -12.41 -39.12
N LEU G 266 52.73 -13.68 -39.50
CA LEU G 266 53.99 -14.34 -39.80
C LEU G 266 54.69 -13.71 -41.02
N ARG G 267 53.91 -13.36 -42.03
CA ARG G 267 54.50 -12.67 -43.18
C ARG G 267 55.13 -11.37 -42.70
N ASP G 268 54.43 -10.64 -41.84
CA ASP G 268 54.93 -9.34 -41.36
C ASP G 268 56.24 -9.54 -40.61
N ALA G 269 56.42 -10.74 -40.07
CA ALA G 269 57.62 -11.09 -39.33
C ALA G 269 58.72 -11.52 -40.30
N GLY G 270 58.37 -11.64 -41.57
CA GLY G 270 59.34 -11.94 -42.61
C GLY G 270 59.33 -13.37 -43.14
N ALA G 271 58.27 -14.10 -42.87
CA ALA G 271 58.22 -15.49 -43.31
C ALA G 271 57.68 -15.62 -44.74
N ASP G 272 58.15 -16.66 -45.42
CA ASP G 272 57.72 -16.95 -46.79
C ASP G 272 56.71 -18.11 -46.72
N ILE G 273 55.44 -17.80 -46.92
CA ILE G 273 54.38 -18.78 -46.70
C ILE G 273 53.58 -19.13 -47.95
N GLU G 274 53.39 -20.43 -48.17
CA GLU G 274 52.47 -20.88 -49.20
C GLU G 274 51.45 -21.85 -48.62
N VAL G 275 50.25 -21.85 -49.19
CA VAL G 275 49.21 -22.75 -48.72
C VAL G 275 48.64 -23.63 -49.83
N GLY G 276 48.32 -24.86 -49.48
CA GLY G 276 47.61 -25.74 -50.38
C GLY G 276 46.19 -25.87 -49.86
N GLU G 277 45.51 -26.95 -50.23
CA GLU G 277 44.15 -27.12 -49.76
C GLU G 277 44.13 -27.78 -48.38
N ASP G 278 45.22 -28.47 -48.04
CA ASP G 278 45.32 -29.10 -46.73
C ASP G 278 46.75 -29.13 -46.19
N TRP G 279 47.55 -28.14 -46.62
CA TRP G 279 48.91 -27.97 -46.13
C TRP G 279 49.30 -26.49 -46.03
N ILE G 280 50.28 -26.19 -45.18
CA ILE G 280 50.87 -24.86 -45.12
C ILE G 280 52.38 -25.00 -45.09
N SER G 281 53.07 -24.19 -45.87
CA SER G 281 54.53 -24.22 -45.84
C SER G 281 55.07 -22.88 -45.38
N LEU G 282 56.20 -22.93 -44.68
CA LEU G 282 56.83 -21.71 -44.20
C LEU G 282 58.34 -21.83 -44.32
N ASP G 283 58.95 -20.80 -44.88
CA ASP G 283 60.39 -20.78 -45.01
C ASP G 283 60.95 -19.43 -44.53
N MET G 284 61.95 -19.48 -43.67
CA MET G 284 62.56 -18.24 -43.19
C MET G 284 63.77 -17.83 -44.03
N HIS G 285 64.24 -18.76 -44.86
CA HIS G 285 65.41 -18.53 -45.69
C HIS G 285 66.57 -18.06 -44.83
N GLY G 286 66.79 -18.76 -43.72
CA GLY G 286 67.89 -18.48 -42.80
C GLY G 286 67.79 -17.16 -42.04
N LYS G 287 66.72 -16.41 -42.27
CA LYS G 287 66.55 -15.09 -41.67
C LYS G 287 66.03 -15.13 -40.22
N ARG G 288 66.44 -14.14 -39.44
CA ARG G 288 65.85 -13.88 -38.13
C ARG G 288 64.56 -13.07 -38.33
N PRO G 289 63.48 -13.42 -37.58
CA PRO G 289 62.16 -12.78 -37.73
C PRO G 289 62.19 -11.28 -37.38
N LYS G 290 61.27 -10.50 -37.93
CA LYS G 290 61.16 -9.08 -37.62
C LYS G 290 60.03 -8.88 -36.62
N ALA G 291 60.21 -7.96 -35.68
CA ALA G 291 59.23 -7.71 -34.64
C ALA G 291 57.86 -7.38 -35.25
N VAL G 292 56.80 -7.85 -34.61
CA VAL G 292 55.42 -7.50 -35.00
C VAL G 292 54.57 -6.97 -33.83
N ASN G 293 53.45 -6.33 -34.17
CA ASN G 293 52.50 -5.87 -33.17
C ASN G 293 51.21 -6.69 -33.29
N VAL G 294 50.72 -7.17 -32.16
CA VAL G 294 49.53 -8.00 -32.18
C VAL G 294 48.48 -7.55 -31.16
N ARG G 295 47.21 -7.71 -31.54
CA ARG G 295 46.06 -7.51 -30.65
C ARG G 295 45.12 -8.72 -30.73
N THR G 296 44.99 -9.44 -29.62
CA THR G 296 44.09 -10.59 -29.58
C THR G 296 42.63 -10.14 -29.52
N ALA G 297 41.76 -10.98 -30.07
CA ALA G 297 40.32 -10.76 -30.11
C ALA G 297 39.62 -12.00 -30.65
N PRO G 298 38.28 -12.04 -30.56
CA PRO G 298 37.58 -13.23 -31.05
C PRO G 298 37.78 -13.42 -32.54
N HIS G 299 37.71 -14.69 -32.96
CA HIS G 299 37.80 -15.07 -34.37
C HIS G 299 36.93 -14.18 -35.29
N PRO G 300 37.42 -13.86 -36.49
CA PRO G 300 38.65 -14.37 -37.11
C PRO G 300 39.84 -13.47 -36.85
N ALA G 301 39.81 -12.68 -35.80
CA ALA G 301 40.99 -11.91 -35.42
C ALA G 301 42.08 -12.83 -34.86
N PHE G 302 43.23 -12.26 -34.50
CA PHE G 302 44.32 -13.05 -33.90
C PHE G 302 43.89 -13.68 -32.56
N PRO G 303 44.10 -14.99 -32.39
CA PRO G 303 43.62 -15.76 -31.25
C PRO G 303 44.50 -15.65 -30.00
N THR G 304 43.87 -15.49 -28.83
CA THR G 304 44.58 -15.55 -27.56
C THR G 304 45.41 -16.83 -27.36
N ASP G 305 44.92 -17.97 -27.87
CA ASP G 305 45.68 -19.21 -27.76
C ASP G 305 47.00 -19.22 -28.55
N MET G 306 47.28 -18.18 -29.33
CA MET G 306 48.56 -18.07 -30.03
C MET G 306 49.42 -16.92 -29.47
N GLN G 307 48.91 -16.25 -28.43
CA GLN G 307 49.53 -15.03 -27.94
C GLN G 307 50.92 -15.25 -27.32
N ALA G 308 51.08 -16.31 -26.53
CA ALA G 308 52.36 -16.59 -25.88
C ALA G 308 53.43 -16.95 -26.91
N GLN G 309 53.03 -17.72 -27.91
CA GLN G 309 53.92 -18.12 -28.99
C GLN G 309 54.45 -16.91 -29.75
N PHE G 310 53.59 -15.95 -30.01
CA PHE G 310 54.07 -14.77 -30.74
C PHE G 310 54.87 -13.83 -29.84
N THR G 311 54.64 -13.93 -28.54
CA THR G 311 55.45 -13.19 -27.59
C THR G 311 56.89 -13.70 -27.69
N LEU G 312 57.04 -15.01 -27.81
CA LEU G 312 58.36 -15.60 -27.88
C LEU G 312 59.03 -15.16 -29.16
N LEU G 313 58.30 -15.26 -30.27
CA LEU G 313 58.78 -14.75 -31.55
C LEU G 313 59.36 -13.35 -31.40
N ASN G 314 58.55 -12.43 -30.88
CA ASN G 314 59.03 -11.06 -30.66
C ASN G 314 60.27 -11.00 -29.78
N LEU G 315 60.37 -11.91 -28.81
CA LEU G 315 61.46 -11.79 -27.85
C LEU G 315 62.82 -12.17 -28.44
N VAL G 316 62.81 -12.84 -29.58
CA VAL G 316 64.03 -13.19 -30.29
C VAL G 316 64.08 -12.55 -31.68
N ALA G 317 63.25 -11.54 -31.90
CA ALA G 317 63.16 -10.90 -33.21
C ALA G 317 64.01 -9.63 -33.30
N GLU G 318 64.07 -9.05 -34.49
CA GLU G 318 64.76 -7.80 -34.70
C GLU G 318 63.81 -6.65 -34.42
N GLY G 319 64.12 -5.86 -33.39
CA GLY G 319 63.34 -4.70 -33.05
C GLY G 319 62.44 -4.82 -31.83
N THR G 320 61.53 -3.86 -31.70
CA THR G 320 60.57 -3.82 -30.61
C THR G 320 59.17 -4.10 -31.14
N GLY G 321 58.44 -5.00 -30.50
CA GLY G 321 57.05 -5.23 -30.86
C GLY G 321 56.19 -5.32 -29.63
N PHE G 322 54.92 -4.95 -29.74
CA PHE G 322 54.04 -5.15 -28.59
C PHE G 322 52.90 -6.12 -28.88
N ILE G 323 52.41 -6.76 -27.82
CA ILE G 323 51.27 -7.66 -27.87
C ILE G 323 50.21 -7.27 -26.86
N THR G 324 49.00 -6.99 -27.35
CA THR G 324 47.92 -6.58 -26.49
C THR G 324 46.89 -7.67 -26.42
N GLU G 325 46.48 -7.99 -25.21
CA GLU G 325 45.51 -9.05 -24.99
C GLU G 325 44.15 -8.47 -24.58
N THR G 326 43.10 -8.71 -25.37
CA THR G 326 41.78 -8.18 -25.05
C THR G 326 40.80 -9.25 -24.64
N VAL G 327 41.22 -10.51 -24.70
CA VAL G 327 40.36 -11.62 -24.35
C VAL G 327 40.60 -12.12 -22.91
N PHE G 328 41.85 -12.41 -22.59
CA PHE G 328 42.22 -12.81 -21.23
C PHE G 328 43.30 -11.86 -20.74
N GLU G 329 42.90 -10.83 -20.01
CA GLU G 329 43.79 -9.70 -19.73
C GLU G 329 44.95 -9.98 -18.76
N ASN G 330 44.92 -11.12 -18.08
CA ASN G 330 46.03 -11.50 -17.20
C ASN G 330 46.81 -12.73 -17.69
N ARG G 331 46.78 -13.00 -18.99
CA ARG G 331 47.42 -14.19 -19.52
C ARG G 331 48.88 -13.91 -19.94
N PHE G 332 49.75 -13.69 -18.95
CA PHE G 332 51.13 -13.34 -19.23
C PHE G 332 52.17 -14.03 -18.37
N MET G 333 51.81 -15.13 -17.72
CA MET G 333 52.77 -15.83 -16.88
C MET G 333 53.99 -16.37 -17.63
N HIS G 334 53.82 -16.66 -18.92
CA HIS G 334 54.97 -17.11 -19.72
C HIS G 334 56.07 -16.04 -19.72
N VAL G 335 55.69 -14.76 -19.65
CA VAL G 335 56.65 -13.65 -19.80
C VAL G 335 57.79 -13.66 -18.78
N PRO G 336 57.45 -13.72 -17.47
CA PRO G 336 58.52 -13.80 -16.45
C PRO G 336 59.41 -15.05 -16.62
N GLU G 337 58.83 -16.18 -17.03
CA GLU G 337 59.60 -17.38 -17.30
C GLU G 337 60.61 -17.14 -18.43
N LEU G 338 60.13 -16.62 -19.55
CA LEU G 338 61.03 -16.28 -20.65
C LEU G 338 62.10 -15.29 -20.19
N SER G 339 61.77 -14.47 -19.18
CA SER G 339 62.77 -13.56 -18.65
C SER G 339 63.89 -14.30 -17.90
N ARG G 340 63.58 -15.46 -17.33
CA ARG G 340 64.62 -16.26 -16.72
C ARG G 340 65.62 -16.70 -17.78
N MET G 341 65.15 -16.77 -19.03
CA MET G 341 65.96 -17.27 -20.12
C MET G 341 66.62 -16.15 -20.88
N GLY G 342 66.58 -14.95 -20.29
CA GLY G 342 67.27 -13.81 -20.87
C GLY G 342 66.43 -12.89 -21.76
N ALA G 343 65.14 -13.15 -21.90
CA ALA G 343 64.29 -12.26 -22.71
C ALA G 343 64.17 -10.88 -22.07
N HIS G 344 63.95 -9.85 -22.88
CA HIS G 344 63.71 -8.50 -22.40
C HIS G 344 62.29 -8.00 -22.68
N ALA G 345 61.46 -7.94 -21.64
CA ALA G 345 60.08 -7.53 -21.81
C ALA G 345 59.59 -6.75 -20.60
N GLU G 346 58.65 -5.85 -20.83
CA GLU G 346 57.86 -5.29 -19.73
C GLU G 346 56.35 -5.42 -20.01
N ILE G 347 55.58 -5.54 -18.94
CA ILE G 347 54.15 -5.64 -19.06
C ILE G 347 53.54 -4.37 -18.53
N GLU G 348 52.88 -3.62 -19.40
CA GLU G 348 52.09 -2.47 -19.00
C GLU G 348 50.63 -2.79 -19.12
N SER G 349 49.94 -2.92 -17.98
CA SER G 349 48.52 -3.27 -18.00
C SER G 349 48.33 -4.58 -18.78
N ASN G 350 47.65 -4.52 -19.90
CA ASN G 350 47.37 -5.73 -20.69
C ASN G 350 48.13 -5.77 -22.01
N THR G 351 49.28 -5.12 -22.03
CA THR G 351 50.17 -5.15 -23.19
C THR G 351 51.56 -5.57 -22.77
N VAL G 352 52.17 -6.52 -23.48
CA VAL G 352 53.57 -6.81 -23.23
C VAL G 352 54.46 -6.12 -24.28
N ILE G 353 55.44 -5.37 -23.80
CA ILE G 353 56.37 -4.70 -24.68
C ILE G 353 57.68 -5.47 -24.79
N CYS G 354 58.01 -5.92 -26.00
CA CYS G 354 59.13 -6.80 -26.20
C CYS G 354 60.28 -6.15 -26.92
N HIS G 355 61.49 -6.41 -26.44
CA HIS G 355 62.68 -5.95 -27.11
C HIS G 355 63.53 -7.16 -27.47
N GLY G 356 63.53 -7.53 -28.74
CA GLY G 356 64.17 -8.75 -29.21
C GLY G 356 65.67 -8.87 -28.96
N VAL G 357 66.06 -10.01 -28.42
CA VAL G 357 67.47 -10.31 -28.29
C VAL G 357 67.86 -11.40 -29.31
N GLU G 358 69.15 -11.53 -29.59
CA GLU G 358 69.69 -12.48 -30.57
C GLU G 358 69.55 -13.90 -30.16
N LYS G 359 69.87 -14.18 -28.92
CA LYS G 359 69.68 -15.56 -28.46
C LYS G 359 69.40 -15.70 -26.95
N LEU G 360 68.60 -16.70 -26.60
CA LEU G 360 68.23 -16.95 -25.22
C LEU G 360 69.16 -17.97 -24.56
N SER G 361 69.10 -18.05 -23.22
CA SER G 361 69.92 -18.98 -22.44
C SER G 361 69.07 -19.97 -21.69
N GLY G 362 69.50 -21.24 -21.68
CA GLY G 362 68.76 -22.28 -20.99
C GLY G 362 68.57 -22.01 -19.49
N ALA G 363 67.47 -22.47 -18.93
CA ALA G 363 67.21 -22.33 -17.50
C ALA G 363 66.06 -23.20 -17.11
N GLN G 364 65.78 -23.26 -15.82
CA GLN G 364 64.64 -24.03 -15.32
C GLN G 364 63.41 -23.14 -15.36
N VAL G 365 62.35 -23.62 -15.99
CA VAL G 365 61.13 -22.84 -16.09
C VAL G 365 59.91 -23.69 -15.79
N MET G 366 58.82 -23.03 -15.42
CA MET G 366 57.62 -23.73 -14.99
C MET G 366 56.41 -23.47 -15.88
N ALA G 367 55.82 -24.55 -16.40
CA ALA G 367 54.59 -24.47 -17.18
C ALA G 367 53.39 -24.29 -16.25
N THR G 368 52.39 -23.54 -16.73
CA THR G 368 51.15 -23.34 -15.98
C THR G 368 49.90 -23.30 -16.85
N ASP G 369 50.10 -23.19 -18.16
CA ASP G 369 48.99 -22.93 -19.08
C ASP G 369 48.90 -23.96 -20.19
N LEU G 370 47.78 -24.66 -20.20
CA LEU G 370 47.45 -25.63 -21.23
C LEU G 370 47.88 -25.39 -22.68
N ARG G 371 47.78 -24.14 -23.15
CA ARG G 371 48.32 -23.86 -24.48
C ARG G 371 49.55 -22.97 -24.42
N ALA G 372 49.50 -21.97 -23.56
CA ALA G 372 50.49 -20.92 -23.59
C ALA G 372 51.90 -21.43 -23.26
N SER G 373 51.98 -22.40 -22.35
CA SER G 373 53.27 -22.91 -21.88
C SER G 373 54.09 -23.68 -22.94
N ALA G 374 53.44 -24.04 -24.03
CA ALA G 374 54.16 -24.67 -25.13
C ALA G 374 55.28 -23.73 -25.55
N SER G 375 55.08 -22.45 -25.32
CA SER G 375 56.11 -21.50 -25.75
C SER G 375 57.41 -21.67 -24.97
N LEU G 376 57.31 -22.21 -23.77
CA LEU G 376 58.49 -22.51 -22.96
C LEU G 376 59.31 -23.65 -23.58
N VAL G 377 58.61 -24.67 -24.08
CA VAL G 377 59.24 -25.77 -24.76
C VAL G 377 59.93 -25.26 -26.03
N LEU G 378 59.19 -24.47 -26.81
CA LEU G 378 59.76 -23.85 -28.01
C LEU G 378 61.00 -23.06 -27.66
N ALA G 379 60.93 -22.26 -26.61
CA ALA G 379 62.09 -21.46 -26.20
C ALA G 379 63.30 -22.37 -25.95
N GLY G 380 63.02 -23.50 -25.29
CA GLY G 380 64.06 -24.45 -24.98
C GLY G 380 64.80 -24.93 -26.21
N CYS G 381 64.06 -25.15 -27.29
CA CYS G 381 64.66 -25.64 -28.53
C CYS G 381 65.64 -24.66 -29.14
N ILE G 382 65.45 -23.37 -28.95
CA ILE G 382 66.34 -22.39 -29.60
C ILE G 382 67.30 -21.68 -28.64
N ALA G 383 67.15 -21.92 -27.34
CA ALA G 383 68.05 -21.30 -26.37
C ALA G 383 69.42 -21.96 -26.35
N GLU G 384 70.41 -21.25 -25.82
CA GLU G 384 71.77 -21.78 -25.71
C GLU G 384 71.94 -22.64 -24.47
N GLY G 385 72.03 -23.94 -24.66
CA GLY G 385 72.24 -24.82 -23.53
C GLY G 385 71.07 -25.70 -23.14
N THR G 386 70.90 -25.90 -21.84
CA THR G 386 69.90 -26.82 -21.35
C THR G 386 68.78 -26.14 -20.59
N THR G 387 67.55 -26.45 -21.01
CA THR G 387 66.37 -25.90 -20.39
C THR G 387 65.57 -27.04 -19.79
N VAL G 388 65.09 -26.87 -18.58
CA VAL G 388 64.22 -27.88 -17.98
C VAL G 388 62.85 -27.24 -17.78
N VAL G 389 61.84 -27.82 -18.43
CA VAL G 389 60.47 -27.34 -18.30
C VAL G 389 59.71 -28.22 -17.33
N ASP G 390 59.51 -27.67 -16.13
CA ASP G 390 58.83 -28.38 -15.06
C ASP G 390 57.31 -28.42 -15.26
N ARG G 391 56.68 -29.50 -14.82
CA ARG G 391 55.25 -29.46 -14.63
C ARG G 391 54.49 -29.52 -15.96
N ILE G 392 54.98 -30.34 -16.89
CA ILE G 392 54.43 -30.39 -18.23
C ILE G 392 53.08 -31.07 -18.34
N TYR G 393 52.49 -31.53 -17.23
CA TYR G 393 51.18 -32.18 -17.31
C TYR G 393 50.16 -31.22 -17.89
N HIS G 394 50.39 -29.93 -17.65
CA HIS G 394 49.58 -28.87 -18.31
C HIS G 394 49.63 -29.05 -19.83
N ILE G 395 50.83 -29.13 -20.39
CA ILE G 395 51.01 -29.27 -21.82
C ILE G 395 50.38 -30.54 -22.35
N ASP G 396 50.40 -31.60 -21.54
CA ASP G 396 49.77 -32.85 -21.91
C ASP G 396 48.27 -32.74 -22.09
N ARG G 397 47.66 -31.74 -21.45
CA ARG G 397 46.22 -31.51 -21.65
C ARG G 397 45.94 -30.93 -23.05
N GLY G 398 46.94 -30.29 -23.63
CA GLY G 398 46.70 -29.39 -24.74
C GLY G 398 47.32 -29.81 -26.06
N TYR G 399 48.37 -30.61 -26.03
CA TYR G 399 48.99 -31.07 -27.27
C TYR G 399 49.20 -32.58 -27.31
N GLU G 400 48.93 -33.21 -28.45
CA GLU G 400 49.15 -34.66 -28.59
C GLU G 400 50.62 -34.97 -28.83
N ARG G 401 51.30 -35.47 -27.82
CA ARG G 401 52.69 -35.91 -27.94
C ARG G 401 53.58 -34.87 -28.65
N ILE G 402 53.76 -33.72 -28.01
CA ILE G 402 54.48 -32.62 -28.62
C ILE G 402 55.98 -32.92 -28.78
N GLU G 403 56.53 -33.76 -27.89
CA GLU G 403 57.97 -34.05 -27.95
C GLU G 403 58.31 -34.90 -29.18
N ASP G 404 57.40 -35.78 -29.58
CA ASP G 404 57.61 -36.64 -30.76
C ASP G 404 57.66 -35.80 -32.04
N LYS G 405 56.69 -34.90 -32.19
CA LYS G 405 56.64 -34.01 -33.34
C LYS G 405 57.83 -33.06 -33.39
N LEU G 406 58.25 -32.53 -32.23
CA LEU G 406 59.39 -31.62 -32.18
C LEU G 406 60.71 -32.32 -32.50
N ARG G 407 60.87 -33.53 -31.98
CA ARG G 407 62.05 -34.36 -32.28
C ARG G 407 62.14 -34.66 -33.78
N ALA G 408 61.01 -34.99 -34.40
CA ALA G 408 60.98 -35.24 -35.83
C ALA G 408 61.30 -33.98 -36.63
N LEU G 409 61.43 -32.84 -35.95
CA LEU G 409 61.85 -31.61 -36.60
C LEU G 409 63.30 -31.28 -36.24
N GLY G 410 63.94 -32.16 -35.51
CA GLY G 410 65.34 -31.93 -35.14
C GLY G 410 65.59 -31.51 -33.70
N ALA G 411 64.54 -31.48 -32.89
CA ALA G 411 64.66 -31.05 -31.51
C ALA G 411 65.38 -32.05 -30.63
N ASN G 412 66.26 -31.54 -29.78
CA ASN G 412 66.92 -32.30 -28.74
C ASN G 412 66.16 -32.20 -27.44
N ILE G 413 65.23 -33.13 -27.23
CA ILE G 413 64.29 -33.02 -26.16
C ILE G 413 63.96 -34.38 -25.57
N GLU G 414 63.80 -34.47 -24.27
CA GLU G 414 63.58 -35.74 -23.63
C GLU G 414 62.68 -35.62 -22.43
N ARG G 415 61.87 -36.62 -22.18
CA ARG G 415 60.94 -36.56 -21.09
C ARG G 415 61.43 -37.35 -19.91
N VAL G 416 61.55 -36.73 -18.74
CA VAL G 416 62.07 -37.44 -17.57
C VAL G 416 61.06 -37.48 -16.41
N LYS G 417 61.28 -38.38 -15.44
CA LYS G 417 60.33 -38.58 -14.33
C LYS G 417 60.84 -38.16 -12.94
N GLY G 418 61.57 -37.05 -12.88
CA GLY G 418 62.14 -36.56 -11.64
C GLY G 418 61.15 -36.48 -10.49
N MET H 1 -27.18 -7.49 29.49
CA MET H 1 -26.86 -6.46 30.48
C MET H 1 -27.22 -6.90 31.90
N ASP H 2 -26.31 -7.60 32.54
CA ASP H 2 -26.47 -8.01 33.91
C ASP H 2 -26.51 -6.80 34.84
N LYS H 3 -27.20 -6.96 35.96
CA LYS H 3 -27.36 -5.92 36.95
C LYS H 3 -27.25 -6.57 38.32
N PHE H 4 -26.90 -5.79 39.33
CA PHE H 4 -26.99 -6.24 40.71
C PHE H 4 -28.17 -5.53 41.32
N ARG H 5 -29.08 -6.30 41.92
CA ARG H 5 -30.10 -5.72 42.79
C ARG H 5 -29.65 -5.90 44.22
N VAL H 6 -29.62 -4.80 44.97
CA VAL H 6 -29.13 -4.84 46.33
C VAL H 6 -30.18 -4.33 47.30
N GLN H 7 -30.28 -5.00 48.46
CA GLN H 7 -31.25 -4.67 49.50
C GLN H 7 -30.56 -4.31 50.79
N GLY H 8 -30.85 -3.13 51.33
CA GLY H 8 -30.23 -2.70 52.58
C GLY H 8 -31.22 -1.96 53.47
N PRO H 9 -30.74 -1.49 54.63
CA PRO H 9 -29.36 -1.59 55.08
C PRO H 9 -29.04 -2.99 55.58
N THR H 10 -27.75 -3.32 55.58
CA THR H 10 -27.28 -4.64 55.97
C THR H 10 -25.89 -4.46 56.59
N LYS H 11 -25.60 -5.15 57.67
CA LYS H 11 -24.30 -5.00 58.32
C LYS H 11 -23.35 -6.08 57.87
N LEU H 12 -22.26 -5.71 57.22
CA LEU H 12 -21.33 -6.70 56.69
C LEU H 12 -20.34 -7.15 57.73
N GLN H 13 -20.35 -8.44 58.04
CA GLN H 13 -19.44 -8.99 59.02
C GLN H 13 -19.17 -10.45 58.74
N GLY H 14 -18.04 -10.93 59.26
CA GLY H 14 -17.62 -12.30 59.02
C GLY H 14 -16.21 -12.36 58.49
N GLU H 15 -15.96 -13.27 57.55
CA GLU H 15 -14.65 -13.30 56.93
C GLU H 15 -14.67 -13.48 55.42
N VAL H 16 -13.53 -13.23 54.79
CA VAL H 16 -13.40 -13.33 53.35
C VAL H 16 -11.99 -13.81 52.99
N THR H 17 -11.89 -14.62 51.94
CA THR H 17 -10.59 -15.04 51.43
C THR H 17 -10.20 -14.17 50.23
N ILE H 18 -9.02 -13.58 50.31
CA ILE H 18 -8.54 -12.70 49.24
C ILE H 18 -8.00 -13.49 48.04
N SER H 19 -8.46 -13.12 46.85
CA SER H 19 -8.01 -13.71 45.59
C SER H 19 -6.64 -13.16 45.20
N GLY H 20 -6.02 -13.78 44.20
CA GLY H 20 -4.75 -13.32 43.66
C GLY H 20 -4.86 -11.93 43.02
N ALA H 21 -3.77 -11.17 43.07
CA ALA H 21 -3.78 -9.83 42.51
C ALA H 21 -4.01 -9.81 40.98
N LYS H 22 -5.14 -9.22 40.58
CA LYS H 22 -5.47 -9.04 39.18
C LYS H 22 -4.33 -8.35 38.42
N ASN H 23 -3.78 -7.31 39.05
CA ASN H 23 -2.71 -6.53 38.44
C ASN H 23 -1.29 -7.11 38.63
N ALA H 24 -1.19 -8.29 39.21
CA ALA H 24 0.05 -9.05 39.15
C ALA H 24 -0.10 -10.16 38.08
N ALA H 25 -1.26 -10.81 38.08
CA ALA H 25 -1.60 -11.81 37.09
C ALA H 25 -1.37 -11.28 35.69
N LEU H 26 -1.94 -10.13 35.40
CA LEU H 26 -1.85 -9.55 34.05
C LEU H 26 -0.42 -9.34 33.50
N PRO H 27 0.45 -8.64 34.25
CA PRO H 27 1.83 -8.46 33.76
C PRO H 27 2.59 -9.78 33.65
N ILE H 28 2.30 -10.70 34.56
CA ILE H 28 2.96 -12.00 34.54
C ILE H 28 2.54 -12.83 33.32
N LEU H 29 1.26 -12.87 33.03
CA LEU H 29 0.80 -13.56 31.84
C LEU H 29 1.45 -13.05 30.56
N PHE H 30 1.73 -11.75 30.49
CA PHE H 30 2.38 -11.19 29.31
C PHE H 30 3.88 -11.44 29.33
N ALA H 31 4.46 -11.48 30.52
CA ALA H 31 5.87 -11.80 30.65
C ALA H 31 6.14 -13.24 30.22
N ALA H 32 5.11 -14.05 30.24
CA ALA H 32 5.26 -15.45 29.86
C ALA H 32 5.65 -15.57 28.39
N LEU H 33 5.32 -14.57 27.58
CA LEU H 33 5.71 -14.58 26.18
C LEU H 33 7.22 -14.72 26.00
N LEU H 34 7.97 -14.45 27.07
CA LEU H 34 9.42 -14.54 27.04
C LEU H 34 9.91 -15.97 27.21
N ALA H 35 9.06 -16.79 27.82
CA ALA H 35 9.47 -18.12 28.27
C ALA H 35 9.54 -19.13 27.13
N GLU H 36 10.54 -20.00 27.14
CA GLU H 36 10.70 -20.99 26.08
C GLU H 36 10.38 -22.42 26.53
N GLU H 37 9.98 -22.58 27.77
CA GLU H 37 9.45 -23.83 28.23
C GLU H 37 8.16 -23.52 28.96
N PRO H 38 7.38 -24.53 29.27
CA PRO H 38 6.04 -24.29 29.79
C PRO H 38 5.98 -23.69 31.19
N VAL H 39 4.97 -22.87 31.46
CA VAL H 39 4.90 -22.18 32.74
C VAL H 39 3.51 -22.27 33.38
N GLU H 40 3.48 -22.31 34.70
CA GLU H 40 2.22 -22.38 35.42
C GLU H 40 2.09 -21.32 36.46
N ILE H 41 1.09 -20.47 36.29
CA ILE H 41 0.85 -19.38 37.23
C ILE H 41 -0.31 -19.73 38.17
N GLN H 42 -0.03 -19.74 39.45
CA GLN H 42 -1.03 -20.09 40.40
C GLN H 42 -1.72 -18.95 41.09
N ASN H 43 -2.85 -19.29 41.70
CA ASN H 43 -3.63 -18.32 42.45
C ASN H 43 -4.07 -17.14 41.59
N VAL H 44 -4.53 -17.45 40.38
CA VAL H 44 -4.97 -16.42 39.46
C VAL H 44 -6.45 -16.21 39.60
N PRO H 45 -6.88 -14.95 39.76
CA PRO H 45 -8.30 -14.65 39.95
C PRO H 45 -9.08 -14.91 38.69
N LYS H 46 -10.34 -15.27 38.87
CA LYS H 46 -11.24 -15.55 37.78
C LYS H 46 -11.90 -14.25 37.42
N LEU H 47 -11.26 -13.54 36.51
CA LEU H 47 -11.68 -12.19 36.11
C LEU H 47 -11.73 -12.07 34.61
N LYS H 48 -12.59 -11.19 34.09
CA LYS H 48 -12.67 -11.01 32.65
C LYS H 48 -11.33 -10.53 32.06
N ASP H 49 -10.59 -9.73 32.82
CA ASP H 49 -9.28 -9.24 32.38
C ASP H 49 -8.27 -10.36 32.15
N VAL H 50 -8.37 -11.42 32.94
CA VAL H 50 -7.54 -12.61 32.73
C VAL H 50 -7.97 -13.31 31.44
N ASP H 51 -9.28 -13.45 31.26
CA ASP H 51 -9.82 -14.07 30.05
C ASP H 51 -9.30 -13.36 28.81
N THR H 52 -9.42 -12.03 28.81
CA THR H 52 -9.00 -11.23 27.67
C THR H 52 -7.51 -11.42 27.40
N SER H 53 -6.72 -11.53 28.45
CA SER H 53 -5.29 -11.74 28.30
C SER H 53 -5.01 -13.09 27.66
N MET H 54 -5.67 -14.13 28.17
CA MET H 54 -5.53 -15.47 27.62
C MET H 54 -5.92 -15.50 26.15
N LYS H 55 -7.06 -14.90 25.83
CA LYS H 55 -7.51 -14.80 24.46
C LYS H 55 -6.40 -14.20 23.57
N LEU H 56 -5.71 -13.16 24.07
CA LEU H 56 -4.67 -12.51 23.30
C LEU H 56 -3.46 -13.42 23.14
N LEU H 57 -3.02 -14.02 24.26
CA LEU H 57 -1.89 -14.94 24.24
C LEU H 57 -2.09 -16.04 23.21
N SER H 58 -3.26 -16.67 23.30
CA SER H 58 -3.63 -17.75 22.39
C SER H 58 -3.58 -17.28 20.93
N GLN H 59 -4.14 -16.11 20.69
CA GLN H 59 -4.16 -15.52 19.37
C GLN H 59 -2.72 -15.32 18.81
N LEU H 60 -1.76 -15.10 19.71
CA LEU H 60 -0.36 -14.92 19.32
C LEU H 60 0.32 -16.25 19.02
N GLY H 61 -0.35 -17.33 19.39
CA GLY H 61 0.16 -18.68 19.15
C GLY H 61 0.56 -19.44 20.39
N ALA H 62 0.34 -18.88 21.57
CA ALA H 62 0.65 -19.62 22.79
C ALA H 62 -0.42 -20.65 23.10
N LYS H 63 -0.05 -21.71 23.80
CA LYS H 63 -1.00 -22.69 24.28
C LYS H 63 -1.43 -22.34 25.71
N VAL H 64 -2.72 -22.05 25.87
CA VAL H 64 -3.22 -21.57 27.15
C VAL H 64 -4.43 -22.34 27.65
N GLU H 65 -4.43 -22.67 28.93
CA GLU H 65 -5.58 -23.25 29.59
C GLU H 65 -5.64 -22.85 31.05
N ARG H 66 -6.84 -22.78 31.60
CA ARG H 66 -7.05 -22.45 33.01
C ARG H 66 -8.23 -23.18 33.62
N ASP H 67 -8.14 -23.45 34.92
CA ASP H 67 -9.26 -23.95 35.69
C ASP H 67 -10.26 -22.83 35.80
N GLY H 68 -7.45 -23.02 38.48
CA GLY H 68 -7.11 -22.11 39.55
C GLY H 68 -5.77 -21.58 39.22
N SER H 69 -5.17 -22.20 38.24
CA SER H 69 -3.85 -21.88 37.79
C SER H 69 -3.99 -21.66 36.32
N VAL H 70 -3.07 -20.95 35.73
CA VAL H 70 -3.13 -20.73 34.31
C VAL H 70 -1.90 -21.40 33.75
N HIS H 71 -2.07 -22.23 32.74
CA HIS H 71 -0.94 -22.88 32.07
C HIS H 71 -0.66 -22.20 30.73
N ILE H 72 0.61 -21.82 30.53
CA ILE H 72 1.01 -21.15 29.29
C ILE H 72 2.21 -21.84 28.66
N ASP H 73 2.07 -22.19 27.38
CA ASP H 73 3.16 -22.74 26.58
C ASP H 73 3.43 -21.79 25.43
N ALA H 74 4.52 -21.04 25.54
CA ALA H 74 4.79 -19.97 24.59
C ALA H 74 5.89 -20.31 23.58
N ARG H 75 6.17 -21.59 23.41
CA ARG H 75 7.22 -22.02 22.49
C ARG H 75 6.86 -21.72 21.04
N ASP H 76 5.62 -21.98 20.68
CA ASP H 76 5.20 -21.87 19.29
C ASP H 76 4.56 -20.53 18.92
N VAL H 77 4.89 -19.48 19.67
CA VAL H 77 4.40 -18.15 19.32
C VAL H 77 4.92 -17.76 17.95
N ASN H 78 4.02 -17.36 17.07
CA ASN H 78 4.37 -17.17 15.66
C ASN H 78 3.64 -16.00 14.99
N VAL H 79 2.77 -15.35 15.74
CA VAL H 79 2.18 -14.10 15.28
C VAL H 79 2.50 -13.02 16.32
N PHE H 80 2.68 -11.78 15.85
CA PHE H 80 3.31 -10.78 16.69
C PHE H 80 2.53 -9.49 16.79
N CYS H 81 1.21 -9.58 16.66
CA CYS H 81 0.36 -8.39 16.65
C CYS H 81 -0.80 -8.47 17.62
N ALA H 82 -0.97 -7.44 18.45
CA ALA H 82 -2.15 -7.29 19.30
C ALA H 82 -3.09 -6.35 18.59
N PRO H 83 -4.18 -6.88 18.00
CA PRO H 83 -5.06 -6.16 17.07
C PRO H 83 -6.01 -5.17 17.77
N TYR H 84 -6.35 -4.10 17.07
CA TYR H 84 -7.29 -3.10 17.56
C TYR H 84 -8.45 -3.67 18.38
N ASP H 85 -9.15 -4.67 17.85
CA ASP H 85 -10.33 -5.24 18.52
C ASP H 85 -10.10 -5.69 19.95
N LEU H 86 -8.89 -6.15 20.25
CA LEU H 86 -8.60 -6.57 21.61
C LEU H 86 -8.15 -5.41 22.47
N VAL H 87 -7.14 -4.67 22.00
CA VAL H 87 -6.58 -3.59 22.78
C VAL H 87 -7.70 -2.66 23.24
N LYS H 88 -8.65 -2.38 22.35
CA LYS H 88 -9.73 -1.45 22.67
C LYS H 88 -10.56 -1.91 23.87
N THR H 89 -10.62 -3.22 24.11
CA THR H 89 -11.37 -3.73 25.25
C THR H 89 -10.54 -3.80 26.53
N MET H 90 -9.22 -3.68 26.40
CA MET H 90 -8.33 -3.73 27.55
C MET H 90 -6.95 -3.16 27.20
N ARG H 91 -6.71 -1.89 27.55
CA ARG H 91 -5.46 -1.21 27.18
C ARG H 91 -4.17 -1.80 27.80
N ALA H 92 -4.29 -2.68 28.79
CA ALA H 92 -3.12 -3.41 29.31
C ALA H 92 -2.51 -4.37 28.27
N SER H 93 -3.27 -4.72 27.24
CA SER H 93 -2.74 -5.49 26.10
C SER H 93 -1.41 -4.93 25.57
N ILE H 94 -1.22 -3.62 25.72
CA ILE H 94 0.00 -2.95 25.29
C ILE H 94 1.24 -3.68 25.85
N TRP H 95 1.04 -4.42 26.94
CA TRP H 95 2.14 -5.12 27.58
C TRP H 95 2.71 -6.24 26.69
N ALA H 96 2.00 -6.59 25.64
CA ALA H 96 2.57 -7.56 24.71
C ALA H 96 3.81 -7.03 23.97
N LEU H 97 3.84 -5.75 23.66
CA LEU H 97 4.88 -5.15 22.85
C LEU H 97 6.29 -5.54 23.31
N GLY H 98 6.61 -5.21 24.56
CA GLY H 98 7.93 -5.44 25.09
C GLY H 98 8.46 -6.83 24.85
N PRO H 99 7.77 -7.84 25.39
CA PRO H 99 8.29 -9.20 25.26
C PRO H 99 8.47 -9.63 23.81
N LEU H 100 7.50 -9.30 22.97
CA LEU H 100 7.57 -9.66 21.56
C LEU H 100 8.84 -9.13 20.88
N VAL H 101 9.15 -7.85 21.10
CA VAL H 101 10.34 -7.24 20.51
C VAL H 101 11.63 -7.83 21.10
N ALA H 102 11.63 -8.06 22.41
CA ALA H 102 12.80 -8.62 23.08
C ALA H 102 13.15 -10.02 22.56
N ARG H 103 12.13 -10.84 22.31
CA ARG H 103 12.35 -12.25 21.96
C ARG H 103 12.37 -12.54 20.46
N PHE H 104 11.49 -11.90 19.70
CA PHE H 104 11.39 -12.19 18.28
C PHE H 104 11.85 -11.04 17.39
N GLY H 105 12.24 -9.91 18.00
CA GLY H 105 12.77 -8.79 17.27
C GLY H 105 11.75 -7.93 16.56
N GLN H 106 10.48 -8.28 16.71
CA GLN H 106 9.41 -7.47 16.13
C GLN H 106 8.18 -7.50 17.04
N GLY H 107 7.28 -6.54 16.85
CA GLY H 107 6.06 -6.48 17.63
C GLY H 107 5.16 -5.38 17.11
N GLN H 108 3.88 -5.67 16.94
CA GLN H 108 2.89 -4.67 16.54
C GLN H 108 1.73 -4.63 17.54
N VAL H 109 1.58 -3.53 18.25
CA VAL H 109 0.46 -3.35 19.16
C VAL H 109 -0.33 -2.08 18.83
N SER H 110 -1.64 -2.20 18.81
CA SER H 110 -2.52 -1.06 18.55
C SER H 110 -2.31 0.01 19.64
N LEU H 111 -2.18 1.28 19.22
CA LEU H 111 -2.06 2.40 20.16
C LEU H 111 -3.38 2.67 20.85
N PRO H 112 -3.42 2.55 22.19
CA PRO H 112 -4.65 2.76 22.98
C PRO H 112 -5.25 4.15 22.81
N GLY H 113 -6.57 4.22 22.64
CA GLY H 113 -7.27 5.50 22.60
C GLY H 113 -7.82 5.90 23.94
N GLY H 114 -8.99 6.53 23.93
CA GLY H 114 -9.48 7.25 25.08
C GLY H 114 -9.93 6.32 26.20
N CYS H 115 -9.64 6.71 27.44
CA CYS H 115 -10.30 6.12 28.60
C CYS H 115 -11.09 7.16 29.37
N THR H 116 -12.22 6.73 29.95
CA THR H 116 -13.08 7.62 30.72
C THR H 116 -12.45 8.23 31.98
N ILE H 117 -11.41 7.61 32.54
CA ILE H 117 -10.83 8.17 33.77
C ILE H 117 -9.80 9.32 33.61
N GLY H 118 -9.35 9.56 32.39
CA GLY H 118 -8.40 10.63 32.14
C GLY H 118 -7.39 10.35 31.03
N ALA H 119 -6.41 11.24 30.88
CA ALA H 119 -5.36 11.07 29.89
C ALA H 119 -4.47 9.91 30.26
N ARG H 120 -4.24 9.02 29.31
CA ARG H 120 -3.40 7.85 29.52
C ARG H 120 -2.45 7.50 28.39
N PRO H 121 -1.56 8.43 28.07
CA PRO H 121 -0.56 8.25 27.02
C PRO H 121 0.45 7.16 27.38
N VAL H 122 1.09 6.56 26.38
CA VAL H 122 2.07 5.50 26.61
C VAL H 122 3.46 5.88 26.08
N ASP H 123 3.70 7.18 25.99
CA ASP H 123 5.00 7.73 25.58
C ASP H 123 6.21 7.10 26.30
N LEU H 124 6.05 6.82 27.59
CA LEU H 124 7.15 6.29 28.38
C LEU H 124 7.46 4.86 27.97
N HIS H 125 6.45 4.10 27.53
CA HIS H 125 6.69 2.74 27.06
C HIS H 125 7.52 2.80 25.79
N ILE H 126 7.05 3.59 24.84
CA ILE H 126 7.71 3.72 23.57
C ILE H 126 9.14 4.21 23.78
N SER H 127 9.29 5.31 24.51
CA SER H 127 10.60 5.91 24.74
C SER H 127 11.59 4.93 25.38
N GLY H 128 11.14 4.19 26.39
CA GLY H 128 11.98 3.19 27.04
C GLY H 128 12.49 2.15 26.07
N LEU H 129 11.63 1.70 25.16
CA LEU H 129 12.02 0.69 24.19
C LEU H 129 13.00 1.23 23.15
N GLU H 130 12.78 2.47 22.69
CA GLU H 130 13.72 3.12 21.78
C GLU H 130 15.08 3.25 22.43
N GLN H 131 15.07 3.52 23.73
CA GLN H 131 16.28 3.72 24.49
C GLN H 131 17.02 2.39 24.64
N LEU H 132 16.29 1.29 24.49
CA LEU H 132 16.89 -0.05 24.52
C LEU H 132 17.30 -0.53 23.13
N GLY H 133 17.29 0.36 22.15
CA GLY H 133 17.71 0.01 20.81
C GLY H 133 16.63 -0.37 19.80
N ALA H 134 15.36 -0.34 20.21
CA ALA H 134 14.29 -0.63 19.27
C ALA H 134 14.03 0.55 18.32
N THR H 135 13.60 0.25 17.11
CA THR H 135 13.10 1.28 16.21
C THR H 135 11.57 1.20 16.24
N ILE H 136 10.92 2.34 16.42
CA ILE H 136 9.46 2.37 16.57
C ILE H 136 8.78 3.35 15.62
N LYS H 137 7.79 2.86 14.88
CA LYS H 137 6.97 3.72 14.03
C LYS H 137 5.50 3.45 14.24
N LEU H 138 4.67 4.42 13.87
CA LEU H 138 3.23 4.32 14.02
C LEU H 138 2.57 4.35 12.65
N GLU H 139 1.98 3.23 12.23
CA GLU H 139 1.20 3.22 10.99
C GLU H 139 -0.09 2.46 11.16
N GLU H 140 -1.17 3.02 10.58
CA GLU H 140 -2.52 2.45 10.68
C GLU H 140 -3.00 2.31 12.13
N GLY H 141 -2.51 3.18 13.02
CA GLY H 141 -2.83 3.09 14.43
C GLY H 141 -2.04 2.07 15.22
N TYR H 142 -1.11 1.37 14.57
CA TYR H 142 -0.30 0.38 15.27
C TYR H 142 1.09 0.91 15.59
N VAL H 143 1.53 0.70 16.83
CA VAL H 143 2.92 0.99 17.16
C VAL H 143 3.72 -0.23 16.77
N LYS H 144 4.57 -0.05 15.75
CA LYS H 144 5.33 -1.15 15.18
C LYS H 144 6.79 -1.03 15.61
N ALA H 145 7.24 -2.01 16.37
CA ALA H 145 8.60 -2.02 16.92
C ALA H 145 9.46 -3.13 16.29
N SER H 146 10.74 -2.85 16.10
CA SER H 146 11.65 -3.82 15.49
C SER H 146 13.05 -3.58 15.97
N VAL H 147 13.85 -4.64 16.00
CA VAL H 147 15.27 -4.53 16.32
C VAL H 147 16.10 -5.57 15.56
N ASP H 148 17.19 -5.12 14.95
CA ASP H 148 18.11 -6.02 14.28
C ASP H 148 18.96 -6.77 15.31
N GLY H 149 18.63 -8.03 15.56
CA GLY H 149 19.27 -8.79 16.63
C GLY H 149 18.53 -8.62 17.94
N ARG H 150 19.27 -8.37 19.01
CA ARG H 150 18.60 -8.13 20.29
C ARG H 150 18.84 -6.74 20.86
N LEU H 151 18.03 -6.39 21.86
CA LEU H 151 18.11 -5.09 22.49
C LEU H 151 19.40 -4.97 23.29
N LYS H 152 19.77 -3.73 23.63
CA LYS H 152 20.97 -3.45 24.40
C LYS H 152 20.66 -2.75 25.70
N GLY H 153 21.22 -3.25 26.79
CA GLY H 153 21.05 -2.64 28.08
C GLY H 153 21.38 -1.17 28.03
N ALA H 154 20.65 -0.37 28.81
CA ALA H 154 20.91 1.06 28.84
C ALA H 154 20.55 1.63 30.20
N HIS H 155 21.04 2.84 30.47
CA HIS H 155 20.70 3.57 31.68
C HIS H 155 19.49 4.47 31.37
N ILE H 156 18.32 4.11 31.91
CA ILE H 156 17.10 4.79 31.57
C ILE H 156 16.53 5.48 32.78
N VAL H 157 16.43 6.80 32.70
CA VAL H 157 15.86 7.63 33.75
C VAL H 157 14.42 8.04 33.41
N MET H 158 13.47 7.60 34.19
CA MET H 158 12.06 7.79 33.84
C MET H 158 11.59 9.18 34.21
N ASP H 159 10.96 9.84 33.23
CA ASP H 159 10.46 11.21 33.38
C ASP H 159 9.44 11.34 34.50
N LYS H 160 8.48 10.42 34.52
CA LYS H 160 7.60 10.30 35.66
C LYS H 160 7.44 8.87 36.12
N VAL H 161 6.78 8.69 37.25
CA VAL H 161 6.55 7.35 37.78
C VAL H 161 5.41 6.64 37.07
N SER H 162 5.71 5.52 36.44
CA SER H 162 4.70 4.78 35.71
C SER H 162 4.75 3.25 35.94
N VAL H 163 3.65 2.65 36.42
CA VAL H 163 3.63 1.20 36.62
C VAL H 163 3.81 0.48 35.29
N GLY H 164 3.06 0.92 34.28
CA GLY H 164 3.04 0.25 33.01
C GLY H 164 4.37 0.27 32.30
N ALA H 165 4.99 1.44 32.24
CA ALA H 165 6.27 1.58 31.54
C ALA H 165 7.40 0.89 32.29
N THR H 166 7.41 0.99 33.63
CA THR H 166 8.40 0.25 34.41
C THR H 166 8.34 -1.24 34.07
N VAL H 167 7.13 -1.77 33.91
CA VAL H 167 6.98 -3.20 33.62
C VAL H 167 7.47 -3.49 32.20
N THR H 168 7.09 -2.64 31.24
CA THR H 168 7.47 -2.84 29.85
C THR H 168 8.98 -2.92 29.70
N ILE H 169 9.68 -1.93 30.26
CA ILE H 169 11.12 -1.87 30.15
C ILE H 169 11.80 -3.00 30.88
N MET H 170 11.38 -3.26 32.13
CA MET H 170 11.97 -4.33 32.93
C MET H 170 11.90 -5.69 32.23
N CYS H 171 10.78 -5.98 31.62
CA CYS H 171 10.60 -7.25 30.95
C CYS H 171 11.47 -7.34 29.71
N ALA H 172 11.47 -6.29 28.89
CA ALA H 172 12.22 -6.29 27.65
C ALA H 172 13.70 -6.45 27.92
N ALA H 173 14.15 -5.89 29.02
CA ALA H 173 15.57 -5.84 29.33
C ALA H 173 16.13 -7.22 29.67
N THR H 174 15.28 -8.12 30.13
CA THR H 174 15.75 -9.44 30.58
C THR H 174 16.40 -10.24 29.46
N LEU H 175 16.14 -9.86 28.21
CA LEU H 175 16.74 -10.55 27.08
C LEU H 175 17.65 -9.64 26.24
N ALA H 176 18.12 -8.56 26.83
CA ALA H 176 19.00 -7.63 26.15
C ALA H 176 20.49 -7.97 26.37
N GLU H 177 21.36 -7.32 25.60
CA GLU H 177 22.80 -7.45 25.78
C GLU H 177 23.28 -6.52 26.86
N GLY H 178 23.74 -7.07 27.96
CA GLY H 178 24.32 -6.25 29.02
C GLY H 178 23.36 -5.84 30.11
N THR H 179 23.68 -4.73 30.78
CA THR H 179 22.94 -4.27 31.94
C THR H 179 22.03 -3.04 31.68
N THR H 180 20.77 -3.16 32.08
CA THR H 180 19.86 -2.03 32.04
C THR H 180 19.66 -1.51 33.46
N ILE H 181 19.60 -0.20 33.62
CA ILE H 181 19.27 0.40 34.91
C ILE H 181 18.11 1.38 34.77
N ILE H 182 17.02 1.10 35.49
CA ILE H 182 15.83 1.93 35.47
C ILE H 182 15.83 2.84 36.70
N GLU H 183 15.90 4.16 36.46
CA GLU H 183 15.88 5.15 37.53
C GLU H 183 14.48 5.76 37.66
N ASN H 184 14.08 6.01 38.90
CA ASN H 184 12.73 6.54 39.16
C ASN H 184 11.66 5.52 38.79
N ALA H 185 11.93 4.25 39.09
CA ALA H 185 11.01 3.17 38.78
C ALA H 185 9.84 3.18 39.74
N ALA H 186 8.73 2.58 39.30
CA ALA H 186 7.57 2.43 40.16
C ALA H 186 7.86 1.33 41.16
N ARG H 187 7.38 1.49 42.38
CA ARG H 187 7.64 0.51 43.44
C ARG H 187 6.46 -0.38 43.81
N GLU H 188 5.38 -0.34 43.02
CA GLU H 188 4.17 -1.16 43.28
C GLU H 188 4.52 -2.63 43.60
N PRO H 189 3.85 -3.21 44.60
CA PRO H 189 4.02 -4.63 44.95
C PRO H 189 3.93 -5.56 43.72
N GLU H 190 3.04 -5.24 42.80
CA GLU H 190 2.85 -6.05 41.60
C GLU H 190 4.08 -6.06 40.69
N ILE H 191 4.88 -5.00 40.76
CA ILE H 191 6.11 -4.91 39.98
C ILE H 191 7.17 -5.83 40.57
N VAL H 192 7.13 -5.94 41.91
CA VAL H 192 8.00 -6.85 42.64
C VAL H 192 7.66 -8.30 42.26
N ASP H 193 6.36 -8.61 42.28
CA ASP H 193 5.89 -9.96 41.98
C ASP H 193 6.33 -10.33 40.56
N THR H 194 6.14 -9.41 39.63
CA THR H 194 6.53 -9.63 38.23
C THR H 194 8.04 -9.88 38.09
N ALA H 195 8.85 -9.12 38.82
CA ALA H 195 10.29 -9.34 38.80
C ALA H 195 10.64 -10.69 39.38
N ASN H 196 9.97 -11.09 40.47
CA ASN H 196 10.24 -12.38 41.09
C ASN H 196 9.87 -13.59 40.23
N PHE H 197 8.82 -13.42 39.42
CA PHE H 197 8.44 -14.42 38.43
C PHE H 197 9.51 -14.50 37.36
N LEU H 198 9.96 -13.35 36.84
CA LEU H 198 11.02 -13.29 35.85
C LEU H 198 12.31 -13.98 36.32
N ILE H 199 12.74 -13.68 37.55
CA ILE H 199 13.92 -14.33 38.12
C ILE H 199 13.75 -15.83 38.14
N THR H 200 12.54 -16.28 38.46
CA THR H 200 12.22 -17.70 38.52
C THR H 200 12.49 -18.37 37.17
N LEU H 201 12.30 -17.64 36.08
CA LEU H 201 12.50 -18.20 34.75
C LEU H 201 13.97 -18.15 34.36
N GLY H 202 14.79 -17.55 35.21
CA GLY H 202 16.21 -17.39 34.92
C GLY H 202 16.70 -15.98 34.66
N ALA H 203 15.87 -14.99 34.92
CA ALA H 203 16.27 -13.60 34.70
C ALA H 203 17.12 -13.13 35.85
N LYS H 204 17.88 -12.07 35.63
CA LYS H 204 18.71 -11.48 36.68
C LYS H 204 18.27 -10.07 37.00
N ILE H 205 17.48 -9.91 38.06
CA ILE H 205 16.91 -8.62 38.42
C ILE H 205 17.17 -8.27 39.88
N SER H 206 17.53 -7.01 40.14
CA SER H 206 17.70 -6.56 41.51
C SER H 206 17.18 -5.14 41.70
N GLY H 207 16.71 -4.84 42.90
CA GLY H 207 16.22 -3.51 43.21
C GLY H 207 14.73 -3.30 43.08
N GLN H 208 14.00 -4.34 42.67
CA GLN H 208 12.53 -4.27 42.60
C GLN H 208 11.89 -3.82 43.93
N GLY H 209 11.00 -2.84 43.85
CA GLY H 209 10.38 -2.31 45.04
C GLY H 209 11.10 -1.07 45.49
N THR H 210 12.21 -0.78 44.82
CA THR H 210 12.92 0.47 45.07
C THR H 210 12.88 1.31 43.80
N ASP H 211 13.33 2.55 43.87
CA ASP H 211 13.30 3.44 42.71
C ASP H 211 14.37 3.06 41.65
N ARG H 212 15.23 2.12 41.98
CA ARG H 212 16.25 1.70 41.04
C ARG H 212 16.26 0.18 40.76
N ILE H 213 15.95 -0.19 39.53
CA ILE H 213 15.94 -1.59 39.14
C ILE H 213 17.11 -1.92 38.20
N VAL H 214 17.85 -2.96 38.54
CA VAL H 214 18.97 -3.41 37.71
C VAL H 214 18.70 -4.77 37.05
N ILE H 215 18.83 -4.79 35.73
CA ILE H 215 18.63 -5.99 34.94
C ILE H 215 19.88 -6.41 34.16
N GLU H 216 20.36 -7.62 34.34
CA GLU H 216 21.43 -8.15 33.50
C GLU H 216 20.88 -9.09 32.45
N GLY H 217 21.04 -8.75 31.20
CA GLY H 217 20.55 -9.60 30.15
C GLY H 217 21.07 -11.02 30.16
N VAL H 218 20.24 -11.97 29.78
CA VAL H 218 20.67 -13.31 29.56
C VAL H 218 20.16 -13.65 28.21
N GLU H 219 20.47 -14.82 27.73
CA GLU H 219 20.20 -15.07 26.32
C GLU H 219 18.90 -15.81 26.08
N ARG H 220 18.38 -16.44 27.12
CA ARG H 220 17.07 -17.07 27.04
C ARG H 220 16.46 -17.38 28.40
N LEU H 221 15.14 -17.42 28.45
CA LEU H 221 14.43 -17.70 29.69
C LEU H 221 13.66 -19.01 29.57
N GLY H 222 13.54 -19.71 30.69
CA GLY H 222 12.92 -21.02 30.70
C GLY H 222 11.47 -21.03 31.13
N GLY H 223 11.09 -22.03 31.93
CA GLY H 223 9.72 -22.20 32.40
C GLY H 223 9.71 -22.30 33.90
N GLY H 224 8.59 -22.74 34.47
CA GLY H 224 8.52 -22.90 35.91
C GLY H 224 7.14 -22.69 36.50
N VAL H 225 7.09 -22.56 37.82
CA VAL H 225 5.84 -22.40 38.55
C VAL H 225 5.95 -21.23 39.52
N TYR H 226 4.92 -20.39 39.54
CA TYR H 226 4.92 -19.19 40.38
C TYR H 226 3.53 -18.86 40.92
N ARG H 227 3.46 -18.53 42.20
CA ARG H 227 2.19 -18.12 42.81
C ARG H 227 2.05 -16.60 42.94
N VAL H 228 0.95 -16.07 42.44
CA VAL H 228 0.70 -14.62 42.46
C VAL H 228 0.32 -14.11 43.85
N LEU H 229 0.84 -12.95 44.23
CA LEU H 229 0.57 -12.41 45.57
C LEU H 229 -0.90 -11.98 45.73
N PRO H 230 -1.34 -11.76 46.99
CA PRO H 230 -2.74 -11.37 47.20
C PRO H 230 -3.07 -9.96 46.66
N ASP H 231 -4.33 -9.73 46.32
CA ASP H 231 -4.78 -8.47 45.77
C ASP H 231 -5.10 -7.45 46.86
N ARG H 232 -4.24 -6.43 46.97
CA ARG H 232 -4.39 -5.42 48.01
C ARG H 232 -5.63 -4.54 47.80
N ILE H 233 -6.03 -4.35 46.55
CA ILE H 233 -7.23 -3.58 46.28
C ILE H 233 -8.51 -4.31 46.72
N GLU H 234 -8.60 -5.61 46.44
CA GLU H 234 -9.75 -6.39 46.91
C GLU H 234 -9.76 -6.40 48.43
N THR H 235 -8.58 -6.57 49.03
CA THR H 235 -8.46 -6.52 50.47
C THR H 235 -8.98 -5.21 51.04
N GLY H 236 -8.57 -4.09 50.44
CA GLY H 236 -9.00 -2.78 50.88
C GLY H 236 -10.49 -2.58 50.74
N THR H 237 -11.03 -3.08 49.64
CA THR H 237 -12.45 -2.94 49.37
C THR H 237 -13.35 -3.60 50.45
N PHE H 238 -12.93 -4.76 50.92
CA PHE H 238 -13.68 -5.48 51.92
C PHE H 238 -13.49 -4.89 53.31
N LEU H 239 -12.26 -4.47 53.62
CA LEU H 239 -12.00 -3.75 54.87
C LEU H 239 -12.90 -2.52 54.96
N VAL H 240 -13.05 -1.83 53.83
CA VAL H 240 -13.90 -0.65 53.77
C VAL H 240 -15.38 -1.03 53.90
N ALA H 241 -15.79 -2.12 53.24
CA ALA H 241 -17.15 -2.63 53.37
C ALA H 241 -17.52 -2.80 54.87
N ALA H 242 -16.59 -3.33 55.66
CA ALA H 242 -16.86 -3.51 57.07
C ALA H 242 -16.96 -2.17 57.77
N ALA H 243 -15.99 -1.31 57.50
CA ALA H 243 -15.88 -0.04 58.19
C ALA H 243 -17.08 0.87 58.00
N ILE H 244 -17.77 0.74 56.87
CA ILE H 244 -18.89 1.63 56.59
C ILE H 244 -20.20 1.07 57.09
N SER H 245 -20.23 -0.24 57.32
CA SER H 245 -21.47 -0.90 57.77
C SER H 245 -21.46 -1.12 59.28
N ARG H 246 -20.49 -0.50 59.95
CA ARG H 246 -20.33 -0.66 61.39
C ARG H 246 -20.16 -2.13 61.77
N GLY H 247 -19.45 -2.87 60.92
CA GLY H 247 -19.29 -4.30 61.09
C GLY H 247 -17.92 -4.70 61.57
N LYS H 248 -17.58 -5.97 61.32
CA LYS H 248 -16.30 -6.53 61.71
C LYS H 248 -15.91 -7.66 60.75
N ILE H 249 -14.64 -7.74 60.39
CA ILE H 249 -14.20 -8.64 59.32
C ILE H 249 -12.79 -9.19 59.49
N ILE H 250 -12.58 -10.42 59.03
CA ILE H 250 -11.23 -10.98 58.90
C ILE H 250 -10.99 -11.29 57.44
N CYS H 251 -9.85 -10.82 56.93
CA CYS H 251 -9.44 -11.11 55.57
C CYS H 251 -8.35 -12.17 55.62
N ARG H 252 -8.57 -13.28 54.92
CA ARG H 252 -7.64 -14.39 54.91
C ARG H 252 -6.87 -14.42 53.60
N ASN H 253 -5.65 -14.95 53.64
CA ASN H 253 -4.77 -14.96 52.48
C ASN H 253 -4.39 -13.56 52.04
N ALA H 254 -4.04 -12.73 53.02
CA ALA H 254 -3.67 -11.34 52.80
C ALA H 254 -2.16 -11.11 52.93
N GLN H 255 -1.71 -9.94 52.49
CA GLN H 255 -0.31 -9.56 52.67
C GLN H 255 -0.25 -8.14 53.21
N PRO H 256 -0.33 -7.99 54.54
CA PRO H 256 -0.45 -6.70 55.21
C PRO H 256 0.60 -5.64 54.84
N ASP H 257 1.86 -6.01 54.65
CA ASP H 257 2.92 -5.03 54.36
C ASP H 257 2.65 -4.27 53.07
N THR H 258 1.59 -4.69 52.40
CA THR H 258 1.19 -4.20 51.09
C THR H 258 0.19 -3.03 51.18
N LEU H 259 -0.32 -2.80 52.38
CA LEU H 259 -1.44 -1.89 52.63
C LEU H 259 -1.19 -0.85 53.72
N ASP H 260 0.06 -0.50 53.97
CA ASP H 260 0.38 0.42 55.08
C ASP H 260 -0.48 1.70 55.07
N ALA H 261 -0.45 2.43 53.95
CA ALA H 261 -1.22 3.64 53.82
C ALA H 261 -2.72 3.47 54.09
N VAL H 262 -3.32 2.44 53.50
CA VAL H 262 -4.74 2.18 53.64
C VAL H 262 -5.11 1.85 55.09
N LEU H 263 -4.32 0.99 55.72
CA LEU H 263 -4.60 0.61 57.11
C LEU H 263 -4.51 1.81 58.06
N ALA H 264 -3.50 2.65 57.84
CA ALA H 264 -3.31 3.86 58.63
C ALA H 264 -4.52 4.80 58.51
N LYS H 265 -5.06 4.93 57.32
CA LYS H 265 -6.18 5.80 57.07
C LYS H 265 -7.45 5.25 57.73
N LEU H 266 -7.58 3.91 57.75
CA LEU H 266 -8.73 3.27 58.39
C LEU H 266 -8.71 3.49 59.89
N ARG H 267 -7.53 3.41 60.48
CA ARG H 267 -7.39 3.75 61.89
C ARG H 267 -7.86 5.19 62.15
N ASP H 268 -7.42 6.12 61.30
CA ASP H 268 -7.82 7.52 61.45
C ASP H 268 -9.33 7.67 61.38
N ALA H 269 -9.99 6.75 60.68
CA ALA H 269 -11.44 6.78 60.54
C ALA H 269 -12.08 6.13 61.77
N GLY H 270 -11.25 5.59 62.64
CA GLY H 270 -11.71 5.03 63.90
C GLY H 270 -11.79 3.52 63.98
N ALA H 271 -11.15 2.81 63.06
CA ALA H 271 -11.22 1.36 63.04
C ALA H 271 -10.18 0.72 63.96
N ASP H 272 -10.52 -0.46 64.46
CA ASP H 272 -9.63 -1.24 65.32
C ASP H 272 -9.05 -2.38 64.47
N ILE H 273 -7.76 -2.26 64.14
CA ILE H 273 -7.14 -3.16 63.18
C ILE H 273 -5.98 -3.95 63.74
N GLU H 274 -6.01 -5.26 63.52
CA GLU H 274 -4.88 -6.12 63.84
C GLU H 274 -4.44 -6.88 62.60
N VAL H 275 -3.14 -7.18 62.53
CA VAL H 275 -2.62 -7.94 61.39
C VAL H 275 -1.84 -9.18 61.82
N GLY H 276 -2.01 -10.27 61.08
CA GLY H 276 -1.18 -11.44 61.25
C GLY H 276 -0.17 -11.48 60.12
N GLU H 277 0.38 -12.66 59.84
CA GLU H 277 1.32 -12.78 58.76
C GLU H 277 0.61 -12.93 57.41
N ASP H 278 -0.65 -13.35 57.43
CA ASP H 278 -1.43 -13.49 56.22
C ASP H 278 -2.93 -13.21 56.45
N TRP H 279 -3.21 -12.40 57.45
CA TRP H 279 -4.57 -11.97 57.71
C TRP H 279 -4.63 -10.51 58.20
N ILE H 280 -5.77 -9.89 58.00
CA ILE H 280 -6.04 -8.59 58.61
C ILE H 280 -7.41 -8.63 59.27
N SER H 281 -7.53 -8.08 60.47
CA SER H 281 -8.83 -7.98 61.10
C SER H 281 -9.18 -6.52 61.29
N LEU H 282 -10.46 -6.21 61.22
CA LEU H 282 -10.97 -4.88 61.42
C LEU H 282 -12.29 -4.90 62.20
N ASP H 283 -12.37 -4.10 63.26
CA ASP H 283 -13.59 -4.01 64.07
C ASP H 283 -13.98 -2.56 64.29
N MET H 284 -15.22 -2.23 63.99
CA MET H 284 -15.71 -0.88 64.20
C MET H 284 -16.31 -0.70 65.60
N HIS H 285 -16.55 -1.80 66.29
CA HIS H 285 -17.21 -1.77 67.59
C HIS H 285 -18.50 -0.95 67.54
N GLY H 286 -19.32 -1.22 66.53
CA GLY H 286 -20.61 -0.57 66.39
C GLY H 286 -20.56 0.90 66.00
N LYS H 287 -19.36 1.45 65.90
CA LYS H 287 -19.17 2.89 65.63
C LYS H 287 -19.33 3.28 64.16
N ARG H 288 -19.81 4.48 63.95
CA ARG H 288 -19.80 5.12 62.65
C ARG H 288 -18.40 5.74 62.43
N PRO H 289 -17.84 5.58 61.21
CA PRO H 289 -16.48 6.06 60.89
C PRO H 289 -16.35 7.58 60.96
N LYS H 290 -15.13 8.05 61.24
CA LYS H 290 -14.80 9.47 61.29
C LYS H 290 -14.20 9.91 59.96
N ALA H 291 -14.61 11.08 59.47
CA ALA H 291 -14.09 11.64 58.21
C ALA H 291 -12.55 11.68 58.16
N VAL H 292 -12.00 11.37 57.00
CA VAL H 292 -10.56 11.46 56.80
C VAL H 292 -10.17 12.25 55.54
N ASN H 293 -8.91 12.68 55.50
CA ASN H 293 -8.37 13.38 54.33
C ASN H 293 -7.34 12.52 53.62
N VAL H 294 -7.46 12.43 52.30
CA VAL H 294 -6.62 11.52 51.55
C VAL H 294 -6.02 12.17 50.31
N ARG H 295 -4.78 11.82 50.03
CA ARG H 295 -4.13 12.21 48.78
C ARG H 295 -3.56 10.96 48.06
N THR H 296 -4.08 10.65 46.89
CA THR H 296 -3.57 9.51 46.11
C THR H 296 -2.22 9.84 45.48
N ALA H 297 -1.38 8.80 45.33
CA ALA H 297 -0.05 8.92 44.73
C ALA H 297 0.54 7.52 44.54
N PRO H 298 1.66 7.41 43.80
CA PRO H 298 2.29 6.10 43.59
C PRO H 298 2.66 5.44 44.90
N HIS H 299 2.65 4.10 44.88
CA HIS H 299 3.03 3.26 46.01
C HIS H 299 4.36 3.69 46.60
N PRO H 300 4.50 3.64 47.93
CA PRO H 300 3.59 3.07 48.92
C PRO H 300 2.61 4.08 49.50
N ALA H 301 2.41 5.21 48.83
CA ALA H 301 1.37 6.15 49.23
C ALA H 301 -0.02 5.54 49.00
N PHE H 302 -1.07 6.26 49.38
CA PHE H 302 -2.45 5.82 49.19
C PHE H 302 -2.78 5.64 47.68
N PRO H 303 -3.30 4.46 47.30
CA PRO H 303 -3.56 4.09 45.90
C PRO H 303 -4.82 4.71 45.30
N THR H 304 -4.74 5.16 44.06
CA THR H 304 -5.92 5.64 43.34
C THR H 304 -6.99 4.53 43.23
N ASP H 305 -6.58 3.27 43.17
CA ASP H 305 -7.54 2.17 43.09
C ASP H 305 -8.41 2.00 44.36
N MET H 306 -8.08 2.75 45.41
CA MET H 306 -8.85 2.73 46.64
C MET H 306 -9.59 4.03 46.87
N GLN H 307 -9.47 4.96 45.93
CA GLN H 307 -10.00 6.32 46.12
C GLN H 307 -11.54 6.39 46.22
N ALA H 308 -12.25 5.73 45.30
CA ALA H 308 -13.72 5.76 45.30
C ALA H 308 -14.30 5.11 46.56
N GLN H 309 -13.69 4.03 47.01
CA GLN H 309 -14.11 3.37 48.23
C GLN H 309 -14.00 4.28 49.46
N PHE H 310 -12.89 5.01 49.56
CA PHE H 310 -12.72 5.94 50.68
C PHE H 310 -13.57 7.20 50.53
N THR H 311 -13.96 7.52 49.30
CA THR H 311 -14.92 8.57 49.06
C THR H 311 -16.27 8.20 49.67
N LEU H 312 -16.67 6.93 49.47
CA LEU H 312 -17.92 6.42 50.05
C LEU H 312 -17.87 6.47 51.58
N LEU H 313 -16.79 5.97 52.16
CA LEU H 313 -16.60 6.02 53.61
C LEU H 313 -16.83 7.43 54.12
N ASN H 314 -16.13 8.40 53.53
CA ASN H 314 -16.31 9.78 53.92
C ASN H 314 -17.77 10.23 53.78
N LEU H 315 -18.46 9.73 52.76
CA LEU H 315 -19.81 10.23 52.50
C LEU H 315 -20.84 9.76 53.54
N VAL H 316 -20.48 8.75 54.33
CA VAL H 316 -21.33 8.26 55.38
C VAL H 316 -20.64 8.40 56.73
N ALA H 317 -19.62 9.23 56.80
CA ALA H 317 -18.85 9.41 58.03
C ALA H 317 -19.31 10.61 58.85
N GLU H 318 -18.74 10.76 60.04
CA GLU H 318 -18.97 11.92 60.88
C GLU H 318 -18.02 13.06 60.51
N GLY H 319 -18.57 14.15 59.99
CA GLY H 319 -17.74 15.30 59.63
C GLY H 319 -17.50 15.52 58.15
N THR H 320 -16.51 16.37 57.87
CA THR H 320 -16.13 16.70 56.50
C THR H 320 -14.72 16.20 56.19
N GLY H 321 -14.55 15.56 55.04
CA GLY H 321 -13.24 15.10 54.64
C GLY H 321 -13.02 15.32 53.17
N PHE H 322 -11.76 15.49 52.76
CA PHE H 322 -11.52 15.68 51.34
C PHE H 322 -10.60 14.63 50.81
N ILE H 323 -10.75 14.37 49.52
CA ILE H 323 -9.92 13.41 48.80
C ILE H 323 -9.33 14.04 47.54
N THR H 324 -8.01 14.04 47.47
CA THR H 324 -7.34 14.65 46.33
C THR H 324 -6.71 13.56 45.50
N GLU H 325 -6.94 13.65 44.20
CA GLU H 325 -6.43 12.62 43.30
C GLU H 325 -5.27 13.20 42.47
N THR H 326 -4.07 12.64 42.60
CA THR H 326 -2.92 13.16 41.83
C THR H 326 -2.44 12.22 40.73
N VAL H 327 -3.05 11.04 40.64
CA VAL H 327 -2.67 10.05 39.63
C VAL H 327 -3.60 10.06 38.42
N PHE H 328 -4.91 9.97 38.67
CA PHE H 328 -5.90 10.12 37.61
C PHE H 328 -6.84 11.26 37.97
N GLU H 329 -6.58 12.44 37.43
CA GLU H 329 -7.24 13.64 37.94
C GLU H 329 -8.73 13.77 37.62
N ASN H 330 -9.25 12.93 36.77
CA ASN H 330 -10.65 13.02 36.49
C ASN H 330 -11.41 11.73 36.81
N ARG H 331 -10.97 11.04 37.85
CA ARG H 331 -11.53 9.77 38.25
C ARG H 331 -12.56 9.97 39.33
N PHE H 332 -13.67 10.61 38.98
CA PHE H 332 -14.71 10.93 39.96
C PHE H 332 -16.15 10.61 39.58
N MET H 333 -16.34 9.81 38.54
CA MET H 333 -17.68 9.48 38.09
C MET H 333 -18.56 8.80 39.16
N HIS H 334 -17.93 8.10 40.09
CA HIS H 334 -18.67 7.52 41.20
C HIS H 334 -19.40 8.55 42.05
N VAL H 335 -18.86 9.78 42.10
CA VAL H 335 -19.43 10.83 42.96
C VAL H 335 -20.89 11.20 42.60
N PRO H 336 -21.14 11.62 41.35
CA PRO H 336 -22.52 11.94 40.97
C PRO H 336 -23.49 10.77 41.20
N GLU H 337 -23.03 9.53 41.02
CA GLU H 337 -23.88 8.36 41.25
C GLU H 337 -24.26 8.24 42.73
N LEU H 338 -23.26 8.38 43.58
CA LEU H 338 -23.50 8.35 45.00
C LEU H 338 -24.44 9.48 45.38
N SER H 339 -24.39 10.58 44.63
CA SER H 339 -25.27 11.70 44.88
C SER H 339 -26.73 11.31 44.62
N ARG H 340 -26.96 10.42 43.67
CA ARG H 340 -28.33 9.97 43.42
C ARG H 340 -28.83 9.24 44.64
N MET H 341 -27.92 8.76 45.47
CA MET H 341 -28.29 7.99 46.66
C MET H 341 -28.32 8.87 47.92
N GLY H 342 -28.26 10.19 47.70
CA GLY H 342 -28.35 11.17 48.77
C GLY H 342 -27.05 11.63 49.42
N ALA H 343 -25.90 11.27 48.84
CA ALA H 343 -24.63 11.73 49.39
C ALA H 343 -24.48 13.23 49.14
N HIS H 344 -23.67 13.87 49.96
CA HIS H 344 -23.38 15.30 49.81
C HIS H 344 -21.90 15.55 49.52
N ALA H 345 -21.60 15.94 48.27
CA ALA H 345 -20.22 16.18 47.86
C ALA H 345 -20.10 17.26 46.82
N GLU H 346 -18.96 17.92 46.82
CA GLU H 346 -18.65 18.79 45.69
C GLU H 346 -17.27 18.49 45.19
N ILE H 347 -17.08 18.68 43.89
CA ILE H 347 -15.80 18.42 43.24
C ILE H 347 -15.20 19.77 42.84
N GLU H 348 -14.06 20.10 43.45
CA GLU H 348 -13.30 21.28 43.10
C GLU H 348 -12.03 20.84 42.41
N SER H 349 -11.97 20.99 41.09
CA SER H 349 -10.77 20.61 40.36
C SER H 349 -10.54 19.10 40.57
N ASN H 350 -9.41 18.73 41.19
CA ASN H 350 -9.12 17.33 41.41
C ASN H 350 -9.22 16.92 42.87
N THR H 351 -10.07 17.62 43.61
CA THR H 351 -10.39 17.26 44.99
C THR H 351 -11.91 17.08 45.19
N VAL H 352 -12.34 15.97 45.78
CA VAL H 352 -13.73 15.89 46.20
C VAL H 352 -13.91 16.26 47.68
N ILE H 353 -14.83 17.17 47.94
CA ILE H 353 -15.14 17.58 49.31
C ILE H 353 -16.42 16.91 49.81
N CYS H 354 -16.27 16.09 50.84
CA CYS H 354 -17.37 15.26 51.31
C CYS H 354 -17.93 15.75 52.63
N HIS H 355 -19.25 15.75 52.71
CA HIS H 355 -19.94 16.04 53.98
C HIS H 355 -20.80 14.86 54.38
N GLY H 356 -20.33 14.09 55.35
CA GLY H 356 -20.95 12.84 55.72
C GLY H 356 -22.41 12.93 56.15
N VAL H 357 -23.24 12.09 55.55
CA VAL H 357 -24.61 11.88 56.04
C VAL H 357 -24.73 10.56 56.80
N GLU H 358 -25.84 10.45 57.50
CA GLU H 358 -26.09 9.45 58.53
C GLU H 358 -26.51 8.14 57.80
N LYS H 359 -27.33 8.26 56.75
CA LYS H 359 -27.64 7.11 55.89
C LYS H 359 -28.03 7.44 54.43
N LEU H 360 -27.67 6.55 53.51
CA LEU H 360 -28.01 6.72 52.10
C LEU H 360 -29.34 6.07 51.70
N SER H 361 -29.85 6.43 50.53
CA SER H 361 -31.11 5.87 50.04
C SER H 361 -30.91 5.15 48.72
N GLY H 362 -31.52 3.97 48.59
CA GLY H 362 -31.46 3.18 47.37
C GLY H 362 -31.91 3.89 46.11
N ALA H 363 -31.28 3.58 44.98
CA ALA H 363 -31.60 4.18 43.68
C ALA H 363 -30.95 3.37 42.56
N GLN H 364 -31.31 3.69 41.32
CA GLN H 364 -30.60 3.11 40.17
C GLN H 364 -29.32 3.84 39.85
N VAL H 365 -28.21 3.11 39.81
CA VAL H 365 -26.92 3.73 39.52
C VAL H 365 -26.17 2.99 38.44
N MET H 366 -25.19 3.63 37.82
CA MET H 366 -24.48 3.05 36.69
C MET H 366 -22.99 2.90 36.94
N ALA H 367 -22.49 1.67 36.83
CA ALA H 367 -21.06 1.39 36.92
C ALA H 367 -20.35 1.80 35.63
N THR H 368 -19.09 2.21 35.74
CA THR H 368 -18.30 2.61 34.58
C THR H 368 -16.83 2.25 34.73
N ASP H 369 -16.41 1.96 35.97
CA ASP H 369 -15.01 1.81 36.29
C ASP H 369 -14.66 0.47 36.93
N LEU H 370 -13.86 -0.30 36.20
CA LEU H 370 -13.32 -1.57 36.67
C LEU H 370 -12.99 -1.78 38.13
N ARG H 371 -12.48 -0.76 38.81
CA ARG H 371 -12.31 -0.90 40.26
C ARG H 371 -13.20 0.05 41.07
N ALA H 372 -13.29 1.29 40.59
CA ALA H 372 -13.97 2.34 41.33
C ALA H 372 -15.47 2.07 41.55
N SER H 373 -16.12 1.44 40.57
CA SER H 373 -17.56 1.20 40.66
C SER H 373 -17.97 0.17 41.71
N ALA H 374 -17.02 -0.54 42.27
CA ALA H 374 -17.32 -1.45 43.36
C ALA H 374 -17.94 -0.66 44.47
N SER H 375 -17.60 0.62 44.54
CA SER H 375 -18.11 1.44 45.63
C SER H 375 -19.65 1.61 45.54
N LEU H 376 -20.17 1.54 44.32
CA LEU H 376 -21.61 1.61 44.12
C LEU H 376 -22.30 0.39 44.72
N VAL H 377 -21.70 -0.79 44.55
CA VAL H 377 -22.21 -2.01 45.13
C VAL H 377 -22.15 -1.92 46.65
N LEU H 378 -21.02 -1.47 47.17
CA LEU H 378 -20.89 -1.27 48.60
C LEU H 378 -21.96 -0.32 49.13
N ALA H 379 -22.16 0.79 48.43
CA ALA H 379 -23.19 1.75 48.82
C ALA H 379 -24.55 1.06 48.91
N GLY H 380 -24.86 0.22 47.92
CA GLY H 380 -26.11 -0.52 47.92
C GLY H 380 -26.34 -1.32 49.19
N CYS H 381 -25.30 -1.99 49.68
CA CYS H 381 -25.39 -2.78 50.89
C CYS H 381 -25.80 -2.00 52.13
N ILE H 382 -25.38 -0.75 52.25
CA ILE H 382 -25.68 0.04 53.44
C ILE H 382 -26.81 1.05 53.26
N ALA H 383 -27.28 1.24 52.03
CA ALA H 383 -28.33 2.22 51.79
C ALA H 383 -29.71 1.73 52.27
N GLU H 384 -30.63 2.66 52.46
CA GLU H 384 -31.97 2.31 52.89
C GLU H 384 -32.83 1.91 51.71
N GLY H 385 -33.13 0.62 51.59
CA GLY H 385 -34.00 0.13 50.52
C GLY H 385 -33.35 -0.64 49.38
N THR H 386 -33.76 -0.36 48.15
CA THR H 386 -33.29 -1.10 46.98
C THR H 386 -32.46 -0.30 45.98
N THR H 387 -31.25 -0.77 45.72
CA THR H 387 -30.35 -0.17 44.76
C THR H 387 -30.18 -1.12 43.59
N VAL H 388 -30.24 -0.59 42.39
CA VAL H 388 -29.92 -1.38 41.20
C VAL H 388 -28.68 -0.82 40.55
N VAL H 389 -27.61 -1.61 40.53
CA VAL H 389 -26.38 -1.23 39.87
C VAL H 389 -26.34 -1.80 38.47
N ASP H 390 -26.51 -0.91 37.50
CA ASP H 390 -26.54 -1.28 36.09
C ASP H 390 -25.12 -1.48 35.52
N ARG H 391 -24.99 -2.35 34.53
CA ARG H 391 -23.80 -2.39 33.72
C ARG H 391 -22.59 -2.92 34.50
N ILE H 392 -22.80 -3.97 35.29
CA ILE H 392 -21.74 -4.52 36.15
C ILE H 392 -20.66 -5.30 35.42
N TYR H 393 -20.78 -5.46 34.10
CA TYR H 393 -19.69 -6.11 33.37
C TYR H 393 -18.34 -5.44 33.65
N HIS H 394 -18.34 -4.13 33.89
CA HIS H 394 -17.15 -3.43 34.35
C HIS H 394 -16.58 -4.09 35.61
N ILE H 395 -17.43 -4.28 36.62
CA ILE H 395 -17.00 -4.86 37.88
C ILE H 395 -16.47 -6.28 37.69
N ASP H 396 -17.06 -7.00 36.74
CA ASP H 396 -16.64 -8.35 36.41
C ASP H 396 -15.19 -8.41 35.93
N ARG H 397 -14.70 -7.32 35.35
CA ARG H 397 -13.32 -7.29 34.89
C ARG H 397 -12.38 -7.24 36.06
N GLY H 398 -12.86 -6.68 37.16
CA GLY H 398 -12.03 -6.28 38.26
C GLY H 398 -12.09 -7.07 39.55
N TYR H 399 -13.21 -7.74 39.83
CA TYR H 399 -13.32 -8.54 41.04
C TYR H 399 -13.79 -9.97 40.74
N GLU H 400 -13.20 -10.96 41.41
CA GLU H 400 -13.67 -12.35 41.29
C GLU H 400 -14.93 -12.60 42.10
N ARG H 401 -16.08 -12.69 41.42
CA ARG H 401 -17.35 -13.07 42.04
C ARG H 401 -17.66 -12.28 43.31
N ILE H 402 -17.82 -10.97 43.16
CA ILE H 402 -17.94 -10.09 44.31
C ILE H 402 -19.25 -10.30 45.09
N GLU H 403 -20.29 -10.74 44.39
CA GLU H 403 -21.58 -10.98 45.04
C GLU H 403 -21.54 -12.18 45.98
N ASP H 404 -20.73 -13.17 45.66
CA ASP H 404 -20.62 -14.34 46.53
C ASP H 404 -19.92 -13.97 47.83
N LYS H 405 -18.85 -13.22 47.72
CA LYS H 405 -18.11 -12.83 48.92
C LYS H 405 -18.93 -11.88 49.79
N LEU H 406 -19.68 -10.99 49.17
CA LEU H 406 -20.49 -10.01 49.90
C LEU H 406 -21.67 -10.71 50.61
N ARG H 407 -22.28 -11.66 49.91
CA ARG H 407 -23.37 -12.43 50.49
C ARG H 407 -22.91 -13.21 51.73
N ALA H 408 -21.71 -13.77 51.64
CA ALA H 408 -21.11 -14.49 52.75
C ALA H 408 -20.79 -13.57 53.93
N LEU H 409 -20.98 -12.27 53.72
CA LEU H 409 -20.78 -11.29 54.78
C LEU H 409 -22.11 -10.73 55.25
N GLY H 410 -23.21 -11.23 54.67
CA GLY H 410 -24.54 -10.86 55.09
C GLY H 410 -25.31 -9.98 54.11
N ALA H 411 -24.71 -9.71 52.97
CA ALA H 411 -25.31 -8.82 51.97
C ALA H 411 -26.52 -9.45 51.34
N ASN H 412 -27.54 -8.65 51.09
CA ASN H 412 -28.68 -9.09 50.30
C ASN H 412 -28.51 -8.61 48.85
N ILE H 413 -27.94 -9.47 48.02
CA ILE H 413 -27.53 -9.08 46.68
C ILE H 413 -27.87 -10.15 45.64
N GLU H 414 -28.35 -9.74 44.48
CA GLU H 414 -28.72 -10.68 43.44
C GLU H 414 -28.27 -10.21 42.05
N ARG H 415 -27.83 -11.16 41.23
CA ARG H 415 -27.45 -10.86 39.87
C ARG H 415 -28.58 -11.19 38.89
N VAL H 416 -29.18 -10.19 38.26
CA VAL H 416 -30.28 -10.42 37.33
C VAL H 416 -29.89 -10.15 35.85
N LYS H 417 -30.65 -10.68 34.93
CA LYS H 417 -30.35 -10.48 33.54
C LYS H 417 -31.33 -9.63 32.71
N GLY H 418 -31.75 -8.46 33.25
CA GLY H 418 -32.68 -7.55 32.62
C GLY H 418 -32.29 -7.15 31.21
N MET I 1 -73.52 -11.55 -10.76
CA MET I 1 -72.60 -12.49 -11.35
C MET I 1 -73.06 -13.92 -11.10
N ASP I 2 -73.30 -14.66 -12.16
CA ASP I 2 -73.83 -16.00 -12.02
C ASP I 2 -72.74 -16.91 -11.58
N LYS I 3 -73.08 -17.90 -10.79
CA LYS I 3 -72.15 -18.87 -10.30
C LYS I 3 -72.76 -20.27 -10.38
N PHE I 4 -71.93 -21.30 -10.51
CA PHE I 4 -72.42 -22.67 -10.49
C PHE I 4 -72.21 -23.25 -9.14
N ARG I 5 -73.26 -23.71 -8.49
CA ARG I 5 -73.11 -24.40 -7.23
C ARG I 5 -73.13 -25.87 -7.55
N VAL I 6 -72.11 -26.60 -7.11
CA VAL I 6 -71.99 -28.01 -7.45
C VAL I 6 -71.91 -28.88 -6.19
N GLN I 7 -72.61 -30.03 -6.22
CA GLN I 7 -72.63 -30.95 -5.10
C GLN I 7 -72.05 -32.29 -5.50
N GLY I 8 -71.09 -32.78 -4.73
CA GLY I 8 -70.50 -34.07 -5.03
C GLY I 8 -70.12 -34.84 -3.78
N PRO I 9 -69.53 -36.04 -3.94
CA PRO I 9 -69.14 -36.64 -5.23
C PRO I 9 -70.33 -37.19 -5.98
N THR I 10 -70.14 -37.37 -7.29
CA THR I 10 -71.22 -37.80 -8.16
C THR I 10 -70.58 -38.52 -9.35
N LYS I 11 -71.15 -39.64 -9.75
CA LYS I 11 -70.56 -40.43 -10.84
C LYS I 11 -71.24 -40.10 -12.16
N LEU I 12 -70.47 -39.55 -13.09
CA LEU I 12 -71.03 -39.11 -14.36
C LEU I 12 -71.09 -40.26 -15.35
N GLN I 13 -72.32 -40.61 -15.74
CA GLN I 13 -72.52 -41.68 -16.72
C GLN I 13 -73.77 -41.46 -17.54
N GLY I 14 -73.81 -42.05 -18.72
CA GLY I 14 -74.96 -41.88 -19.59
C GLY I 14 -74.47 -41.53 -20.96
N GLU I 15 -75.19 -40.64 -21.64
CA GLU I 15 -74.71 -40.15 -22.94
C GLU I 15 -74.91 -38.66 -23.14
N VAL I 16 -74.28 -38.13 -24.19
CA VAL I 16 -74.34 -36.71 -24.45
C VAL I 16 -74.26 -36.51 -25.94
N THR I 17 -74.94 -35.48 -26.44
CA THR I 17 -74.85 -35.12 -27.85
C THR I 17 -73.92 -33.93 -28.03
N ILE I 18 -72.90 -34.10 -28.88
CA ILE I 18 -71.89 -33.07 -29.11
C ILE I 18 -72.39 -31.95 -30.00
N SER I 19 -72.18 -30.71 -29.56
CA SER I 19 -72.55 -29.52 -30.33
C SER I 19 -71.55 -29.24 -31.44
N GLY I 20 -71.90 -28.35 -32.35
CA GLY I 20 -70.98 -27.93 -33.41
C GLY I 20 -69.76 -27.20 -32.85
N ALA I 21 -68.63 -27.30 -33.57
CA ALA I 21 -67.38 -26.73 -33.11
C ALA I 21 -67.43 -25.20 -33.04
N LYS I 22 -67.32 -24.68 -31.81
CA LYS I 22 -67.22 -23.24 -31.59
C LYS I 22 -66.15 -22.61 -32.48
N ASN I 23 -64.99 -23.26 -32.56
CA ASN I 23 -63.88 -22.70 -33.31
C ASN I 23 -63.88 -23.01 -34.81
N ALA I 24 -64.96 -23.64 -35.28
CA ALA I 24 -65.21 -23.73 -36.71
C ALA I 24 -66.27 -22.68 -37.08
N ALA I 25 -67.32 -22.63 -36.26
CA ALA I 25 -68.34 -21.61 -36.40
C ALA I 25 -67.73 -20.20 -36.55
N LEU I 26 -66.84 -19.83 -35.64
CA LEU I 26 -66.26 -18.48 -35.65
C LEU I 26 -65.54 -18.07 -36.93
N PRO I 27 -64.58 -18.87 -37.40
CA PRO I 27 -63.91 -18.50 -38.65
C PRO I 27 -64.87 -18.48 -39.84
N ILE I 28 -65.90 -19.34 -39.79
CA ILE I 28 -66.80 -19.46 -40.91
C ILE I 28 -67.69 -18.22 -40.99
N LEU I 29 -68.24 -17.82 -39.84
CA LEU I 29 -69.03 -16.61 -39.74
C LEU I 29 -68.28 -15.41 -40.30
N PHE I 30 -66.97 -15.34 -40.08
CA PHE I 30 -66.20 -14.20 -40.60
C PHE I 30 -65.89 -14.38 -42.07
N ALA I 31 -65.82 -15.63 -42.52
CA ALA I 31 -65.53 -15.90 -43.92
C ALA I 31 -66.73 -15.52 -44.75
N ALA I 32 -67.90 -15.52 -44.12
CA ALA I 32 -69.14 -15.14 -44.78
C ALA I 32 -69.08 -13.72 -45.33
N LEU I 33 -68.22 -12.87 -44.76
CA LEU I 33 -68.11 -11.49 -45.23
C LEU I 33 -67.68 -11.46 -46.68
N LEU I 34 -67.16 -12.59 -47.17
CA LEU I 34 -66.72 -12.69 -48.55
C LEU I 34 -67.88 -12.96 -49.49
N ALA I 35 -68.96 -13.52 -48.95
CA ALA I 35 -70.06 -14.01 -49.77
C ALA I 35 -70.95 -12.89 -50.34
N GLU I 36 -71.33 -13.06 -51.59
CA GLU I 36 -72.23 -12.13 -52.20
C GLU I 36 -73.66 -12.62 -52.24
N GLU I 37 -73.89 -13.91 -52.03
CA GLU I 37 -75.26 -14.35 -51.86
C GLU I 37 -75.68 -14.57 -50.42
N PRO I 38 -76.95 -14.86 -50.21
CA PRO I 38 -77.40 -15.36 -48.92
C PRO I 38 -76.58 -16.56 -48.53
N VAL I 39 -76.91 -17.21 -47.42
CA VAL I 39 -76.06 -18.25 -46.86
C VAL I 39 -76.68 -18.75 -45.58
N GLU I 40 -76.28 -19.94 -45.18
CA GLU I 40 -76.81 -20.54 -43.97
C GLU I 40 -75.79 -21.51 -43.36
N ILE I 41 -75.37 -21.22 -42.13
CA ILE I 41 -74.48 -22.12 -41.42
C ILE I 41 -75.26 -22.96 -40.40
N GLN I 42 -75.17 -24.28 -40.53
CA GLN I 42 -75.96 -25.19 -39.70
C GLN I 42 -75.15 -25.79 -38.55
N ASN I 43 -75.86 -26.23 -37.51
CA ASN I 43 -75.27 -26.89 -36.34
C ASN I 43 -74.32 -25.95 -35.59
N VAL I 44 -74.73 -24.68 -35.45
CA VAL I 44 -73.91 -23.71 -34.73
C VAL I 44 -74.27 -23.71 -33.26
N PRO I 45 -73.25 -23.87 -32.39
CA PRO I 45 -73.51 -23.93 -30.94
C PRO I 45 -74.03 -22.58 -30.43
N LYS I 46 -74.88 -22.63 -29.40
CA LYS I 46 -75.37 -21.41 -28.78
C LYS I 46 -74.40 -20.96 -27.69
N LEU I 47 -73.46 -20.12 -28.10
CA LEU I 47 -72.34 -19.68 -27.28
C LEU I 47 -72.25 -18.17 -27.34
N LYS I 48 -71.74 -17.55 -26.27
CA LYS I 48 -71.57 -16.09 -26.27
C LYS I 48 -70.64 -15.63 -27.38
N ASP I 49 -69.64 -16.46 -27.70
CA ASP I 49 -68.69 -16.11 -28.76
C ASP I 49 -69.36 -16.00 -30.13
N VAL I 50 -70.43 -16.78 -30.36
CA VAL I 50 -71.20 -16.70 -31.59
C VAL I 50 -72.03 -15.41 -31.59
N ASP I 51 -72.66 -15.13 -30.46
CA ASP I 51 -73.38 -13.85 -30.29
C ASP I 51 -72.51 -12.66 -30.63
N THR I 52 -71.32 -12.59 -30.03
CA THR I 52 -70.39 -11.50 -30.26
C THR I 52 -70.04 -11.37 -31.73
N SER I 53 -69.83 -12.50 -32.40
CA SER I 53 -69.52 -12.53 -33.83
C SER I 53 -70.65 -11.93 -34.62
N MET I 54 -71.88 -12.38 -34.32
CA MET I 54 -73.06 -11.87 -35.00
C MET I 54 -73.20 -10.37 -34.79
N LYS I 55 -73.03 -9.93 -33.55
CA LYS I 55 -73.08 -8.52 -33.22
C LYS I 55 -72.10 -7.75 -34.11
N LEU I 56 -70.92 -8.30 -34.31
CA LEU I 56 -69.93 -7.61 -35.12
C LEU I 56 -70.36 -7.59 -36.59
N LEU I 57 -70.76 -8.74 -37.09
CA LEU I 57 -71.17 -8.84 -38.48
C LEU I 57 -72.23 -7.80 -38.77
N SER I 58 -73.28 -7.83 -37.94
CA SER I 58 -74.39 -6.92 -38.09
C SER I 58 -73.89 -5.47 -38.13
N GLN I 59 -73.01 -5.15 -37.20
CA GLN I 59 -72.45 -3.82 -37.09
C GLN I 59 -71.77 -3.42 -38.40
N LEU I 60 -71.24 -4.40 -39.11
CA LEU I 60 -70.53 -4.12 -40.36
C LEU I 60 -71.50 -3.90 -41.51
N GLY I 61 -72.75 -4.20 -41.23
CA GLY I 61 -73.77 -4.03 -42.23
C GLY I 61 -73.93 -5.34 -42.93
N ALA I 62 -74.27 -6.33 -42.15
CA ALA I 62 -74.61 -7.62 -42.69
C ALA I 62 -75.91 -7.91 -42.04
N LYS I 63 -76.65 -8.87 -42.59
CA LYS I 63 -77.91 -9.23 -42.00
C LYS I 63 -77.77 -10.62 -41.49
N VAL I 64 -78.23 -10.82 -40.27
CA VAL I 64 -77.94 -12.04 -39.59
C VAL I 64 -79.07 -12.36 -38.68
N GLU I 65 -79.49 -13.60 -38.73
CA GLU I 65 -80.48 -14.06 -37.80
C GLU I 65 -80.19 -15.52 -37.60
N ARG I 66 -80.76 -16.12 -36.57
CA ARG I 66 -80.46 -17.52 -36.30
C ARG I 66 -81.48 -18.13 -35.38
N ASP I 67 -81.48 -19.45 -35.26
CA ASP I 67 -82.52 -20.18 -34.53
C ASP I 67 -83.20 -19.33 -33.52
N GLY I 68 -80.89 -23.02 -34.87
CA GLY I 68 -79.87 -24.03 -34.82
C GLY I 68 -78.88 -23.69 -35.91
N SER I 69 -79.32 -22.83 -36.81
CA SER I 69 -78.49 -22.48 -37.93
C SER I 69 -78.35 -21.01 -37.87
N VAL I 70 -77.47 -20.44 -38.66
CA VAL I 70 -77.27 -19.01 -38.60
C VAL I 70 -77.29 -18.43 -40.00
N HIS I 71 -78.13 -17.44 -40.21
CA HIS I 71 -78.34 -16.91 -41.55
C HIS I 71 -77.62 -15.58 -41.70
N ILE I 72 -76.79 -15.48 -42.73
CA ILE I 72 -76.01 -14.27 -42.95
C ILE I 72 -76.20 -13.77 -44.36
N ASP I 73 -76.60 -12.51 -44.48
CA ASP I 73 -76.68 -11.83 -45.77
C ASP I 73 -75.67 -10.69 -45.80
N ALA I 74 -74.56 -10.89 -46.54
CA ALA I 74 -73.45 -9.95 -46.48
C ALA I 74 -73.32 -9.07 -47.73
N ARG I 75 -74.43 -8.92 -48.46
CA ARG I 75 -74.42 -8.12 -49.68
C ARG I 75 -74.25 -6.63 -49.37
N ASP I 76 -74.94 -6.16 -48.34
CA ASP I 76 -74.99 -4.73 -48.05
C ASP I 76 -73.95 -4.25 -47.03
N VAL I 77 -72.88 -5.02 -46.86
CA VAL I 77 -71.81 -4.60 -45.97
C VAL I 77 -71.26 -3.27 -46.45
N ASN I 78 -71.23 -2.29 -45.56
CA ASN I 78 -70.87 -0.93 -45.93
C ASN I 78 -70.02 -0.16 -44.89
N VAL I 79 -69.76 -0.81 -43.75
CA VAL I 79 -68.79 -0.28 -42.81
C VAL I 79 -67.71 -1.34 -42.58
N PHE I 80 -66.47 -0.89 -42.39
CA PHE I 80 -65.30 -1.77 -42.51
C PHE I 80 -64.37 -1.77 -41.30
N CYS I 81 -64.92 -1.52 -40.13
CA CYS I 81 -64.12 -1.41 -38.91
C CYS I 81 -64.66 -2.28 -37.77
N ALA I 82 -63.77 -3.04 -37.16
CA ALA I 82 -64.12 -3.75 -35.93
C ALA I 82 -63.56 -2.92 -34.78
N PRO I 83 -64.44 -2.24 -34.05
CA PRO I 83 -64.08 -1.21 -33.06
C PRO I 83 -63.51 -1.79 -31.78
N TYR I 84 -62.66 -1.01 -31.10
CA TYR I 84 -62.05 -1.41 -29.83
C TYR I 84 -63.00 -2.15 -28.88
N ASP I 85 -64.19 -1.59 -28.66
CA ASP I 85 -65.13 -2.14 -27.68
C ASP I 85 -65.49 -3.61 -27.92
N LEU I 86 -65.54 -4.03 -29.18
CA LEU I 86 -65.79 -5.44 -29.49
C LEU I 86 -64.54 -6.31 -29.39
N VAL I 87 -63.53 -5.96 -30.17
CA VAL I 87 -62.29 -6.71 -30.16
C VAL I 87 -61.86 -7.04 -28.72
N LYS I 88 -61.94 -6.06 -27.83
CA LYS I 88 -61.46 -6.26 -26.47
C LYS I 88 -62.23 -7.38 -25.77
N THR I 89 -63.46 -7.64 -26.19
CA THR I 89 -64.23 -8.71 -25.54
C THR I 89 -64.06 -10.06 -26.23
N MET I 90 -63.46 -10.06 -27.44
CA MET I 90 -63.15 -11.30 -28.15
C MET I 90 -62.10 -11.11 -29.25
N ARG I 91 -60.84 -11.45 -28.97
CA ARG I 91 -59.76 -11.13 -29.89
C ARG I 91 -59.85 -11.86 -31.25
N ALA I 92 -60.75 -12.84 -31.36
CA ALA I 92 -60.97 -13.49 -32.65
C ALA I 92 -61.60 -12.54 -33.68
N SER I 93 -62.17 -11.43 -33.19
CA SER I 93 -62.70 -10.39 -34.07
C SER I 93 -61.68 -10.02 -35.13
N ILE I 94 -60.40 -10.16 -34.80
CA ILE I 94 -59.33 -9.84 -35.72
C ILE I 94 -59.55 -10.49 -37.09
N TRP I 95 -60.34 -11.55 -37.10
CA TRP I 95 -60.57 -12.32 -38.33
C TRP I 95 -61.35 -11.53 -39.37
N ALA I 96 -62.00 -10.45 -38.95
CA ALA I 96 -62.69 -9.60 -39.90
C ALA I 96 -61.73 -8.96 -40.92
N LEU I 97 -60.53 -8.61 -40.47
CA LEU I 97 -59.57 -7.90 -41.31
C LEU I 97 -59.39 -8.48 -42.70
N GLY I 98 -59.01 -9.75 -42.77
CA GLY I 98 -58.73 -10.40 -44.04
C GLY I 98 -59.83 -10.27 -45.09
N PRO I 99 -61.04 -10.79 -44.78
CA PRO I 99 -62.14 -10.72 -45.75
C PRO I 99 -62.42 -9.28 -46.20
N LEU I 100 -62.46 -8.35 -45.24
CA LEU I 100 -62.75 -6.95 -45.55
C LEU I 100 -61.79 -6.41 -46.61
N VAL I 101 -60.49 -6.65 -46.42
CA VAL I 101 -59.51 -6.13 -47.36
C VAL I 101 -59.59 -6.84 -48.71
N ALA I 102 -59.88 -8.13 -48.66
CA ALA I 102 -59.93 -8.92 -49.87
C ALA I 102 -61.08 -8.47 -50.78
N ARG I 103 -62.22 -8.18 -50.16
CA ARG I 103 -63.44 -7.88 -50.93
C ARG I 103 -63.68 -6.39 -51.20
N PHE I 104 -63.40 -5.52 -50.22
CA PHE I 104 -63.70 -4.10 -50.35
C PHE I 104 -62.45 -3.23 -50.46
N GLY I 105 -61.27 -3.85 -50.38
CA GLY I 105 -60.02 -3.13 -50.54
C GLY I 105 -59.56 -2.32 -49.34
N GLN I 106 -60.35 -2.34 -48.27
CA GLN I 106 -59.97 -1.68 -47.02
C GLN I 106 -60.46 -2.46 -45.79
N GLY I 107 -59.88 -2.15 -44.64
CA GLY I 107 -60.27 -2.78 -43.40
C GLY I 107 -59.55 -2.18 -42.21
N GLN I 108 -60.30 -1.94 -41.14
CA GLN I 108 -59.74 -1.41 -39.91
C GLN I 108 -60.16 -2.28 -38.73
N VAL I 109 -59.18 -2.95 -38.14
CA VAL I 109 -59.42 -3.74 -36.94
C VAL I 109 -58.54 -3.32 -35.74
N SER I 110 -59.13 -3.24 -34.58
CA SER I 110 -58.40 -2.84 -33.38
C SER I 110 -57.35 -3.89 -33.05
N LEU I 111 -56.12 -3.46 -32.77
CA LEU I 111 -55.02 -4.36 -32.40
C LEU I 111 -55.26 -4.94 -31.02
N PRO I 112 -55.36 -6.27 -30.91
CA PRO I 112 -55.68 -6.90 -29.61
C PRO I 112 -54.61 -6.63 -28.54
N GLY I 113 -55.05 -6.34 -27.31
CA GLY I 113 -54.14 -6.17 -26.20
C GLY I 113 -53.72 -7.49 -25.53
N GLY I 114 -53.52 -7.49 -24.23
CA GLY I 114 -53.01 -8.65 -23.56
C GLY I 114 -54.12 -9.60 -23.16
N CYS I 115 -53.69 -10.79 -23.00
CA CYS I 115 -54.58 -11.85 -22.56
C CYS I 115 -54.04 -12.55 -21.32
N THR I 116 -54.86 -13.06 -20.49
CA THR I 116 -54.33 -13.74 -19.31
C THR I 116 -53.54 -15.05 -19.54
N ILE I 117 -53.71 -15.72 -20.68
CA ILE I 117 -53.01 -16.99 -20.90
C ILE I 117 -51.58 -16.89 -21.47
N GLY I 118 -51.19 -15.70 -21.93
CA GLY I 118 -49.83 -15.49 -22.41
C GLY I 118 -49.69 -14.50 -23.54
N ALA I 119 -48.50 -14.48 -24.15
CA ALA I 119 -48.25 -13.60 -25.29
C ALA I 119 -49.02 -14.04 -26.52
N ARG I 120 -49.79 -13.12 -27.11
CA ARG I 120 -50.60 -13.46 -28.27
C ARG I 120 -50.55 -12.40 -29.37
N PRO I 121 -49.34 -12.09 -29.85
CA PRO I 121 -49.15 -11.18 -30.99
C PRO I 121 -49.84 -11.66 -32.27
N VAL I 122 -50.13 -10.74 -33.19
CA VAL I 122 -50.75 -11.10 -34.48
C VAL I 122 -49.89 -10.67 -35.67
N ASP I 123 -48.59 -10.60 -35.44
CA ASP I 123 -47.60 -10.28 -36.47
C ASP I 123 -47.76 -11.12 -37.76
N LEU I 124 -48.04 -12.41 -37.59
CA LEU I 124 -48.19 -13.32 -38.72
C LEU I 124 -49.41 -13.02 -39.58
N HIS I 125 -50.50 -12.57 -38.95
CA HIS I 125 -51.64 -12.09 -39.73
C HIS I 125 -51.22 -10.90 -40.60
N ILE I 126 -50.67 -9.88 -39.96
CA ILE I 126 -50.29 -8.66 -40.66
C ILE I 126 -49.33 -9.00 -41.80
N SER I 127 -48.25 -9.69 -41.45
CA SER I 127 -47.22 -10.03 -42.43
C SER I 127 -47.83 -10.81 -43.62
N GLY I 128 -48.75 -11.72 -43.34
CA GLY I 128 -49.35 -12.53 -44.39
C GLY I 128 -50.06 -11.65 -45.38
N LEU I 129 -50.77 -10.65 -44.85
CA LEU I 129 -51.55 -9.75 -45.67
C LEU I 129 -50.66 -8.81 -46.48
N GLU I 130 -49.55 -8.37 -45.89
CA GLU I 130 -48.63 -7.50 -46.61
C GLU I 130 -48.03 -8.25 -47.78
N GLN I 131 -47.81 -9.54 -47.55
CA GLN I 131 -47.18 -10.37 -48.53
C GLN I 131 -48.15 -10.61 -49.69
N LEU I 132 -49.45 -10.45 -49.41
CA LEU I 132 -50.48 -10.57 -50.43
C LEU I 132 -50.77 -9.22 -51.11
N GLY I 133 -49.91 -8.23 -50.84
CA GLY I 133 -49.99 -6.94 -51.51
C GLY I 133 -50.71 -5.83 -50.75
N ALA I 134 -51.19 -6.13 -49.55
CA ALA I 134 -51.86 -5.13 -48.73
C ALA I 134 -50.85 -4.13 -48.14
N THR I 135 -51.31 -2.90 -47.95
CA THR I 135 -50.52 -1.93 -47.21
C THR I 135 -51.14 -1.81 -45.84
N ILE I 136 -50.31 -1.90 -44.80
CA ILE I 136 -50.82 -1.89 -43.44
C ILE I 136 -50.14 -0.87 -42.53
N LYS I 137 -50.94 -0.04 -41.87
CA LYS I 137 -50.41 0.90 -40.88
C LYS I 137 -51.24 0.86 -39.60
N LEU I 138 -50.63 1.34 -38.51
CA LEU I 138 -51.25 1.32 -37.20
C LEU I 138 -51.45 2.72 -36.67
N GLU I 139 -52.70 3.18 -36.60
CA GLU I 139 -52.98 4.49 -36.00
C GLU I 139 -54.17 4.43 -35.06
N GLU I 140 -54.05 5.10 -33.92
CA GLU I 140 -55.07 5.11 -32.89
C GLU I 140 -55.38 3.71 -32.37
N GLY I 141 -54.39 2.82 -32.44
CA GLY I 141 -54.58 1.45 -32.00
C GLY I 141 -55.26 0.54 -33.00
N TYR I 142 -55.57 1.07 -34.18
CA TYR I 142 -56.19 0.28 -35.23
C TYR I 142 -55.18 -0.14 -36.30
N VAL I 143 -55.20 -1.43 -36.65
CA VAL I 143 -54.44 -1.88 -37.82
C VAL I 143 -55.30 -1.61 -39.05
N LYS I 144 -54.82 -0.67 -39.87
CA LYS I 144 -55.57 -0.23 -41.03
C LYS I 144 -54.95 -0.79 -42.29
N ALA I 145 -55.71 -1.60 -43.01
CA ALA I 145 -55.21 -2.25 -44.22
C ALA I 145 -55.92 -1.68 -45.44
N SER I 146 -55.21 -1.65 -46.56
CA SER I 146 -55.78 -1.14 -47.80
C SER I 146 -55.04 -1.74 -48.98
N VAL I 147 -55.74 -1.88 -50.10
CA VAL I 147 -55.13 -2.32 -51.35
C VAL I 147 -55.81 -1.66 -52.55
N ASP I 148 -54.99 -1.12 -53.45
CA ASP I 148 -55.48 -0.57 -54.71
C ASP I 148 -55.89 -1.72 -55.67
N GLY I 149 -57.20 -1.98 -55.78
CA GLY I 149 -57.67 -3.11 -56.56
C GLY I 149 -57.79 -4.34 -55.67
N ARG I 150 -57.29 -5.47 -56.14
CA ARG I 150 -57.33 -6.69 -55.34
C ARG I 150 -55.96 -7.26 -55.01
N LEU I 151 -55.94 -8.16 -54.04
CA LEU I 151 -54.70 -8.79 -53.58
C LEU I 151 -54.13 -9.73 -54.65
N LYS I 152 -52.84 -10.03 -54.52
CA LYS I 152 -52.16 -10.89 -55.47
C LYS I 152 -51.64 -12.15 -54.79
N GLY I 153 -51.99 -13.31 -55.37
CA GLY I 153 -51.44 -14.58 -54.92
C GLY I 153 -49.94 -14.53 -54.70
N ALA I 154 -49.48 -15.24 -53.67
CA ALA I 154 -48.06 -15.25 -53.34
C ALA I 154 -47.66 -16.54 -52.65
N HIS I 155 -46.35 -16.79 -52.61
CA HIS I 155 -45.81 -17.96 -51.94
C HIS I 155 -45.40 -17.53 -50.52
N ILE I 156 -46.20 -17.93 -49.54
CA ILE I 156 -46.00 -17.49 -48.17
C ILE I 156 -45.58 -18.63 -47.25
N VAL I 157 -44.38 -18.50 -46.71
CA VAL I 157 -43.83 -19.50 -45.81
C VAL I 157 -43.96 -18.99 -44.37
N MET I 158 -44.80 -19.65 -43.58
CA MET I 158 -45.09 -19.19 -42.22
C MET I 158 -43.98 -19.48 -41.20
N ASP I 159 -43.54 -18.42 -40.52
CA ASP I 159 -42.46 -18.51 -39.54
C ASP I 159 -42.73 -19.53 -38.45
N LYS I 160 -43.93 -19.51 -37.89
CA LYS I 160 -44.35 -20.56 -37.00
C LYS I 160 -45.79 -20.99 -37.27
N VAL I 161 -46.21 -22.05 -36.59
CA VAL I 161 -47.52 -22.60 -36.84
C VAL I 161 -48.59 -21.81 -36.09
N SER I 162 -49.59 -21.34 -36.83
CA SER I 162 -50.64 -20.49 -36.26
C SER I 162 -52.01 -20.74 -36.90
N VAL I 163 -52.97 -21.16 -36.08
CA VAL I 163 -54.33 -21.36 -36.57
C VAL I 163 -54.93 -20.06 -37.10
N GLY I 164 -54.77 -18.99 -36.33
CA GLY I 164 -55.36 -17.71 -36.67
C GLY I 164 -54.86 -17.14 -37.98
N ALA I 165 -53.56 -17.02 -38.13
CA ALA I 165 -52.97 -16.45 -39.34
C ALA I 165 -53.21 -17.35 -40.56
N THR I 166 -53.12 -18.66 -40.39
CA THR I 166 -53.42 -19.57 -41.49
C THR I 166 -54.83 -19.26 -42.03
N VAL I 167 -55.78 -19.08 -41.13
CA VAL I 167 -57.14 -18.78 -41.56
C VAL I 167 -57.22 -17.41 -42.22
N THR I 168 -56.55 -16.41 -41.65
CA THR I 168 -56.58 -15.06 -42.21
C THR I 168 -56.09 -15.08 -43.66
N ILE I 169 -54.94 -15.67 -43.88
CA ILE I 169 -54.37 -15.68 -45.20
C ILE I 169 -55.22 -16.50 -46.16
N MET I 170 -55.61 -17.69 -45.74
CA MET I 170 -56.36 -18.58 -46.63
C MET I 170 -57.61 -17.86 -47.16
N CYS I 171 -58.32 -17.20 -46.26
CA CYS I 171 -59.56 -16.53 -46.61
C CYS I 171 -59.32 -15.35 -47.55
N ALA I 172 -58.32 -14.54 -47.26
CA ALA I 172 -58.02 -13.37 -48.07
C ALA I 172 -57.64 -13.77 -49.49
N ALA I 173 -56.90 -14.85 -49.62
CA ALA I 173 -56.40 -15.30 -50.91
C ALA I 173 -57.51 -15.72 -51.88
N THR I 174 -58.66 -16.14 -51.36
CA THR I 174 -59.70 -16.68 -52.21
C THR I 174 -60.19 -15.66 -53.24
N LEU I 175 -59.93 -14.39 -52.99
CA LEU I 175 -60.34 -13.32 -53.91
C LEU I 175 -59.15 -12.55 -54.46
N ALA I 176 -57.99 -13.19 -54.48
CA ALA I 176 -56.81 -12.54 -55.00
C ALA I 176 -56.57 -12.92 -56.46
N GLU I 177 -55.63 -12.21 -57.08
CA GLU I 177 -55.23 -12.53 -58.44
C GLU I 177 -54.19 -13.63 -58.42
N GLY I 178 -54.58 -14.81 -58.92
CA GLY I 178 -53.63 -15.88 -59.12
C GLY I 178 -53.58 -16.85 -57.95
N THR I 179 -52.43 -17.49 -57.79
CA THR I 179 -52.31 -18.59 -56.85
C THR I 179 -51.49 -18.25 -55.60
N THR I 180 -52.06 -18.54 -54.44
CA THR I 180 -51.34 -18.39 -53.19
C THR I 180 -50.97 -19.77 -52.65
N ILE I 181 -49.76 -19.87 -52.12
CA ILE I 181 -49.32 -21.11 -51.48
C ILE I 181 -48.83 -20.82 -50.06
N ILE I 182 -49.51 -21.42 -49.09
CA ILE I 182 -49.17 -21.29 -47.67
C ILE I 182 -48.33 -22.47 -47.20
N GLU I 183 -47.08 -22.20 -46.85
CA GLU I 183 -46.19 -23.25 -46.36
C GLU I 183 -46.13 -23.25 -44.83
N ASN I 184 -46.07 -24.44 -44.25
CA ASN I 184 -46.05 -24.61 -42.79
C ASN I 184 -47.38 -24.16 -42.18
N ALA I 185 -48.46 -24.50 -42.87
CA ALA I 185 -49.80 -24.13 -42.43
C ALA I 185 -50.25 -24.97 -41.24
N ALA I 186 -51.22 -24.44 -40.51
CA ALA I 186 -51.79 -25.19 -39.40
C ALA I 186 -52.74 -26.24 -39.97
N ARG I 187 -52.77 -27.41 -39.34
CA ARG I 187 -53.59 -28.53 -39.83
C ARG I 187 -54.89 -28.76 -39.03
N GLU I 188 -55.21 -27.87 -38.10
CA GLU I 188 -56.40 -28.06 -37.26
C GLU I 188 -57.66 -28.44 -38.08
N PRO I 189 -58.48 -29.36 -37.54
CA PRO I 189 -59.72 -29.77 -38.22
C PRO I 189 -60.58 -28.58 -38.61
N GLU I 190 -60.58 -27.54 -37.77
CA GLU I 190 -61.41 -26.36 -38.00
C GLU I 190 -60.96 -25.56 -39.21
N ILE I 191 -59.69 -25.69 -39.56
CA ILE I 191 -59.15 -25.03 -40.73
C ILE I 191 -59.65 -25.75 -41.97
N VAL I 192 -59.80 -27.06 -41.86
CA VAL I 192 -60.33 -27.89 -42.93
C VAL I 192 -61.78 -27.53 -43.18
N ASP I 193 -62.56 -27.47 -42.11
CA ASP I 193 -63.99 -27.14 -42.20
C ASP I 193 -64.16 -25.77 -42.85
N THR I 194 -63.34 -24.82 -42.43
CA THR I 194 -63.37 -23.47 -43.02
C THR I 194 -63.06 -23.46 -44.50
N ALA I 195 -62.07 -24.25 -44.91
CA ALA I 195 -61.73 -24.37 -46.34
C ALA I 195 -62.88 -25.00 -47.14
N ASN I 196 -63.50 -26.04 -46.57
CA ASN I 196 -64.64 -26.72 -47.21
C ASN I 196 -65.88 -25.83 -47.35
N PHE I 197 -66.06 -24.92 -46.40
CA PHE I 197 -67.13 -23.91 -46.49
C PHE I 197 -66.81 -22.92 -47.61
N LEU I 198 -65.55 -22.49 -47.66
CA LEU I 198 -65.09 -21.59 -48.72
C LEU I 198 -65.26 -22.19 -50.11
N ILE I 199 -64.89 -23.47 -50.26
CA ILE I 199 -65.04 -24.15 -51.55
C ILE I 199 -66.50 -24.18 -51.96
N THR I 200 -67.37 -24.42 -50.98
CA THR I 200 -68.82 -24.47 -51.20
C THR I 200 -69.34 -23.16 -51.79
N LEU I 201 -68.68 -22.04 -51.46
CA LEU I 201 -69.11 -20.75 -51.99
C LEU I 201 -68.54 -20.53 -53.38
N GLY I 202 -67.66 -21.42 -53.82
CA GLY I 202 -67.03 -21.29 -55.13
C GLY I 202 -65.53 -21.02 -55.09
N ALA I 203 -64.91 -21.19 -53.93
CA ALA I 203 -63.47 -20.95 -53.81
C ALA I 203 -62.72 -22.16 -54.33
N LYS I 204 -61.45 -21.96 -54.70
CA LYS I 204 -60.63 -23.08 -55.13
C LYS I 204 -59.46 -23.32 -54.16
N ILE I 205 -59.62 -24.30 -53.28
CA ILE I 205 -58.63 -24.58 -52.25
C ILE I 205 -58.26 -26.06 -52.22
N SER I 206 -56.96 -26.33 -52.02
CA SER I 206 -56.50 -27.70 -51.90
C SER I 206 -55.38 -27.80 -50.85
N GLY I 207 -55.29 -28.95 -50.20
CA GLY I 207 -54.21 -29.21 -49.26
C GLY I 207 -54.56 -28.98 -47.80
N GLN I 208 -55.78 -28.49 -47.56
CA GLN I 208 -56.24 -28.25 -46.20
C GLN I 208 -56.06 -29.49 -45.33
N GLY I 209 -55.50 -29.30 -44.14
CA GLY I 209 -55.26 -30.42 -43.24
C GLY I 209 -53.84 -30.90 -43.39
N THR I 210 -53.13 -30.32 -44.37
CA THR I 210 -51.73 -30.64 -44.54
C THR I 210 -50.95 -29.35 -44.32
N ASP I 211 -49.63 -29.45 -44.30
CA ASP I 211 -48.78 -28.27 -44.10
C ASP I 211 -48.74 -27.34 -45.31
N ARG I 212 -49.29 -27.78 -46.44
CA ARG I 212 -49.32 -26.93 -47.63
C ARG I 212 -50.73 -26.68 -48.18
N ILE I 213 -51.14 -25.42 -48.17
CA ILE I 213 -52.45 -25.05 -48.71
C ILE I 213 -52.32 -24.22 -49.99
N VAL I 214 -53.03 -24.65 -51.03
CA VAL I 214 -53.02 -23.94 -52.30
C VAL I 214 -54.37 -23.30 -52.59
N ILE I 215 -54.34 -21.99 -52.81
CA ILE I 215 -55.55 -21.23 -53.12
C ILE I 215 -55.46 -20.58 -54.50
N GLU I 216 -56.45 -20.88 -55.33
CA GLU I 216 -56.59 -20.31 -56.66
C GLU I 216 -57.64 -19.20 -56.59
N GLY I 217 -57.20 -17.96 -56.78
CA GLY I 217 -58.11 -16.82 -56.71
C GLY I 217 -59.26 -16.89 -57.71
N VAL I 218 -60.46 -16.56 -57.24
CA VAL I 218 -61.58 -16.34 -58.14
C VAL I 218 -62.07 -14.89 -57.96
N GLU I 219 -63.01 -14.43 -58.76
CA GLU I 219 -63.39 -13.02 -58.74
C GLU I 219 -64.50 -12.68 -57.78
N ARG I 220 -65.09 -13.67 -57.17
CA ARG I 220 -66.15 -13.36 -56.24
C ARG I 220 -66.53 -14.62 -55.57
N LEU I 221 -67.56 -14.59 -54.76
CA LEU I 221 -67.99 -15.79 -54.09
C LEU I 221 -69.44 -15.69 -53.80
N GLY I 222 -70.11 -16.82 -53.90
CA GLY I 222 -71.56 -16.82 -53.82
C GLY I 222 -72.09 -17.10 -52.44
N GLY I 223 -73.17 -17.87 -52.37
CA GLY I 223 -73.79 -18.23 -51.11
C GLY I 223 -73.91 -19.73 -51.00
N GLY I 224 -74.72 -20.20 -50.05
CA GLY I 224 -74.94 -21.62 -49.92
C GLY I 224 -75.28 -22.09 -48.51
N VAL I 225 -75.21 -23.40 -48.31
CA VAL I 225 -75.50 -23.99 -47.02
C VAL I 225 -74.38 -24.91 -46.59
N TYR I 226 -73.99 -24.83 -45.32
CA TYR I 226 -72.89 -25.63 -44.80
C TYR I 226 -73.10 -26.03 -43.33
N ARG I 227 -72.81 -27.30 -43.02
CA ARG I 227 -72.91 -27.79 -41.64
C ARG I 227 -71.55 -27.88 -40.95
N VAL I 228 -71.44 -27.26 -39.78
CA VAL I 228 -70.18 -27.23 -39.02
C VAL I 228 -69.88 -28.57 -38.34
N LEU I 229 -68.60 -28.97 -38.34
CA LEU I 229 -68.22 -30.26 -37.77
C LEU I 229 -68.38 -30.27 -36.26
N PRO I 230 -68.30 -31.46 -35.63
CA PRO I 230 -68.51 -31.54 -34.17
C PRO I 230 -67.31 -30.99 -33.42
N ASP I 231 -67.56 -30.54 -32.19
CA ASP I 231 -66.54 -29.90 -31.35
C ASP I 231 -65.69 -30.93 -30.63
N ARG I 232 -64.46 -31.09 -31.07
CA ARG I 232 -63.57 -32.07 -30.44
C ARG I 232 -63.27 -31.73 -28.99
N ILE I 233 -63.23 -30.44 -28.65
CA ILE I 233 -62.88 -30.04 -27.29
C ILE I 233 -64.02 -30.32 -26.31
N GLU I 234 -65.24 -30.09 -26.74
CA GLU I 234 -66.38 -30.46 -25.90
C GLU I 234 -66.41 -31.98 -25.76
N THR I 235 -66.14 -32.68 -26.85
CA THR I 235 -66.08 -34.13 -26.81
C THR I 235 -65.07 -34.60 -25.77
N GLY I 236 -63.86 -34.08 -25.84
CA GLY I 236 -62.80 -34.46 -24.91
C GLY I 236 -63.21 -34.16 -23.48
N THR I 237 -63.86 -33.03 -23.29
CA THR I 237 -64.21 -32.60 -21.94
C THR I 237 -65.14 -33.61 -21.28
N PHE I 238 -66.11 -34.11 -22.04
CA PHE I 238 -67.06 -35.06 -21.46
C PHE I 238 -66.43 -36.46 -21.30
N LEU I 239 -65.60 -36.87 -22.26
CA LEU I 239 -64.84 -38.10 -22.10
C LEU I 239 -64.03 -38.07 -20.81
N VAL I 240 -63.44 -36.92 -20.50
CA VAL I 240 -62.65 -36.79 -19.30
C VAL I 240 -63.56 -36.77 -18.08
N ALA I 241 -64.73 -36.17 -18.21
CA ALA I 241 -65.67 -36.12 -17.08
C ALA I 241 -65.99 -37.56 -16.62
N ALA I 242 -66.10 -38.47 -17.59
CA ALA I 242 -66.43 -39.84 -17.28
C ALA I 242 -65.23 -40.50 -16.64
N ALA I 243 -64.07 -40.34 -17.29
CA ALA I 243 -62.85 -41.02 -16.86
C ALA I 243 -62.43 -40.70 -15.42
N ILE I 244 -62.78 -39.50 -14.94
CA ILE I 244 -62.39 -39.08 -13.59
C ILE I 244 -63.41 -39.48 -12.52
N SER I 245 -64.64 -39.69 -12.94
CA SER I 245 -65.70 -40.05 -12.00
C SER I 245 -65.89 -41.56 -11.97
N ARG I 246 -64.98 -42.27 -12.61
CA ARG I 246 -64.97 -43.72 -12.63
C ARG I 246 -66.25 -44.27 -13.23
N GLY I 247 -66.59 -43.76 -14.41
CA GLY I 247 -67.86 -44.03 -15.03
C GLY I 247 -67.74 -44.34 -16.49
N LYS I 248 -68.82 -44.06 -17.20
CA LYS I 248 -69.05 -44.56 -18.53
C LYS I 248 -69.93 -43.65 -19.34
N ILE I 249 -69.57 -43.39 -20.58
CA ILE I 249 -70.49 -42.66 -21.40
C ILE I 249 -70.31 -42.76 -22.89
N ILE I 250 -71.34 -42.36 -23.59
CA ILE I 250 -71.36 -42.38 -25.04
C ILE I 250 -71.56 -40.96 -25.54
N CYS I 251 -70.70 -40.56 -26.46
CA CYS I 251 -70.81 -39.25 -27.09
C CYS I 251 -71.38 -39.43 -28.48
N ARG I 252 -72.50 -38.76 -28.74
CA ARG I 252 -73.21 -38.84 -30.03
C ARG I 252 -72.91 -37.61 -30.87
N ASN I 253 -72.97 -37.78 -32.19
CA ASN I 253 -72.63 -36.71 -33.11
C ASN I 253 -71.18 -36.29 -32.95
N ALA I 254 -70.29 -37.29 -32.88
CA ALA I 254 -68.85 -37.03 -32.77
C ALA I 254 -68.10 -37.30 -34.08
N GLN I 255 -66.84 -36.92 -34.13
CA GLN I 255 -66.00 -37.21 -35.29
C GLN I 255 -64.64 -37.69 -34.80
N PRO I 256 -64.54 -38.98 -34.48
CA PRO I 256 -63.38 -39.60 -33.84
C PRO I 256 -62.04 -39.34 -34.50
N ASP I 257 -61.94 -39.26 -35.83
CA ASP I 257 -60.62 -39.05 -36.46
C ASP I 257 -60.00 -37.71 -36.07
N THR I 258 -60.76 -36.97 -35.28
CA THR I 258 -60.43 -35.63 -34.84
C THR I 258 -59.71 -35.62 -33.47
N LEU I 259 -59.71 -36.76 -32.79
CA LEU I 259 -59.26 -36.86 -31.41
C LEU I 259 -58.22 -37.97 -31.16
N ASP I 260 -57.39 -38.27 -32.16
CA ASP I 260 -56.47 -39.38 -32.03
C ASP I 260 -55.63 -39.27 -30.74
N ALA I 261 -54.92 -38.15 -30.62
CA ALA I 261 -54.04 -37.95 -29.48
C ALA I 261 -54.79 -38.08 -28.14
N VAL I 262 -55.93 -37.44 -28.04
CA VAL I 262 -56.67 -37.44 -26.79
C VAL I 262 -57.14 -38.85 -26.41
N LEU I 263 -57.61 -39.61 -27.41
CA LEU I 263 -58.13 -40.94 -27.14
C LEU I 263 -56.99 -41.86 -26.73
N ALA I 264 -55.85 -41.72 -27.39
CA ALA I 264 -54.67 -42.47 -27.02
C ALA I 264 -54.26 -42.24 -25.55
N LYS I 265 -54.34 -40.99 -25.12
CA LYS I 265 -53.91 -40.63 -23.78
C LYS I 265 -54.90 -41.20 -22.77
N LEU I 266 -56.17 -41.21 -23.16
CA LEU I 266 -57.17 -41.74 -22.25
C LEU I 266 -56.94 -43.24 -22.03
N ARG I 267 -56.57 -43.96 -23.09
CA ARG I 267 -56.28 -45.38 -22.95
C ARG I 267 -55.12 -45.57 -21.98
N ASP I 268 -54.08 -44.75 -22.15
CA ASP I 268 -52.92 -44.79 -21.27
C ASP I 268 -53.36 -44.54 -19.83
N ALA I 269 -54.45 -43.79 -19.66
CA ALA I 269 -54.98 -43.57 -18.31
C ALA I 269 -55.80 -44.75 -17.78
N GLY I 270 -56.00 -45.74 -18.64
CA GLY I 270 -56.70 -46.96 -18.30
C GLY I 270 -58.14 -47.07 -18.79
N ALA I 271 -58.52 -46.22 -19.74
CA ALA I 271 -59.91 -46.21 -20.18
C ALA I 271 -60.14 -47.23 -21.29
N ASP I 272 -61.37 -47.74 -21.37
CA ASP I 272 -61.79 -48.69 -22.38
C ASP I 272 -62.60 -47.90 -23.39
N ILE I 273 -62.02 -47.69 -24.56
CA ILE I 273 -62.67 -46.89 -25.55
C ILE I 273 -63.04 -47.58 -26.85
N GLU I 274 -64.27 -47.37 -27.26
CA GLU I 274 -64.68 -47.71 -28.58
C GLU I 274 -65.32 -46.53 -29.30
N VAL I 275 -65.34 -46.65 -30.61
CA VAL I 275 -65.77 -45.59 -31.47
C VAL I 275 -66.61 -46.10 -32.61
N GLY I 276 -67.63 -45.34 -33.00
CA GLY I 276 -68.39 -45.59 -34.20
C GLY I 276 -67.87 -44.76 -35.36
N GLU I 277 -68.75 -44.43 -36.29
CA GLU I 277 -68.46 -43.46 -37.34
C GLU I 277 -68.84 -42.05 -36.87
N ASP I 278 -69.71 -41.98 -35.87
CA ASP I 278 -70.12 -40.69 -35.31
C ASP I 278 -70.40 -40.78 -33.81
N TRP I 279 -69.76 -41.73 -33.15
CA TRP I 279 -69.86 -41.86 -31.70
C TRP I 279 -68.53 -42.32 -31.07
N ILE I 280 -68.36 -42.01 -29.79
CA ILE I 280 -67.24 -42.53 -29.03
C ILE I 280 -67.81 -43.04 -27.71
N SER I 281 -67.32 -44.20 -27.27
CA SER I 281 -67.71 -44.71 -25.97
C SER I 281 -66.48 -44.85 -25.07
N LEU I 282 -66.69 -44.68 -23.78
CA LEU I 282 -65.60 -44.78 -22.82
C LEU I 282 -66.12 -45.41 -21.54
N ASP I 283 -65.40 -46.42 -21.07
CA ASP I 283 -65.79 -47.13 -19.85
C ASP I 283 -64.58 -47.27 -18.95
N MET I 284 -64.75 -46.91 -17.68
CA MET I 284 -63.65 -47.01 -16.71
C MET I 284 -63.73 -48.33 -15.92
N HIS I 285 -64.87 -48.98 -16.04
CA HIS I 285 -65.11 -50.24 -15.32
C HIS I 285 -64.83 -50.04 -13.84
N GLY I 286 -65.31 -48.91 -13.31
CA GLY I 286 -65.18 -48.60 -11.89
C GLY I 286 -63.78 -48.24 -11.44
N LYS I 287 -62.83 -48.26 -12.36
CA LYS I 287 -61.44 -48.01 -12.03
C LYS I 287 -61.11 -46.53 -11.88
N ARG I 288 -60.14 -46.24 -11.02
CA ARG I 288 -59.52 -44.92 -10.93
C ARG I 288 -58.45 -44.83 -12.03
N PRO I 289 -58.37 -43.68 -12.71
CA PRO I 289 -57.42 -43.46 -13.82
C PRO I 289 -55.95 -43.49 -13.40
N LYS I 290 -55.08 -43.89 -14.32
CA LYS I 290 -53.64 -43.96 -14.07
C LYS I 290 -52.98 -42.68 -14.60
N ALA I 291 -52.01 -42.14 -13.84
CA ALA I 291 -51.31 -40.92 -14.24
C ALA I 291 -50.69 -41.02 -15.66
N VAL I 292 -50.75 -39.93 -16.41
CA VAL I 292 -50.14 -39.88 -17.74
C VAL I 292 -49.24 -38.65 -17.91
N ASN I 293 -48.42 -38.66 -18.96
CA ASN I 293 -47.57 -37.53 -19.29
C ASN I 293 -47.96 -36.94 -20.63
N VAL I 294 -48.09 -35.62 -20.69
CA VAL I 294 -48.62 -34.99 -21.88
C VAL I 294 -47.79 -33.81 -22.32
N ARG I 295 -47.69 -33.63 -23.63
CA ARG I 295 -47.05 -32.44 -24.19
C ARG I 295 -47.93 -31.80 -25.26
N THR I 296 -48.39 -30.58 -25.02
CA THR I 296 -49.26 -29.89 -25.96
C THR I 296 -48.48 -29.40 -27.18
N ALA I 297 -49.17 -29.35 -28.31
CA ALA I 297 -48.56 -28.87 -29.54
C ALA I 297 -49.65 -28.72 -30.59
N PRO I 298 -49.33 -28.17 -31.77
CA PRO I 298 -50.35 -28.01 -32.81
C PRO I 298 -50.86 -29.37 -33.31
N HIS I 299 -52.12 -29.39 -33.75
CA HIS I 299 -52.74 -30.57 -34.32
C HIS I 299 -51.85 -31.25 -35.37
N PRO I 300 -51.85 -32.60 -35.40
CA PRO I 300 -52.75 -33.49 -34.67
C PRO I 300 -52.20 -33.98 -33.32
N ALA I 301 -51.21 -33.27 -32.77
CA ALA I 301 -50.71 -33.55 -31.44
C ALA I 301 -51.76 -33.19 -30.39
N PHE I 302 -51.48 -33.49 -29.12
CA PHE I 302 -52.41 -33.17 -28.02
C PHE I 302 -52.63 -31.66 -27.96
N PRO I 303 -53.92 -31.22 -27.96
CA PRO I 303 -54.37 -29.81 -28.00
C PRO I 303 -54.30 -29.09 -26.67
N THR I 304 -53.80 -27.85 -26.68
CA THR I 304 -53.75 -27.01 -25.49
C THR I 304 -55.16 -26.85 -24.85
N ASP I 305 -56.21 -26.88 -25.68
CA ASP I 305 -57.57 -26.69 -25.20
C ASP I 305 -58.06 -27.87 -24.37
N MET I 306 -57.27 -28.93 -24.28
CA MET I 306 -57.62 -30.07 -23.43
C MET I 306 -56.67 -30.20 -22.23
N GLN I 307 -55.68 -29.32 -22.15
CA GLN I 307 -54.62 -29.41 -21.16
C GLN I 307 -55.11 -29.30 -19.68
N ALA I 308 -55.98 -28.35 -19.39
CA ALA I 308 -56.49 -28.20 -18.02
C ALA I 308 -57.31 -29.41 -17.58
N GLN I 309 -58.08 -29.97 -18.50
CA GLN I 309 -58.89 -31.14 -18.20
C GLN I 309 -58.01 -32.33 -17.85
N PHE I 310 -56.93 -32.50 -18.59
CA PHE I 310 -56.06 -33.62 -18.32
C PHE I 310 -55.22 -33.39 -17.09
N THR I 311 -55.07 -32.12 -16.73
CA THR I 311 -54.38 -31.76 -15.49
C THR I 311 -55.23 -32.25 -14.33
N LEU I 312 -56.55 -32.09 -14.47
CA LEU I 312 -57.48 -32.54 -13.44
C LEU I 312 -57.44 -34.06 -13.32
N LEU I 313 -57.42 -34.72 -14.46
CA LEU I 313 -57.37 -36.17 -14.48
C LEU I 313 -56.17 -36.63 -13.66
N ASN I 314 -55.00 -36.12 -14.02
CA ASN I 314 -53.79 -36.46 -13.30
C ASN I 314 -53.90 -36.17 -11.82
N LEU I 315 -54.66 -35.15 -11.43
CA LEU I 315 -54.64 -34.72 -10.04
C LEU I 315 -55.43 -35.66 -9.15
N VAL I 316 -56.25 -36.49 -9.80
CA VAL I 316 -57.05 -37.48 -9.07
C VAL I 316 -56.70 -38.89 -9.49
N ALA I 317 -55.56 -39.02 -10.16
CA ALA I 317 -55.14 -40.30 -10.69
C ALA I 317 -54.19 -41.05 -9.75
N GLU I 318 -53.85 -42.29 -10.11
CA GLU I 318 -52.86 -43.09 -9.41
C GLU I 318 -51.47 -42.75 -9.93
N GLY I 319 -50.65 -42.15 -9.07
CA GLY I 319 -49.27 -41.86 -9.40
C GLY I 319 -48.95 -40.41 -9.73
N THR I 320 -47.79 -40.21 -10.35
CA THR I 320 -47.33 -38.90 -10.72
C THR I 320 -47.25 -38.76 -12.22
N GLY I 321 -47.76 -37.65 -12.75
CA GLY I 321 -47.69 -37.37 -14.17
C GLY I 321 -47.38 -35.91 -14.40
N PHE I 322 -46.74 -35.61 -15.51
CA PHE I 322 -46.51 -34.23 -15.84
C PHE I 322 -47.15 -33.80 -17.14
N ILE I 323 -47.46 -32.50 -17.24
CA ILE I 323 -48.06 -31.92 -18.44
C ILE I 323 -47.28 -30.69 -18.89
N THR I 324 -46.73 -30.76 -20.08
CA THR I 324 -45.91 -29.68 -20.59
C THR I 324 -46.65 -28.91 -21.67
N GLU I 325 -46.64 -27.60 -21.54
CA GLU I 325 -47.41 -26.79 -22.46
C GLU I 325 -46.41 -26.08 -23.40
N THR I 326 -46.49 -26.35 -24.70
CA THR I 326 -45.61 -25.63 -25.64
C THR I 326 -46.33 -24.60 -26.52
N VAL I 327 -47.64 -24.47 -26.37
CA VAL I 327 -48.38 -23.52 -27.20
C VAL I 327 -48.66 -22.22 -26.45
N PHE I 328 -49.25 -22.31 -25.26
CA PHE I 328 -49.47 -21.14 -24.40
C PHE I 328 -48.78 -21.39 -23.07
N GLU I 329 -47.55 -20.90 -22.95
CA GLU I 329 -46.68 -21.31 -21.83
C GLU I 329 -47.09 -20.86 -20.42
N ASN I 330 -48.04 -19.92 -20.31
CA ASN I 330 -48.55 -19.45 -19.03
C ASN I 330 -50.00 -19.82 -18.81
N ARG I 331 -50.46 -20.91 -19.38
CA ARG I 331 -51.86 -21.33 -19.26
C ARG I 331 -52.04 -22.29 -18.09
N PHE I 332 -51.90 -21.80 -16.87
CA PHE I 332 -51.97 -22.67 -15.70
C PHE I 332 -52.77 -22.16 -14.53
N MET I 333 -53.56 -21.12 -14.73
CA MET I 333 -54.36 -20.57 -13.65
C MET I 333 -55.32 -21.58 -12.94
N HIS I 334 -55.73 -22.62 -13.67
CA HIS I 334 -56.60 -23.65 -13.11
C HIS I 334 -55.88 -24.39 -11.98
N VAL I 335 -54.55 -24.48 -12.10
CA VAL I 335 -53.77 -25.22 -11.11
C VAL I 335 -53.96 -24.74 -9.66
N PRO I 336 -53.66 -23.46 -9.39
CA PRO I 336 -53.85 -22.94 -8.03
C PRO I 336 -55.28 -23.10 -7.53
N GLU I 337 -56.27 -22.97 -8.42
CA GLU I 337 -57.66 -23.15 -8.02
C GLU I 337 -57.92 -24.58 -7.58
N LEU I 338 -57.42 -25.52 -8.37
CA LEU I 338 -57.55 -26.92 -8.03
C LEU I 338 -56.86 -27.22 -6.70
N SER I 339 -55.82 -26.45 -6.41
CA SER I 339 -55.11 -26.57 -5.14
C SER I 339 -56.00 -26.14 -3.97
N ARG I 340 -56.91 -25.21 -4.19
CA ARG I 340 -57.84 -24.85 -3.14
C ARG I 340 -58.73 -26.06 -2.80
N MET I 341 -58.86 -26.96 -3.75
CA MET I 341 -59.72 -28.13 -3.58
C MET I 341 -58.94 -29.36 -3.10
N GLY I 342 -57.67 -29.14 -2.76
CA GLY I 342 -56.84 -30.19 -2.21
C GLY I 342 -55.92 -30.91 -3.18
N ALA I 343 -55.89 -30.45 -4.42
CA ALA I 343 -54.95 -31.06 -5.39
C ALA I 343 -53.48 -30.79 -5.05
N HIS I 344 -52.59 -31.71 -5.43
CA HIS I 344 -51.17 -31.56 -5.14
C HIS I 344 -50.39 -31.40 -6.42
N ALA I 345 -49.90 -30.19 -6.70
CA ALA I 345 -49.19 -29.93 -7.93
C ALA I 345 -48.14 -28.87 -7.77
N GLU I 346 -47.08 -28.97 -8.55
CA GLU I 346 -46.15 -27.86 -8.65
C GLU I 346 -45.88 -27.48 -10.12
N ILE I 347 -45.66 -26.19 -10.34
CA ILE I 347 -45.40 -25.69 -11.67
C ILE I 347 -43.93 -25.31 -11.82
N GLU I 348 -43.24 -26.00 -12.71
CA GLU I 348 -41.84 -25.70 -12.98
C GLU I 348 -41.77 -25.17 -14.38
N SER I 349 -41.56 -23.86 -14.50
CA SER I 349 -41.49 -23.26 -15.83
C SER I 349 -42.82 -23.51 -16.55
N ASN I 350 -42.77 -24.22 -17.68
CA ASN I 350 -43.98 -24.51 -18.41
C ASN I 350 -44.47 -25.97 -18.31
N THR I 351 -44.17 -26.61 -17.19
CA THR I 351 -44.62 -27.98 -16.92
C THR I 351 -45.30 -28.04 -15.56
N VAL I 352 -46.45 -28.66 -15.49
CA VAL I 352 -47.06 -28.91 -14.19
C VAL I 352 -46.82 -30.35 -13.79
N ILE I 353 -46.28 -30.52 -12.60
CA ILE I 353 -46.02 -31.83 -12.03
C ILE I 353 -47.11 -32.21 -11.04
N CYS I 354 -47.83 -33.28 -11.36
CA CYS I 354 -49.03 -33.68 -10.60
C CYS I 354 -48.81 -34.91 -9.74
N HIS I 355 -49.31 -34.86 -8.51
CA HIS I 355 -49.29 -36.05 -7.66
C HIS I 355 -50.72 -36.36 -7.26
N GLY I 356 -51.30 -37.36 -7.94
CA GLY I 356 -52.69 -37.74 -7.75
C GLY I 356 -53.15 -38.02 -6.32
N VAL I 357 -54.24 -37.38 -5.92
CA VAL I 357 -54.89 -37.75 -4.69
C VAL I 357 -56.16 -38.55 -4.95
N GLU I 358 -56.64 -39.17 -3.88
CA GLU I 358 -57.76 -40.11 -3.87
C GLU I 358 -59.09 -39.35 -4.09
N LYS I 359 -59.24 -38.21 -3.43
CA LYS I 359 -60.45 -37.39 -3.61
C LYS I 359 -60.26 -35.92 -3.24
N LEU I 360 -60.94 -35.04 -3.97
CA LEU I 360 -60.84 -33.58 -3.75
C LEU I 360 -61.93 -33.08 -2.81
N SER I 361 -61.76 -31.86 -2.29
CA SER I 361 -62.73 -31.26 -1.38
C SER I 361 -63.32 -29.99 -1.99
N GLY I 362 -64.64 -29.83 -1.86
CA GLY I 362 -65.29 -28.63 -2.38
C GLY I 362 -64.76 -27.33 -1.79
N ALA I 363 -64.80 -26.29 -2.60
CA ALA I 363 -64.37 -24.98 -2.15
C ALA I 363 -64.83 -23.95 -3.19
N GLN I 364 -64.65 -22.67 -2.87
CA GLN I 364 -65.00 -21.58 -3.80
C GLN I 364 -63.86 -21.36 -4.78
N VAL I 365 -64.17 -21.42 -6.07
CA VAL I 365 -63.11 -21.27 -7.08
C VAL I 365 -63.53 -20.32 -8.17
N MET I 366 -62.55 -19.79 -8.90
CA MET I 366 -62.81 -18.72 -9.85
C MET I 366 -62.40 -19.06 -11.28
N ALA I 367 -63.38 -19.05 -12.18
CA ALA I 367 -63.12 -19.26 -13.60
C ALA I 367 -62.49 -18.05 -14.28
N THR I 368 -61.63 -18.29 -15.24
CA THR I 368 -60.97 -17.18 -15.94
C THR I 368 -60.76 -17.48 -17.41
N ASP I 369 -60.94 -18.75 -17.79
CA ASP I 369 -60.53 -19.20 -19.11
C ASP I 369 -61.82 -19.71 -19.72
N LEU I 370 -62.04 -19.32 -20.97
CA LEU I 370 -62.94 -19.86 -21.98
C LEU I 370 -63.10 -21.32 -21.92
N ARG I 371 -62.02 -22.04 -22.12
CA ARG I 371 -62.11 -23.50 -22.18
C ARG I 371 -61.59 -24.16 -20.91
N ALA I 372 -60.44 -23.67 -20.45
CA ALA I 372 -59.75 -24.33 -19.36
C ALA I 372 -60.59 -24.43 -18.09
N SER I 373 -61.41 -23.41 -17.82
CA SER I 373 -62.10 -23.36 -16.54
C SER I 373 -63.20 -24.39 -16.38
N ALA I 374 -63.57 -25.02 -17.49
CA ALA I 374 -64.54 -26.11 -17.44
C ALA I 374 -64.02 -27.17 -16.47
N SER I 375 -62.71 -27.22 -16.33
CA SER I 375 -62.13 -28.24 -15.47
C SER I 375 -62.54 -27.97 -14.01
N LEU I 376 -62.80 -26.71 -13.68
CA LEU I 376 -63.24 -26.39 -12.33
C LEU I 376 -64.61 -26.98 -12.06
N VAL I 377 -65.50 -26.87 -13.05
CA VAL I 377 -66.84 -27.43 -12.95
C VAL I 377 -66.76 -28.96 -12.83
N LEU I 378 -65.96 -29.59 -13.68
CA LEU I 378 -65.71 -31.00 -13.60
C LEU I 378 -65.22 -31.37 -12.19
N ALA I 379 -64.25 -30.61 -11.67
CA ALA I 379 -63.73 -30.89 -10.33
C ALA I 379 -64.87 -30.88 -9.29
N GLY I 380 -65.75 -29.89 -9.41
CA GLY I 380 -66.89 -29.79 -8.53
C GLY I 380 -67.72 -31.05 -8.49
N CYS I 381 -67.91 -31.66 -9.65
CA CYS I 381 -68.73 -32.87 -9.77
C CYS I 381 -68.19 -34.05 -8.96
N ILE I 382 -66.86 -34.17 -8.88
CA ILE I 382 -66.25 -35.31 -8.20
C ILE I 382 -65.69 -35.00 -6.80
N ALA I 383 -65.72 -33.75 -6.39
CA ALA I 383 -65.17 -33.40 -5.10
C ALA I 383 -66.15 -33.70 -3.99
N GLU I 384 -65.65 -33.76 -2.77
CA GLU I 384 -66.45 -34.10 -1.61
C GLU I 384 -67.10 -32.84 -1.07
N GLY I 385 -68.40 -32.72 -1.29
CA GLY I 385 -69.14 -31.59 -0.74
C GLY I 385 -69.59 -30.54 -1.76
N THR I 386 -69.51 -29.29 -1.37
CA THR I 386 -70.03 -28.19 -2.18
C THR I 386 -68.96 -27.27 -2.76
N THR I 387 -68.97 -27.15 -4.09
CA THR I 387 -68.05 -26.27 -4.78
C THR I 387 -68.85 -25.14 -5.39
N VAL I 388 -68.37 -23.91 -5.21
CA VAL I 388 -68.97 -22.78 -5.91
C VAL I 388 -68.00 -22.25 -6.98
N VAL I 389 -68.37 -22.38 -8.25
CA VAL I 389 -67.57 -21.80 -9.32
C VAL I 389 -68.05 -20.41 -9.71
N ASP I 390 -67.25 -19.41 -9.35
CA ASP I 390 -67.58 -18.01 -9.57
C ASP I 390 -67.24 -17.59 -11.00
N ARG I 391 -67.91 -16.58 -11.52
CA ARG I 391 -67.52 -15.98 -12.79
C ARG I 391 -67.68 -16.84 -14.02
N ILE I 392 -68.75 -17.61 -14.08
CA ILE I 392 -68.88 -18.58 -15.15
C ILE I 392 -69.23 -18.00 -16.51
N TYR I 393 -69.35 -16.68 -16.60
CA TYR I 393 -69.59 -16.08 -17.91
C TYR I 393 -68.48 -16.47 -18.89
N HIS I 394 -67.29 -16.73 -18.38
CA HIS I 394 -66.19 -17.19 -19.22
C HIS I 394 -66.61 -18.51 -19.87
N ILE I 395 -67.13 -19.43 -19.06
CA ILE I 395 -67.53 -20.74 -19.55
C ILE I 395 -68.67 -20.66 -20.57
N ASP I 396 -69.58 -19.71 -20.37
CA ASP I 396 -70.67 -19.45 -21.30
C ASP I 396 -70.18 -19.03 -22.67
N ARG I 397 -68.96 -18.51 -22.79
CA ARG I 397 -68.43 -18.18 -24.10
C ARG I 397 -68.03 -19.44 -24.86
N GLY I 398 -67.77 -20.51 -24.12
CA GLY I 398 -67.05 -21.65 -24.67
C GLY I 398 -67.82 -22.94 -24.78
N TYR I 399 -68.85 -23.12 -23.97
CA TYR I 399 -69.63 -24.36 -24.02
C TYR I 399 -71.11 -24.05 -24.11
N GLU I 400 -71.84 -24.81 -24.95
CA GLU I 400 -73.30 -24.65 -25.03
C GLU I 400 -74.01 -25.35 -23.88
N ARG I 401 -74.48 -24.57 -22.92
CA ARG I 401 -75.30 -25.09 -21.83
C ARG I 401 -74.67 -26.32 -21.14
N ILE I 402 -73.50 -26.12 -20.55
CA ILE I 402 -72.77 -27.23 -19.97
C ILE I 402 -73.51 -27.86 -18.78
N GLU I 403 -74.35 -27.06 -18.12
CA GLU I 403 -75.10 -27.39 -16.90
C GLU I 403 -76.19 -28.41 -17.13
N ASP I 404 -76.72 -28.38 -18.33
CA ASP I 404 -77.79 -29.28 -18.74
C ASP I 404 -77.19 -30.62 -19.12
N LYS I 405 -76.14 -30.61 -19.92
CA LYS I 405 -75.47 -31.86 -20.30
C LYS I 405 -74.91 -32.61 -19.08
N LEU I 406 -74.36 -31.87 -18.13
CA LEU I 406 -73.72 -32.49 -16.98
C LEU I 406 -74.78 -33.10 -16.07
N ARG I 407 -75.91 -32.40 -15.94
CA ARG I 407 -77.00 -32.89 -15.13
C ARG I 407 -77.56 -34.19 -15.73
N ALA I 408 -77.66 -34.22 -17.06
CA ALA I 408 -78.16 -35.40 -17.75
C ALA I 408 -77.21 -36.61 -17.59
N LEU I 409 -76.06 -36.36 -16.97
CA LEU I 409 -75.07 -37.41 -16.71
C LEU I 409 -75.01 -37.71 -15.23
N GLY I 410 -75.88 -37.03 -14.47
CA GLY I 410 -76.03 -37.33 -13.05
C GLY I 410 -75.50 -36.24 -12.13
N ALA I 411 -75.01 -35.14 -12.70
CA ALA I 411 -74.39 -34.09 -11.91
C ALA I 411 -75.41 -33.36 -11.05
N ASN I 412 -75.04 -33.03 -9.83
CA ASN I 412 -75.84 -32.11 -9.00
C ASN I 412 -75.30 -30.68 -9.16
N ILE I 413 -75.90 -29.91 -10.06
CA ILE I 413 -75.37 -28.62 -10.43
C ILE I 413 -76.48 -27.59 -10.61
N GLU I 414 -76.24 -26.38 -10.12
CA GLU I 414 -77.24 -25.33 -10.18
C GLU I 414 -76.63 -23.96 -10.52
N ARG I 415 -77.33 -23.19 -11.35
CA ARG I 415 -76.87 -21.87 -11.76
C ARG I 415 -77.58 -20.82 -10.93
N VAL I 416 -76.82 -20.08 -10.10
CA VAL I 416 -77.43 -19.06 -9.25
C VAL I 416 -77.01 -17.62 -9.63
N LYS I 417 -77.77 -16.63 -9.15
CA LYS I 417 -77.52 -15.25 -9.55
C LYS I 417 -77.03 -14.34 -8.42
N GLY I 418 -76.15 -14.86 -7.57
CA GLY I 418 -75.62 -14.10 -6.45
C GLY I 418 -75.11 -12.72 -6.80
N MET J 1 -65.91 2.72 -12.82
CA MET J 1 -64.67 2.47 -13.55
C MET J 1 -63.88 3.73 -13.88
N ASP J 2 -63.08 4.21 -12.92
CA ASP J 2 -62.22 5.36 -13.15
C ASP J 2 -61.24 5.09 -14.28
N LYS J 3 -60.83 6.17 -14.96
CA LYS J 3 -59.84 6.10 -16.03
C LYS J 3 -58.89 7.28 -15.89
N PHE J 4 -57.69 7.15 -16.47
CA PHE J 4 -56.84 8.31 -16.62
C PHE J 4 -56.90 8.72 -18.08
N ARG J 5 -57.21 10.00 -18.34
CA ARG J 5 -56.96 10.58 -19.67
C ARG J 5 -55.66 11.34 -19.62
N VAL J 6 -54.77 11.03 -20.57
CA VAL J 6 -53.44 11.64 -20.57
C VAL J 6 -53.16 12.32 -21.90
N GLN J 7 -52.55 13.50 -21.84
CA GLN J 7 -52.22 14.28 -23.04
C GLN J 7 -50.73 14.46 -23.14
N GLY J 8 -50.16 14.08 -24.28
CA GLY J 8 -48.73 14.26 -24.50
C GLY J 8 -48.41 14.73 -25.90
N PRO J 9 -47.11 14.89 -26.22
CA PRO J 9 -45.98 14.61 -25.33
C PRO J 9 -45.79 15.72 -24.30
N THR J 10 -45.13 15.40 -23.20
CA THR J 10 -44.95 16.33 -22.10
C THR J 10 -43.63 15.94 -21.41
N LYS J 11 -42.81 16.94 -21.07
CA LYS J 11 -41.51 16.66 -20.46
C LYS J 11 -41.58 16.75 -18.94
N LEU J 12 -41.37 15.62 -18.28
CA LEU J 12 -41.52 15.58 -16.84
C LEU J 12 -40.26 16.10 -16.14
N GLN J 13 -40.41 17.17 -15.36
CA GLN J 13 -39.27 17.73 -14.62
C GLN J 13 -39.73 18.46 -13.38
N GLY J 14 -38.80 18.64 -12.44
CA GLY J 14 -39.14 19.23 -11.16
C GLY J 14 -38.72 18.32 -10.02
N GLU J 15 -39.55 18.23 -8.97
CA GLU J 15 -39.25 17.31 -7.88
C GLU J 15 -40.48 16.59 -7.34
N VAL J 16 -40.23 15.56 -6.52
CA VAL J 16 -41.31 14.74 -5.96
C VAL J 16 -40.91 14.24 -4.59
N THR J 17 -41.88 14.13 -3.69
CA THR J 17 -41.62 13.55 -2.37
C THR J 17 -42.08 12.10 -2.32
N ILE J 18 -41.17 11.20 -1.95
CA ILE J 18 -41.43 9.77 -1.92
C ILE J 18 -42.26 9.36 -0.71
N SER J 19 -43.32 8.61 -0.97
CA SER J 19 -44.15 8.08 0.10
C SER J 19 -43.53 6.85 0.77
N GLY J 20 -44.09 6.45 1.90
CA GLY J 20 -43.58 5.29 2.60
C GLY J 20 -43.77 4.01 1.78
N ALA J 21 -42.91 3.02 1.99
CA ALA J 21 -42.97 1.78 1.24
C ALA J 21 -44.25 0.97 1.49
N LYS J 22 -45.08 0.86 0.44
CA LYS J 22 -46.29 0.04 0.49
C LYS J 22 -45.96 -1.34 1.04
N ASN J 23 -44.87 -1.93 0.54
CA ASN J 23 -44.52 -3.31 0.89
C ASN J 23 -43.77 -3.48 2.19
N ALA J 24 -43.58 -2.37 2.89
CA ALA J 24 -43.10 -2.42 4.27
C ALA J 24 -44.30 -2.23 5.18
N ALA J 25 -45.13 -1.24 4.83
CA ALA J 25 -46.37 -0.97 5.55
C ALA J 25 -47.19 -2.25 5.75
N LEU J 26 -47.36 -3.02 4.68
CA LEU J 26 -48.20 -4.22 4.72
C LEU J 26 -47.73 -5.31 5.70
N PRO J 27 -46.46 -5.73 5.60
CA PRO J 27 -46.01 -6.77 6.53
C PRO J 27 -45.98 -6.26 7.98
N ILE J 28 -45.69 -4.97 8.17
CA ILE J 28 -45.68 -4.38 9.52
C ILE J 28 -47.10 -4.36 10.15
N LEU J 29 -48.08 -3.89 9.38
CA LEU J 29 -49.47 -3.92 9.83
C LEU J 29 -49.89 -5.30 10.30
N PHE J 30 -49.42 -6.34 9.62
CA PHE J 30 -49.81 -7.69 10.01
C PHE J 30 -48.99 -8.19 11.18
N ALA J 31 -47.76 -7.68 11.31
CA ALA J 31 -46.92 -8.04 12.45
C ALA J 31 -47.49 -7.45 13.73
N ALA J 32 -48.23 -6.35 13.59
CA ALA J 32 -48.88 -5.71 14.72
C ALA J 32 -49.82 -6.66 15.48
N LEU J 33 -50.35 -7.67 14.80
CA LEU J 33 -51.20 -8.65 15.46
C LEU J 33 -50.49 -9.34 16.63
N LEU J 34 -49.16 -9.22 16.66
CA LEU J 34 -48.38 -9.82 17.73
C LEU J 34 -48.36 -8.92 18.97
N ALA J 35 -48.60 -7.63 18.76
CA ALA J 35 -48.42 -6.63 19.81
C ALA J 35 -49.53 -6.65 20.88
N GLU J 36 -49.13 -6.54 22.15
CA GLU J 36 -50.09 -6.56 23.24
C GLU J 36 -50.30 -5.17 23.83
N GLU J 37 -49.52 -4.20 23.36
CA GLU J 37 -49.80 -2.81 23.63
C GLU J 37 -50.04 -2.07 22.31
N PRO J 38 -50.72 -0.90 22.37
CA PRO J 38 -51.02 -0.14 21.16
C PRO J 38 -49.77 0.24 20.39
N VAL J 39 -49.92 0.40 19.08
CA VAL J 39 -48.79 0.72 18.24
C VAL J 39 -49.14 1.79 17.19
N GLU J 40 -48.17 2.61 16.83
CA GLU J 40 -48.38 3.63 15.81
C GLU J 40 -47.36 3.49 14.68
N ILE J 41 -47.85 3.28 13.46
CA ILE J 41 -46.96 3.19 12.31
C ILE J 41 -47.02 4.49 11.51
N GLN J 42 -45.85 5.11 11.32
CA GLN J 42 -45.77 6.43 10.70
C GLN J 42 -45.35 6.34 9.25
N ASN J 43 -45.66 7.39 8.49
CA ASN J 43 -45.28 7.46 7.08
C ASN J 43 -45.90 6.35 6.22
N VAL J 44 -47.14 6.01 6.50
CA VAL J 44 -47.84 5.01 5.72
C VAL J 44 -48.54 5.62 4.50
N PRO J 45 -48.29 5.05 3.32
CA PRO J 45 -48.89 5.60 2.10
C PRO J 45 -50.38 5.38 2.07
N LYS J 46 -51.09 6.28 1.41
CA LYS J 46 -52.53 6.16 1.32
C LYS J 46 -52.93 5.37 0.08
N LEU J 47 -52.95 4.05 0.22
CA LEU J 47 -53.11 3.09 -0.85
C LEU J 47 -54.26 2.16 -0.50
N LYS J 48 -54.93 1.64 -1.53
CA LYS J 48 -56.01 0.70 -1.29
C LYS J 48 -55.51 -0.55 -0.55
N ASP J 49 -54.30 -1.00 -0.85
CA ASP J 49 -53.74 -2.16 -0.15
C ASP J 49 -53.64 -1.96 1.38
N VAL J 50 -53.40 -0.73 1.80
CA VAL J 50 -53.40 -0.41 3.23
C VAL J 50 -54.84 -0.48 3.76
N ASP J 51 -55.77 0.12 3.02
CA ASP J 51 -57.18 0.03 3.40
C ASP J 51 -57.61 -1.42 3.62
N THR J 52 -57.36 -2.27 2.62
CA THR J 52 -57.72 -3.68 2.71
C THR J 52 -57.12 -4.35 3.94
N SER J 53 -55.87 -4.02 4.24
CA SER J 53 -55.19 -4.56 5.42
C SER J 53 -55.91 -4.13 6.70
N MET J 54 -56.23 -2.85 6.78
CA MET J 54 -56.90 -2.32 7.95
C MET J 54 -58.25 -2.99 8.12
N LYS J 55 -58.98 -3.09 7.01
CA LYS J 55 -60.27 -3.78 6.98
C LYS J 55 -60.15 -5.19 7.58
N LEU J 56 -59.11 -5.90 7.20
CA LEU J 56 -58.89 -7.24 7.74
C LEU J 56 -58.56 -7.21 9.24
N LEU J 57 -57.65 -6.34 9.62
CA LEU J 57 -57.22 -6.25 11.02
C LEU J 57 -58.43 -6.01 11.91
N SER J 58 -59.20 -5.00 11.53
CA SER J 58 -60.40 -4.64 12.25
C SER J 58 -61.34 -5.85 12.36
N GLN J 59 -61.53 -6.54 11.24
CA GLN J 59 -62.39 -7.70 11.20
C GLN J 59 -61.92 -8.76 12.19
N LEU J 60 -60.62 -8.78 12.46
CA LEU J 60 -60.04 -9.76 13.40
C LEU J 60 -60.26 -9.36 14.86
N GLY J 61 -60.64 -8.11 15.05
CA GLY J 61 -60.91 -7.59 16.38
C GLY J 61 -59.95 -6.50 16.84
N ALA J 62 -59.08 -6.07 15.96
CA ALA J 62 -58.15 -4.99 16.29
C ALA J 62 -58.83 -3.62 16.16
N LYS J 63 -58.34 -2.66 16.93
CA LYS J 63 -58.82 -1.30 16.83
C LYS J 63 -57.90 -0.52 15.90
N VAL J 64 -58.44 -0.08 14.77
CA VAL J 64 -57.61 0.56 13.77
C VAL J 64 -58.14 1.92 13.31
N GLU J 65 -57.23 2.86 13.14
CA GLU J 65 -57.53 4.11 12.46
C GLU J 65 -56.30 4.82 11.97
N ARG J 66 -56.49 5.75 11.05
CA ARG J 66 -55.45 6.18 10.14
C ARG J 66 -55.65 7.64 9.93
N ASP J 67 -54.66 8.32 9.38
CA ASP J 67 -54.81 9.67 8.91
C ASP J 67 -55.94 9.49 8.01
N GLY J 68 -51.63 9.57 8.16
CA GLY J 68 -50.24 9.90 7.92
C GLY J 68 -49.53 8.88 8.74
N SER J 69 -50.25 8.45 9.78
CA SER J 69 -49.89 7.28 10.51
C SER J 69 -51.10 6.42 10.63
N VAL J 70 -50.88 5.17 11.00
CA VAL J 70 -51.94 4.26 11.31
C VAL J 70 -51.79 3.83 12.73
N HIS J 71 -52.88 3.77 13.46
CA HIS J 71 -52.90 3.35 14.86
C HIS J 71 -53.57 2.00 14.98
N ILE J 72 -52.90 1.06 15.63
CA ILE J 72 -53.43 -0.29 15.80
C ILE J 72 -53.42 -0.72 17.26
N ASP J 73 -54.57 -1.19 17.73
CA ASP J 73 -54.69 -1.73 19.08
C ASP J 73 -55.15 -3.16 18.96
N ALA J 74 -54.23 -4.10 19.17
CA ALA J 74 -54.48 -5.52 18.88
C ALA J 74 -54.70 -6.35 20.13
N ARG J 75 -55.03 -5.70 21.24
CA ARG J 75 -55.23 -6.41 22.50
C ARG J 75 -56.46 -7.31 22.46
N ASP J 76 -57.54 -6.80 21.89
CA ASP J 76 -58.81 -7.50 21.93
C ASP J 76 -59.08 -8.38 20.71
N VAL J 77 -58.03 -8.81 20.02
CA VAL J 77 -58.22 -9.68 18.86
C VAL J 77 -58.88 -10.95 19.36
N ASN J 78 -59.97 -11.34 18.71
CA ASN J 78 -60.74 -12.47 19.20
C ASN J 78 -61.33 -13.34 18.08
N VAL J 79 -61.11 -12.94 16.83
CA VAL J 79 -61.43 -13.82 15.70
C VAL J 79 -60.15 -14.07 14.88
N PHE J 80 -60.04 -15.28 14.33
CA PHE J 80 -58.76 -15.77 13.84
C PHE J 80 -58.78 -16.27 12.40
N CYS J 81 -59.66 -15.69 11.59
CA CYS J 81 -59.84 -16.13 10.22
C CYS J 81 -59.78 -14.96 9.23
N ALA J 82 -58.98 -15.13 8.18
CA ALA J 82 -59.02 -14.21 7.05
C ALA J 82 -59.84 -14.90 5.97
N PRO J 83 -61.06 -14.40 5.76
CA PRO J 83 -62.07 -15.06 4.91
C PRO J 83 -61.79 -14.90 3.42
N TYR J 84 -62.27 -15.88 2.65
CA TYR J 84 -62.14 -15.89 1.19
C TYR J 84 -62.35 -14.51 0.52
N ASP J 85 -63.44 -13.82 0.88
CA ASP J 85 -63.78 -12.55 0.25
C ASP J 85 -62.68 -11.49 0.35
N LEU J 86 -61.85 -11.56 1.37
CA LEU J 86 -60.77 -10.59 1.49
C LEU J 86 -59.54 -11.09 0.77
N VAL J 87 -59.12 -12.28 1.12
CA VAL J 87 -57.90 -12.83 0.55
C VAL J 87 -57.94 -12.70 -0.97
N LYS J 88 -59.09 -12.96 -1.55
CA LYS J 88 -59.20 -12.95 -3.01
C LYS J 88 -58.89 -11.58 -3.58
N THR J 89 -59.12 -10.54 -2.81
CA THR J 89 -58.84 -9.18 -3.30
C THR J 89 -57.39 -8.73 -3.04
N MET J 90 -56.67 -9.50 -2.20
CA MET J 90 -55.28 -9.17 -1.86
C MET J 90 -54.56 -10.34 -1.21
N ARG J 91 -53.79 -11.08 -2.01
CA ARG J 91 -53.17 -12.32 -1.51
C ARG J 91 -52.17 -12.11 -0.37
N ALA J 92 -51.72 -10.88 -0.16
CA ALA J 92 -50.86 -10.57 1.00
C ALA J 92 -51.56 -10.83 2.36
N SER J 93 -52.87 -10.90 2.35
CA SER J 93 -53.62 -11.26 3.53
C SER J 93 -53.08 -12.51 4.18
N ILE J 94 -52.45 -13.37 3.38
CA ILE J 94 -51.93 -14.62 3.87
C ILE J 94 -51.02 -14.35 5.08
N TRP J 95 -50.47 -13.15 5.15
CA TRP J 95 -49.54 -12.77 6.23
C TRP J 95 -50.17 -12.78 7.63
N ALA J 96 -51.49 -12.91 7.70
CA ALA J 96 -52.15 -12.95 8.99
C ALA J 96 -51.86 -14.28 9.66
N LEU J 97 -51.66 -15.32 8.85
CA LEU J 97 -51.57 -16.68 9.40
C LEU J 97 -50.54 -16.80 10.51
N GLY J 98 -49.31 -16.38 10.18
CA GLY J 98 -48.17 -16.49 11.09
C GLY J 98 -48.41 -15.92 12.47
N PRO J 99 -48.68 -14.62 12.54
CA PRO J 99 -48.88 -13.98 13.85
C PRO J 99 -49.99 -14.66 14.65
N LEU J 100 -51.10 -14.95 14.00
CA LEU J 100 -52.24 -15.56 14.65
C LEU J 100 -51.84 -16.85 15.36
N VAL J 101 -51.12 -17.71 14.67
CA VAL J 101 -50.75 -19.00 15.24
C VAL J 101 -49.72 -18.83 16.36
N ALA J 102 -48.82 -17.87 16.16
CA ALA J 102 -47.78 -17.63 17.13
C ALA J 102 -48.37 -17.15 18.45
N ARG J 103 -49.35 -16.25 18.39
CA ARG J 103 -49.87 -15.61 19.59
C ARG J 103 -51.07 -16.32 20.22
N PHE J 104 -52.01 -16.81 19.38
CA PHE J 104 -53.25 -17.40 19.88
C PHE J 104 -53.34 -18.90 19.68
N GLY J 105 -52.31 -19.48 19.04
CA GLY J 105 -52.25 -20.91 18.85
C GLY J 105 -53.15 -21.46 17.74
N GLN J 106 -53.87 -20.59 17.07
CA GLN J 106 -54.71 -21.00 15.95
C GLN J 106 -54.78 -19.90 14.89
N GLY J 107 -55.21 -20.28 13.69
CA GLY J 107 -55.28 -19.34 12.59
C GLY J 107 -55.83 -20.02 11.35
N GLN J 108 -56.77 -19.34 10.70
CA GLN J 108 -57.40 -19.86 9.48
C GLN J 108 -57.31 -18.80 8.38
N VAL J 109 -56.54 -19.09 7.34
CA VAL J 109 -56.46 -18.19 6.21
C VAL J 109 -56.81 -18.89 4.90
N SER J 110 -57.60 -18.23 4.08
CA SER J 110 -58.02 -18.77 2.80
C SER J 110 -56.79 -18.98 1.92
N LEU J 111 -56.67 -20.15 1.29
CA LEU J 111 -55.56 -20.41 0.35
C LEU J 111 -55.72 -19.58 -0.95
N PRO J 112 -54.75 -18.70 -1.24
CA PRO J 112 -54.86 -17.86 -2.44
C PRO J 112 -54.96 -18.66 -3.74
N GLY J 113 -55.76 -18.19 -4.67
CA GLY J 113 -55.87 -18.86 -5.94
C GLY J 113 -54.93 -18.31 -6.96
N GLY J 114 -55.44 -17.99 -8.14
CA GLY J 114 -54.64 -17.50 -9.23
C GLY J 114 -54.49 -16.02 -9.30
N CYS J 115 -53.39 -15.60 -9.86
CA CYS J 115 -53.11 -14.22 -10.08
C CYS J 115 -52.60 -14.18 -11.48
N THR J 116 -52.65 -13.04 -12.12
CA THR J 116 -52.40 -13.01 -13.53
C THR J 116 -50.95 -12.93 -13.92
N ILE J 117 -50.06 -12.75 -12.98
CA ILE J 117 -48.66 -12.61 -13.35
C ILE J 117 -47.88 -13.90 -13.33
N GLY J 118 -48.48 -14.97 -12.84
CA GLY J 118 -47.83 -16.27 -12.85
C GLY J 118 -48.15 -17.16 -11.66
N ALA J 119 -47.45 -18.29 -11.57
CA ALA J 119 -47.65 -19.22 -10.46
C ALA J 119 -47.18 -18.56 -9.15
N ARG J 120 -48.02 -18.64 -8.13
CA ARG J 120 -47.69 -18.04 -6.85
C ARG J 120 -48.09 -18.90 -5.65
N PRO J 121 -47.55 -20.10 -5.58
CA PRO J 121 -47.82 -21.02 -4.47
C PRO J 121 -47.28 -20.49 -3.12
N VAL J 122 -47.81 -21.01 -2.02
CA VAL J 122 -47.37 -20.57 -0.71
C VAL J 122 -46.92 -21.75 0.12
N ASP J 123 -46.42 -22.77 -0.56
CA ASP J 123 -45.83 -23.97 0.08
C ASP J 123 -44.75 -23.65 1.12
N LEU J 124 -43.91 -22.66 0.84
CA LEU J 124 -42.85 -22.26 1.75
C LEU J 124 -43.37 -21.66 3.06
N HIS J 125 -44.48 -20.93 2.99
CA HIS J 125 -45.10 -20.40 4.19
C HIS J 125 -45.55 -21.56 5.06
N ILE J 126 -46.34 -22.45 4.46
CA ILE J 126 -46.88 -23.58 5.20
C ILE J 126 -45.77 -24.42 5.81
N SER J 127 -44.82 -24.82 4.97
CA SER J 127 -43.70 -25.66 5.40
C SER J 127 -42.92 -25.01 6.54
N GLY J 128 -42.65 -23.72 6.41
CA GLY J 128 -41.95 -23.01 7.48
C GLY J 128 -42.66 -23.14 8.84
N LEU J 129 -43.98 -23.00 8.81
CA LEU J 129 -44.78 -23.03 10.03
C LEU J 129 -44.83 -24.43 10.64
N GLU J 130 -44.97 -25.44 9.79
CA GLU J 130 -44.94 -26.83 10.24
C GLU J 130 -43.62 -27.12 10.92
N GLN J 131 -42.56 -26.55 10.36
CA GLN J 131 -41.20 -26.79 10.84
C GLN J 131 -41.04 -26.12 12.20
N LEU J 132 -41.90 -25.12 12.47
CA LEU J 132 -41.90 -24.43 13.76
C LEU J 132 -42.85 -25.11 14.76
N GLY J 133 -43.36 -26.28 14.38
CA GLY J 133 -44.19 -27.07 15.27
C GLY J 133 -45.69 -26.95 15.07
N ALA J 134 -46.12 -26.14 14.11
CA ALA J 134 -47.53 -26.00 13.82
C ALA J 134 -48.07 -27.24 13.10
N THR J 135 -49.35 -27.53 13.33
CA THR J 135 -50.05 -28.56 12.57
C THR J 135 -50.94 -27.85 11.57
N ILE J 136 -50.86 -28.25 10.30
CA ILE J 136 -51.59 -27.53 9.26
C ILE J 136 -52.44 -28.46 8.40
N LYS J 137 -53.71 -28.10 8.20
CA LYS J 137 -54.60 -28.85 7.31
C LYS J 137 -55.44 -27.92 6.45
N LEU J 138 -55.93 -28.45 5.35
CA LEU J 138 -56.67 -27.65 4.40
C LEU J 138 -58.09 -28.17 4.29
N GLU J 139 -59.05 -27.39 4.76
CA GLU J 139 -60.46 -27.75 4.57
C GLU J 139 -61.31 -26.54 4.13
N GLU J 140 -62.20 -26.79 3.18
CA GLU J 140 -63.08 -25.76 2.63
C GLU J 140 -62.28 -24.63 2.00
N GLY J 141 -61.09 -24.94 1.49
CA GLY J 141 -60.21 -23.92 0.93
C GLY J 141 -59.41 -23.11 1.94
N TYR J 142 -59.56 -23.42 3.22
CA TYR J 142 -58.83 -22.69 4.27
C TYR J 142 -57.63 -23.46 4.78
N VAL J 143 -56.47 -22.80 4.83
CA VAL J 143 -55.34 -23.38 5.52
C VAL J 143 -55.51 -23.08 7.00
N LYS J 144 -55.77 -24.15 7.75
CA LYS J 144 -56.04 -24.07 9.18
C LYS J 144 -54.81 -24.55 9.96
N ALA J 145 -54.23 -23.64 10.71
CA ALA J 145 -53.06 -23.93 11.51
C ALA J 145 -53.38 -23.93 13.01
N SER J 146 -52.67 -24.76 13.77
CA SER J 146 -52.87 -24.86 15.21
C SER J 146 -51.63 -25.37 15.90
N VAL J 147 -51.45 -24.98 17.16
CA VAL J 147 -50.36 -25.48 17.96
C VAL J 147 -50.75 -25.57 19.44
N ASP J 148 -50.48 -26.72 20.04
CA ASP J 148 -50.70 -26.89 21.48
C ASP J 148 -49.60 -26.14 22.26
N GLY J 149 -49.96 -24.98 22.82
CA GLY J 149 -49.00 -24.12 23.46
C GLY J 149 -48.37 -23.13 22.49
N ARG J 150 -47.04 -23.02 22.51
CA ARG J 150 -46.37 -22.15 21.55
C ARG J 150 -45.42 -22.87 20.62
N LEU J 151 -45.00 -22.16 19.57
CA LEU J 151 -44.10 -22.70 18.56
C LEU J 151 -42.71 -22.87 19.15
N LYS J 152 -41.91 -23.70 18.49
CA LYS J 152 -40.54 -23.99 18.92
C LYS J 152 -39.55 -23.59 17.85
N GLY J 153 -38.56 -22.78 18.25
CA GLY J 153 -37.47 -22.37 17.38
C GLY J 153 -36.88 -23.55 16.63
N ALA J 154 -36.52 -23.34 15.37
CA ALA J 154 -35.95 -24.40 14.54
C ALA J 154 -34.97 -23.86 13.51
N HIS J 155 -34.16 -24.76 12.96
CA HIS J 155 -33.20 -24.40 11.92
C HIS J 155 -33.87 -24.65 10.58
N ILE J 156 -34.24 -23.57 9.91
CA ILE J 156 -35.02 -23.71 8.69
C ILE J 156 -34.23 -23.24 7.48
N VAL J 157 -33.98 -24.16 6.57
CA VAL J 157 -33.27 -23.85 5.33
C VAL J 157 -34.24 -23.72 4.16
N MET J 158 -34.34 -22.52 3.59
CA MET J 158 -35.38 -22.25 2.60
C MET J 158 -35.02 -22.74 1.22
N ASP J 159 -35.91 -23.56 0.65
CA ASP J 159 -35.71 -24.14 -0.69
C ASP J 159 -35.37 -23.10 -1.75
N LYS J 160 -36.17 -22.05 -1.81
CA LYS J 160 -35.88 -20.93 -2.68
C LYS J 160 -36.09 -19.61 -1.97
N VAL J 161 -35.65 -18.55 -2.61
CA VAL J 161 -35.71 -17.23 -2.00
C VAL J 161 -37.11 -16.63 -2.12
N SER J 162 -37.72 -16.31 -0.99
CA SER J 162 -39.09 -15.83 -0.96
C SER J 162 -39.30 -14.70 0.07
N VAL J 163 -39.71 -13.53 -0.40
CA VAL J 163 -40.01 -12.42 0.50
C VAL J 163 -41.14 -12.77 1.48
N GLY J 164 -42.21 -13.33 0.93
CA GLY J 164 -43.40 -13.64 1.71
C GLY J 164 -43.16 -14.65 2.81
N ALA J 165 -42.48 -15.75 2.50
CA ALA J 165 -42.24 -16.82 3.48
C ALA J 165 -41.21 -16.40 4.52
N THR J 166 -40.22 -15.64 4.07
CA THR J 166 -39.22 -15.14 5.00
C THR J 166 -39.93 -14.33 6.08
N VAL J 167 -40.83 -13.45 5.67
CA VAL J 167 -41.58 -12.64 6.60
C VAL J 167 -42.48 -13.47 7.51
N THR J 168 -43.19 -14.43 6.94
CA THR J 168 -44.07 -15.28 7.73
C THR J 168 -43.30 -15.98 8.85
N ILE J 169 -42.19 -16.62 8.49
CA ILE J 169 -41.44 -17.36 9.47
C ILE J 169 -40.82 -16.43 10.50
N MET J 170 -40.19 -15.37 10.03
CA MET J 170 -39.52 -14.43 10.94
C MET J 170 -40.47 -13.93 12.03
N CYS J 171 -41.67 -13.54 11.62
CA CYS J 171 -42.65 -13.02 12.56
C CYS J 171 -43.14 -14.07 13.54
N ALA J 172 -43.44 -15.27 13.05
CA ALA J 172 -43.97 -16.32 13.89
C ALA J 172 -42.95 -16.70 14.94
N ALA J 173 -41.67 -16.67 14.57
CA ALA J 173 -40.62 -17.13 15.45
C ALA J 173 -40.46 -16.23 16.69
N THR J 174 -40.79 -14.95 16.54
CA THR J 174 -40.55 -14.00 17.62
C THR J 174 -41.25 -14.38 18.93
N LEU J 175 -42.23 -15.28 18.85
CA LEU J 175 -42.95 -15.72 20.04
C LEU J 175 -42.79 -17.21 20.27
N ALA J 176 -41.73 -17.78 19.72
CA ALA J 176 -41.51 -19.23 19.86
C ALA J 176 -40.58 -19.53 21.02
N GLU J 177 -40.52 -20.79 21.43
CA GLU J 177 -39.58 -21.22 22.45
C GLU J 177 -38.21 -21.45 21.82
N GLY J 178 -37.25 -20.60 22.19
CA GLY J 178 -35.88 -20.82 21.76
C GLY J 178 -35.50 -20.07 20.51
N THR J 179 -34.49 -20.59 19.82
CA THR J 179 -33.89 -19.88 18.70
C THR J 179 -34.24 -20.47 17.33
N THR J 180 -34.68 -19.59 16.43
CA THR J 180 -34.94 -19.98 15.06
C THR J 180 -33.86 -19.38 14.17
N ILE J 181 -33.41 -20.17 13.19
CA ILE J 181 -32.43 -19.69 12.21
C ILE J 181 -32.95 -19.95 10.78
N ILE J 182 -33.12 -18.86 10.04
CA ILE J 182 -33.58 -18.93 8.67
C ILE J 182 -32.40 -18.82 7.71
N GLU J 183 -32.17 -19.89 6.96
CA GLU J 183 -31.09 -19.94 5.99
C GLU J 183 -31.63 -19.66 4.58
N ASN J 184 -30.85 -18.92 3.79
CA ASN J 184 -31.24 -18.54 2.43
C ASN J 184 -32.45 -17.60 2.48
N ALA J 185 -32.43 -16.69 3.45
CA ALA J 185 -33.51 -15.74 3.63
C ALA J 185 -33.48 -14.67 2.54
N ALA J 186 -34.61 -14.04 2.32
CA ALA J 186 -34.68 -12.93 1.38
C ALA J 186 -34.08 -11.71 2.03
N ARG J 187 -33.40 -10.88 1.25
CA ARG J 187 -32.69 -9.73 1.80
C ARG J 187 -33.35 -8.38 1.49
N GLU J 188 -34.57 -8.39 0.95
CA GLU J 188 -35.31 -7.16 0.64
C GLU J 188 -35.29 -6.11 1.77
N PRO J 189 -35.12 -4.84 1.40
CA PRO J 189 -35.11 -3.75 2.40
C PRO J 189 -36.34 -3.80 3.31
N GLU J 190 -37.48 -4.21 2.76
CA GLU J 190 -38.73 -4.25 3.50
C GLU J 190 -38.72 -5.30 4.60
N ILE J 191 -37.90 -6.31 4.43
CA ILE J 191 -37.78 -7.36 5.42
C ILE J 191 -36.96 -6.82 6.58
N VAL J 192 -35.98 -5.98 6.26
CA VAL J 192 -35.17 -5.31 7.26
C VAL J 192 -36.05 -4.39 8.13
N ASP J 193 -36.84 -3.57 7.46
CA ASP J 193 -37.75 -2.63 8.13
C ASP J 193 -38.67 -3.42 9.06
N THR J 194 -39.20 -4.53 8.58
CA THR J 194 -40.13 -5.35 9.35
C THR J 194 -39.46 -5.92 10.59
N ALA J 195 -38.22 -6.35 10.42
CA ALA J 195 -37.43 -6.84 11.55
C ALA J 195 -37.17 -5.72 12.57
N ASN J 196 -36.82 -4.53 12.08
CA ASN J 196 -36.56 -3.40 12.98
C ASN J 196 -37.80 -2.93 13.76
N PHE J 197 -38.97 -3.03 13.13
CA PHE J 197 -40.23 -2.81 13.83
C PHE J 197 -40.43 -3.85 14.92
N LEU J 198 -40.24 -5.13 14.57
CA LEU J 198 -40.37 -6.21 15.54
C LEU J 198 -39.45 -6.05 16.74
N ILE J 199 -38.20 -5.65 16.49
CA ILE J 199 -37.25 -5.43 17.59
C ILE J 199 -37.77 -4.32 18.49
N THR J 200 -38.32 -3.28 17.87
CA THR J 200 -38.88 -2.15 18.60
C THR J 200 -39.96 -2.59 19.59
N LEU J 201 -40.68 -3.65 19.25
CA LEU J 201 -41.72 -4.16 20.15
C LEU J 201 -41.13 -5.06 21.25
N GLY J 202 -39.83 -5.31 21.16
CA GLY J 202 -39.14 -6.16 22.11
C GLY J 202 -38.71 -7.51 21.56
N ALA J 203 -38.70 -7.66 20.24
CA ALA J 203 -38.28 -8.94 19.65
C ALA J 203 -36.76 -8.97 19.60
N LYS J 204 -36.20 -10.17 19.47
CA LYS J 204 -34.75 -10.31 19.36
C LYS J 204 -34.38 -10.93 18.01
N ILE J 205 -33.96 -10.08 17.08
CA ILE J 205 -33.66 -10.49 15.72
C ILE J 205 -32.31 -9.97 15.26
N SER J 206 -31.57 -10.82 14.55
CA SER J 206 -30.29 -10.40 14.02
C SER J 206 -30.06 -11.02 12.66
N GLY J 207 -29.34 -10.30 11.79
CA GLY J 207 -28.98 -10.83 10.49
C GLY J 207 -29.89 -10.40 9.35
N GLN J 208 -30.90 -9.60 9.66
CA GLN J 208 -31.81 -9.09 8.63
C GLN J 208 -31.04 -8.37 7.54
N GLY J 209 -31.37 -8.65 6.28
CA GLY J 209 -30.69 -8.04 5.14
C GLY J 209 -29.57 -8.93 4.68
N THR J 210 -29.32 -10.01 5.40
CA THR J 210 -28.39 -11.03 4.97
C THR J 210 -29.13 -12.33 4.77
N ASP J 211 -28.45 -13.33 4.24
CA ASP J 211 -29.10 -14.61 3.95
C ASP J 211 -29.40 -15.42 5.21
N ARG J 212 -28.89 -14.97 6.36
CA ARG J 212 -29.13 -15.68 7.61
C ARG J 212 -29.78 -14.83 8.70
N ILE J 213 -31.01 -15.17 9.07
CA ILE J 213 -31.70 -14.43 10.11
C ILE J 213 -31.84 -15.28 11.38
N VAL J 214 -31.48 -14.69 12.51
CA VAL J 214 -31.58 -15.38 13.80
C VAL J 214 -32.62 -14.72 14.68
N ILE J 215 -33.59 -15.52 15.13
CA ILE J 215 -34.64 -15.04 16.02
C ILE J 215 -34.63 -15.76 17.37
N GLU J 216 -34.52 -14.97 18.43
CA GLU J 216 -34.57 -15.46 19.80
C GLU J 216 -35.97 -15.22 20.37
N GLY J 217 -36.69 -16.29 20.62
CA GLY J 217 -38.05 -16.18 21.12
C GLY J 217 -38.17 -15.43 22.43
N VAL J 218 -39.16 -14.54 22.51
CA VAL J 218 -39.55 -13.94 23.78
C VAL J 218 -41.00 -14.31 24.08
N GLU J 219 -41.46 -14.06 25.31
CA GLU J 219 -42.77 -14.58 25.68
C GLU J 219 -43.93 -13.64 25.33
N ARG J 220 -43.62 -12.37 25.11
CA ARG J 220 -44.64 -11.43 24.65
C ARG J 220 -44.02 -10.17 24.06
N LEU J 221 -44.77 -9.54 23.16
CA LEU J 221 -44.32 -8.30 22.54
C LEU J 221 -45.23 -7.14 22.95
N GLY J 222 -44.66 -5.94 23.01
CA GLY J 222 -45.39 -4.77 23.48
C GLY J 222 -45.93 -3.87 22.37
N GLY J 223 -45.80 -2.56 22.56
CA GLY J 223 -46.25 -1.60 21.58
C GLY J 223 -45.14 -0.62 21.25
N GLY J 224 -45.48 0.50 20.62
CA GLY J 224 -44.46 1.50 20.31
C GLY J 224 -44.73 2.31 19.06
N VAL J 225 -43.73 3.04 18.62
CA VAL J 225 -43.84 3.88 17.42
C VAL J 225 -42.73 3.58 16.41
N TYR J 226 -43.11 3.45 15.13
CA TYR J 226 -42.16 3.13 14.07
C TYR J 226 -42.45 3.82 12.74
N ARG J 227 -41.41 4.35 12.11
CA ARG J 227 -41.56 5.00 10.81
C ARG J 227 -41.10 4.09 9.67
N VAL J 228 -41.98 3.89 8.68
CA VAL J 228 -41.71 3.05 7.52
C VAL J 228 -40.73 3.71 6.55
N LEU J 229 -39.80 2.92 6.00
CA LEU J 229 -38.79 3.47 5.09
C LEU J 229 -39.41 3.91 3.75
N PRO J 230 -38.67 4.68 2.95
CA PRO J 230 -39.20 5.16 1.66
C PRO J 230 -39.40 4.02 0.66
N ASP J 231 -40.32 4.23 -0.28
CA ASP J 231 -40.66 3.21 -1.29
C ASP J 231 -39.73 3.27 -2.50
N ARG J 232 -38.83 2.29 -2.59
CA ARG J 232 -37.85 2.27 -3.68
C ARG J 232 -38.48 2.09 -5.06
N ILE J 233 -39.63 1.39 -5.11
CA ILE J 233 -40.34 1.22 -6.38
C ILE J 233 -40.98 2.52 -6.88
N GLU J 234 -41.61 3.29 -5.99
CA GLU J 234 -42.13 4.61 -6.38
C GLU J 234 -40.98 5.51 -6.80
N THR J 235 -39.88 5.45 -6.06
CA THR J 235 -38.68 6.22 -6.39
C THR J 235 -38.19 5.89 -7.79
N GLY J 236 -38.05 4.60 -8.09
CA GLY J 236 -37.63 4.15 -9.41
C GLY J 236 -38.57 4.58 -10.54
N THR J 237 -39.86 4.57 -10.24
CA THR J 237 -40.86 4.88 -11.24
C THR J 237 -40.72 6.31 -11.69
N PHE J 238 -40.48 7.21 -10.73
CA PHE J 238 -40.35 8.62 -11.08
C PHE J 238 -39.01 8.97 -11.74
N LEU J 239 -37.93 8.35 -11.27
CA LEU J 239 -36.65 8.51 -11.93
C LEU J 239 -36.78 8.07 -13.38
N VAL J 240 -37.50 6.97 -13.61
CA VAL J 240 -37.73 6.48 -14.98
C VAL J 240 -38.61 7.46 -15.79
N ALA J 241 -39.61 8.01 -15.13
CA ALA J 241 -40.44 9.06 -15.74
C ALA J 241 -39.59 10.20 -16.32
N ALA J 242 -38.61 10.66 -15.55
CA ALA J 242 -37.74 11.71 -16.00
C ALA J 242 -36.89 11.23 -17.19
N ALA J 243 -36.30 10.05 -17.03
CA ALA J 243 -35.31 9.55 -17.99
C ALA J 243 -35.89 9.33 -19.39
N ILE J 244 -37.18 9.06 -19.46
CA ILE J 244 -37.81 8.77 -20.74
C ILE J 244 -38.36 10.03 -21.41
N SER J 245 -38.61 11.06 -20.61
CA SER J 245 -39.14 12.32 -21.13
C SER J 245 -38.03 13.34 -21.39
N ARG J 246 -36.79 12.87 -21.31
CA ARG J 246 -35.65 13.76 -21.50
C ARG J 246 -35.69 14.92 -20.50
N GLY J 247 -36.17 14.64 -19.29
CA GLY J 247 -36.29 15.66 -18.26
C GLY J 247 -35.25 15.61 -17.14
N LYS J 248 -35.61 16.16 -15.98
CA LYS J 248 -34.71 16.21 -14.83
C LYS J 248 -35.51 16.27 -13.54
N ILE J 249 -35.02 15.59 -12.52
CA ILE J 249 -35.86 15.40 -11.33
C ILE J 249 -35.08 15.23 -10.05
N ILE J 250 -35.68 15.67 -8.96
CA ILE J 250 -35.13 15.40 -7.64
C ILE J 250 -36.16 14.66 -6.83
N CYS J 251 -35.73 13.56 -6.21
CA CYS J 251 -36.62 12.78 -5.37
C CYS J 251 -36.25 13.06 -3.94
N ARG J 252 -37.24 13.49 -3.15
CA ARG J 252 -37.02 13.84 -1.76
C ARG J 252 -37.56 12.75 -0.86
N ASN J 253 -36.98 12.60 0.31
CA ASN J 253 -37.38 11.56 1.24
C ASN J 253 -37.06 10.18 0.69
N ALA J 254 -35.88 10.04 0.10
CA ALA J 254 -35.46 8.79 -0.53
C ALA J 254 -34.44 8.05 0.34
N GLN J 255 -34.17 6.80 -0.01
CA GLN J 255 -33.11 6.03 0.64
C GLN J 255 -32.25 5.33 -0.41
N PRO J 256 -31.27 6.04 -0.96
CA PRO J 256 -30.46 5.60 -2.11
C PRO J 256 -29.82 4.20 -1.99
N ASP J 257 -29.36 3.81 -0.79
CA ASP J 257 -28.68 2.52 -0.67
C ASP J 257 -29.61 1.36 -1.03
N THR J 258 -30.85 1.71 -1.30
CA THR J 258 -31.94 0.79 -1.54
C THR J 258 -32.09 0.52 -3.06
N LEU J 259 -31.46 1.34 -3.87
CA LEU J 259 -31.65 1.31 -5.30
C LEU J 259 -30.38 1.13 -6.14
N ASP J 260 -29.38 0.41 -5.63
CA ASP J 260 -28.09 0.30 -6.32
C ASP J 260 -28.28 -0.16 -7.76
N ALA J 261 -28.85 -1.35 -7.93
CA ALA J 261 -29.04 -1.92 -9.26
C ALA J 261 -29.80 -0.99 -10.25
N VAL J 262 -30.85 -0.35 -9.77
CA VAL J 262 -31.65 0.53 -10.61
C VAL J 262 -30.86 1.74 -11.06
N LEU J 263 -30.10 2.33 -10.14
CA LEU J 263 -29.38 3.55 -10.42
C LEU J 263 -28.26 3.25 -11.41
N ALA J 264 -27.61 2.11 -11.20
CA ALA J 264 -26.57 1.67 -12.13
C ALA J 264 -27.10 1.49 -13.55
N LYS J 265 -28.30 0.90 -13.65
CA LYS J 265 -28.89 0.66 -14.95
C LYS J 265 -29.25 1.97 -15.67
N LEU J 266 -29.76 2.92 -14.88
CA LEU J 266 -30.09 4.24 -15.39
C LEU J 266 -28.84 4.95 -15.94
N ARG J 267 -27.71 4.81 -15.25
CA ARG J 267 -26.47 5.38 -15.76
C ARG J 267 -26.12 4.77 -17.11
N ASP J 268 -26.19 3.45 -17.21
CA ASP J 268 -25.95 2.77 -18.49
C ASP J 268 -26.89 3.28 -19.58
N ALA J 269 -28.08 3.73 -19.19
CA ALA J 269 -29.04 4.30 -20.12
C ALA J 269 -28.67 5.74 -20.51
N GLY J 270 -27.68 6.29 -19.82
CA GLY J 270 -27.13 7.61 -20.12
C GLY J 270 -27.52 8.72 -19.16
N ALA J 271 -28.05 8.38 -18.00
CA ALA J 271 -28.53 9.39 -17.08
C ALA J 271 -27.42 9.92 -16.19
N ASP J 272 -27.54 11.17 -15.76
CA ASP J 272 -26.59 11.82 -14.87
C ASP J 272 -27.19 11.84 -13.48
N ILE J 273 -26.65 11.01 -12.59
CA ILE J 273 -27.27 10.79 -11.29
C ILE J 273 -26.38 11.19 -10.10
N GLU J 274 -26.94 11.92 -9.15
CA GLU J 274 -26.26 12.19 -7.90
C GLU J 274 -27.17 11.81 -6.73
N VAL J 275 -26.57 11.39 -5.63
CA VAL J 275 -27.36 11.03 -4.46
C VAL J 275 -26.90 11.79 -3.23
N GLY J 276 -27.86 12.15 -2.39
CA GLY J 276 -27.56 12.71 -1.08
C GLY J 276 -27.83 11.64 -0.05
N GLU J 277 -28.13 12.02 1.17
CA GLU J 277 -28.43 11.03 2.20
C GLU J 277 -29.89 10.64 2.18
N ASP J 278 -30.73 11.52 1.62
CA ASP J 278 -32.16 11.28 1.54
C ASP J 278 -32.75 11.92 0.27
N TRP J 279 -31.93 12.02 -0.77
CA TRP J 279 -32.42 12.48 -2.06
C TRP J 279 -31.68 11.81 -3.22
N ILE J 280 -32.32 11.81 -4.39
CA ILE J 280 -31.67 11.36 -5.60
C ILE J 280 -31.99 12.36 -6.67
N SER J 281 -30.99 12.70 -7.48
CA SER J 281 -31.22 13.58 -8.62
C SER J 281 -30.85 12.88 -9.92
N LEU J 282 -31.56 13.22 -10.98
CA LEU J 282 -31.31 12.62 -12.28
C LEU J 282 -31.50 13.66 -13.36
N ASP J 283 -30.57 13.74 -14.27
CA ASP J 283 -30.69 14.72 -15.29
C ASP J 283 -30.28 14.06 -16.56
N MET J 284 -31.00 14.34 -17.61
CA MET J 284 -30.67 13.72 -18.87
C MET J 284 -30.12 14.79 -19.76
N HIS J 285 -30.00 15.99 -19.24
CA HIS J 285 -29.53 17.07 -20.05
C HIS J 285 -29.98 16.88 -21.47
N GLY J 286 -31.25 16.57 -21.67
CA GLY J 286 -31.86 16.69 -22.99
C GLY J 286 -31.70 15.54 -23.95
N LYS J 287 -31.05 14.53 -23.47
CA LYS J 287 -30.73 13.34 -24.25
C LYS J 287 -31.82 12.27 -24.21
N ARG J 288 -31.90 11.52 -25.31
CA ARG J 288 -32.70 10.31 -25.39
C ARG J 288 -31.91 9.14 -24.77
N PRO J 289 -32.55 8.31 -23.94
CA PRO J 289 -31.88 7.20 -23.24
C PRO J 289 -31.31 6.15 -24.19
N LYS J 290 -30.27 5.45 -23.76
CA LYS J 290 -29.66 4.38 -24.54
C LYS J 290 -30.20 3.03 -24.06
N ALA J 291 -30.45 2.10 -25.00
CA ALA J 291 -30.96 0.78 -24.66
C ALA J 291 -30.09 0.05 -23.62
N VAL J 292 -30.74 -0.68 -22.71
CA VAL J 292 -30.00 -1.47 -21.73
C VAL J 292 -30.49 -2.92 -21.68
N ASN J 293 -29.70 -3.78 -21.03
CA ASN J 293 -30.09 -5.15 -20.81
C ASN J 293 -30.29 -5.41 -19.34
N VAL J 294 -31.38 -6.07 -18.99
CA VAL J 294 -31.72 -6.26 -17.59
C VAL J 294 -32.11 -7.70 -17.25
N ARG J 295 -31.72 -8.17 -16.08
CA ARG J 295 -32.17 -9.45 -15.59
C ARG J 295 -32.73 -9.34 -14.15
N THR J 296 -34.03 -9.56 -13.99
CA THR J 296 -34.64 -9.44 -12.66
C THR J 296 -34.22 -10.58 -11.75
N ALA J 297 -34.09 -10.30 -10.45
CA ALA J 297 -33.79 -11.34 -9.46
C ALA J 297 -33.98 -10.77 -8.06
N PRO J 298 -33.92 -11.63 -7.05
CA PRO J 298 -34.15 -11.11 -5.70
C PRO J 298 -33.11 -10.05 -5.32
N HIS J 299 -33.49 -9.20 -4.38
CA HIS J 299 -32.64 -8.11 -3.90
C HIS J 299 -31.29 -8.66 -3.46
N PRO J 300 -30.20 -7.90 -3.70
CA PRO J 300 -30.18 -6.53 -4.19
C PRO J 300 -30.01 -6.41 -5.69
N ALA J 301 -30.35 -7.47 -6.41
CA ALA J 301 -30.34 -7.44 -7.86
C ALA J 301 -31.48 -6.55 -8.33
N PHE J 302 -31.58 -6.30 -9.64
CA PHE J 302 -32.69 -5.53 -10.23
C PHE J 302 -34.05 -6.18 -9.92
N PRO J 303 -35.00 -5.39 -9.39
CA PRO J 303 -36.32 -5.85 -8.91
C PRO J 303 -37.37 -6.05 -10.02
N THR J 304 -38.13 -7.13 -9.92
CA THR J 304 -39.23 -7.37 -10.87
C THR J 304 -40.25 -6.19 -10.86
N ASP J 305 -40.44 -5.54 -9.71
CA ASP J 305 -41.38 -4.43 -9.61
C ASP J 305 -40.95 -3.20 -10.43
N MET J 306 -39.75 -3.22 -11.00
CA MET J 306 -39.31 -2.11 -11.85
C MET J 306 -39.21 -2.56 -13.32
N GLN J 307 -39.50 -3.83 -13.57
CA GLN J 307 -39.29 -4.44 -14.88
C GLN J 307 -40.07 -3.77 -16.02
N ALA J 308 -41.37 -3.53 -15.81
CA ALA J 308 -42.23 -2.94 -16.85
C ALA J 308 -41.78 -1.52 -17.19
N GLN J 309 -41.40 -0.75 -16.16
CA GLN J 309 -40.93 0.62 -16.34
C GLN J 309 -39.67 0.65 -17.22
N PHE J 310 -38.75 -0.26 -16.98
CA PHE J 310 -37.54 -0.28 -17.79
C PHE J 310 -37.81 -0.84 -19.18
N THR J 311 -38.87 -1.64 -19.31
CA THR J 311 -39.28 -2.11 -20.62
C THR J 311 -39.73 -0.91 -21.45
N LEU J 312 -40.48 -0.01 -20.81
CA LEU J 312 -40.89 1.23 -21.48
C LEU J 312 -39.68 2.08 -21.91
N LEU J 313 -38.76 2.25 -20.97
CA LEU J 313 -37.53 2.97 -21.25
C LEU J 313 -36.91 2.43 -22.52
N ASN J 314 -36.63 1.13 -22.54
CA ASN J 314 -36.05 0.52 -23.73
C ASN J 314 -36.87 0.76 -24.99
N LEU J 315 -38.19 0.86 -24.85
CA LEU J 315 -39.06 0.90 -26.02
C LEU J 315 -39.00 2.26 -26.73
N VAL J 316 -38.49 3.27 -26.01
CA VAL J 316 -38.30 4.60 -26.56
C VAL J 316 -36.82 4.99 -26.56
N ALA J 317 -35.94 4.01 -26.41
CA ALA J 317 -34.51 4.28 -26.34
C ALA J 317 -33.82 4.08 -27.68
N GLU J 318 -32.54 4.43 -27.69
CA GLU J 318 -31.71 4.25 -28.87
C GLU J 318 -31.13 2.84 -28.85
N GLY J 319 -31.54 2.02 -29.82
CA GLY J 319 -30.98 0.70 -29.97
C GLY J 319 -31.89 -0.44 -29.53
N THR J 320 -31.30 -1.61 -29.38
CA THR J 320 -32.04 -2.80 -28.98
C THR J 320 -31.59 -3.26 -27.60
N GLY J 321 -32.54 -3.53 -26.71
CA GLY J 321 -32.21 -4.03 -25.39
C GLY J 321 -33.14 -5.17 -25.02
N PHE J 322 -32.65 -6.12 -24.24
CA PHE J 322 -33.56 -7.13 -23.72
C PHE J 322 -33.77 -7.08 -22.21
N ILE J 323 -34.91 -7.60 -21.78
CA ILE J 323 -35.22 -7.71 -20.35
C ILE J 323 -35.65 -9.13 -20.03
N THR J 324 -34.92 -9.76 -19.13
CA THR J 324 -35.22 -11.12 -18.74
C THR J 324 -35.78 -11.15 -17.34
N GLU J 325 -36.87 -11.88 -17.17
CA GLU J 325 -37.56 -11.94 -15.89
C GLU J 325 -37.34 -13.33 -15.28
N THR J 326 -36.75 -13.39 -14.09
CA THR J 326 -36.52 -14.68 -13.47
C THR J 326 -37.35 -14.89 -12.21
N VAL J 327 -38.11 -13.87 -11.83
CA VAL J 327 -38.93 -13.94 -10.63
C VAL J 327 -40.39 -14.28 -10.92
N PHE J 328 -41.00 -13.54 -11.83
CA PHE J 328 -42.34 -13.84 -12.33
C PHE J 328 -42.28 -13.97 -13.82
N GLU J 329 -42.10 -15.19 -14.29
CA GLU J 329 -41.72 -15.38 -15.66
C GLU J 329 -42.74 -14.89 -16.68
N ASN J 330 -44.01 -14.82 -16.30
CA ASN J 330 -45.13 -14.41 -17.17
C ASN J 330 -45.67 -12.99 -16.96
N ARG J 331 -44.85 -12.11 -16.43
CA ARG J 331 -45.22 -10.73 -16.11
C ARG J 331 -44.92 -9.78 -17.28
N PHE J 332 -45.68 -9.94 -18.36
CA PHE J 332 -45.45 -9.15 -19.56
C PHE J 332 -46.69 -8.54 -20.21
N MET J 333 -47.81 -8.54 -19.52
CA MET J 333 -49.04 -7.97 -20.10
C MET J 333 -48.90 -6.49 -20.54
N HIS J 334 -48.03 -5.74 -19.90
CA HIS J 334 -47.79 -4.35 -20.33
C HIS J 334 -47.30 -4.28 -21.77
N VAL J 335 -46.57 -5.30 -22.21
CA VAL J 335 -45.94 -5.28 -23.54
C VAL J 335 -46.95 -5.11 -24.69
N PRO J 336 -47.94 -5.99 -24.77
CA PRO J 336 -48.93 -5.85 -25.84
C PRO J 336 -49.64 -4.48 -25.79
N GLU J 337 -49.90 -3.97 -24.59
CA GLU J 337 -50.55 -2.67 -24.47
C GLU J 337 -49.65 -1.59 -25.06
N LEU J 338 -48.37 -1.62 -24.68
CA LEU J 338 -47.41 -0.67 -25.24
C LEU J 338 -47.34 -0.80 -26.75
N SER J 339 -47.58 -2.01 -27.24
CA SER J 339 -47.64 -2.26 -28.68
C SER J 339 -48.80 -1.54 -29.37
N ARG J 340 -49.90 -1.35 -28.64
CA ARG J 340 -51.00 -0.55 -29.17
C ARG J 340 -50.57 0.90 -29.40
N MET J 341 -49.57 1.34 -28.65
CA MET J 341 -49.10 2.71 -28.73
C MET J 341 -47.90 2.82 -29.69
N GLY J 342 -47.65 1.75 -30.44
CA GLY J 342 -46.61 1.75 -31.45
C GLY J 342 -45.24 1.21 -31.05
N ALA J 343 -45.14 0.66 -29.85
CA ALA J 343 -43.84 0.15 -29.42
C ALA J 343 -43.50 -1.13 -30.22
N HIS J 344 -42.20 -1.40 -30.40
CA HIS J 344 -41.77 -2.59 -31.14
C HIS J 344 -41.09 -3.60 -30.23
N ALA J 345 -41.78 -4.68 -29.92
CA ALA J 345 -41.22 -5.68 -29.01
C ALA J 345 -41.62 -7.11 -29.37
N GLU J 346 -40.76 -8.06 -29.06
CA GLU J 346 -41.18 -9.46 -29.11
C GLU J 346 -40.84 -10.16 -27.80
N ILE J 347 -41.66 -11.14 -27.46
CA ILE J 347 -41.47 -11.89 -26.24
C ILE J 347 -41.04 -13.31 -26.62
N GLU J 348 -39.85 -13.69 -26.22
CA GLU J 348 -39.32 -15.03 -26.40
C GLU J 348 -39.20 -15.68 -25.06
N SER J 349 -40.08 -16.61 -24.77
CA SER J 349 -40.07 -17.25 -23.47
C SER J 349 -40.22 -16.18 -22.38
N ASN J 350 -39.20 -16.04 -21.54
CA ASN J 350 -39.28 -15.09 -20.43
C ASN J 350 -38.34 -13.90 -20.64
N THR J 351 -38.09 -13.57 -21.90
CA THR J 351 -37.32 -12.38 -22.24
C THR J 351 -38.09 -11.50 -23.20
N VAL J 352 -38.18 -10.20 -22.93
CA VAL J 352 -38.74 -9.30 -23.94
C VAL J 352 -37.62 -8.61 -24.69
N ILE J 353 -37.70 -8.67 -26.03
CA ILE J 353 -36.71 -8.04 -26.89
C ILE J 353 -37.27 -6.73 -27.45
N CYS J 354 -36.61 -5.63 -27.09
CA CYS J 354 -37.12 -4.29 -27.41
C CYS J 354 -36.31 -3.63 -28.49
N HIS J 355 -37.01 -3.00 -29.42
CA HIS J 355 -36.37 -2.17 -30.43
C HIS J 355 -36.91 -0.75 -30.30
N GLY J 356 -36.10 0.12 -29.72
CA GLY J 356 -36.53 1.49 -29.45
C GLY J 356 -37.01 2.32 -30.63
N VAL J 357 -38.20 2.90 -30.47
CA VAL J 357 -38.66 3.92 -31.41
C VAL J 357 -38.52 5.31 -30.80
N GLU J 358 -38.62 6.30 -31.70
CA GLU J 358 -38.37 7.73 -31.50
C GLU J 358 -39.50 8.33 -30.64
N LYS J 359 -40.74 7.98 -30.97
CA LYS J 359 -41.90 8.43 -30.19
C LYS J 359 -43.14 7.50 -30.30
N LEU J 360 -43.90 7.41 -29.21
CA LEU J 360 -45.11 6.60 -29.19
C LEU J 360 -46.38 7.40 -29.53
N SER J 361 -47.47 6.69 -29.85
CA SER J 361 -48.75 7.32 -30.20
C SER J 361 -49.82 6.95 -29.19
N GLY J 362 -50.63 7.95 -28.80
CA GLY J 362 -51.74 7.74 -27.85
C GLY J 362 -52.77 6.71 -28.29
N ALA J 363 -53.30 5.99 -27.32
CA ALA J 363 -54.30 4.97 -27.58
C ALA J 363 -54.99 4.53 -26.30
N GLN J 364 -56.03 3.73 -26.44
CA GLN J 364 -56.72 3.21 -25.25
C GLN J 364 -56.03 1.95 -24.75
N VAL J 365 -55.63 1.95 -23.47
CA VAL J 365 -54.92 0.80 -22.95
C VAL J 365 -55.52 0.37 -21.62
N MET J 366 -55.23 -0.87 -21.22
CA MET J 366 -55.84 -1.44 -20.03
C MET J 366 -54.84 -1.87 -18.96
N ALA J 367 -54.99 -1.28 -17.77
CA ALA J 367 -54.19 -1.66 -16.60
C ALA J 367 -54.66 -3.00 -16.01
N THR J 368 -53.70 -3.80 -15.51
CA THR J 368 -54.00 -5.07 -14.88
C THR J 368 -53.12 -5.38 -13.67
N ASP J 369 -52.05 -4.60 -13.52
CA ASP J 369 -50.99 -4.93 -12.56
C ASP J 369 -50.69 -3.79 -11.61
N LEU J 370 -50.98 -4.04 -10.34
CA LEU J 370 -50.68 -3.12 -9.26
C LEU J 370 -49.43 -2.26 -9.32
N ARG J 371 -48.33 -2.79 -9.84
CA ARG J 371 -47.15 -1.91 -10.03
C ARG J 371 -46.81 -1.71 -11.49
N ALA J 372 -46.90 -2.80 -12.26
CA ALA J 372 -46.41 -2.80 -13.63
C ALA J 372 -47.17 -1.84 -14.52
N SER J 373 -48.46 -1.70 -14.28
CA SER J 373 -49.30 -0.83 -15.12
C SER J 373 -49.05 0.68 -15.03
N ALA J 374 -48.27 1.09 -14.02
CA ALA J 374 -47.86 2.48 -13.92
C ALA J 374 -47.12 2.88 -15.19
N SER J 375 -46.52 1.87 -15.84
CA SER J 375 -45.77 2.14 -17.04
C SER J 375 -46.70 2.64 -18.17
N LEU J 376 -47.96 2.24 -18.10
CA LEU J 376 -48.92 2.69 -19.11
C LEU J 376 -49.23 4.18 -18.95
N VAL J 377 -49.33 4.62 -17.70
CA VAL J 377 -49.52 6.03 -17.41
C VAL J 377 -48.30 6.82 -17.85
N LEU J 378 -47.12 6.33 -17.47
CA LEU J 378 -45.89 6.93 -17.92
C LEU J 378 -45.85 7.04 -19.44
N ALA J 379 -46.22 5.96 -20.13
CA ALA J 379 -46.23 5.99 -21.60
C ALA J 379 -47.14 7.12 -22.09
N GLY J 380 -48.29 7.26 -21.46
CA GLY J 380 -49.24 8.30 -21.81
C GLY J 380 -48.58 9.68 -21.82
N CYS J 381 -47.80 9.96 -20.78
CA CYS J 381 -47.16 11.27 -20.62
C CYS J 381 -46.25 11.64 -21.78
N ILE J 382 -45.60 10.66 -22.40
CA ILE J 382 -44.63 10.96 -23.45
C ILE J 382 -45.10 10.61 -24.86
N ALA J 383 -46.25 9.96 -24.98
CA ALA J 383 -46.78 9.64 -26.30
C ALA J 383 -47.38 10.86 -27.02
N GLU J 384 -47.50 10.75 -28.33
CA GLU J 384 -48.07 11.81 -29.14
C GLU J 384 -49.60 11.74 -29.11
N GLY J 385 -50.23 12.68 -28.42
CA GLY J 385 -51.68 12.77 -28.43
C GLY J 385 -52.37 12.34 -27.13
N THR J 386 -53.48 11.63 -27.27
CA THR J 386 -54.30 11.26 -26.12
C THR J 386 -54.33 9.76 -25.81
N THR J 387 -54.03 9.43 -24.57
CA THR J 387 -54.03 8.06 -24.13
C THR J 387 -55.08 7.93 -23.02
N VAL J 388 -55.87 6.88 -23.10
CA VAL J 388 -56.83 6.60 -22.04
C VAL J 388 -56.46 5.28 -21.35
N VAL J 389 -56.10 5.38 -20.08
CA VAL J 389 -55.75 4.19 -19.31
C VAL J 389 -56.96 3.73 -18.49
N ASP J 390 -57.52 2.63 -18.94
CA ASP J 390 -58.72 2.07 -18.35
C ASP J 390 -58.39 1.27 -17.08
N ARG J 391 -59.32 1.26 -16.13
CA ARG J 391 -59.24 0.27 -15.07
C ARG J 391 -58.11 0.56 -14.05
N ILE J 392 -57.91 1.83 -13.73
CA ILE J 392 -56.80 2.26 -12.90
C ILE J 392 -56.94 1.91 -11.41
N TYR J 393 -58.02 1.24 -11.04
CA TYR J 393 -58.16 0.82 -9.64
C TYR J 393 -56.99 -0.07 -9.21
N HIS J 394 -56.46 -0.82 -10.17
CA HIS J 394 -55.20 -1.55 -9.95
C HIS J 394 -54.07 -0.60 -9.47
N ILE J 395 -53.87 0.50 -10.21
CA ILE J 395 -52.84 1.47 -9.87
C ILE J 395 -53.08 2.08 -8.48
N ASP J 396 -54.35 2.27 -8.15
CA ASP J 396 -54.74 2.81 -6.85
C ASP J 396 -54.34 1.91 -5.69
N ARG J 397 -54.16 0.63 -5.95
CA ARG J 397 -53.65 -0.25 -4.90
C ARG J 397 -52.18 -0.01 -4.64
N GLY J 398 -51.48 0.52 -5.64
CA GLY J 398 -50.02 0.48 -5.63
C GLY J 398 -49.29 1.79 -5.44
N TYR J 399 -49.89 2.90 -5.86
CA TYR J 399 -49.26 4.20 -5.72
C TYR J 399 -50.15 5.21 -5.03
N GLU J 400 -49.59 6.02 -4.14
CA GLU J 400 -50.36 7.09 -3.49
C GLU J 400 -50.54 8.31 -4.41
N ARG J 401 -51.75 8.45 -4.97
CA ARG J 401 -52.11 9.64 -5.75
C ARG J 401 -51.07 9.97 -6.82
N ILE J 402 -50.90 9.05 -7.77
CA ILE J 402 -49.88 9.19 -8.78
C ILE J 402 -50.12 10.36 -9.75
N GLU J 403 -51.38 10.73 -9.95
CA GLU J 403 -51.71 11.80 -10.89
C GLU J 403 -51.31 13.18 -10.33
N ASP J 404 -51.40 13.33 -9.01
CA ASP J 404 -50.98 14.59 -8.39
C ASP J 404 -49.49 14.80 -8.54
N LYS J 405 -48.72 13.75 -8.25
CA LYS J 405 -47.27 13.84 -8.36
C LYS J 405 -46.83 14.05 -9.79
N LEU J 406 -47.51 13.38 -10.72
CA LEU J 406 -47.17 13.50 -12.13
C LEU J 406 -47.49 14.90 -12.67
N ARG J 407 -48.62 15.42 -12.24
CA ARG J 407 -49.04 16.76 -12.66
C ARG J 407 -48.05 17.81 -12.17
N ALA J 408 -47.61 17.67 -10.92
CA ALA J 408 -46.59 18.55 -10.36
C ALA J 408 -45.23 18.45 -11.08
N LEU J 409 -45.13 17.53 -12.04
CA LEU J 409 -43.93 17.38 -12.84
C LEU J 409 -44.20 17.85 -14.28
N GLY J 410 -45.41 18.33 -14.50
CA GLY J 410 -45.76 18.89 -15.80
C GLY J 410 -46.70 18.03 -16.63
N ALA J 411 -47.18 16.95 -16.05
CA ALA J 411 -48.03 16.02 -16.79
C ALA J 411 -49.43 16.58 -17.02
N ASN J 412 -49.95 16.37 -18.22
CA ASN J 412 -51.35 16.67 -18.50
C ASN J 412 -52.21 15.43 -18.31
N ILE J 413 -52.76 15.29 -17.11
CA ILE J 413 -53.43 14.06 -16.73
C ILE J 413 -54.72 14.34 -15.98
N GLU J 414 -55.75 13.56 -16.27
CA GLU J 414 -57.05 13.74 -15.62
C GLU J 414 -57.73 12.43 -15.25
N ARG J 415 -58.38 12.41 -14.09
CA ARG J 415 -59.08 11.22 -13.62
C ARG J 415 -60.57 11.36 -13.89
N VAL J 416 -61.10 10.55 -14.81
CA VAL J 416 -62.52 10.64 -15.18
C VAL J 416 -63.35 9.43 -14.71
N LYS J 417 -64.67 9.59 -14.64
CA LYS J 417 -65.54 8.53 -14.09
C LYS J 417 -66.46 7.87 -15.12
N GLY J 418 -65.94 7.61 -16.33
CA GLY J 418 -66.72 7.02 -17.40
C GLY J 418 -67.47 5.76 -17.00
N MET K 1 -5.60 -43.86 -22.18
CA MET K 1 -7.00 -43.75 -21.78
C MET K 1 -7.33 -44.64 -20.61
N ASP K 2 -7.06 -44.15 -19.42
CA ASP K 2 -7.37 -44.88 -18.20
C ASP K 2 -8.87 -45.09 -18.07
N LYS K 3 -9.25 -46.13 -17.34
CA LYS K 3 -10.64 -46.47 -17.11
C LYS K 3 -10.79 -46.94 -15.68
N PHE K 4 -12.00 -46.86 -15.14
CA PHE K 4 -12.29 -47.51 -13.86
C PHE K 4 -13.14 -48.74 -14.16
N ARG K 5 -12.69 -49.89 -13.65
CA ARG K 5 -13.58 -51.05 -13.63
C ARG K 5 -14.17 -51.18 -12.24
N VAL K 6 -15.49 -51.25 -12.18
CA VAL K 6 -16.17 -51.27 -10.88
C VAL K 6 -17.09 -52.46 -10.75
N GLN K 7 -17.03 -53.10 -9.58
CA GLN K 7 -17.81 -54.30 -9.28
C GLN K 7 -18.81 -54.02 -8.16
N GLY K 8 -20.08 -54.34 -8.40
CA GLY K 8 -21.11 -54.14 -7.39
C GLY K 8 -22.18 -55.21 -7.45
N PRO K 9 -23.17 -55.12 -6.57
CA PRO K 9 -23.36 -54.05 -5.60
C PRO K 9 -22.41 -54.14 -4.40
N THR K 10 -22.20 -53.03 -3.74
CA THR K 10 -21.25 -52.95 -2.63
C THR K 10 -21.77 -51.85 -1.69
N LYS K 11 -21.72 -52.09 -0.39
CA LYS K 11 -22.22 -51.10 0.56
C LYS K 11 -21.09 -50.24 1.10
N LEU K 12 -21.17 -48.93 0.84
CA LEU K 12 -20.09 -48.04 1.22
C LEU K 12 -20.24 -47.57 2.66
N GLN K 13 -19.27 -47.95 3.49
CA GLN K 13 -19.30 -47.52 4.88
C GLN K 13 -17.90 -47.40 5.45
N GLY K 14 -17.77 -46.60 6.50
CA GLY K 14 -16.47 -46.34 7.08
C GLY K 14 -16.24 -44.84 7.27
N GLU K 15 -15.02 -44.40 7.10
CA GLU K 15 -14.76 -42.96 7.11
C GLU K 15 -13.83 -42.50 5.98
N VAL K 16 -13.75 -41.18 5.82
CA VAL K 16 -12.94 -40.58 4.77
C VAL K 16 -12.43 -39.22 5.23
N THR K 17 -11.20 -38.89 4.83
CA THR K 17 -10.62 -37.59 5.13
C THR K 17 -10.76 -36.65 3.93
N ILE K 18 -11.38 -35.51 4.16
CA ILE K 18 -11.67 -34.56 3.11
C ILE K 18 -10.42 -33.81 2.71
N SER K 19 -10.16 -33.73 1.41
CA SER K 19 -9.06 -32.93 0.88
C SER K 19 -9.40 -31.43 0.83
N GLY K 20 -8.38 -30.61 0.57
CA GLY K 20 -8.58 -29.17 0.44
C GLY K 20 -9.39 -28.83 -0.79
N ALA K 21 -10.10 -27.70 -0.73
CA ALA K 21 -11.00 -27.32 -1.80
C ALA K 21 -10.27 -27.00 -3.10
N LYS K 22 -10.51 -27.81 -4.12
CA LYS K 22 -9.97 -27.58 -5.46
C LYS K 22 -10.25 -26.15 -5.90
N ASN K 23 -11.49 -25.72 -5.70
CA ASN K 23 -11.92 -24.40 -6.15
C ASN K 23 -11.58 -23.23 -5.22
N ALA K 24 -10.82 -23.52 -4.16
CA ALA K 24 -10.19 -22.48 -3.35
C ALA K 24 -8.72 -22.42 -3.76
N ALA K 25 -8.12 -23.60 -3.89
CA ALA K 25 -6.74 -23.72 -4.31
C ALA K 25 -6.48 -22.93 -5.59
N LEU K 26 -7.34 -23.12 -6.59
CA LEU K 26 -7.15 -22.49 -7.88
C LEU K 26 -7.11 -20.95 -7.87
N PRO K 27 -8.12 -20.30 -7.27
CA PRO K 27 -8.10 -18.84 -7.25
C PRO K 27 -6.93 -18.30 -6.42
N ILE K 28 -6.56 -19.03 -5.37
CA ILE K 28 -5.48 -18.61 -4.48
C ILE K 28 -4.14 -18.68 -5.19
N LEU K 29 -3.90 -19.78 -5.88
CA LEU K 29 -2.69 -19.91 -6.70
C LEU K 29 -2.54 -18.77 -7.71
N PHE K 30 -3.64 -18.33 -8.32
CA PHE K 30 -3.55 -17.20 -9.24
C PHE K 30 -3.42 -15.85 -8.52
N ALA K 31 -3.96 -15.75 -7.33
CA ALA K 31 -3.84 -14.53 -6.55
C ALA K 31 -2.38 -14.34 -6.13
N ALA K 32 -1.64 -15.44 -6.09
CA ALA K 32 -0.24 -15.39 -5.69
C ALA K 32 0.59 -14.58 -6.66
N LEU K 33 0.11 -14.43 -7.88
CA LEU K 33 0.80 -13.56 -8.84
C LEU K 33 0.95 -12.11 -8.33
N LEU K 34 0.15 -11.74 -7.34
CA LEU K 34 0.19 -10.40 -6.77
C LEU K 34 1.33 -10.25 -5.75
N ALA K 35 1.76 -11.38 -5.18
CA ALA K 35 2.67 -11.37 -4.04
C ALA K 35 4.11 -11.03 -4.44
N GLU K 36 4.77 -10.22 -3.62
CA GLU K 36 6.14 -9.83 -3.89
C GLU K 36 7.13 -10.53 -2.96
N GLU K 37 6.62 -11.31 -2.02
CA GLU K 37 7.47 -12.21 -1.25
C GLU K 37 6.93 -13.63 -1.46
N PRO K 38 7.76 -14.64 -1.16
CA PRO K 38 7.37 -16.05 -1.33
C PRO K 38 6.15 -16.42 -0.50
N VAL K 39 5.37 -17.38 -0.99
CA VAL K 39 4.15 -17.77 -0.31
C VAL K 39 3.98 -19.31 -0.31
N GLU K 40 3.37 -19.82 0.76
CA GLU K 40 3.14 -21.26 0.89
C GLU K 40 1.68 -21.55 1.10
N ILE K 41 1.07 -22.30 0.18
CA ILE K 41 -0.32 -22.68 0.34
C ILE K 41 -0.42 -24.13 0.81
N GLN K 42 -1.04 -24.31 1.97
CA GLN K 42 -1.14 -25.63 2.62
C GLN K 42 -2.46 -26.34 2.34
N ASN K 43 -2.42 -27.67 2.44
CA ASN K 43 -3.62 -28.50 2.25
C ASN K 43 -4.17 -28.41 0.84
N VAL K 44 -3.29 -28.39 -0.14
CA VAL K 44 -3.72 -28.37 -1.55
C VAL K 44 -3.94 -29.77 -2.10
N PRO K 45 -5.07 -30.02 -2.73
CA PRO K 45 -5.30 -31.37 -3.18
C PRO K 45 -4.37 -31.67 -4.33
N LYS K 46 -4.18 -32.93 -4.62
CA LYS K 46 -3.37 -33.33 -5.73
C LYS K 46 -4.23 -33.68 -6.90
N LEU K 47 -4.49 -32.69 -7.71
CA LEU K 47 -5.39 -32.80 -8.81
C LEU K 47 -4.74 -32.29 -10.05
N LYS K 48 -5.23 -32.71 -11.19
CA LYS K 48 -4.66 -32.23 -12.43
C LYS K 48 -4.85 -30.72 -12.59
N ASP K 49 -5.96 -30.19 -12.08
CA ASP K 49 -6.25 -28.76 -12.21
C ASP K 49 -5.20 -27.91 -11.47
N VAL K 50 -4.67 -28.43 -10.39
CA VAL K 50 -3.59 -27.75 -9.68
C VAL K 50 -2.30 -27.83 -10.50
N ASP K 51 -2.03 -29.00 -11.08
CA ASP K 51 -0.87 -29.16 -11.96
C ASP K 51 -0.91 -28.11 -13.07
N THR K 52 -2.06 -28.02 -13.75
CA THR K 52 -2.20 -27.11 -14.86
C THR K 52 -1.95 -25.69 -14.43
N SER K 53 -2.42 -25.35 -13.24
CA SER K 53 -2.24 -24.01 -12.70
C SER K 53 -0.75 -23.71 -12.49
N MET K 54 -0.06 -24.67 -11.87
CA MET K 54 1.36 -24.56 -11.58
C MET K 54 2.14 -24.39 -12.87
N LYS K 55 1.84 -25.25 -13.85
CA LYS K 55 2.46 -25.16 -15.15
C LYS K 55 2.31 -23.73 -15.73
N LEU K 56 1.13 -23.12 -15.58
CA LEU K 56 0.91 -21.78 -16.08
C LEU K 56 1.72 -20.76 -15.28
N LEU K 57 1.66 -20.84 -13.95
CA LEU K 57 2.42 -19.92 -13.11
C LEU K 57 3.89 -19.92 -13.48
N SER K 58 4.47 -21.12 -13.51
CA SER K 58 5.85 -21.30 -13.88
C SER K 58 6.16 -20.66 -15.23
N GLN K 59 5.31 -20.94 -16.21
CA GLN K 59 5.45 -20.37 -17.55
C GLN K 59 5.49 -18.84 -17.52
N LEU K 60 4.81 -18.23 -16.56
CA LEU K 60 4.77 -16.77 -16.43
C LEU K 60 6.04 -16.24 -15.78
N GLY K 61 6.82 -17.14 -15.22
CA GLY K 61 8.06 -16.78 -14.58
C GLY K 61 8.11 -16.97 -13.07
N ALA K 62 7.06 -17.54 -12.50
CA ALA K 62 7.08 -17.78 -11.06
C ALA K 62 7.88 -19.04 -10.75
N LYS K 63 8.40 -19.13 -9.53
CA LYS K 63 9.05 -20.33 -9.05
C LYS K 63 8.06 -21.17 -8.26
N VAL K 64 7.78 -22.37 -8.75
CA VAL K 64 6.77 -23.20 -8.14
C VAL K 64 7.27 -24.62 -7.84
N GLU K 65 6.88 -25.13 -6.69
CA GLU K 65 7.24 -26.48 -6.35
C GLU K 65 6.31 -27.03 -5.28
N ARG K 66 5.66 -28.16 -5.56
CA ARG K 66 4.78 -28.76 -4.60
C ARG K 66 5.32 -30.11 -4.26
N ASP K 67 4.79 -30.70 -3.21
CA ASP K 67 5.12 -32.05 -2.90
C ASP K 67 4.14 -32.81 -3.67
N GLY K 68 3.19 -31.27 -0.24
CA GLY K 68 1.98 -31.30 0.53
C GLY K 68 1.41 -29.91 0.52
N SER K 69 2.26 -28.97 0.22
CA SER K 69 1.85 -27.61 0.06
C SER K 69 2.37 -27.20 -1.27
N VAL K 70 1.98 -26.02 -1.70
CA VAL K 70 2.49 -25.50 -2.93
C VAL K 70 3.22 -24.23 -2.63
N HIS K 71 4.49 -24.20 -2.99
CA HIS K 71 5.35 -23.04 -2.77
C HIS K 71 5.43 -22.22 -4.04
N ILE K 72 5.13 -20.93 -3.91
CA ILE K 72 5.15 -20.02 -5.04
C ILE K 72 6.04 -18.80 -4.75
N ASP K 73 6.99 -18.55 -5.65
CA ASP K 73 7.80 -17.33 -5.61
C ASP K 73 7.54 -16.51 -6.87
N ALA K 74 6.82 -15.41 -6.72
CA ALA K 74 6.32 -14.68 -7.89
C ALA K 74 7.05 -13.36 -8.10
N ARG K 75 8.24 -13.24 -7.51
CA ARG K 75 9.00 -12.01 -7.63
C ARG K 75 9.47 -11.79 -9.06
N ASP K 76 9.93 -12.85 -9.71
CA ASP K 76 10.57 -12.70 -11.01
C ASP K 76 9.63 -12.90 -12.18
N VAL K 77 8.33 -12.72 -11.96
CA VAL K 77 7.38 -12.87 -13.07
C VAL K 77 7.71 -11.86 -14.14
N ASN K 78 7.84 -12.32 -15.38
CA ASN K 78 8.34 -11.46 -16.44
C ASN K 78 7.68 -11.70 -17.79
N VAL K 79 6.82 -12.70 -17.86
CA VAL K 79 5.97 -12.87 -19.04
C VAL K 79 4.50 -12.80 -18.60
N PHE K 80 3.64 -12.25 -19.46
CA PHE K 80 2.33 -11.82 -19.04
C PHE K 80 1.18 -12.38 -19.89
N CYS K 81 1.38 -13.56 -20.45
CA CYS K 81 0.38 -14.14 -21.34
C CYS K 81 0.05 -15.57 -20.96
N ALA K 82 -1.25 -15.87 -20.86
CA ALA K 82 -1.72 -17.24 -20.74
C ALA K 82 -2.15 -17.66 -22.13
N PRO K 83 -1.34 -18.53 -22.76
CA PRO K 83 -1.49 -18.94 -24.17
C PRO K 83 -2.65 -19.90 -24.44
N TYR K 84 -3.21 -19.81 -25.63
CA TYR K 84 -4.29 -20.69 -26.06
C TYR K 84 -4.15 -22.14 -25.59
N ASP K 85 -2.97 -22.73 -25.77
CA ASP K 85 -2.77 -24.15 -25.47
C ASP K 85 -3.09 -24.53 -24.03
N LEU K 86 -2.92 -23.60 -23.10
CA LEU K 86 -3.26 -23.89 -21.72
C LEU K 86 -4.72 -23.59 -21.43
N VAL K 87 -5.15 -22.37 -21.76
CA VAL K 87 -6.51 -21.96 -21.47
C VAL K 87 -7.46 -23.02 -21.98
N LYS K 88 -7.20 -23.56 -23.16
CA LYS K 88 -8.16 -24.51 -23.75
C LYS K 88 -8.30 -25.76 -22.90
N THR K 89 -7.29 -26.07 -22.11
CA THR K 89 -7.38 -27.26 -21.27
C THR K 89 -7.97 -26.94 -19.90
N MET K 90 -8.06 -25.66 -19.54
CA MET K 90 -8.66 -25.28 -18.27
C MET K 90 -9.08 -23.80 -18.26
N ARG K 91 -10.37 -23.53 -18.47
CA ARG K 91 -10.81 -22.13 -18.62
C ARG K 91 -10.60 -21.26 -17.41
N ALA K 92 -10.29 -21.87 -16.27
CA ALA K 92 -10.04 -21.09 -15.06
C ALA K 92 -8.77 -20.27 -15.16
N SER K 93 -7.92 -20.63 -16.14
CA SER K 93 -6.71 -19.87 -16.45
C SER K 93 -6.98 -18.39 -16.63
N ILE K 94 -8.20 -18.06 -17.06
CA ILE K 94 -8.62 -16.68 -17.23
C ILE K 94 -8.33 -15.84 -15.97
N TRP K 95 -8.29 -16.49 -14.81
CA TRP K 95 -7.99 -15.82 -13.56
C TRP K 95 -6.60 -15.17 -13.52
N ALA K 96 -5.75 -15.45 -14.49
CA ALA K 96 -4.43 -14.82 -14.54
C ALA K 96 -4.53 -13.34 -14.91
N LEU K 97 -5.49 -13.01 -15.77
CA LEU K 97 -5.68 -11.66 -16.26
C LEU K 97 -5.64 -10.60 -15.18
N GLY K 98 -6.54 -10.72 -14.20
CA GLY K 98 -6.67 -9.70 -13.18
C GLY K 98 -5.39 -9.32 -12.49
N PRO K 99 -4.73 -10.30 -11.84
CA PRO K 99 -3.50 -9.99 -11.09
C PRO K 99 -2.44 -9.36 -11.99
N LEU K 100 -2.26 -9.93 -13.18
CA LEU K 100 -1.27 -9.42 -14.11
C LEU K 100 -1.44 -7.93 -14.40
N VAL K 101 -2.66 -7.51 -14.68
CA VAL K 101 -2.93 -6.13 -15.01
C VAL K 101 -2.80 -5.26 -13.77
N ALA K 102 -3.19 -5.79 -12.62
CA ALA K 102 -3.11 -5.03 -11.38
C ALA K 102 -1.65 -4.71 -11.03
N ARG K 103 -0.79 -5.71 -11.17
CA ARG K 103 0.59 -5.60 -10.72
C ARG K 103 1.57 -5.05 -11.75
N PHE K 104 1.43 -5.47 -13.01
CA PHE K 104 2.42 -5.14 -14.03
C PHE K 104 1.87 -4.18 -15.07
N GLY K 105 0.59 -3.84 -14.97
CA GLY K 105 -0.02 -2.94 -15.92
C GLY K 105 -0.38 -3.52 -17.27
N GLN K 106 -0.13 -4.81 -17.47
CA GLN K 106 -0.52 -5.47 -18.72
C GLN K 106 -0.86 -6.93 -18.49
N GLY K 107 -1.58 -7.53 -19.44
CA GLY K 107 -1.92 -8.93 -19.36
C GLY K 107 -2.65 -9.40 -20.61
N GLN K 108 -2.27 -10.57 -21.11
CA GLN K 108 -2.91 -11.14 -22.28
C GLN K 108 -3.38 -12.55 -21.93
N VAL K 109 -4.68 -12.77 -21.94
CA VAL K 109 -5.22 -14.11 -21.72
C VAL K 109 -6.10 -14.54 -22.88
N SER K 110 -5.95 -15.79 -23.31
CA SER K 110 -6.76 -16.33 -24.39
C SER K 110 -8.25 -16.39 -23.99
N LEU K 111 -9.13 -15.87 -24.86
CA LEU K 111 -10.57 -15.91 -24.62
C LEU K 111 -11.07 -17.35 -24.69
N PRO K 112 -11.67 -17.86 -23.60
CA PRO K 112 -12.15 -19.25 -23.57
C PRO K 112 -13.24 -19.54 -24.60
N GLY K 113 -13.17 -20.70 -25.26
CA GLY K 113 -14.19 -21.12 -26.20
C GLY K 113 -15.35 -21.87 -25.54
N GLY K 114 -15.91 -22.83 -26.25
CA GLY K 114 -17.03 -23.59 -25.76
C GLY K 114 -16.72 -24.61 -24.70
N CYS K 115 -17.72 -24.94 -23.88
CA CYS K 115 -17.63 -25.96 -22.85
C CYS K 115 -18.81 -26.87 -23.07
N THR K 116 -18.71 -28.12 -22.64
CA THR K 116 -19.80 -29.02 -22.85
C THR K 116 -21.02 -28.75 -22.00
N ILE K 117 -20.86 -28.07 -20.90
CA ILE K 117 -21.97 -27.91 -19.97
C ILE K 117 -22.92 -26.74 -20.23
N GLY K 118 -22.54 -25.84 -21.12
CA GLY K 118 -23.39 -24.70 -21.46
C GLY K 118 -22.64 -23.43 -21.82
N ALA K 119 -23.41 -22.35 -22.02
CA ALA K 119 -22.82 -21.05 -22.32
C ALA K 119 -22.00 -20.53 -21.13
N ARG K 120 -20.76 -20.14 -21.37
CA ARG K 120 -19.90 -19.67 -20.30
C ARG K 120 -19.06 -18.42 -20.64
N PRO K 121 -19.74 -17.34 -21.04
CA PRO K 121 -19.09 -16.07 -21.41
C PRO K 121 -18.40 -15.47 -20.20
N VAL K 122 -17.44 -14.57 -20.46
CA VAL K 122 -16.66 -13.92 -19.41
C VAL K 122 -16.77 -12.40 -19.50
N ASP K 123 -17.88 -11.94 -20.07
CA ASP K 123 -18.20 -10.52 -20.18
C ASP K 123 -18.09 -9.76 -18.84
N LEU K 124 -18.51 -10.39 -17.75
CA LEU K 124 -18.44 -9.77 -16.43
C LEU K 124 -17.00 -9.53 -15.93
N HIS K 125 -16.07 -10.42 -16.27
CA HIS K 125 -14.69 -10.25 -15.93
C HIS K 125 -14.13 -9.03 -16.66
N ILE K 126 -14.33 -9.01 -17.97
CA ILE K 126 -13.87 -7.90 -18.79
C ILE K 126 -14.43 -6.57 -18.31
N SER K 127 -15.75 -6.49 -18.22
CA SER K 127 -16.45 -5.29 -17.79
C SER K 127 -15.99 -4.77 -16.42
N GLY K 128 -15.79 -5.68 -15.48
CA GLY K 128 -15.28 -5.34 -14.17
C GLY K 128 -13.93 -4.65 -14.24
N LEU K 129 -13.06 -5.18 -15.10
CA LEU K 129 -11.71 -4.64 -15.22
C LEU K 129 -11.71 -3.28 -15.91
N GLU K 130 -12.58 -3.11 -16.91
CA GLU K 130 -12.69 -1.85 -17.60
C GLU K 130 -13.17 -0.80 -16.61
N GLN K 131 -14.06 -1.24 -15.73
CA GLN K 131 -14.66 -0.34 -14.76
C GLN K 131 -13.60 0.11 -13.75
N LEU K 132 -12.57 -0.71 -13.59
CA LEU K 132 -11.47 -0.38 -12.70
C LEU K 132 -10.38 0.43 -13.42
N GLY K 133 -10.65 0.86 -14.64
CA GLY K 133 -9.71 1.71 -15.37
C GLY K 133 -8.86 1.03 -16.43
N ALA K 134 -9.01 -0.28 -16.60
CA ALA K 134 -8.26 -1.00 -17.62
C ALA K 134 -8.81 -0.73 -19.02
N THR K 135 -7.92 -0.77 -20.01
CA THR K 135 -8.32 -0.75 -21.40
C THR K 135 -8.22 -2.19 -21.92
N ILE K 136 -9.27 -2.66 -22.57
CA ILE K 136 -9.26 -4.05 -23.03
C ILE K 136 -9.60 -4.17 -24.49
N LYS K 137 -8.76 -4.89 -25.24
CA LYS K 137 -9.06 -5.22 -26.64
C LYS K 137 -8.85 -6.69 -26.93
N LEU K 138 -9.45 -7.15 -28.02
CA LEU K 138 -9.38 -8.55 -28.41
C LEU K 138 -8.70 -8.71 -29.75
N GLU K 139 -7.48 -9.22 -29.74
CA GLU K 139 -6.81 -9.56 -31.02
C GLU K 139 -6.21 -10.95 -31.03
N GLU K 140 -6.37 -11.64 -32.16
CA GLU K 140 -5.85 -13.00 -32.33
C GLU K 140 -6.43 -13.96 -31.28
N GLY K 141 -7.64 -13.66 -30.82
CA GLY K 141 -8.28 -14.49 -29.81
C GLY K 141 -7.82 -14.22 -28.39
N TYR K 142 -6.94 -13.24 -28.21
CA TYR K 142 -6.47 -12.91 -26.88
C TYR K 142 -7.15 -11.66 -26.34
N VAL K 143 -7.63 -11.74 -25.10
CA VAL K 143 -8.07 -10.52 -24.43
C VAL K 143 -6.85 -9.84 -23.86
N LYS K 144 -6.54 -8.67 -24.42
CA LYS K 144 -5.35 -7.94 -24.03
C LYS K 144 -5.72 -6.71 -23.21
N ALA K 145 -5.28 -6.70 -21.95
CA ALA K 145 -5.60 -5.64 -21.01
C ALA K 145 -4.37 -4.82 -20.65
N SER K 146 -4.58 -3.53 -20.43
CA SER K 146 -3.48 -2.62 -20.09
C SER K 146 -3.97 -1.43 -19.31
N VAL K 147 -3.11 -0.90 -18.46
CA VAL K 147 -3.42 0.32 -17.73
C VAL K 147 -2.17 1.19 -17.52
N ASP K 148 -2.30 2.48 -17.80
CA ASP K 148 -1.22 3.43 -17.54
C ASP K 148 -1.13 3.72 -16.04
N GLY K 149 -0.15 3.14 -15.38
CA GLY K 149 -0.05 3.25 -13.93
C GLY K 149 -0.83 2.13 -13.27
N ARG K 150 -1.56 2.51 -12.24
CA ARG K 150 -2.42 1.58 -11.58
C ARG K 150 -3.86 1.85 -11.82
N LEU K 151 -4.62 0.82 -11.47
CA LEU K 151 -6.04 0.79 -11.50
C LEU K 151 -6.61 1.71 -10.47
N LYS K 152 -7.91 1.89 -10.51
CA LYS K 152 -8.53 2.77 -9.59
C LYS K 152 -9.81 2.22 -9.03
N GLY K 153 -9.95 2.22 -7.73
CA GLY K 153 -11.14 1.71 -7.11
C GLY K 153 -12.39 2.31 -7.67
N ALA K 154 -13.45 1.52 -7.74
CA ALA K 154 -14.75 1.95 -8.29
C ALA K 154 -15.92 1.23 -7.62
N HIS K 155 -17.12 1.78 -7.83
CA HIS K 155 -18.34 1.14 -7.33
C HIS K 155 -18.93 0.27 -8.44
N ILE K 156 -18.79 -1.04 -8.29
CA ILE K 156 -19.16 -1.95 -9.36
C ILE K 156 -20.36 -2.82 -8.99
N VAL K 157 -21.45 -2.64 -9.71
CA VAL K 157 -22.66 -3.40 -9.46
C VAL K 157 -22.80 -4.53 -10.46
N MET K 158 -22.73 -5.76 -9.98
CA MET K 158 -22.68 -6.90 -10.89
C MET K 158 -24.03 -7.30 -11.49
N ASP K 159 -24.09 -7.35 -12.82
CA ASP K 159 -25.31 -7.68 -13.52
C ASP K 159 -25.94 -8.98 -13.04
N LYS K 160 -25.12 -10.02 -12.93
CA LYS K 160 -25.59 -11.25 -12.36
C LYS K 160 -24.55 -11.83 -11.43
N VAL K 161 -24.93 -12.89 -10.72
CA VAL K 161 -24.05 -13.48 -9.74
C VAL K 161 -23.03 -14.40 -10.39
N SER K 162 -21.75 -14.10 -10.20
CA SER K 162 -20.68 -14.88 -10.79
C SER K 162 -19.47 -15.09 -9.87
N VAL K 163 -19.14 -16.34 -9.58
CA VAL K 163 -17.97 -16.67 -8.79
C VAL K 163 -16.71 -16.14 -9.46
N GLY K 164 -16.56 -16.44 -10.75
CA GLY K 164 -15.33 -16.11 -11.45
C GLY K 164 -15.05 -14.62 -11.52
N ALA K 165 -16.04 -13.84 -11.94
CA ALA K 165 -15.87 -12.40 -12.05
C ALA K 165 -15.69 -11.72 -10.68
N THR K 166 -16.43 -12.18 -9.67
CA THR K 166 -16.24 -11.65 -8.32
C THR K 166 -14.77 -11.82 -7.88
N VAL K 167 -14.21 -13.00 -8.11
CA VAL K 167 -12.82 -13.24 -7.80
C VAL K 167 -11.89 -12.35 -8.63
N THR K 168 -12.15 -12.22 -9.93
CA THR K 168 -11.32 -11.39 -10.79
C THR K 168 -11.25 -9.96 -10.27
N ILE K 169 -12.40 -9.37 -10.03
CA ILE K 169 -12.43 -7.99 -9.59
C ILE K 169 -11.84 -7.81 -8.20
N MET K 170 -12.26 -8.67 -7.28
CA MET K 170 -11.76 -8.57 -5.92
C MET K 170 -10.22 -8.56 -5.89
N CYS K 171 -9.61 -9.48 -6.62
CA CYS K 171 -8.16 -9.59 -6.66
C CYS K 171 -7.48 -8.37 -7.28
N ALA K 172 -7.99 -7.93 -8.42
CA ALA K 172 -7.41 -6.79 -9.11
C ALA K 172 -7.47 -5.53 -8.23
N ALA K 173 -8.55 -5.39 -7.48
CA ALA K 173 -8.77 -4.18 -6.69
C ALA K 173 -7.77 -4.03 -5.55
N THR K 174 -7.20 -5.13 -5.09
CA THR K 174 -6.31 -5.09 -3.94
C THR K 174 -5.09 -4.19 -4.15
N LEU K 175 -4.77 -3.90 -5.41
CA LEU K 175 -3.61 -3.05 -5.76
C LEU K 175 -4.04 -1.80 -6.52
N ALA K 176 -5.29 -1.40 -6.37
CA ALA K 176 -5.77 -0.21 -7.05
C ALA K 176 -5.69 1.02 -6.15
N GLU K 177 -5.91 2.19 -6.73
CA GLU K 177 -5.94 3.44 -5.96
C GLU K 177 -7.31 3.66 -5.38
N GLY K 178 -7.41 3.57 -4.07
CA GLY K 178 -8.65 3.90 -3.39
C GLY K 178 -9.51 2.69 -3.13
N THR K 179 -10.81 2.93 -2.98
CA THR K 179 -11.75 1.90 -2.56
C THR K 179 -12.63 1.37 -3.68
N THR K 180 -12.69 0.05 -3.76
CA THR K 180 -13.61 -0.62 -4.68
C THR K 180 -14.73 -1.27 -3.87
N ILE K 181 -15.95 -1.17 -4.38
CA ILE K 181 -17.12 -1.83 -3.78
C ILE K 181 -17.84 -2.68 -4.81
N ILE K 182 -17.93 -3.97 -4.51
CA ILE K 182 -18.58 -4.94 -5.39
C ILE K 182 -19.97 -5.25 -4.87
N GLU K 183 -20.98 -4.87 -5.64
CA GLU K 183 -22.38 -5.10 -5.29
C GLU K 183 -22.93 -6.32 -6.02
N ASN K 184 -23.71 -7.13 -5.30
CA ASN K 184 -24.28 -8.36 -5.83
C ASN K 184 -23.21 -9.41 -6.06
N ALA K 185 -22.25 -9.45 -5.15
CA ALA K 185 -21.11 -10.36 -5.21
C ALA K 185 -21.53 -11.79 -4.93
N ALA K 186 -20.77 -12.74 -5.45
CA ALA K 186 -21.01 -14.13 -5.15
C ALA K 186 -20.55 -14.37 -3.72
N ARG K 187 -21.24 -15.27 -3.00
CA ARG K 187 -20.95 -15.52 -1.59
C ARG K 187 -20.29 -16.88 -1.32
N GLU K 188 -19.88 -17.58 -2.37
CA GLU K 188 -19.27 -18.91 -2.23
C GLU K 188 -18.16 -18.95 -1.16
N PRO K 189 -18.11 -20.03 -0.37
CA PRO K 189 -17.08 -20.17 0.67
C PRO K 189 -15.69 -19.97 0.11
N GLU K 190 -15.47 -20.39 -1.14
CA GLU K 190 -14.15 -20.28 -1.75
C GLU K 190 -13.72 -18.83 -1.99
N ILE K 191 -14.70 -17.96 -2.17
CA ILE K 191 -14.43 -16.55 -2.34
C ILE K 191 -13.97 -15.97 -1.01
N VAL K 192 -14.53 -16.50 0.07
CA VAL K 192 -14.18 -16.08 1.42
C VAL K 192 -12.73 -16.47 1.69
N ASP K 193 -12.41 -17.73 1.41
CA ASP K 193 -11.06 -18.24 1.61
C ASP K 193 -10.06 -17.39 0.79
N THR K 194 -10.39 -17.09 -0.45
CA THR K 194 -9.54 -16.30 -1.31
C THR K 194 -9.30 -14.93 -0.72
N ALA K 195 -10.36 -14.31 -0.20
CA ALA K 195 -10.24 -13.00 0.43
C ALA K 195 -9.36 -13.06 1.69
N ASN K 196 -9.53 -14.12 2.50
CA ASN K 196 -8.72 -14.29 3.70
C ASN K 196 -7.22 -14.53 3.43
N PHE K 197 -6.91 -15.21 2.34
CA PHE K 197 -5.53 -15.34 1.86
C PHE K 197 -4.98 -13.96 1.44
N LEU K 198 -5.74 -13.22 0.64
CA LEU K 198 -5.34 -11.87 0.26
C LEU K 198 -5.03 -10.97 1.45
N ILE K 199 -5.90 -11.01 2.48
CA ILE K 199 -5.70 -10.19 3.67
C ILE K 199 -4.40 -10.58 4.33
N THR K 200 -4.13 -11.88 4.33
CA THR K 200 -2.91 -12.43 4.91
C THR K 200 -1.67 -11.83 4.26
N LEU K 201 -1.77 -11.49 2.98
CA LEU K 201 -0.64 -10.89 2.26
C LEU K 201 -0.56 -9.38 2.50
N GLY K 202 -1.54 -8.84 3.22
CA GLY K 202 -1.57 -7.41 3.50
C GLY K 202 -2.65 -6.64 2.76
N ALA K 203 -3.61 -7.34 2.17
CA ALA K 203 -4.72 -6.68 1.51
C ALA K 203 -5.76 -6.23 2.53
N LYS K 204 -6.61 -5.28 2.14
CA LYS K 204 -7.67 -4.80 3.02
C LYS K 204 -9.05 -5.09 2.41
N ILE K 205 -9.68 -6.17 2.87
CA ILE K 205 -10.96 -6.62 2.34
C ILE K 205 -11.97 -6.85 3.44
N SER K 206 -13.22 -6.46 3.19
CA SER K 206 -14.30 -6.69 4.14
C SER K 206 -15.59 -7.01 3.39
N GLY K 207 -16.43 -7.83 4.03
CA GLY K 207 -17.73 -8.17 3.47
C GLY K 207 -17.78 -9.49 2.71
N GLN K 208 -16.64 -10.16 2.59
CA GLN K 208 -16.60 -11.47 1.93
C GLN K 208 -17.63 -12.45 2.53
N GLY K 209 -18.37 -13.11 1.67
CA GLY K 209 -19.41 -14.01 2.12
C GLY K 209 -20.75 -13.32 2.12
N THR K 210 -20.73 -12.01 1.86
CA THR K 210 -21.97 -11.26 1.75
C THR K 210 -22.04 -10.71 0.34
N ASP K 211 -23.17 -10.08 0.01
CA ASP K 211 -23.36 -9.56 -1.34
C ASP K 211 -22.53 -8.30 -1.61
N ARG K 212 -21.91 -7.75 -0.57
CA ARG K 212 -21.15 -6.53 -0.71
C ARG K 212 -19.72 -6.67 -0.21
N ILE K 213 -18.76 -6.62 -1.12
CA ILE K 213 -17.33 -6.70 -0.77
C ILE K 213 -16.64 -5.34 -0.93
N VAL K 214 -15.91 -4.92 0.10
CA VAL K 214 -15.19 -3.65 0.09
C VAL K 214 -13.69 -3.90 0.09
N ILE K 215 -13.01 -3.36 -0.92
CA ILE K 215 -11.56 -3.48 -1.03
C ILE K 215 -10.89 -2.12 -0.97
N GLU K 216 -9.97 -1.99 -0.05
CA GLU K 216 -9.17 -0.79 0.03
C GLU K 216 -7.78 -1.03 -0.49
N GLY K 217 -7.47 -0.40 -1.61
CA GLY K 217 -6.20 -0.59 -2.29
C GLY K 217 -4.98 -0.31 -1.43
N VAL K 218 -3.96 -1.17 -1.57
CA VAL K 218 -2.67 -0.92 -0.96
C VAL K 218 -1.65 -0.91 -2.09
N GLU K 219 -0.41 -0.50 -1.82
CA GLU K 219 0.53 -0.30 -2.91
C GLU K 219 1.32 -1.55 -3.27
N ARG K 220 1.41 -2.50 -2.33
CA ARG K 220 2.04 -3.78 -2.60
C ARG K 220 1.67 -4.86 -1.59
N LEU K 221 1.74 -6.11 -2.04
CA LEU K 221 1.39 -7.25 -1.22
C LEU K 221 2.62 -8.12 -0.97
N GLY K 222 2.68 -8.69 0.22
CA GLY K 222 3.82 -9.50 0.60
C GLY K 222 3.67 -11.00 0.37
N GLY K 223 4.14 -11.79 1.33
CA GLY K 223 4.07 -13.24 1.22
C GLY K 223 3.43 -13.79 2.47
N GLY K 224 3.54 -15.10 2.70
CA GLY K 224 3.02 -15.69 3.91
C GLY K 224 2.62 -17.15 3.77
N VAL K 225 1.90 -17.64 4.76
CA VAL K 225 1.43 -19.02 4.75
C VAL K 225 -0.07 -19.09 4.99
N TYR K 226 -0.76 -19.92 4.20
CA TYR K 226 -2.21 -20.04 4.30
C TYR K 226 -2.71 -21.47 4.03
N ARG K 227 -3.65 -21.93 4.85
CA ARG K 227 -4.27 -23.24 4.67
C ARG K 227 -5.66 -23.16 4.01
N VAL K 228 -5.84 -23.91 2.94
CA VAL K 228 -7.09 -23.93 2.17
C VAL K 228 -8.19 -24.69 2.89
N LEU K 229 -9.41 -24.19 2.83
CA LEU K 229 -10.52 -24.83 3.54
C LEU K 229 -10.92 -26.18 2.89
N PRO K 230 -11.73 -26.99 3.60
CA PRO K 230 -12.09 -28.30 3.05
C PRO K 230 -12.98 -28.17 1.84
N ASP K 231 -12.94 -29.17 0.97
CA ASP K 231 -13.76 -29.21 -0.23
C ASP K 231 -15.19 -29.70 0.01
N ARG K 232 -16.15 -28.78 -0.03
CA ARG K 232 -17.56 -29.12 0.21
C ARG K 232 -18.16 -30.07 -0.81
N ILE K 233 -17.68 -29.99 -2.05
CA ILE K 233 -18.16 -30.87 -3.11
C ILE K 233 -17.68 -32.33 -2.92
N GLU K 234 -16.41 -32.49 -2.57
CA GLU K 234 -15.94 -33.84 -2.26
C GLU K 234 -16.74 -34.37 -1.07
N THR K 235 -16.95 -33.52 -0.07
CA THR K 235 -17.68 -33.90 1.13
C THR K 235 -19.06 -34.41 0.77
N GLY K 236 -19.75 -33.65 -0.06
CA GLY K 236 -21.09 -34.02 -0.49
C GLY K 236 -21.09 -35.31 -1.26
N THR K 237 -20.06 -35.51 -2.06
CA THR K 237 -20.03 -36.67 -2.94
C THR K 237 -20.00 -37.93 -2.11
N PHE K 238 -19.18 -37.91 -1.06
CA PHE K 238 -19.06 -39.10 -0.22
C PHE K 238 -20.28 -39.32 0.68
N LEU K 239 -20.84 -38.23 1.19
CA LEU K 239 -22.10 -38.31 1.94
C LEU K 239 -23.17 -38.98 1.07
N VAL K 240 -23.21 -38.62 -0.20
CA VAL K 240 -24.16 -39.20 -1.14
C VAL K 240 -23.83 -40.68 -1.43
N ALA K 241 -22.53 -40.98 -1.53
CA ALA K 241 -22.08 -42.36 -1.71
C ALA K 241 -22.67 -43.27 -0.62
N ALA K 242 -22.68 -42.76 0.62
CA ALA K 242 -23.19 -43.54 1.72
C ALA K 242 -24.70 -43.67 1.63
N ALA K 243 -25.35 -42.54 1.38
CA ALA K 243 -26.82 -42.49 1.34
C ALA K 243 -27.46 -43.39 0.28
N ILE K 244 -26.75 -43.66 -0.82
CA ILE K 244 -27.33 -44.47 -1.91
C ILE K 244 -27.01 -45.94 -1.77
N SER K 245 -25.98 -46.25 -1.00
CA SER K 245 -25.59 -47.63 -0.77
C SER K 245 -26.16 -48.18 0.54
N ARG K 246 -27.07 -47.44 1.16
CA ARG K 246 -27.67 -47.81 2.44
C ARG K 246 -26.58 -48.02 3.49
N GLY K 247 -25.52 -47.24 3.40
CA GLY K 247 -24.36 -47.39 4.26
C GLY K 247 -24.29 -46.37 5.39
N LYS K 248 -23.07 -46.10 5.86
CA LYS K 248 -22.78 -45.21 6.97
C LYS K 248 -21.38 -44.64 6.95
N ILE K 249 -21.26 -43.35 7.20
CA ILE K 249 -19.97 -42.71 6.97
C ILE K 249 -19.66 -41.55 7.91
N ILE K 250 -18.37 -41.40 8.21
CA ILE K 250 -17.89 -40.20 8.87
C ILE K 250 -16.91 -39.48 7.95
N CYS K 251 -17.13 -38.19 7.77
CA CYS K 251 -16.21 -37.37 7.02
C CYS K 251 -15.35 -36.55 7.97
N ARG K 252 -14.03 -36.71 7.86
CA ARG K 252 -13.08 -36.01 8.71
C ARG K 252 -12.45 -34.84 7.97
N ASN K 253 -12.07 -33.80 8.73
CA ASN K 253 -11.52 -32.56 8.16
C ASN K 253 -12.55 -31.85 7.30
N ALA K 254 -13.76 -31.73 7.83
CA ALA K 254 -14.88 -31.10 7.11
C ALA K 254 -15.20 -29.74 7.70
N GLN K 255 -16.00 -28.97 6.98
CA GLN K 255 -16.47 -27.69 7.50
C GLN K 255 -17.96 -27.56 7.25
N PRO K 256 -18.78 -28.09 8.18
CA PRO K 256 -20.22 -28.26 8.03
C PRO K 256 -20.99 -27.00 7.66
N ASP K 257 -20.60 -25.83 8.17
CA ASP K 257 -21.38 -24.61 7.88
C ASP K 257 -21.37 -24.27 6.39
N THR K 258 -20.64 -25.09 5.65
CA THR K 258 -20.40 -24.91 4.24
C THR K 258 -21.43 -25.68 3.40
N LEU K 259 -22.19 -26.56 4.06
CA LEU K 259 -23.05 -27.53 3.38
C LEU K 259 -24.51 -27.53 3.83
N ASP K 260 -25.00 -26.40 4.33
CA ASP K 260 -26.35 -26.36 4.89
C ASP K 260 -27.40 -26.95 3.96
N ALA K 261 -27.51 -26.41 2.75
CA ALA K 261 -28.49 -26.86 1.78
C ALA K 261 -28.40 -28.38 1.48
N VAL K 262 -27.17 -28.86 1.26
CA VAL K 262 -26.94 -30.27 0.96
C VAL K 262 -27.35 -31.18 2.12
N LEU K 263 -26.99 -30.79 3.34
CA LEU K 263 -27.31 -31.62 4.49
C LEU K 263 -28.81 -31.68 4.67
N ALA K 264 -29.48 -30.55 4.46
CA ALA K 264 -30.93 -30.48 4.62
C ALA K 264 -31.63 -31.39 3.64
N LYS K 265 -31.12 -31.40 2.42
CA LYS K 265 -31.72 -32.23 1.39
C LYS K 265 -31.54 -33.71 1.71
N LEU K 266 -30.36 -34.10 2.21
CA LEU K 266 -30.09 -35.47 2.60
C LEU K 266 -31.07 -35.93 3.69
N ARG K 267 -31.33 -35.07 4.68
CA ARG K 267 -32.32 -35.42 5.71
C ARG K 267 -33.68 -35.69 5.08
N ASP K 268 -34.10 -34.86 4.14
CA ASP K 268 -35.37 -35.05 3.43
C ASP K 268 -35.35 -36.39 2.70
N ALA K 269 -34.17 -36.88 2.36
CA ALA K 269 -34.08 -38.16 1.66
C ALA K 269 -34.08 -39.30 2.66
N GLY K 270 -34.04 -38.96 3.94
CA GLY K 270 -34.16 -39.94 4.99
C GLY K 270 -32.89 -40.25 5.77
N ALA K 271 -31.86 -39.44 5.60
CA ALA K 271 -30.60 -39.73 6.28
C ALA K 271 -30.57 -39.18 7.70
N ASP K 272 -29.78 -39.85 8.55
CA ASP K 272 -29.59 -39.45 9.94
C ASP K 272 -28.21 -38.79 10.04
N ILE K 273 -28.21 -37.47 10.23
CA ILE K 273 -26.97 -36.70 10.12
C ILE K 273 -26.61 -35.95 11.40
N GLU K 274 -25.36 -36.09 11.82
CA GLU K 274 -24.82 -35.30 12.93
C GLU K 274 -23.56 -34.58 12.49
N VAL K 275 -23.33 -33.41 13.07
CA VAL K 275 -22.14 -32.65 12.72
C VAL K 275 -21.31 -32.28 13.95
N GLY K 276 -19.98 -32.36 13.81
CA GLY K 276 -19.07 -31.84 14.82
C GLY K 276 -18.55 -30.50 14.36
N GLU K 277 -17.39 -30.10 14.86
CA GLU K 277 -16.83 -28.85 14.42
C GLU K 277 -16.01 -29.05 13.15
N ASP K 278 -15.57 -30.28 12.92
CA ASP K 278 -14.78 -30.60 11.72
C ASP K 278 -15.08 -32.01 11.21
N TRP K 279 -16.27 -32.50 11.50
CA TRP K 279 -16.71 -33.80 10.98
C TRP K 279 -18.21 -33.80 10.65
N ILE K 280 -18.62 -34.70 9.77
CA ILE K 280 -20.01 -34.94 9.50
C ILE K 280 -20.23 -36.45 9.51
N SER K 281 -21.32 -36.89 10.14
CA SER K 281 -21.67 -38.29 10.09
C SER K 281 -23.02 -38.46 9.42
N LEU K 282 -23.18 -39.57 8.72
CA LEU K 282 -24.44 -39.88 8.06
C LEU K 282 -24.77 -41.36 8.24
N ASP K 283 -26.00 -41.64 8.66
CA ASP K 283 -26.48 -43.01 8.81
C ASP K 283 -27.81 -43.25 8.12
N MET K 284 -27.87 -44.27 7.27
CA MET K 284 -29.10 -44.60 6.57
C MET K 284 -29.92 -45.64 7.34
N HIS K 285 -29.29 -46.27 8.32
CA HIS K 285 -29.93 -47.33 9.09
C HIS K 285 -30.56 -48.35 8.14
N GLY K 286 -29.80 -48.73 7.13
CA GLY K 286 -30.20 -49.78 6.21
C GLY K 286 -31.29 -49.40 5.25
N LYS K 287 -31.75 -48.15 5.36
CA LYS K 287 -32.88 -47.68 4.56
C LYS K 287 -32.49 -47.26 3.15
N ARG K 288 -33.43 -47.44 2.22
CA ARG K 288 -33.33 -46.87 0.90
C ARG K 288 -33.82 -45.41 0.96
N PRO K 289 -33.15 -44.50 0.24
CA PRO K 289 -33.44 -43.05 0.30
C PRO K 289 -34.79 -42.67 -0.31
N LYS K 290 -35.37 -41.58 0.18
CA LYS K 290 -36.66 -41.11 -0.33
C LYS K 290 -36.42 -40.01 -1.36
N ALA K 291 -37.23 -39.97 -2.41
CA ALA K 291 -37.05 -39.00 -3.49
C ALA K 291 -37.11 -37.57 -2.97
N VAL K 292 -36.32 -36.68 -3.53
CA VAL K 292 -36.37 -35.27 -3.15
C VAL K 292 -36.49 -34.35 -4.38
N ASN K 293 -36.84 -33.09 -4.13
CA ASN K 293 -36.86 -32.08 -5.17
C ASN K 293 -35.80 -31.01 -4.93
N VAL K 294 -35.07 -30.66 -5.98
CA VAL K 294 -33.93 -29.76 -5.83
C VAL K 294 -33.90 -28.68 -6.90
N ARG K 295 -33.50 -27.48 -6.48
CA ARG K 295 -33.25 -26.40 -7.42
C ARG K 295 -31.86 -25.80 -7.17
N THR K 296 -30.96 -25.90 -8.15
CA THR K 296 -29.61 -25.35 -8.02
C THR K 296 -29.66 -23.84 -8.09
N ALA K 297 -28.74 -23.18 -7.39
CA ALA K 297 -28.58 -21.73 -7.48
C ALA K 297 -27.30 -21.37 -6.75
N PRO K 298 -26.88 -20.08 -6.83
CA PRO K 298 -25.63 -19.66 -6.17
C PRO K 298 -25.71 -19.86 -4.66
N HIS K 299 -24.54 -20.06 -4.05
CA HIS K 299 -24.42 -20.23 -2.62
C HIS K 299 -25.19 -19.13 -1.87
N PRO K 300 -25.82 -19.47 -0.73
CA PRO K 300 -25.73 -20.75 -0.03
C PRO K 300 -26.84 -21.72 -0.41
N ALA K 301 -27.48 -21.51 -1.55
CA ALA K 301 -28.43 -22.48 -2.10
C ALA K 301 -27.74 -23.76 -2.50
N PHE K 302 -28.51 -24.73 -2.98
CA PHE K 302 -27.96 -26.03 -3.39
C PHE K 302 -27.08 -25.82 -4.62
N PRO K 303 -25.83 -26.35 -4.59
CA PRO K 303 -24.79 -26.14 -5.62
C PRO K 303 -24.94 -27.01 -6.88
N THR K 304 -24.75 -26.39 -8.04
CA THR K 304 -24.74 -27.14 -9.30
C THR K 304 -23.70 -28.29 -9.26
N ASP K 305 -22.57 -28.07 -8.60
CA ASP K 305 -21.55 -29.14 -8.51
C ASP K 305 -22.00 -30.39 -7.75
N MET K 306 -23.19 -30.35 -7.13
CA MET K 306 -23.74 -31.51 -6.45
C MET K 306 -24.96 -32.08 -7.17
N GLN K 307 -25.36 -31.41 -8.23
CA GLN K 307 -26.58 -31.79 -8.97
C GLN K 307 -26.61 -33.21 -9.55
N ALA K 308 -25.53 -33.65 -10.18
CA ALA K 308 -25.50 -34.97 -10.78
C ALA K 308 -25.53 -36.07 -9.71
N GLN K 309 -24.83 -35.84 -8.60
CA GLN K 309 -24.85 -36.78 -7.49
C GLN K 309 -26.27 -36.98 -6.94
N PHE K 310 -27.01 -35.88 -6.80
CA PHE K 310 -28.36 -35.98 -6.28
C PHE K 310 -29.33 -36.52 -7.30
N THR K 311 -28.98 -36.37 -8.57
CA THR K 311 -29.76 -37.03 -9.62
C THR K 311 -29.67 -38.55 -9.46
N LEU K 312 -28.46 -39.03 -9.20
CA LEU K 312 -28.26 -40.47 -8.97
C LEU K 312 -29.07 -40.94 -7.76
N LEU K 313 -28.97 -40.19 -6.66
CA LEU K 313 -29.73 -40.51 -5.47
C LEU K 313 -31.19 -40.72 -5.82
N ASN K 314 -31.79 -39.73 -6.48
CA ASN K 314 -33.19 -39.83 -6.90
C ASN K 314 -33.47 -41.02 -7.79
N LEU K 315 -32.49 -41.42 -8.61
CA LEU K 315 -32.74 -42.49 -9.58
C LEU K 315 -32.84 -43.87 -8.93
N VAL K 316 -32.34 -43.99 -7.71
CA VAL K 316 -32.40 -45.24 -6.95
C VAL K 316 -33.23 -45.08 -5.70
N ALA K 317 -34.04 -44.03 -5.65
CA ALA K 317 -34.80 -43.69 -4.45
C ALA K 317 -36.24 -44.18 -4.54
N GLU K 318 -36.97 -44.02 -3.45
CA GLU K 318 -38.37 -44.38 -3.41
C GLU K 318 -39.19 -43.17 -3.87
N GLY K 319 -39.90 -43.33 -4.98
CA GLY K 319 -40.74 -42.28 -5.52
C GLY K 319 -40.21 -41.47 -6.70
N THR K 320 -40.85 -40.34 -6.96
CA THR K 320 -40.47 -39.47 -8.05
C THR K 320 -39.95 -38.16 -7.50
N GLY K 321 -38.81 -37.70 -8.02
CA GLY K 321 -38.27 -36.42 -7.63
C GLY K 321 -37.75 -35.67 -8.83
N PHE K 322 -37.76 -34.34 -8.77
CA PHE K 322 -37.21 -33.58 -9.86
C PHE K 322 -36.07 -32.70 -9.42
N ILE K 323 -35.16 -32.46 -10.36
CA ILE K 323 -34.03 -31.58 -10.15
C ILE K 323 -34.01 -30.51 -11.22
N THR K 324 -34.07 -29.26 -10.79
CA THR K 324 -34.00 -28.13 -11.70
C THR K 324 -32.67 -27.41 -11.61
N GLU K 325 -32.08 -27.15 -12.76
CA GLU K 325 -30.78 -26.52 -12.84
C GLU K 325 -30.95 -25.06 -13.31
N THR K 326 -30.53 -24.09 -12.49
CA THR K 326 -30.62 -22.68 -12.89
C THR K 326 -29.26 -22.03 -13.15
N VAL K 327 -28.18 -22.76 -12.88
CA VAL K 327 -26.87 -22.19 -13.07
C VAL K 327 -26.27 -22.60 -14.39
N PHE K 328 -26.26 -23.90 -14.66
CA PHE K 328 -25.81 -24.40 -15.94
C PHE K 328 -26.92 -25.23 -16.55
N GLU K 329 -27.73 -24.61 -17.39
CA GLU K 329 -28.97 -25.22 -17.85
C GLU K 329 -28.83 -26.46 -18.77
N ASN K 330 -27.63 -26.74 -19.28
CA ASN K 330 -27.43 -27.93 -20.12
C ASN K 330 -26.54 -28.96 -19.47
N ARG K 331 -26.50 -28.98 -18.14
CA ARG K 331 -25.56 -29.85 -17.43
C ARG K 331 -26.22 -31.18 -17.05
N PHE K 332 -26.51 -32.00 -18.06
CA PHE K 332 -27.27 -33.24 -17.84
C PHE K 332 -26.73 -34.47 -18.57
N MET K 333 -25.51 -34.40 -19.08
CA MET K 333 -24.96 -35.56 -19.81
C MET K 333 -24.88 -36.84 -18.98
N HIS K 334 -24.78 -36.70 -17.67
CA HIS K 334 -24.78 -37.86 -16.80
C HIS K 334 -26.08 -38.65 -16.93
N VAL K 335 -27.18 -37.98 -17.25
CA VAL K 335 -28.49 -38.65 -17.27
C VAL K 335 -28.58 -39.79 -18.28
N PRO K 336 -28.28 -39.52 -19.55
CA PRO K 336 -28.33 -40.61 -20.54
C PRO K 336 -27.41 -41.76 -20.18
N GLU K 337 -26.25 -41.48 -19.58
CA GLU K 337 -25.32 -42.53 -19.18
C GLU K 337 -25.96 -43.42 -18.10
N LEU K 338 -26.57 -42.78 -17.11
CA LEU K 338 -27.22 -43.52 -16.04
C LEU K 338 -28.36 -44.34 -16.62
N SER K 339 -28.93 -43.85 -17.72
CA SER K 339 -29.99 -44.58 -18.41
C SER K 339 -29.47 -45.89 -19.00
N ARG K 340 -28.21 -45.92 -19.42
CA ARG K 340 -27.60 -47.15 -19.90
C ARG K 340 -27.58 -48.19 -18.77
N MET K 341 -27.60 -47.71 -17.54
CA MET K 341 -27.49 -48.58 -16.38
C MET K 341 -28.86 -48.93 -15.80
N GLY K 342 -29.91 -48.59 -16.55
CA GLY K 342 -31.26 -48.91 -16.16
C GLY K 342 -32.05 -47.82 -15.45
N ALA K 343 -31.48 -46.62 -15.29
CA ALA K 343 -32.20 -45.55 -14.58
C ALA K 343 -33.36 -45.06 -15.43
N HIS K 344 -34.39 -44.53 -14.77
CA HIS K 344 -35.58 -44.03 -15.47
C HIS K 344 -35.74 -42.54 -15.28
N ALA K 345 -35.44 -41.75 -16.32
CA ALA K 345 -35.52 -40.30 -16.21
C ALA K 345 -35.97 -39.64 -17.51
N GLU K 346 -36.61 -38.49 -17.39
CA GLU K 346 -36.78 -37.66 -18.57
C GLU K 346 -36.31 -36.25 -18.30
N ILE K 347 -35.86 -35.58 -19.35
CA ILE K 347 -35.39 -34.20 -19.24
C ILE K 347 -36.36 -33.28 -19.95
N GLU K 348 -37.01 -32.42 -19.18
CA GLU K 348 -37.88 -31.40 -19.75
C GLU K 348 -37.22 -30.05 -19.58
N SER K 349 -36.72 -29.49 -20.68
CA SER K 349 -36.04 -28.20 -20.59
C SER K 349 -34.86 -28.30 -19.62
N ASN K 350 -34.91 -27.56 -18.52
CA ASN K 350 -33.82 -27.61 -17.58
C ASN K 350 -34.17 -28.31 -16.26
N THR K 351 -35.13 -29.22 -16.33
CA THR K 351 -35.47 -30.06 -15.21
C THR K 351 -35.37 -31.57 -15.58
N VAL K 352 -34.73 -32.36 -14.72
CA VAL K 352 -34.79 -33.81 -14.89
C VAL K 352 -35.80 -34.43 -13.93
N ILE K 353 -36.73 -35.18 -14.50
CA ILE K 353 -37.74 -35.87 -13.73
C ILE K 353 -37.36 -37.33 -13.54
N CYS K 354 -37.19 -37.71 -12.28
CA CYS K 354 -36.63 -39.01 -11.95
C CYS K 354 -37.68 -39.93 -11.37
N HIS K 355 -37.66 -41.18 -11.80
CA HIS K 355 -38.49 -42.21 -11.19
C HIS K 355 -37.60 -43.32 -10.66
N GLY K 356 -37.42 -43.34 -9.35
CA GLY K 356 -36.49 -44.27 -8.70
C GLY K 356 -36.75 -45.75 -8.97
N VAL K 357 -35.67 -46.45 -9.31
CA VAL K 357 -35.70 -47.89 -9.37
C VAL K 357 -34.93 -48.50 -8.22
N GLU K 358 -35.16 -49.79 -8.05
CA GLU K 358 -34.73 -50.58 -6.89
C GLU K 358 -33.22 -50.84 -6.98
N LYS K 359 -32.74 -51.17 -8.17
CA LYS K 359 -31.32 -51.36 -8.39
C LYS K 359 -30.90 -51.16 -9.85
N LEU K 360 -29.68 -50.67 -10.06
CA LEU K 360 -29.14 -50.44 -11.40
C LEU K 360 -28.31 -51.62 -11.89
N SER K 361 -28.05 -51.65 -13.19
CA SER K 361 -27.25 -52.70 -13.81
C SER K 361 -25.96 -52.15 -14.40
N GLY K 362 -24.84 -52.84 -14.17
CA GLY K 362 -23.56 -52.43 -14.73
C GLY K 362 -23.56 -52.31 -16.26
N ALA K 363 -22.75 -51.37 -16.76
CA ALA K 363 -22.62 -51.13 -18.19
C ALA K 363 -21.39 -50.26 -18.46
N GLN K 364 -21.08 -50.05 -19.73
CA GLN K 364 -19.98 -49.18 -20.09
C GLN K 364 -20.52 -47.77 -20.22
N VAL K 365 -19.89 -46.83 -19.51
CA VAL K 365 -20.32 -45.45 -19.52
C VAL K 365 -19.15 -44.51 -19.69
N MET K 366 -19.45 -43.29 -20.15
CA MET K 366 -18.41 -42.34 -20.48
C MET K 366 -18.46 -41.06 -19.64
N ALA K 367 -17.37 -40.75 -18.95
CA ALA K 367 -17.26 -39.52 -18.19
C ALA K 367 -16.96 -38.33 -19.14
N THR K 368 -17.42 -37.13 -18.76
CA THR K 368 -17.18 -35.92 -19.56
C THR K 368 -17.02 -34.68 -18.70
N ASP K 369 -17.40 -34.77 -17.42
CA ASP K 369 -17.52 -33.59 -16.56
C ASP K 369 -16.70 -33.74 -15.28
N LEU K 370 -15.73 -32.84 -15.15
CA LEU K 370 -14.88 -32.73 -13.99
C LEU K 370 -15.44 -33.00 -12.60
N ARG K 371 -16.70 -32.62 -12.35
CA ARG K 371 -17.29 -33.01 -11.06
C ARG K 371 -18.44 -33.97 -11.26
N ALA K 372 -19.30 -33.65 -12.22
CA ALA K 372 -20.54 -34.38 -12.38
C ALA K 372 -20.34 -35.88 -12.65
N SER K 373 -19.29 -36.25 -13.37
CA SER K 373 -19.06 -37.66 -13.78
C SER K 373 -18.68 -38.60 -12.64
N ALA K 374 -18.32 -38.03 -11.49
CA ALA K 374 -18.10 -38.81 -10.29
C ALA K 374 -19.35 -39.64 -10.02
N SER K 375 -20.49 -39.13 -10.45
CA SER K 375 -21.72 -39.85 -10.18
C SER K 375 -21.73 -41.21 -10.90
N LEU K 376 -21.01 -41.32 -12.02
CA LEU K 376 -20.97 -42.56 -12.77
C LEU K 376 -20.18 -43.60 -11.98
N VAL K 377 -19.12 -43.15 -11.33
CA VAL K 377 -18.32 -44.03 -10.50
C VAL K 377 -19.17 -44.51 -9.35
N LEU K 378 -19.88 -43.58 -8.71
CA LEU K 378 -20.78 -43.91 -7.61
C LEU K 378 -21.82 -44.92 -8.07
N ALA K 379 -22.39 -44.71 -9.24
CA ALA K 379 -23.38 -45.64 -9.75
C ALA K 379 -22.79 -47.02 -9.86
N GLY K 380 -21.54 -47.08 -10.33
CA GLY K 380 -20.87 -48.35 -10.50
C GLY K 380 -20.77 -49.14 -9.19
N CYS K 381 -20.55 -48.42 -8.10
CA CYS K 381 -20.43 -49.03 -6.79
C CYS K 381 -21.68 -49.74 -6.32
N ILE K 382 -22.85 -49.23 -6.71
CA ILE K 382 -24.10 -49.81 -6.25
C ILE K 382 -24.85 -50.63 -7.31
N ALA K 383 -24.38 -50.62 -8.55
CA ALA K 383 -25.07 -51.35 -9.60
C ALA K 383 -24.82 -52.86 -9.50
N GLU K 384 -25.68 -53.63 -10.16
CA GLU K 384 -25.54 -55.07 -10.16
C GLU K 384 -24.57 -55.51 -11.27
N GLY K 385 -23.35 -55.89 -10.87
CA GLY K 385 -22.38 -56.42 -11.83
C GLY K 385 -21.17 -55.54 -12.09
N THR K 386 -20.78 -55.47 -13.36
CA THR K 386 -19.57 -54.74 -13.73
C THR K 386 -19.83 -53.49 -14.55
N THR K 387 -19.28 -52.37 -14.08
CA THR K 387 -19.40 -51.11 -14.77
C THR K 387 -18.00 -50.68 -15.18
N VAL K 388 -17.84 -50.26 -16.43
CA VAL K 388 -16.58 -49.67 -16.89
C VAL K 388 -16.79 -48.17 -17.18
N VAL K 389 -16.12 -47.32 -16.41
CA VAL K 389 -16.20 -45.88 -16.64
C VAL K 389 -15.01 -45.42 -17.47
N ASP K 390 -15.29 -45.11 -18.73
CA ASP K 390 -14.25 -44.72 -19.69
C ASP K 390 -13.85 -43.25 -19.46
N ARG K 391 -12.60 -42.93 -19.78
CA ARG K 391 -12.22 -41.53 -19.97
C ARG K 391 -12.18 -40.75 -18.65
N ILE K 392 -11.67 -41.39 -17.60
CA ILE K 392 -11.68 -40.81 -16.26
C ILE K 392 -10.67 -39.68 -16.02
N TYR K 393 -9.93 -39.28 -17.04
CA TYR K 393 -8.99 -38.18 -16.85
C TYR K 393 -9.77 -36.94 -16.42
N HIS K 394 -11.02 -36.83 -16.87
CA HIS K 394 -11.90 -35.76 -16.40
C HIS K 394 -11.99 -35.79 -14.87
N ILE K 395 -12.24 -36.96 -14.32
CA ILE K 395 -12.40 -37.08 -12.88
C ILE K 395 -11.11 -36.77 -12.16
N ASP K 396 -9.98 -37.08 -12.80
CA ASP K 396 -8.67 -36.79 -12.25
C ASP K 396 -8.40 -35.31 -12.09
N ARG K 397 -9.12 -34.48 -12.83
CA ARG K 397 -8.95 -33.03 -12.68
C ARG K 397 -9.65 -32.56 -11.41
N GLY K 398 -10.63 -33.33 -10.96
CA GLY K 398 -11.58 -32.86 -9.96
C GLY K 398 -11.48 -33.47 -8.58
N TYR K 399 -11.00 -34.70 -8.48
CA TYR K 399 -10.97 -35.36 -7.19
C TYR K 399 -9.59 -35.95 -6.95
N GLU K 400 -9.07 -35.81 -5.73
CA GLU K 400 -7.78 -36.40 -5.37
C GLU K 400 -7.91 -37.90 -5.05
N ARG K 401 -7.46 -38.73 -6.00
CA ARG K 401 -7.41 -40.18 -5.80
C ARG K 401 -8.73 -40.76 -5.28
N ILE K 402 -9.77 -40.63 -6.09
CA ILE K 402 -11.10 -41.03 -5.66
C ILE K 402 -11.21 -42.53 -5.46
N GLU K 403 -10.46 -43.32 -6.22
CA GLU K 403 -10.55 -44.79 -6.09
C GLU K 403 -9.99 -45.30 -4.75
N ASP K 404 -8.99 -44.61 -4.22
CA ASP K 404 -8.41 -45.01 -2.95
C ASP K 404 -9.40 -44.77 -1.81
N LYS K 405 -10.04 -43.61 -1.82
CA LYS K 405 -11.03 -43.30 -0.80
C LYS K 405 -12.26 -44.20 -0.88
N LEU K 406 -12.69 -44.53 -2.09
CA LEU K 406 -13.85 -45.38 -2.29
C LEU K 406 -13.57 -46.81 -1.83
N ARG K 407 -12.37 -47.28 -2.12
CA ARG K 407 -11.97 -48.64 -1.77
C ARG K 407 -11.89 -48.75 -0.26
N ALA K 408 -11.40 -47.70 0.40
CA ALA K 408 -11.36 -47.70 1.87
C ALA K 408 -12.77 -47.71 2.47
N LEU K 409 -13.79 -47.60 1.63
CA LEU K 409 -15.17 -47.61 2.10
C LEU K 409 -15.84 -48.92 1.69
N GLY K 410 -15.05 -49.79 1.10
CA GLY K 410 -15.51 -51.10 0.73
C GLY K 410 -15.72 -51.26 -0.74
N ALA K 411 -15.28 -50.28 -1.50
CA ALA K 411 -15.55 -50.21 -2.92
C ALA K 411 -14.69 -51.18 -3.66
N ASN K 412 -15.27 -51.84 -4.65
CA ASN K 412 -14.56 -52.79 -5.46
C ASN K 412 -14.18 -52.14 -6.79
N ILE K 413 -13.03 -51.50 -6.83
CA ILE K 413 -12.73 -50.64 -7.93
C ILE K 413 -11.28 -50.65 -8.43
N GLU K 414 -11.08 -50.67 -9.74
CA GLU K 414 -9.73 -50.80 -10.26
C GLU K 414 -9.45 -49.85 -11.43
N ARG K 415 -8.24 -49.31 -11.45
CA ARG K 415 -7.82 -48.40 -12.51
C ARG K 415 -7.01 -49.15 -13.56
N VAL K 416 -7.56 -49.29 -14.76
CA VAL K 416 -6.85 -50.01 -15.84
C VAL K 416 -6.38 -49.09 -16.98
N LYS K 417 -5.44 -49.58 -17.79
CA LYS K 417 -4.83 -48.77 -18.87
C LYS K 417 -5.17 -49.21 -20.30
N GLY K 418 -6.42 -49.64 -20.53
CA GLY K 418 -6.85 -50.14 -21.83
C GLY K 418 -6.48 -49.22 -22.99
N MET L 1 -4.21 -35.75 -35.38
CA MET L 1 -5.14 -34.63 -35.23
C MET L 1 -5.03 -33.64 -36.36
N ASP L 2 -5.75 -33.90 -37.45
CA ASP L 2 -5.78 -33.00 -38.59
C ASP L 2 -6.38 -31.64 -38.22
N LYS L 3 -5.97 -30.60 -38.94
CA LYS L 3 -6.45 -29.24 -38.74
C LYS L 3 -6.66 -28.59 -40.09
N PHE L 4 -7.49 -27.56 -40.12
CA PHE L 4 -7.56 -26.71 -41.30
C PHE L 4 -6.88 -25.40 -40.97
N ARG L 5 -5.93 -25.00 -41.79
CA ARG L 5 -5.41 -23.65 -41.73
C ARG L 5 -6.09 -22.82 -42.82
N VAL L 6 -6.67 -21.69 -42.44
CA VAL L 6 -7.45 -20.89 -43.37
C VAL L 6 -6.92 -19.46 -43.42
N GLN L 7 -6.84 -18.92 -44.64
CA GLN L 7 -6.34 -17.56 -44.86
C GLN L 7 -7.44 -16.71 -45.48
N GLY L 8 -7.71 -15.56 -44.86
CA GLY L 8 -8.74 -14.65 -45.35
C GLY L 8 -8.32 -13.21 -45.16
N PRO L 9 -9.18 -12.26 -45.58
CA PRO L 9 -10.50 -12.55 -46.18
C PRO L 9 -10.38 -13.01 -47.63
N THR L 10 -11.44 -13.68 -48.09
CA THR L 10 -11.48 -14.26 -49.41
C THR L 10 -12.95 -14.27 -49.85
N LYS L 11 -13.21 -13.93 -51.10
CA LYS L 11 -14.58 -13.91 -51.59
C LYS L 11 -14.95 -15.20 -52.31
N LEU L 12 -15.91 -15.94 -51.76
CA LEU L 12 -16.25 -17.24 -52.34
C LEU L 12 -17.23 -17.05 -53.49
N GLN L 13 -16.81 -17.51 -54.67
CA GLN L 13 -17.69 -17.44 -55.84
C GLN L 13 -17.33 -18.54 -56.85
N GLY L 14 -18.27 -18.83 -57.74
CA GLY L 14 -18.08 -19.91 -58.68
C GLY L 14 -19.25 -20.87 -58.59
N GLU L 15 -18.98 -22.17 -58.79
CA GLU L 15 -20.00 -23.18 -58.60
C GLU L 15 -19.52 -24.39 -57.81
N VAL L 16 -20.46 -25.23 -57.42
CA VAL L 16 -20.18 -26.42 -56.64
C VAL L 16 -21.20 -27.51 -56.98
N THR L 17 -20.75 -28.76 -56.98
CA THR L 17 -21.66 -29.88 -57.20
C THR L 17 -22.05 -30.51 -55.87
N ILE L 18 -23.35 -30.59 -55.63
CA ILE L 18 -23.86 -31.14 -54.38
C ILE L 18 -23.74 -32.67 -54.30
N SER L 19 -23.13 -33.17 -53.22
CA SER L 19 -23.10 -34.61 -52.97
C SER L 19 -24.45 -35.16 -52.51
N GLY L 20 -24.55 -36.49 -52.45
CA GLY L 20 -25.77 -37.14 -51.96
C GLY L 20 -25.99 -36.92 -50.47
N ALA L 21 -27.25 -36.98 -50.04
CA ALA L 21 -27.60 -36.69 -48.66
C ALA L 21 -27.04 -37.73 -47.70
N LYS L 22 -26.09 -37.30 -46.87
CA LYS L 22 -25.54 -38.10 -45.78
C LYS L 22 -26.64 -38.74 -44.96
N ASN L 23 -27.68 -37.96 -44.66
CA ASN L 23 -28.78 -38.45 -43.81
C ASN L 23 -29.88 -39.19 -44.56
N ALA L 24 -29.68 -39.41 -45.85
CA ALA L 24 -30.52 -40.36 -46.57
C ALA L 24 -29.72 -41.67 -46.72
N ALA L 25 -28.46 -41.51 -47.10
CA ALA L 25 -27.57 -42.64 -47.23
C ALA L 25 -27.66 -43.53 -45.98
N LEU L 26 -27.51 -42.91 -44.80
CA LEU L 26 -27.46 -43.68 -43.54
C LEU L 26 -28.67 -44.54 -43.26
N PRO L 27 -29.88 -43.97 -43.30
CA PRO L 27 -31.06 -44.80 -43.05
C PRO L 27 -31.23 -45.91 -44.13
N ILE L 28 -30.86 -45.58 -45.37
CA ILE L 28 -30.99 -46.53 -46.47
C ILE L 28 -30.04 -47.72 -46.31
N LEU L 29 -28.77 -47.45 -46.10
CA LEU L 29 -27.84 -48.51 -45.75
C LEU L 29 -28.34 -49.47 -44.66
N PHE L 30 -29.04 -48.96 -43.63
CA PHE L 30 -29.53 -49.81 -42.55
C PHE L 30 -30.81 -50.53 -42.95
N ALA L 31 -31.61 -49.90 -43.82
CA ALA L 31 -32.81 -50.54 -44.36
C ALA L 31 -32.43 -51.73 -45.27
N ALA L 32 -31.24 -51.69 -45.84
CA ALA L 32 -30.73 -52.79 -46.65
C ALA L 32 -30.69 -54.12 -45.87
N LEU L 33 -30.56 -54.06 -44.56
CA LEU L 33 -30.56 -55.28 -43.76
C LEU L 33 -31.85 -56.09 -43.99
N LEU L 34 -32.88 -55.44 -44.51
CA LEU L 34 -34.14 -56.12 -44.78
C LEU L 34 -34.09 -56.91 -46.09
N ALA L 35 -33.15 -56.55 -46.95
CA ALA L 35 -33.12 -57.00 -48.34
C ALA L 35 -32.65 -58.41 -48.51
N GLU L 36 -33.53 -59.27 -49.02
CA GLU L 36 -33.19 -60.66 -49.27
C GLU L 36 -31.98 -60.76 -50.20
N GLU L 37 -31.67 -59.67 -50.87
CA GLU L 37 -30.54 -59.63 -51.80
C GLU L 37 -30.96 -59.14 -53.18
N PRO L 38 -30.22 -58.18 -53.72
CA PRO L 38 -29.07 -57.62 -53.02
C PRO L 38 -29.16 -56.18 -53.49
N VAL L 39 -28.18 -55.28 -53.34
CA VAL L 39 -28.67 -53.95 -53.60
C VAL L 39 -27.53 -52.97 -53.84
N GLU L 40 -27.79 -51.98 -54.69
CA GLU L 40 -26.79 -50.97 -55.01
C GLU L 40 -27.35 -49.58 -54.74
N ILE L 41 -26.69 -48.86 -53.84
CA ILE L 41 -27.05 -47.48 -53.54
C ILE L 41 -26.11 -46.49 -54.23
N GLN L 42 -26.70 -45.62 -55.06
CA GLN L 42 -25.90 -44.71 -55.89
C GLN L 42 -25.83 -43.30 -55.30
N ASN L 43 -24.80 -42.56 -55.69
CA ASN L 43 -24.63 -41.17 -55.27
C ASN L 43 -24.46 -41.06 -53.76
N VAL L 44 -23.65 -41.94 -53.19
CA VAL L 44 -23.40 -41.91 -51.75
C VAL L 44 -22.17 -41.09 -51.46
N PRO L 45 -22.29 -40.11 -50.55
CA PRO L 45 -21.15 -39.24 -50.21
C PRO L 45 -20.02 -40.01 -49.52
N LYS L 46 -18.79 -39.59 -49.75
CA LYS L 46 -17.66 -40.23 -49.09
C LYS L 46 -17.41 -39.54 -47.77
N LEU L 47 -18.07 -40.05 -46.74
CA LEU L 47 -18.09 -39.48 -45.40
C LEU L 47 -17.72 -40.55 -44.39
N LYS L 48 -17.09 -40.15 -43.30
CA LYS L 48 -16.78 -41.12 -42.26
C LYS L 48 -18.02 -41.84 -41.71
N ASP L 49 -19.17 -41.15 -41.68
CA ASP L 49 -20.41 -41.76 -41.18
C ASP L 49 -20.87 -42.93 -42.07
N VAL L 50 -20.59 -42.85 -43.36
CA VAL L 50 -20.86 -43.95 -44.29
C VAL L 50 -19.90 -45.11 -44.01
N ASP L 51 -18.63 -44.78 -43.84
CA ASP L 51 -17.66 -45.79 -43.44
C ASP L 51 -18.12 -46.57 -42.21
N THR L 52 -18.45 -45.84 -41.16
CA THR L 52 -18.87 -46.46 -39.90
C THR L 52 -20.08 -47.33 -40.11
N SER L 53 -21.02 -46.88 -40.94
CA SER L 53 -22.18 -47.71 -41.25
C SER L 53 -21.76 -49.03 -41.91
N MET L 54 -20.88 -48.91 -42.91
CA MET L 54 -20.43 -50.07 -43.68
C MET L 54 -19.75 -51.05 -42.73
N LYS L 55 -18.88 -50.53 -41.90
CA LYS L 55 -18.20 -51.36 -40.94
C LYS L 55 -19.21 -52.12 -40.13
N LEU L 56 -20.27 -51.47 -39.70
CA LEU L 56 -21.26 -52.16 -38.88
C LEU L 56 -21.98 -53.24 -39.67
N LEU L 57 -22.41 -52.90 -40.88
CA LEU L 57 -23.12 -53.84 -41.74
C LEU L 57 -22.29 -55.12 -41.93
N SER L 58 -21.04 -54.91 -42.34
CA SER L 58 -20.10 -56.00 -42.54
C SER L 58 -20.02 -56.86 -41.28
N GLN L 59 -19.83 -56.20 -40.14
CA GLN L 59 -19.72 -56.88 -38.85
C GLN L 59 -20.95 -57.76 -38.59
N LEU L 60 -22.10 -57.34 -39.12
CA LEU L 60 -23.33 -58.12 -38.92
C LEU L 60 -23.39 -59.32 -39.86
N GLY L 61 -22.48 -59.35 -40.83
CA GLY L 61 -22.41 -60.43 -41.80
C GLY L 61 -22.81 -60.07 -43.21
N ALA L 62 -23.06 -58.80 -43.49
CA ALA L 62 -23.39 -58.41 -44.85
C ALA L 62 -22.11 -58.27 -45.66
N LYS L 63 -22.24 -58.41 -46.99
CA LYS L 63 -21.14 -58.16 -47.90
C LYS L 63 -21.23 -56.74 -48.45
N VAL L 64 -20.21 -55.94 -48.15
CA VAL L 64 -20.25 -54.52 -48.47
C VAL L 64 -18.99 -54.05 -49.19
N GLU L 65 -19.14 -53.31 -50.26
CA GLU L 65 -17.94 -52.72 -50.80
C GLU L 65 -18.27 -51.43 -51.45
N ARG L 66 -17.27 -50.57 -51.51
CA ARG L 66 -17.47 -49.16 -51.69
C ARG L 66 -16.96 -48.60 -52.98
N ASP L 67 -17.79 -47.75 -53.58
CA ASP L 67 -17.52 -47.08 -54.83
C ASP L 67 -16.58 -45.91 -54.69
N GLY L 68 -19.01 -44.79 -56.60
CA GLY L 68 -19.99 -43.80 -56.93
C GLY L 68 -21.21 -44.34 -56.22
N SER L 69 -21.15 -45.63 -55.91
CA SER L 69 -22.24 -46.32 -55.25
C SER L 69 -21.79 -47.26 -54.18
N VAL L 70 -22.74 -47.80 -53.45
CA VAL L 70 -22.41 -48.73 -52.38
C VAL L 70 -23.11 -50.05 -52.64
N HIS L 71 -22.38 -51.15 -52.52
CA HIS L 71 -22.98 -52.45 -52.83
C HIS L 71 -23.13 -53.22 -51.53
N ILE L 72 -24.36 -53.70 -51.30
CA ILE L 72 -24.67 -54.44 -50.08
C ILE L 72 -25.36 -55.75 -50.40
N ASP L 73 -24.79 -56.84 -49.88
CA ASP L 73 -25.39 -58.16 -49.99
C ASP L 73 -25.70 -58.62 -48.57
N ALA L 74 -27.00 -58.62 -48.32
CA ALA L 74 -27.59 -58.66 -47.01
C ALA L 74 -28.24 -59.98 -46.68
N ARG L 75 -27.80 -61.05 -47.32
CA ARG L 75 -28.47 -62.30 -47.06
C ARG L 75 -27.69 -63.20 -46.15
N ASP L 76 -26.38 -63.04 -46.12
CA ASP L 76 -25.57 -63.82 -45.20
C ASP L 76 -25.56 -63.25 -43.79
N VAL L 77 -26.53 -62.40 -43.45
CA VAL L 77 -26.47 -61.76 -42.14
C VAL L 77 -26.74 -62.82 -41.08
N ASN L 78 -25.83 -62.92 -40.11
CA ASN L 78 -25.90 -63.99 -39.13
C ASN L 78 -25.51 -63.58 -37.71
N VAL L 79 -25.10 -62.34 -37.55
CA VAL L 79 -24.95 -61.78 -36.20
C VAL L 79 -25.88 -60.58 -36.05
N PHE L 80 -26.40 -60.37 -34.85
CA PHE L 80 -27.52 -59.46 -34.66
C PHE L 80 -27.31 -58.40 -33.58
N CYS L 81 -26.05 -57.99 -33.38
CA CYS L 81 -25.70 -57.05 -32.34
C CYS L 81 -24.86 -55.88 -32.85
N ALA L 82 -25.28 -54.67 -32.53
CA ALA L 82 -24.44 -53.49 -32.75
C ALA L 82 -23.76 -53.14 -31.43
N PRO L 83 -22.47 -53.44 -31.32
CA PRO L 83 -21.72 -53.39 -30.06
C PRO L 83 -21.39 -51.97 -29.60
N TYR L 84 -21.21 -51.82 -28.29
CA TYR L 84 -20.90 -50.54 -27.66
C TYR L 84 -19.85 -49.75 -28.42
N ASP L 85 -18.74 -50.39 -28.73
CA ASP L 85 -17.57 -49.73 -29.29
C ASP L 85 -17.88 -49.07 -30.59
N LEU L 86 -19.04 -49.34 -31.10
CA LEU L 86 -19.35 -48.78 -32.38
C LEU L 86 -20.38 -47.71 -32.27
N VAL L 87 -21.51 -48.02 -31.65
CA VAL L 87 -22.55 -47.04 -31.46
C VAL L 87 -22.00 -45.83 -30.73
N LYS L 88 -21.10 -46.03 -29.80
CA LYS L 88 -20.56 -44.83 -29.14
C LYS L 88 -19.94 -43.84 -30.12
N THR L 89 -19.49 -44.32 -31.28
CA THR L 89 -18.84 -43.44 -32.25
C THR L 89 -19.86 -42.86 -33.24
N MET L 90 -21.06 -43.42 -33.27
CA MET L 90 -22.13 -42.92 -34.12
C MET L 90 -23.52 -43.42 -33.69
N ARG L 91 -24.24 -42.63 -32.91
CA ARG L 91 -25.53 -43.07 -32.36
C ARG L 91 -26.61 -43.45 -33.40
N ALA L 92 -26.37 -43.15 -34.68
CA ALA L 92 -27.32 -43.55 -35.72
C ALA L 92 -27.32 -45.08 -35.93
N SER L 93 -26.26 -45.73 -35.46
CA SER L 93 -26.22 -47.20 -35.40
C SER L 93 -27.50 -47.81 -34.85
N ILE L 94 -28.19 -47.07 -34.00
CA ILE L 94 -29.41 -47.56 -33.36
C ILE L 94 -30.37 -48.03 -34.45
N TRP L 95 -30.15 -47.55 -35.67
CA TRP L 95 -31.06 -47.86 -36.77
C TRP L 95 -31.01 -49.31 -37.19
N ALA L 96 -30.02 -50.03 -36.69
CA ALA L 96 -29.92 -51.46 -36.96
C ALA L 96 -31.06 -52.25 -36.29
N LEU L 97 -31.45 -51.81 -35.09
CA LEU L 97 -32.40 -52.55 -34.28
C LEU L 97 -33.65 -52.96 -35.06
N GLY L 98 -34.35 -51.98 -35.63
CA GLY L 98 -35.60 -52.25 -36.32
C GLY L 98 -35.55 -53.36 -37.37
N PRO L 99 -34.67 -53.22 -38.38
CA PRO L 99 -34.60 -54.23 -39.43
C PRO L 99 -34.27 -55.62 -38.86
N LEU L 100 -33.29 -55.67 -37.97
CA LEU L 100 -32.91 -56.94 -37.39
C LEU L 100 -34.09 -57.68 -36.77
N VAL L 101 -34.89 -56.98 -35.98
CA VAL L 101 -36.03 -57.61 -35.29
C VAL L 101 -37.11 -57.99 -36.28
N ALA L 102 -37.32 -57.12 -37.27
CA ALA L 102 -38.34 -57.37 -38.30
C ALA L 102 -38.04 -58.65 -39.11
N ARG L 103 -36.77 -58.86 -39.44
CA ARG L 103 -36.38 -59.93 -40.35
C ARG L 103 -35.93 -61.21 -39.67
N PHE L 104 -35.19 -61.09 -38.58
CA PHE L 104 -34.64 -62.26 -37.90
C PHE L 104 -35.28 -62.55 -36.54
N GLY L 105 -36.19 -61.67 -36.11
CA GLY L 105 -36.91 -61.87 -34.87
C GLY L 105 -36.14 -61.51 -33.62
N GLN L 106 -34.90 -61.07 -33.79
CA GLN L 106 -34.09 -60.66 -32.64
C GLN L 106 -33.18 -59.50 -33.02
N GLY L 107 -32.66 -58.81 -32.01
CA GLY L 107 -31.74 -57.71 -32.24
C GLY L 107 -31.24 -57.13 -30.94
N GLN L 108 -29.94 -56.82 -30.90
CA GLN L 108 -29.33 -56.23 -29.72
C GLN L 108 -28.53 -55.01 -30.14
N VAL L 109 -28.98 -53.84 -29.70
CA VAL L 109 -28.23 -52.60 -29.94
C VAL L 109 -27.89 -51.87 -28.65
N SER L 110 -26.64 -51.41 -28.55
CA SER L 110 -26.19 -50.64 -27.41
C SER L 110 -27.00 -49.34 -27.25
N LEU L 111 -27.48 -49.08 -26.03
CA LEU L 111 -28.24 -47.85 -25.76
C LEU L 111 -27.29 -46.67 -25.79
N PRO L 112 -27.57 -45.69 -26.67
CA PRO L 112 -26.69 -44.52 -26.81
C PRO L 112 -26.60 -43.68 -25.54
N GLY L 113 -25.38 -43.26 -25.17
CA GLY L 113 -25.19 -42.36 -24.04
C GLY L 113 -25.40 -40.88 -24.37
N GLY L 114 -24.60 -40.04 -23.74
CA GLY L 114 -24.73 -38.60 -23.86
C GLY L 114 -24.03 -38.01 -25.05
N CYS L 115 -24.57 -36.93 -25.53
CA CYS L 115 -24.06 -36.28 -26.72
C CYS L 115 -23.95 -34.83 -26.41
N THR L 116 -22.99 -34.15 -26.99
CA THR L 116 -22.73 -32.77 -26.62
C THR L 116 -23.83 -31.76 -26.94
N ILE L 117 -24.71 -32.05 -27.85
CA ILE L 117 -25.69 -31.05 -28.30
C ILE L 117 -26.99 -31.03 -27.48
N GLY L 118 -27.17 -32.01 -26.59
CA GLY L 118 -28.33 -31.99 -25.73
C GLY L 118 -28.91 -33.37 -25.47
N ALA L 119 -30.09 -33.41 -24.84
CA ALA L 119 -30.74 -34.67 -24.50
C ALA L 119 -31.21 -35.40 -25.76
N ARG L 120 -30.83 -36.66 -25.90
CA ARG L 120 -31.21 -37.42 -27.09
C ARG L 120 -31.68 -38.83 -26.80
N PRO L 121 -32.75 -38.97 -26.02
CA PRO L 121 -33.32 -40.26 -25.63
C PRO L 121 -33.94 -40.95 -26.85
N VAL L 122 -34.08 -42.28 -26.81
CA VAL L 122 -34.63 -43.04 -27.92
C VAL L 122 -35.90 -43.79 -27.53
N ASP L 123 -36.58 -43.29 -26.50
CA ASP L 123 -37.82 -43.87 -25.99
C ASP L 123 -38.85 -44.16 -27.08
N LEU L 124 -38.92 -43.27 -28.06
CA LEU L 124 -39.89 -43.39 -29.14
C LEU L 124 -39.59 -44.55 -30.07
N HIS L 125 -38.31 -44.84 -30.28
CA HIS L 125 -37.92 -46.01 -31.06
C HIS L 125 -38.41 -47.28 -30.35
N ILE L 126 -38.00 -47.43 -29.09
CA ILE L 126 -38.36 -48.57 -28.27
C ILE L 126 -39.86 -48.75 -28.24
N SER L 127 -40.56 -47.71 -27.82
CA SER L 127 -42.02 -47.77 -27.70
C SER L 127 -42.71 -48.18 -29.02
N GLY L 128 -42.19 -47.69 -30.14
CA GLY L 128 -42.75 -47.99 -31.44
C GLY L 128 -42.66 -49.48 -31.72
N LEU L 129 -41.51 -50.04 -31.39
CA LEU L 129 -41.26 -51.43 -31.64
C LEU L 129 -42.12 -52.32 -30.74
N GLU L 130 -42.29 -51.94 -29.48
CA GLU L 130 -43.12 -52.69 -28.54
C GLU L 130 -44.54 -52.68 -29.04
N GLN L 131 -44.96 -51.55 -29.60
CA GLN L 131 -46.31 -51.38 -30.10
C GLN L 131 -46.52 -52.25 -31.33
N LEU L 132 -45.43 -52.60 -32.01
CA LEU L 132 -45.49 -53.50 -33.15
C LEU L 132 -45.37 -54.97 -32.73
N GLY L 133 -45.45 -55.25 -31.42
CA GLY L 133 -45.41 -56.62 -30.95
C GLY L 133 -44.08 -57.12 -30.43
N ALA L 134 -43.03 -56.30 -30.48
CA ALA L 134 -41.71 -56.70 -29.98
C ALA L 134 -41.65 -56.69 -28.46
N THR L 135 -40.82 -57.56 -27.91
CA THR L 135 -40.55 -57.53 -26.48
C THR L 135 -39.16 -56.93 -26.31
N ILE L 136 -39.03 -55.95 -25.43
CA ILE L 136 -37.77 -55.25 -25.30
C ILE L 136 -37.28 -55.17 -23.85
N LYS L 137 -36.04 -55.59 -23.64
CA LYS L 137 -35.42 -55.45 -22.33
C LYS L 137 -34.00 -54.86 -22.44
N LEU L 138 -33.51 -54.34 -21.32
CA LEU L 138 -32.22 -53.69 -21.29
C LEU L 138 -31.28 -54.41 -20.34
N GLU L 139 -30.26 -55.07 -20.87
CA GLU L 139 -29.26 -55.69 -20.00
C GLU L 139 -27.84 -55.41 -20.48
N GLU L 140 -26.94 -55.15 -19.52
CA GLU L 140 -25.55 -54.81 -19.84
C GLU L 140 -25.42 -53.59 -20.78
N GLY L 141 -26.40 -52.70 -20.73
CA GLY L 141 -26.38 -51.53 -21.58
C GLY L 141 -26.96 -51.77 -22.97
N TYR L 142 -27.42 -52.98 -23.24
CA TYR L 142 -27.95 -53.28 -24.57
C TYR L 142 -29.47 -53.34 -24.55
N VAL L 143 -30.11 -52.67 -25.51
CA VAL L 143 -31.53 -52.86 -25.70
C VAL L 143 -31.73 -54.11 -26.55
N LYS L 144 -32.31 -55.13 -25.92
CA LYS L 144 -32.46 -56.43 -26.55
C LYS L 144 -33.92 -56.64 -26.92
N ALA L 145 -34.17 -56.73 -28.23
CA ALA L 145 -35.51 -56.92 -28.75
C ALA L 145 -35.69 -58.33 -29.31
N SER L 146 -36.91 -58.85 -29.20
CA SER L 146 -37.25 -60.17 -29.72
C SER L 146 -38.74 -60.28 -30.01
N VAL L 147 -39.06 -61.11 -31.00
CA VAL L 147 -40.47 -61.39 -31.32
C VAL L 147 -40.65 -62.82 -31.80
N ASP L 148 -41.67 -63.49 -31.27
CA ASP L 148 -41.99 -64.84 -31.68
C ASP L 148 -42.71 -64.79 -33.02
N GLY L 149 -42.00 -65.11 -34.10
CA GLY L 149 -42.57 -64.97 -35.42
C GLY L 149 -42.28 -63.58 -35.96
N ARG L 150 -43.29 -62.94 -36.54
CA ARG L 150 -43.09 -61.58 -37.07
C ARG L 150 -43.97 -60.53 -36.38
N LEU L 151 -43.60 -59.27 -36.61
CA LEU L 151 -44.30 -58.15 -35.98
C LEU L 151 -45.68 -58.01 -36.59
N LYS L 152 -46.54 -57.29 -35.89
CA LYS L 152 -47.91 -57.07 -36.32
C LYS L 152 -48.17 -55.59 -36.53
N GLY L 153 -48.67 -55.23 -37.71
CA GLY L 153 -49.11 -53.88 -37.98
C GLY L 153 -49.96 -53.30 -36.85
N ALA L 154 -49.80 -52.00 -36.60
CA ALA L 154 -50.54 -51.31 -35.55
C ALA L 154 -50.74 -49.83 -35.89
N HIS L 155 -51.67 -49.21 -35.17
CA HIS L 155 -51.91 -47.78 -35.30
C HIS L 155 -51.09 -47.06 -34.24
N ILE L 156 -50.03 -46.39 -34.67
CA ILE L 156 -49.09 -45.81 -33.74
C ILE L 156 -49.14 -44.30 -33.85
N VAL L 157 -49.52 -43.65 -32.76
CA VAL L 157 -49.54 -42.20 -32.69
C VAL L 157 -48.31 -41.67 -31.96
N MET L 158 -47.46 -40.93 -32.67
CA MET L 158 -46.20 -40.51 -32.07
C MET L 158 -46.33 -39.29 -31.12
N ASP L 159 -45.83 -39.46 -29.91
CA ASP L 159 -45.87 -38.41 -28.89
C ASP L 159 -45.30 -37.09 -29.36
N LYS L 160 -44.12 -37.13 -29.95
CA LYS L 160 -43.54 -35.96 -30.58
C LYS L 160 -42.95 -36.30 -31.94
N VAL L 161 -42.57 -35.28 -32.70
CA VAL L 161 -42.02 -35.49 -34.00
C VAL L 161 -40.56 -35.92 -33.93
N SER L 162 -40.24 -37.07 -34.52
CA SER L 162 -38.86 -37.61 -34.48
C SER L 162 -38.42 -38.29 -35.79
N VAL L 163 -37.36 -37.78 -36.41
CA VAL L 163 -36.88 -38.38 -37.63
C VAL L 163 -36.48 -39.83 -37.37
N GLY L 164 -35.70 -40.03 -36.33
CA GLY L 164 -35.13 -41.34 -36.05
C GLY L 164 -36.18 -42.42 -35.82
N ALA L 165 -37.12 -42.15 -34.93
CA ALA L 165 -38.17 -43.12 -34.61
C ALA L 165 -39.09 -43.38 -35.80
N THR L 166 -39.43 -42.32 -36.54
CA THR L 166 -40.28 -42.48 -37.71
C THR L 166 -39.61 -43.48 -38.66
N VAL L 167 -38.31 -43.33 -38.86
CA VAL L 167 -37.61 -44.26 -39.73
C VAL L 167 -37.59 -45.68 -39.13
N THR L 168 -37.31 -45.80 -37.84
CA THR L 168 -37.28 -47.13 -37.19
C THR L 168 -38.59 -47.89 -37.36
N ILE L 169 -39.69 -47.23 -37.06
CA ILE L 169 -40.97 -47.88 -37.15
C ILE L 169 -41.34 -48.19 -38.59
N MET L 170 -41.15 -47.22 -39.48
CA MET L 170 -41.52 -47.41 -40.87
C MET L 170 -40.84 -48.64 -41.45
N CYS L 171 -39.53 -48.75 -41.22
CA CYS L 171 -38.77 -49.86 -41.75
C CYS L 171 -39.21 -51.19 -41.16
N ALA L 172 -39.42 -51.22 -39.85
CA ALA L 172 -39.78 -52.48 -39.19
C ALA L 172 -41.13 -52.97 -39.69
N ALA L 173 -42.01 -52.04 -39.99
CA ALA L 173 -43.37 -52.39 -40.38
C ALA L 173 -43.44 -53.08 -41.75
N THR L 174 -42.46 -52.83 -42.62
CA THR L 174 -42.52 -53.36 -43.98
C THR L 174 -42.54 -54.87 -44.01
N LEU L 175 -42.16 -55.52 -42.91
CA LEU L 175 -42.19 -56.97 -42.83
C LEU L 175 -43.12 -57.48 -41.73
N ALA L 176 -44.13 -56.68 -41.40
CA ALA L 176 -45.05 -57.08 -40.35
C ALA L 176 -46.33 -57.66 -40.94
N GLU L 177 -47.14 -58.26 -40.08
CA GLU L 177 -48.43 -58.80 -40.50
C GLU L 177 -49.48 -57.71 -40.49
N GLY L 178 -49.92 -57.31 -41.68
CA GLY L 178 -51.00 -56.36 -41.77
C GLY L 178 -50.54 -54.92 -41.97
N THR L 179 -51.41 -53.98 -41.59
CA THR L 179 -51.18 -52.57 -41.84
C THR L 179 -50.76 -51.77 -40.61
N THR L 180 -49.68 -51.02 -40.76
CA THR L 180 -49.25 -50.10 -39.72
C THR L 180 -49.57 -48.68 -40.15
N ILE L 181 -50.06 -47.87 -39.22
CA ILE L 181 -50.28 -46.45 -39.48
C ILE L 181 -49.55 -45.58 -38.46
N ILE L 182 -48.63 -44.75 -38.97
CA ILE L 182 -47.85 -43.83 -38.16
C ILE L 182 -48.46 -42.43 -38.19
N GLU L 183 -48.97 -41.98 -37.05
CA GLU L 183 -49.55 -40.64 -36.92
C GLU L 183 -48.56 -39.66 -36.30
N ASN L 184 -48.56 -38.43 -36.83
CA ASN L 184 -47.63 -37.41 -36.40
C ASN L 184 -46.21 -37.76 -36.81
N ALA L 185 -46.06 -38.32 -38.01
CA ALA L 185 -44.75 -38.70 -38.50
C ALA L 185 -43.90 -37.51 -38.93
N ALA L 186 -42.59 -37.70 -38.96
CA ALA L 186 -41.67 -36.67 -39.40
C ALA L 186 -41.75 -36.60 -40.92
N ARG L 187 -41.66 -35.39 -41.48
CA ARG L 187 -41.81 -35.21 -42.93
C ARG L 187 -40.49 -34.96 -43.68
N GLU L 188 -39.37 -35.13 -43.00
CA GLU L 188 -38.07 -34.84 -43.61
C GLU L 188 -37.90 -35.50 -44.98
N PRO L 189 -37.32 -34.76 -45.94
CA PRO L 189 -37.09 -35.31 -47.29
C PRO L 189 -36.44 -36.69 -47.21
N GLU L 190 -35.52 -36.86 -46.27
CA GLU L 190 -34.74 -38.09 -46.19
C GLU L 190 -35.63 -39.26 -45.85
N ILE L 191 -36.76 -38.95 -45.22
CA ILE L 191 -37.69 -40.00 -44.81
C ILE L 191 -38.45 -40.47 -46.04
N VAL L 192 -38.69 -39.52 -46.94
CA VAL L 192 -39.31 -39.80 -48.21
C VAL L 192 -38.39 -40.70 -49.05
N ASP L 193 -37.13 -40.31 -49.14
CA ASP L 193 -36.15 -41.05 -49.93
C ASP L 193 -36.08 -42.47 -49.40
N THR L 194 -36.07 -42.61 -48.07
CA THR L 194 -35.97 -43.93 -47.43
C THR L 194 -37.17 -44.81 -47.76
N ALA L 195 -38.37 -44.21 -47.68
CA ALA L 195 -39.58 -44.91 -48.10
C ALA L 195 -39.52 -45.35 -49.57
N ASN L 196 -39.08 -44.46 -50.47
CA ASN L 196 -38.98 -44.76 -51.91
C ASN L 196 -38.00 -45.87 -52.22
N PHE L 197 -36.94 -45.98 -51.42
CA PHE L 197 -35.99 -47.08 -51.55
C PHE L 197 -36.68 -48.36 -51.11
N LEU L 198 -37.40 -48.29 -49.99
CA LEU L 198 -38.13 -49.45 -49.49
C LEU L 198 -39.12 -50.00 -50.51
N ILE L 199 -39.91 -49.10 -51.11
CA ILE L 199 -40.90 -49.49 -52.11
C ILE L 199 -40.21 -50.19 -53.28
N THR L 200 -39.06 -49.64 -53.68
CA THR L 200 -38.25 -50.24 -54.73
C THR L 200 -37.91 -51.70 -54.44
N LEU L 201 -37.76 -52.03 -53.17
CA LEU L 201 -37.40 -53.38 -52.84
C LEU L 201 -38.59 -54.29 -52.75
N GLY L 202 -39.79 -53.73 -52.82
CA GLY L 202 -41.00 -54.53 -52.78
C GLY L 202 -41.94 -54.27 -51.61
N ALA L 203 -41.98 -53.04 -51.14
CA ALA L 203 -42.79 -52.75 -49.98
C ALA L 203 -43.81 -51.68 -50.28
N LYS L 204 -44.98 -51.77 -49.67
CA LYS L 204 -46.08 -50.86 -49.95
C LYS L 204 -46.24 -49.73 -48.93
N ILE L 205 -45.69 -48.56 -49.26
CA ILE L 205 -45.77 -47.39 -48.39
C ILE L 205 -46.47 -46.23 -49.05
N SER L 206 -47.42 -45.63 -48.34
CA SER L 206 -48.07 -44.44 -48.82
C SER L 206 -48.13 -43.34 -47.74
N GLY L 207 -47.89 -42.09 -48.11
CA GLY L 207 -48.06 -40.97 -47.19
C GLY L 207 -46.77 -40.31 -46.75
N GLN L 208 -45.63 -40.87 -47.18
CA GLN L 208 -44.32 -40.31 -46.84
C GLN L 208 -44.23 -38.83 -47.22
N GLY L 209 -43.72 -38.02 -46.29
CA GLY L 209 -43.63 -36.59 -46.51
C GLY L 209 -44.86 -35.91 -45.93
N THR L 210 -45.81 -36.71 -45.46
CA THR L 210 -46.95 -36.16 -44.75
C THR L 210 -46.94 -36.69 -43.30
N ASP L 211 -47.84 -36.22 -42.46
CA ASP L 211 -47.84 -36.68 -41.09
C ASP L 211 -48.48 -38.02 -40.89
N ARG L 212 -49.18 -38.53 -41.89
CA ARG L 212 -49.78 -39.87 -41.77
C ARG L 212 -49.11 -40.80 -42.70
N ILE L 213 -48.82 -42.00 -42.24
CA ILE L 213 -47.99 -42.87 -43.02
C ILE L 213 -48.45 -44.29 -42.95
N VAL L 214 -48.64 -44.90 -44.11
CA VAL L 214 -49.31 -46.20 -44.11
C VAL L 214 -48.41 -47.28 -44.72
N ILE L 215 -48.16 -48.32 -43.93
CA ILE L 215 -47.33 -49.43 -44.37
C ILE L 215 -48.14 -50.74 -44.39
N GLU L 216 -48.12 -51.39 -45.54
CA GLU L 216 -48.77 -52.69 -45.75
C GLU L 216 -47.70 -53.78 -45.74
N GLY L 217 -47.71 -54.59 -44.70
CA GLY L 217 -46.69 -55.63 -44.57
C GLY L 217 -46.65 -56.59 -45.75
N VAL L 218 -45.44 -56.94 -46.14
CA VAL L 218 -45.18 -58.02 -47.06
C VAL L 218 -44.46 -59.15 -46.31
N GLU L 219 -43.80 -60.04 -47.04
CA GLU L 219 -43.31 -61.27 -46.45
C GLU L 219 -41.83 -61.33 -46.54
N ARG L 220 -41.34 -60.68 -47.57
CA ARG L 220 -39.93 -60.69 -47.79
C ARG L 220 -39.64 -59.53 -48.71
N LEU L 221 -38.38 -59.15 -48.82
CA LEU L 221 -38.02 -57.97 -49.58
C LEU L 221 -36.78 -58.20 -50.42
N GLY L 222 -36.79 -57.69 -51.65
CA GLY L 222 -35.77 -58.13 -52.59
C GLY L 222 -34.54 -57.26 -52.65
N GLY L 223 -34.02 -57.05 -53.86
CA GLY L 223 -32.88 -56.16 -54.07
C GLY L 223 -33.22 -55.07 -55.05
N GLY L 224 -32.19 -54.39 -55.56
CA GLY L 224 -32.41 -53.40 -56.58
C GLY L 224 -31.40 -52.28 -56.60
N VAL L 225 -31.72 -51.22 -57.36
CA VAL L 225 -30.82 -50.06 -57.46
C VAL L 225 -31.55 -48.75 -57.14
N TYR L 226 -30.92 -47.90 -56.34
CA TYR L 226 -31.54 -46.65 -55.90
C TYR L 226 -30.53 -45.49 -55.77
N ARG L 227 -30.92 -44.31 -56.26
CA ARG L 227 -30.05 -43.15 -56.15
C ARG L 227 -30.54 -42.22 -55.06
N VAL L 228 -29.61 -41.84 -54.17
CA VAL L 228 -29.90 -40.97 -53.03
C VAL L 228 -30.07 -39.51 -53.44
N LEU L 229 -31.09 -38.84 -52.90
CA LEU L 229 -31.34 -37.44 -53.23
C LEU L 229 -30.19 -36.53 -52.77
N PRO L 230 -30.17 -35.27 -53.25
CA PRO L 230 -29.07 -34.35 -52.91
C PRO L 230 -29.14 -33.89 -51.46
N ASP L 231 -28.00 -33.53 -50.90
CA ASP L 231 -27.94 -33.12 -49.50
C ASP L 231 -28.30 -31.63 -49.31
N ARG L 232 -29.49 -31.37 -48.75
CA ARG L 232 -29.96 -29.99 -48.55
C ARG L 232 -29.08 -29.19 -47.57
N ILE L 233 -28.47 -29.88 -46.62
CA ILE L 233 -27.63 -29.21 -45.64
C ILE L 233 -26.34 -28.73 -46.28
N GLU L 234 -25.70 -29.58 -47.08
CA GLU L 234 -24.51 -29.15 -47.79
C GLU L 234 -24.87 -28.02 -48.73
N THR L 235 -26.04 -28.11 -49.36
CA THR L 235 -26.50 -27.06 -50.25
C THR L 235 -26.61 -25.73 -49.51
N GLY L 236 -27.24 -25.76 -48.35
CA GLY L 236 -27.42 -24.55 -47.54
C GLY L 236 -26.08 -23.97 -47.14
N THR L 237 -25.17 -24.85 -46.77
CA THR L 237 -23.89 -24.42 -46.27
C THR L 237 -23.13 -23.59 -47.29
N PHE L 238 -23.16 -24.03 -48.55
CA PHE L 238 -22.44 -23.30 -49.60
C PHE L 238 -23.19 -22.04 -50.02
N LEU L 239 -24.52 -22.12 -50.10
CA LEU L 239 -25.30 -20.91 -50.32
C LEU L 239 -24.95 -19.82 -49.29
N VAL L 240 -24.79 -20.23 -48.03
CA VAL L 240 -24.45 -19.32 -46.95
C VAL L 240 -23.00 -18.80 -47.12
N ALA L 241 -22.12 -19.70 -47.56
CA ALA L 241 -20.73 -19.32 -47.81
C ALA L 241 -20.67 -18.13 -48.78
N ALA L 242 -21.54 -18.15 -49.77
CA ALA L 242 -21.54 -17.09 -50.76
C ALA L 242 -22.09 -15.84 -50.12
N ALA L 243 -23.22 -15.99 -49.44
CA ALA L 243 -23.95 -14.84 -48.91
C ALA L 243 -23.15 -14.02 -47.90
N ILE L 244 -22.17 -14.66 -47.24
CA ILE L 244 -21.43 -13.96 -46.18
C ILE L 244 -20.13 -13.37 -46.71
N SER L 245 -19.67 -13.89 -47.85
CA SER L 245 -18.46 -13.38 -48.48
C SER L 245 -18.78 -12.35 -49.58
N ARG L 246 -20.03 -11.97 -49.71
CA ARG L 246 -20.29 -10.98 -50.71
C ARG L 246 -19.93 -11.62 -52.03
N GLY L 247 -20.34 -12.86 -52.23
CA GLY L 247 -19.99 -13.54 -53.46
C GLY L 247 -21.20 -13.96 -54.28
N LYS L 248 -20.99 -14.93 -55.16
CA LYS L 248 -22.05 -15.45 -56.03
C LYS L 248 -21.76 -16.91 -56.38
N ILE L 249 -22.81 -17.72 -56.44
CA ILE L 249 -22.63 -19.16 -56.55
C ILE L 249 -23.77 -19.87 -57.28
N ILE L 250 -23.40 -20.96 -57.97
CA ILE L 250 -24.38 -21.89 -58.54
C ILE L 250 -24.13 -23.25 -57.92
N CYS L 251 -25.22 -23.85 -57.46
CA CYS L 251 -25.14 -25.19 -56.89
C CYS L 251 -25.76 -26.15 -57.88
N ARG L 252 -24.96 -27.14 -58.28
CA ARG L 252 -25.36 -28.13 -59.25
C ARG L 252 -25.77 -29.43 -58.56
N ASN L 253 -26.72 -30.14 -59.17
CA ASN L 253 -27.23 -31.40 -58.61
C ASN L 253 -27.96 -31.13 -57.30
N ALA L 254 -28.84 -30.14 -57.34
CA ALA L 254 -29.60 -29.75 -56.16
C ALA L 254 -31.06 -30.12 -56.31
N GLN L 255 -31.80 -30.05 -55.21
CA GLN L 255 -33.24 -30.26 -55.25
C GLN L 255 -33.94 -29.15 -54.46
N PRO L 256 -34.26 -28.05 -55.15
CA PRO L 256 -34.78 -26.82 -54.53
C PRO L 256 -36.00 -27.00 -53.63
N ASP L 257 -36.95 -27.87 -54.00
CA ASP L 257 -38.19 -27.96 -53.23
C ASP L 257 -37.90 -28.44 -51.80
N THR L 258 -36.62 -28.72 -51.57
CA THR L 258 -36.14 -29.29 -50.34
C THR L 258 -35.68 -28.20 -49.33
N LEU L 259 -35.59 -26.96 -49.82
CA LEU L 259 -34.96 -25.87 -49.11
C LEU L 259 -35.84 -24.61 -48.98
N ASP L 260 -37.15 -24.77 -49.01
CA ASP L 260 -38.02 -23.60 -49.03
C ASP L 260 -37.65 -22.58 -47.96
N ALA L 261 -37.72 -23.02 -46.71
CA ALA L 261 -37.47 -22.14 -45.56
C ALA L 261 -36.12 -21.45 -45.63
N VAL L 262 -35.07 -22.20 -45.99
CA VAL L 262 -33.72 -21.66 -46.05
C VAL L 262 -33.55 -20.60 -47.13
N LEU L 263 -34.16 -20.85 -48.29
CA LEU L 263 -34.05 -19.91 -49.41
C LEU L 263 -34.79 -18.63 -49.05
N ALA L 264 -35.95 -18.78 -48.40
CA ALA L 264 -36.75 -17.62 -48.02
C ALA L 264 -35.95 -16.74 -47.08
N LYS L 265 -35.21 -17.38 -46.17
CA LYS L 265 -34.50 -16.64 -45.15
C LYS L 265 -33.34 -15.92 -45.80
N LEU L 266 -32.74 -16.56 -46.80
CA LEU L 266 -31.63 -15.93 -47.49
C LEU L 266 -32.09 -14.66 -48.26
N ARG L 267 -33.27 -14.73 -48.86
CA ARG L 267 -33.84 -13.55 -49.48
C ARG L 267 -33.97 -12.45 -48.45
N ASP L 268 -34.54 -12.76 -47.30
CA ASP L 268 -34.73 -11.76 -46.24
C ASP L 268 -33.37 -11.15 -45.86
N ALA L 269 -32.30 -11.89 -46.10
CA ALA L 269 -30.97 -11.40 -45.74
C ALA L 269 -30.43 -10.55 -46.88
N GLY L 270 -31.19 -10.52 -47.97
CA GLY L 270 -30.88 -9.65 -49.08
C GLY L 270 -30.29 -10.34 -50.29
N ALA L 271 -30.45 -11.66 -50.38
CA ALA L 271 -29.83 -12.38 -51.48
C ALA L 271 -30.75 -12.46 -52.69
N ASP L 272 -30.13 -12.51 -53.86
CA ASP L 272 -30.83 -12.66 -55.14
C ASP L 272 -30.76 -14.13 -55.59
N ILE L 273 -31.90 -14.83 -55.50
CA ILE L 273 -31.89 -16.27 -55.70
C ILE L 273 -32.78 -16.73 -56.83
N GLU L 274 -32.25 -17.61 -57.66
CA GLU L 274 -33.02 -18.24 -58.72
C GLU L 274 -32.83 -19.73 -58.63
N VAL L 275 -33.86 -20.48 -59.02
CA VAL L 275 -33.78 -21.92 -58.99
C VAL L 275 -34.15 -22.54 -60.34
N GLY L 276 -33.41 -23.59 -60.71
CA GLY L 276 -33.78 -24.42 -61.84
C GLY L 276 -34.43 -25.69 -61.30
N GLU L 277 -34.38 -26.77 -62.09
CA GLU L 277 -34.98 -28.02 -61.66
C GLU L 277 -33.96 -28.82 -60.85
N ASP L 278 -32.68 -28.51 -61.03
CA ASP L 278 -31.64 -29.20 -60.29
C ASP L 278 -30.45 -28.29 -60.02
N TRP L 279 -30.73 -26.99 -59.94
CA TRP L 279 -29.72 -26.01 -59.56
C TRP L 279 -30.29 -24.85 -58.71
N ILE L 280 -29.42 -24.23 -57.93
CA ILE L 280 -29.80 -23.00 -57.25
C ILE L 280 -28.70 -21.97 -57.45
N SER L 281 -29.09 -20.73 -57.73
CA SER L 281 -28.11 -19.66 -57.88
C SER L 281 -28.38 -18.59 -56.84
N LEU L 282 -27.30 -17.97 -56.37
CA LEU L 282 -27.41 -16.90 -55.39
C LEU L 282 -26.41 -15.79 -55.71
N ASP L 283 -26.90 -14.56 -55.71
CA ASP L 283 -26.03 -13.42 -55.97
C ASP L 283 -26.23 -12.35 -54.90
N MET L 284 -25.14 -11.89 -54.30
CA MET L 284 -25.23 -10.84 -53.29
C MET L 284 -25.06 -9.44 -53.90
N HIS L 285 -24.61 -9.41 -55.15
CA HIS L 285 -24.33 -8.15 -55.85
C HIS L 285 -23.45 -7.25 -55.00
N GLY L 286 -22.38 -7.82 -54.44
CA GLY L 286 -21.42 -7.09 -53.62
C GLY L 286 -21.93 -6.62 -52.26
N LYS L 287 -23.20 -6.89 -51.96
CA LYS L 287 -23.82 -6.42 -50.73
C LYS L 287 -23.47 -7.25 -49.49
N ARG L 288 -23.44 -6.57 -48.34
CA ARG L 288 -23.36 -7.25 -47.06
C ARG L 288 -24.78 -7.67 -46.64
N PRO L 289 -24.92 -8.86 -46.06
CA PRO L 289 -26.24 -9.41 -45.73
C PRO L 289 -26.96 -8.64 -44.62
N LYS L 290 -28.28 -8.69 -44.62
CA LYS L 290 -29.08 -8.04 -43.59
C LYS L 290 -29.46 -9.05 -42.50
N ALA L 291 -29.46 -8.62 -41.24
CA ALA L 291 -29.81 -9.49 -40.13
C ALA L 291 -31.18 -10.16 -40.32
N VAL L 292 -31.32 -11.40 -39.86
CA VAL L 292 -32.60 -12.09 -39.90
C VAL L 292 -32.94 -12.77 -38.58
N ASN L 293 -34.20 -13.15 -38.43
CA ASN L 293 -34.65 -13.88 -37.26
C ASN L 293 -35.08 -15.28 -37.64
N VAL L 294 -34.60 -16.28 -36.89
CA VAL L 294 -34.88 -17.67 -37.26
C VAL L 294 -35.37 -18.51 -36.08
N ARG L 295 -36.30 -19.40 -36.36
CA ARG L 295 -36.75 -20.38 -35.38
C ARG L 295 -36.67 -21.80 -35.95
N THR L 296 -35.79 -22.63 -35.40
CA THR L 296 -35.66 -24.00 -35.86
C THR L 296 -36.86 -24.85 -35.47
N ALA L 297 -37.19 -25.82 -36.31
CA ALA L 297 -38.27 -26.78 -36.05
C ALA L 297 -38.22 -27.90 -37.10
N PRO L 298 -39.05 -28.94 -36.91
CA PRO L 298 -39.04 -30.05 -37.87
C PRO L 298 -39.45 -29.58 -39.27
N HIS L 299 -38.98 -30.30 -40.28
CA HIS L 299 -39.33 -30.03 -41.67
C HIS L 299 -40.83 -29.90 -41.88
N PRO L 300 -41.25 -28.96 -42.76
CA PRO L 300 -40.43 -28.19 -43.69
C PRO L 300 -40.01 -26.83 -43.15
N ALA L 301 -40.04 -26.67 -41.82
CA ALA L 301 -39.58 -25.44 -41.20
C ALA L 301 -38.05 -25.35 -41.31
N PHE L 302 -37.47 -24.25 -40.84
CA PHE L 302 -36.02 -24.08 -40.88
C PHE L 302 -35.35 -25.16 -40.03
N PRO L 303 -34.33 -25.84 -40.58
CA PRO L 303 -33.65 -27.00 -39.98
C PRO L 303 -32.54 -26.64 -38.99
N THR L 304 -32.52 -27.34 -37.86
CA THR L 304 -31.45 -27.17 -36.88
C THR L 304 -30.06 -27.37 -37.52
N ASP L 305 -29.96 -28.25 -38.50
CA ASP L 305 -28.66 -28.48 -39.18
C ASP L 305 -28.13 -27.26 -39.96
N MET L 306 -28.94 -26.22 -40.10
CA MET L 306 -28.48 -24.97 -40.74
C MET L 306 -28.35 -23.82 -39.76
N GLN L 307 -28.63 -24.09 -38.48
CA GLN L 307 -28.70 -23.04 -37.47
C GLN L 307 -27.36 -22.34 -37.21
N ALA L 308 -26.28 -23.11 -37.10
CA ALA L 308 -24.96 -22.52 -36.84
C ALA L 308 -24.51 -21.64 -37.99
N GLN L 309 -24.76 -22.11 -39.21
CA GLN L 309 -24.43 -21.34 -40.42
C GLN L 309 -25.13 -19.99 -40.45
N PHE L 310 -26.42 -19.98 -40.16
CA PHE L 310 -27.14 -18.71 -40.14
C PHE L 310 -26.76 -17.84 -38.96
N THR L 311 -26.25 -18.47 -37.90
CA THR L 311 -25.74 -17.69 -36.78
C THR L 311 -24.57 -16.86 -37.30
N LEU L 312 -23.71 -17.48 -38.10
CA LEU L 312 -22.52 -16.82 -38.63
C LEU L 312 -22.94 -15.69 -39.55
N LEU L 313 -23.88 -15.98 -40.45
CA LEU L 313 -24.44 -14.94 -41.28
C LEU L 313 -24.83 -13.72 -40.45
N ASN L 314 -25.68 -13.93 -39.45
CA ASN L 314 -26.10 -12.83 -38.59
C ASN L 314 -24.93 -12.12 -37.93
N LEU L 315 -23.88 -12.85 -37.59
CA LEU L 315 -22.78 -12.24 -36.85
C LEU L 315 -21.93 -11.26 -37.69
N VAL L 316 -22.06 -11.36 -39.01
CA VAL L 316 -21.34 -10.48 -39.93
C VAL L 316 -22.33 -9.65 -40.76
N ALA L 317 -23.60 -9.65 -40.34
CA ALA L 317 -24.64 -8.92 -41.06
C ALA L 317 -24.85 -7.49 -40.55
N GLU L 318 -25.75 -6.76 -41.21
CA GLU L 318 -26.14 -5.42 -40.80
C GLU L 318 -27.30 -5.51 -39.85
N GLY L 319 -27.07 -5.11 -38.60
CA GLY L 319 -28.14 -5.06 -37.60
C GLY L 319 -28.13 -6.17 -36.55
N THR L 320 -29.27 -6.32 -35.87
CA THR L 320 -29.42 -7.35 -34.85
C THR L 320 -30.43 -8.42 -35.27
N GLY L 321 -30.08 -9.69 -35.10
CA GLY L 321 -31.00 -10.78 -35.41
C GLY L 321 -30.89 -11.86 -34.35
N PHE L 322 -32.00 -12.53 -34.09
CA PHE L 322 -31.94 -13.65 -33.15
C PHE L 322 -32.26 -14.98 -33.79
N ILE L 323 -31.70 -16.03 -33.18
CA ILE L 323 -31.93 -17.40 -33.63
C ILE L 323 -32.40 -18.26 -32.45
N THR L 324 -33.62 -18.81 -32.58
CA THR L 324 -34.17 -19.64 -31.53
C THR L 324 -34.17 -21.11 -31.95
N GLU L 325 -33.68 -21.96 -31.05
CA GLU L 325 -33.53 -23.37 -31.36
C GLU L 325 -34.58 -24.16 -30.59
N THR L 326 -35.48 -24.85 -31.29
CA THR L 326 -36.51 -25.63 -30.60
C THR L 326 -36.33 -27.15 -30.73
N VAL L 327 -35.32 -27.56 -31.47
CA VAL L 327 -35.07 -28.99 -31.65
C VAL L 327 -33.96 -29.51 -30.74
N PHE L 328 -32.80 -28.86 -30.79
CA PHE L 328 -31.71 -29.17 -29.87
C PHE L 328 -31.33 -27.92 -29.08
N GLU L 329 -31.90 -27.78 -27.89
CA GLU L 329 -31.86 -26.52 -27.16
C GLU L 329 -30.48 -26.13 -26.60
N ASN L 330 -29.50 -27.04 -26.63
CA ASN L 330 -28.14 -26.71 -26.21
C ASN L 330 -27.12 -26.75 -27.35
N ARG L 331 -27.57 -26.53 -28.57
CA ARG L 331 -26.69 -26.58 -29.73
C ARG L 331 -26.06 -25.21 -30.09
N PHE L 332 -25.17 -24.74 -29.23
CA PHE L 332 -24.63 -23.39 -29.42
C PHE L 332 -23.12 -23.26 -29.20
N MET L 333 -22.41 -24.37 -29.15
CA MET L 333 -20.97 -24.32 -28.91
C MET L 333 -20.20 -23.51 -29.97
N HIS L 334 -20.73 -23.40 -31.17
CA HIS L 334 -20.10 -22.57 -32.20
C HIS L 334 -20.02 -21.08 -31.79
N VAL L 335 -21.01 -20.63 -31.02
CA VAL L 335 -21.10 -19.23 -30.62
C VAL L 335 -19.84 -18.74 -29.89
N PRO L 336 -19.47 -19.38 -28.78
CA PRO L 336 -18.24 -18.95 -28.09
C PRO L 336 -17.00 -18.97 -29.00
N GLU L 337 -16.89 -19.96 -29.87
CA GLU L 337 -15.76 -20.04 -30.80
C GLU L 337 -15.75 -18.83 -31.73
N LEU L 338 -16.91 -18.53 -32.30
CA LEU L 338 -17.02 -17.35 -33.16
C LEU L 338 -16.69 -16.06 -32.36
N SER L 339 -16.97 -16.08 -31.07
CA SER L 339 -16.58 -14.97 -30.21
C SER L 339 -15.05 -14.78 -30.15
N ARG L 340 -14.29 -15.86 -30.29
CA ARG L 340 -12.86 -15.77 -30.24
C ARG L 340 -12.40 -15.00 -31.45
N MET L 341 -13.24 -15.01 -32.48
CA MET L 341 -12.92 -14.38 -33.75
C MET L 341 -13.52 -12.97 -33.83
N GLY L 342 -14.04 -12.49 -32.70
CA GLY L 342 -14.57 -11.14 -32.59
C GLY L 342 -16.06 -10.95 -32.84
N ALA L 343 -16.80 -12.04 -32.97
CA ALA L 343 -18.24 -11.88 -33.12
C ALA L 343 -18.86 -11.39 -31.81
N HIS L 344 -20.01 -10.73 -31.91
CA HIS L 344 -20.73 -10.20 -30.74
C HIS L 344 -22.08 -10.88 -30.55
N ALA L 345 -22.17 -11.78 -29.59
CA ALA L 345 -23.42 -12.50 -29.36
C ALA L 345 -23.68 -12.75 -27.88
N GLU L 346 -24.95 -12.85 -27.51
CA GLU L 346 -25.29 -13.42 -26.21
C GLU L 346 -26.30 -14.55 -26.35
N ILE L 347 -26.20 -15.52 -25.45
CA ILE L 347 -27.14 -16.62 -25.43
C ILE L 347 -28.09 -16.47 -24.24
N GLU L 348 -29.38 -16.30 -24.52
CA GLU L 348 -30.39 -16.26 -23.48
C GLU L 348 -31.24 -17.50 -23.62
N SER L 349 -31.09 -18.42 -22.66
CA SER L 349 -31.81 -19.68 -22.71
C SER L 349 -31.53 -20.39 -24.05
N ASN L 350 -32.56 -20.57 -24.88
CA ASN L 350 -32.36 -21.22 -26.16
C ASN L 350 -32.43 -20.30 -27.39
N THR L 351 -32.02 -19.04 -27.18
CA THR L 351 -31.97 -18.06 -28.24
C THR L 351 -30.62 -17.37 -28.24
N VAL L 352 -29.99 -17.28 -29.40
CA VAL L 352 -28.77 -16.49 -29.47
C VAL L 352 -29.10 -15.15 -30.09
N ILE L 353 -28.67 -14.09 -29.44
CA ILE L 353 -28.92 -12.74 -29.91
C ILE L 353 -27.65 -12.18 -30.54
N CYS L 354 -27.72 -11.87 -31.84
CA CYS L 354 -26.54 -11.49 -32.60
C CYS L 354 -26.50 -10.00 -32.94
N HIS L 355 -25.34 -9.42 -32.84
CA HIS L 355 -25.11 -8.08 -33.34
C HIS L 355 -24.04 -8.11 -34.41
N GLY L 356 -24.42 -8.13 -35.67
CA GLY L 356 -23.45 -8.26 -36.75
C GLY L 356 -22.26 -7.34 -36.65
N VAL L 357 -21.12 -7.76 -37.17
CA VAL L 357 -19.96 -6.92 -37.21
C VAL L 357 -19.50 -6.82 -38.64
N GLU L 358 -18.63 -5.87 -38.94
CA GLU L 358 -18.18 -5.66 -40.30
C GLU L 358 -17.29 -6.78 -40.69
N LYS L 359 -16.31 -7.06 -39.85
CA LYS L 359 -15.38 -8.13 -40.19
C LYS L 359 -14.79 -8.88 -38.97
N LEU L 360 -14.55 -10.18 -39.14
CA LEU L 360 -14.00 -11.03 -38.10
C LEU L 360 -12.48 -11.12 -38.17
N SER L 361 -11.87 -11.61 -37.10
CA SER L 361 -10.42 -11.75 -37.02
C SER L 361 -10.05 -13.21 -36.82
N GLY L 362 -9.04 -13.67 -37.56
CA GLY L 362 -8.56 -15.04 -37.42
C GLY L 362 -8.11 -15.44 -36.02
N ALA L 363 -8.34 -16.70 -35.67
CA ALA L 363 -7.95 -17.21 -34.36
C ALA L 363 -7.98 -18.74 -34.39
N GLN L 364 -7.46 -19.37 -33.33
CA GLN L 364 -7.55 -20.83 -33.20
C GLN L 364 -8.89 -21.23 -32.62
N VAL L 365 -9.62 -22.08 -33.32
CA VAL L 365 -10.94 -22.49 -32.86
C VAL L 365 -11.08 -24.01 -32.92
N MET L 366 -12.06 -24.53 -32.19
CA MET L 366 -12.21 -25.98 -32.04
C MET L 366 -13.57 -26.49 -32.51
N ALA L 367 -13.54 -27.41 -33.46
CA ALA L 367 -14.76 -28.04 -33.98
C ALA L 367 -15.23 -29.13 -33.00
N THR L 368 -16.54 -29.34 -32.93
CA THR L 368 -17.11 -30.32 -32.01
C THR L 368 -18.37 -30.97 -32.59
N ASP L 369 -18.91 -30.36 -33.65
CA ASP L 369 -20.21 -30.78 -34.15
C ASP L 369 -20.19 -31.14 -35.63
N LEU L 370 -20.49 -32.40 -35.91
CA LEU L 370 -20.61 -32.92 -37.27
C LEU L 370 -21.12 -32.00 -38.37
N ARG L 371 -22.13 -31.18 -38.09
CA ARG L 371 -22.58 -30.24 -39.12
C ARG L 371 -22.29 -28.82 -38.73
N ALA L 372 -22.57 -28.50 -37.48
CA ALA L 372 -22.51 -27.13 -37.01
C ALA L 372 -21.12 -26.49 -37.17
N SER L 373 -20.07 -27.26 -36.95
CA SER L 373 -18.70 -26.71 -36.96
C SER L 373 -18.20 -26.28 -38.35
N ALA L 374 -18.92 -26.67 -39.39
CA ALA L 374 -18.59 -26.22 -40.72
C ALA L 374 -18.58 -24.70 -40.70
N SER L 375 -19.38 -24.11 -39.83
CA SER L 375 -19.48 -22.66 -39.75
C SER L 375 -18.15 -22.05 -39.33
N LEU L 376 -17.33 -22.81 -38.60
CA LEU L 376 -16.04 -22.30 -38.17
C LEU L 376 -15.11 -22.19 -39.38
N VAL L 377 -15.23 -23.15 -40.28
CA VAL L 377 -14.42 -23.15 -41.49
C VAL L 377 -14.85 -21.96 -42.35
N LEU L 378 -16.16 -21.82 -42.52
CA LEU L 378 -16.69 -20.69 -43.26
C LEU L 378 -16.17 -19.38 -42.65
N ALA L 379 -16.24 -19.27 -41.32
CA ALA L 379 -15.77 -18.06 -40.66
C ALA L 379 -14.33 -17.76 -41.06
N GLY L 380 -13.52 -18.81 -41.08
CA GLY L 380 -12.12 -18.69 -41.44
C GLY L 380 -11.93 -18.06 -42.82
N CYS L 381 -12.79 -18.45 -43.77
CA CYS L 381 -12.70 -17.94 -45.13
C CYS L 381 -12.88 -16.43 -45.23
N ILE L 382 -13.72 -15.86 -44.37
CA ILE L 382 -14.02 -14.43 -44.45
C ILE L 382 -13.34 -13.58 -43.37
N ALA L 383 -12.63 -14.22 -42.44
CA ALA L 383 -12.03 -13.47 -41.36
C ALA L 383 -10.74 -12.81 -41.82
N GLU L 384 -10.27 -11.83 -41.06
CA GLU L 384 -9.04 -11.14 -41.40
C GLU L 384 -7.84 -11.90 -40.85
N GLY L 385 -7.10 -12.55 -41.74
CA GLY L 385 -5.86 -13.21 -41.33
C GLY L 385 -5.92 -14.71 -41.33
N THR L 386 -5.30 -15.32 -40.32
CA THR L 386 -5.22 -16.78 -40.25
C THR L 386 -6.06 -17.45 -39.14
N THR L 387 -6.89 -18.39 -39.56
CA THR L 387 -7.69 -19.17 -38.64
C THR L 387 -7.25 -20.63 -38.69
N VAL L 388 -7.03 -21.21 -37.52
CA VAL L 388 -6.75 -22.64 -37.45
C VAL L 388 -7.90 -23.39 -36.79
N VAL L 389 -8.60 -24.21 -37.57
CA VAL L 389 -9.71 -25.00 -37.04
C VAL L 389 -9.21 -26.36 -36.62
N ASP L 390 -9.17 -26.59 -35.31
CA ASP L 390 -8.64 -27.82 -34.73
C ASP L 390 -9.68 -28.91 -34.77
N ARG L 391 -9.25 -30.16 -34.86
CA ARG L 391 -10.14 -31.28 -34.53
C ARG L 391 -11.24 -31.49 -35.61
N ILE L 392 -10.86 -31.37 -36.88
CA ILE L 392 -11.81 -31.41 -38.00
C ILE L 392 -12.33 -32.80 -38.36
N TYR L 393 -11.84 -33.83 -37.67
CA TYR L 393 -12.41 -35.16 -37.87
C TYR L 393 -13.92 -35.15 -37.71
N HIS L 394 -14.43 -34.28 -36.82
CA HIS L 394 -15.87 -34.07 -36.73
C HIS L 394 -16.45 -33.73 -38.09
N ILE L 395 -15.86 -32.72 -38.74
CA ILE L 395 -16.33 -32.24 -40.04
C ILE L 395 -16.22 -33.33 -41.12
N ASP L 396 -15.19 -34.15 -41.00
CA ASP L 396 -15.03 -35.31 -41.90
C ASP L 396 -16.18 -36.31 -41.85
N ARG L 397 -16.93 -36.34 -40.75
CA ARG L 397 -18.07 -37.22 -40.63
C ARG L 397 -19.24 -36.66 -41.44
N GLY L 398 -19.22 -35.34 -41.66
CA GLY L 398 -20.42 -34.67 -42.12
C GLY L 398 -20.42 -34.12 -43.51
N TYR L 399 -19.25 -33.86 -44.05
CA TYR L 399 -19.14 -33.28 -45.39
C TYR L 399 -18.12 -34.03 -46.23
N GLU L 400 -18.44 -34.25 -47.50
CA GLU L 400 -17.48 -34.88 -48.43
C GLU L 400 -16.44 -33.87 -48.92
N ARG L 401 -15.22 -33.97 -48.38
CA ARG L 401 -14.09 -33.19 -48.87
C ARG L 401 -14.40 -31.69 -49.00
N ILE L 402 -14.69 -31.07 -47.86
CA ILE L 402 -15.17 -29.68 -47.87
C ILE L 402 -14.09 -28.73 -48.33
N GLU L 403 -12.83 -29.08 -48.09
CA GLU L 403 -11.75 -28.15 -48.46
C GLU L 403 -11.57 -28.04 -49.98
N ASP L 404 -11.85 -29.13 -50.70
CA ASP L 404 -11.72 -29.12 -52.15
C ASP L 404 -12.80 -28.22 -52.76
N LYS L 405 -14.02 -28.38 -52.29
CA LYS L 405 -15.09 -27.57 -52.83
C LYS L 405 -14.91 -26.08 -52.50
N LEU L 406 -14.40 -25.79 -51.30
CA LEU L 406 -14.23 -24.41 -50.86
C LEU L 406 -13.08 -23.74 -51.63
N ARG L 407 -12.01 -24.48 -51.85
CA ARG L 407 -10.88 -23.99 -52.63
C ARG L 407 -11.33 -23.65 -54.05
N ALA L 408 -12.18 -24.49 -54.62
CA ALA L 408 -12.72 -24.30 -55.98
C ALA L 408 -13.64 -23.07 -56.05
N LEU L 409 -13.87 -22.47 -54.90
CA LEU L 409 -14.67 -21.24 -54.84
C LEU L 409 -13.77 -20.06 -54.51
N GLY L 410 -12.48 -20.34 -54.31
CA GLY L 410 -11.52 -19.28 -54.08
C GLY L 410 -10.90 -19.27 -52.69
N ALA L 411 -11.27 -20.24 -51.87
CA ALA L 411 -10.81 -20.25 -50.48
C ALA L 411 -9.34 -20.58 -50.39
N ASN L 412 -8.65 -19.94 -49.47
CA ASN L 412 -7.27 -20.29 -49.17
C ASN L 412 -7.24 -21.20 -47.93
N ILE L 413 -7.21 -22.51 -48.17
CA ILE L 413 -7.42 -23.48 -47.12
C ILE L 413 -6.48 -24.66 -47.26
N GLU L 414 -5.94 -25.13 -46.14
CA GLU L 414 -5.02 -26.24 -46.17
C GLU L 414 -5.25 -27.24 -45.03
N ARG L 415 -5.10 -28.53 -45.33
CA ARG L 415 -5.26 -29.55 -44.31
C ARG L 415 -3.89 -29.97 -43.79
N VAL L 416 -3.61 -29.71 -42.51
CA VAL L 416 -2.28 -30.08 -41.97
C VAL L 416 -2.37 -31.17 -40.90
N LYS L 417 -1.23 -31.81 -40.60
CA LYS L 417 -1.21 -32.97 -39.69
C LYS L 417 -0.49 -32.73 -38.36
N GLY L 418 -0.68 -31.54 -37.79
CA GLY L 418 -0.01 -31.18 -36.55
C GLY L 418 -0.17 -32.21 -35.45
#